data_3VC2
#
_entry.id   3VC2
#
_cell.length_a   98.128
_cell.length_b   103.252
_cell.length_c   204.132
_cell.angle_alpha   90.00
_cell.angle_beta   99.05
_cell.angle_gamma   90.00
#
_symmetry.space_group_name_H-M   'P 1 21 1'
#
loop_
_entity.id
_entity.type
_entity.pdbx_description
1 polymer 'Geranyl diphosphate 2-C-methyltransferase'
2 non-polymer 'MAGNESIUM ION'
3 non-polymer S-ADENOSYL-L-HOMOCYSTEINE
4 non-polymer 'GERANYL DIPHOSPHATE'
5 non-polymer 'SULFATE ION'
6 water water
#
_entity_poly.entity_id   1
_entity_poly.type   'polypeptide(L)'
_entity_poly.pdbx_seq_one_letter_code
;MGSSHHHHHHSSGLVPRGSHMTTETTTATATAKIPAPATPYQEDIARYWNNEARPVNLRLGDVDGLYHHHYGIGPVDRAA
LGDPEHSEYEKKVIAELHRLESAQAEFLMDHLGQAGPDDTLVDAGCGRGGSMVMAHRRFGSRVEGVTLSAAQADFGNRRA
RELRIDDHVRSRVCNMLDTPFDKGAVTASWNNESTMYVDLHDLFSEHSRFLKVGGRYVTITGCWNPRYGQPSKWVSQINA
HFECNIHSRREYLRAMADNRLVPHTIVDLTPDTLPYWELRATSSLVTGIEKAFIESYRDGSFQYVLIAADRV
;
_entity_poly.pdbx_strand_id   A,B,C,D,E,F,G,H,I,J,K,L
#
loop_
_chem_comp.id
_chem_comp.type
_chem_comp.name
_chem_comp.formula
GPP non-polymer 'GERANYL DIPHOSPHATE' 'C10 H20 O7 P2'
MG non-polymer 'MAGNESIUM ION' 'Mg 2'
SO4 non-polymer 'SULFATE ION' 'O4 S -2'
#
# COMPACT_ATOMS: atom_id res chain seq x y z
N ALA A 36 40.10 -13.81 31.38
CA ALA A 36 38.87 -13.67 32.15
C ALA A 36 37.89 -12.75 31.42
N PRO A 37 36.66 -13.24 31.18
CA PRO A 37 35.65 -12.46 30.45
C PRO A 37 35.14 -11.26 31.25
N ALA A 38 34.90 -10.15 30.57
CA ALA A 38 34.45 -8.94 31.24
C ALA A 38 33.03 -9.11 31.82
N THR A 39 32.17 -9.78 31.06
CA THR A 39 30.76 -9.91 31.43
C THR A 39 30.25 -11.25 30.94
N PRO A 40 29.17 -11.77 31.55
CA PRO A 40 28.52 -12.98 31.03
C PRO A 40 28.25 -12.90 29.54
N TYR A 41 27.90 -11.71 29.04
CA TYR A 41 27.65 -11.56 27.60
C TYR A 41 28.92 -11.72 26.76
N GLN A 42 30.02 -11.15 27.21
CA GLN A 42 31.25 -11.26 26.42
C GLN A 42 31.79 -12.70 26.47
N GLU A 43 31.43 -13.44 27.52
CA GLU A 43 31.73 -14.86 27.58
C GLU A 43 30.94 -15.61 26.50
N ASP A 44 29.67 -15.26 26.33
CA ASP A 44 28.86 -15.81 25.24
C ASP A 44 29.51 -15.55 23.88
N ILE A 45 29.99 -14.33 23.70
CA ILE A 45 30.57 -13.93 22.41
C ILE A 45 31.91 -14.63 22.17
N ALA A 46 32.73 -14.76 23.22
CA ALA A 46 33.97 -15.51 23.11
C ALA A 46 33.64 -16.94 22.64
N ARG A 47 32.65 -17.54 23.29
CA ARG A 47 32.19 -18.91 22.94
C ARG A 47 31.64 -19.05 21.51
N TYR A 48 30.81 -18.09 21.09
CA TYR A 48 30.26 -18.11 19.74
C TYR A 48 31.40 -18.21 18.73
N TRP A 49 32.40 -17.35 18.91
CA TRP A 49 33.45 -17.22 17.90
C TRP A 49 34.53 -18.29 18.05
N ASN A 50 34.71 -18.82 19.26
CA ASN A 50 35.61 -19.97 19.42
C ASN A 50 35.06 -21.20 18.69
N ASN A 51 33.74 -21.30 18.63
CA ASN A 51 33.05 -22.42 18.01
C ASN A 51 32.78 -22.26 16.52
N GLU A 52 32.76 -21.03 16.05
CA GLU A 52 32.31 -20.77 14.68
C GLU A 52 33.31 -21.31 13.65
N ALA A 53 32.78 -21.89 12.58
CA ALA A 53 33.60 -22.51 11.55
C ALA A 53 32.77 -22.86 10.31
N ARG A 54 31.95 -21.92 9.86
CA ARG A 54 31.07 -22.17 8.72
C ARG A 54 31.85 -22.20 7.40
N PRO A 55 31.43 -23.07 6.47
CA PRO A 55 32.00 -23.14 5.12
C PRO A 55 31.95 -21.81 4.36
N VAL A 56 30.87 -21.05 4.52
CA VAL A 56 30.73 -19.79 3.82
C VAL A 56 31.82 -18.78 4.19
N ASN A 57 32.40 -18.92 5.37
CA ASN A 57 33.52 -18.07 5.74
C ASN A 57 34.86 -18.69 5.33
N LEU A 58 35.04 -19.96 5.63
CA LEU A 58 36.32 -20.62 5.42
C LEU A 58 36.65 -20.89 3.95
N ARG A 59 35.65 -21.25 3.16
CA ARG A 59 35.89 -21.55 1.75
C ARG A 59 36.23 -20.29 0.98
N LEU A 60 35.54 -19.20 1.30
CA LEU A 60 35.84 -17.91 0.71
C LEU A 60 37.28 -17.49 1.07
N GLY A 61 37.65 -17.71 2.34
CA GLY A 61 38.98 -17.35 2.80
C GLY A 61 40.07 -18.10 2.06
N ASP A 62 39.83 -19.39 1.82
CA ASP A 62 40.75 -20.26 1.11
C ASP A 62 41.11 -19.76 -0.29
N VAL A 63 40.29 -18.87 -0.82
CA VAL A 63 40.50 -18.36 -2.17
C VAL A 63 41.87 -17.70 -2.34
N ASP A 64 42.32 -16.97 -1.30
CA ASP A 64 43.61 -16.29 -1.34
C ASP A 64 44.18 -16.03 0.06
N GLY A 65 43.66 -16.75 1.05
CA GLY A 65 44.23 -16.72 2.39
C GLY A 65 43.91 -15.47 3.20
N LEU A 66 42.93 -14.70 2.74
CA LEU A 66 42.39 -13.57 3.47
C LEU A 66 41.06 -13.98 4.09
N TYR A 67 41.06 -14.21 5.39
CA TYR A 67 39.87 -14.71 6.08
C TYR A 67 39.03 -13.60 6.72
N HIS A 68 37.89 -13.35 6.09
CA HIS A 68 37.01 -12.26 6.50
C HIS A 68 35.78 -12.78 7.23
N HIS A 69 35.21 -11.92 8.05
CA HIS A 69 33.89 -12.14 8.63
C HIS A 69 33.07 -10.87 8.45
N HIS A 70 32.92 -10.44 7.21
CA HIS A 70 32.06 -9.31 6.91
C HIS A 70 31.47 -9.48 5.52
N TYR A 71 30.56 -8.60 5.14
CA TYR A 71 29.82 -8.75 3.90
C TYR A 71 30.45 -7.98 2.75
N GLY A 72 29.87 -8.11 1.56
CA GLY A 72 30.52 -7.57 0.37
C GLY A 72 29.78 -6.36 -0.18
N ILE A 73 30.48 -5.57 -1.00
CA ILE A 73 29.85 -4.46 -1.70
C ILE A 73 30.34 -4.42 -3.14
N GLY A 74 29.55 -3.78 -4.01
CA GLY A 74 29.93 -3.62 -5.40
C GLY A 74 29.18 -4.53 -6.34
N PRO A 75 29.24 -4.22 -7.65
CA PRO A 75 28.55 -5.02 -8.67
C PRO A 75 29.14 -6.43 -8.82
N VAL A 76 28.27 -7.38 -9.06
CA VAL A 76 28.70 -8.74 -9.35
C VAL A 76 29.37 -8.77 -10.72
N ASP A 77 30.47 -9.52 -10.83
CA ASP A 77 31.18 -9.71 -12.10
C ASP A 77 30.56 -10.91 -12.83
N ARG A 78 29.49 -10.65 -13.59
CA ARG A 78 28.79 -11.74 -14.27
C ARG A 78 29.70 -12.50 -15.25
N ALA A 79 30.64 -11.82 -15.88
CA ALA A 79 31.52 -12.49 -16.83
C ALA A 79 32.40 -13.53 -16.13
N ALA A 80 32.93 -13.19 -14.96
CA ALA A 80 33.74 -14.12 -14.19
C ALA A 80 32.92 -15.34 -13.78
N LEU A 81 31.66 -15.10 -13.42
CA LEU A 81 30.77 -16.17 -12.99
C LEU A 81 30.48 -17.19 -14.09
N GLY A 82 30.29 -16.70 -15.32
CA GLY A 82 30.04 -17.57 -16.45
C GLY A 82 28.65 -18.20 -16.47
N ASP A 83 28.55 -19.40 -17.03
CA ASP A 83 27.28 -20.08 -17.15
C ASP A 83 26.88 -20.77 -15.84
N PRO A 84 25.70 -20.40 -15.30
CA PRO A 84 25.21 -21.00 -14.06
C PRO A 84 25.10 -22.53 -14.17
N GLU A 85 25.06 -23.04 -15.39
CA GLU A 85 24.94 -24.48 -15.62
C GLU A 85 26.29 -25.18 -15.61
N HIS A 86 27.37 -24.40 -15.73
CA HIS A 86 28.70 -24.97 -15.80
C HIS A 86 29.05 -25.75 -14.53
N SER A 87 29.92 -26.74 -14.68
CA SER A 87 30.32 -27.65 -13.60
C SER A 87 31.05 -26.94 -12.46
N GLU A 88 31.71 -25.83 -12.77
CA GLU A 88 32.57 -25.13 -11.83
C GLU A 88 31.92 -23.89 -11.24
N TYR A 89 30.61 -23.78 -11.41
CA TYR A 89 29.89 -22.56 -11.04
C TYR A 89 29.96 -22.22 -9.55
N GLU A 90 29.72 -23.21 -8.68
CA GLU A 90 29.73 -22.93 -7.25
C GLU A 90 31.07 -22.36 -6.80
N LYS A 91 32.15 -22.80 -7.44
CA LYS A 91 33.49 -22.31 -7.13
C LYS A 91 33.69 -20.87 -7.61
N LYS A 92 33.12 -20.54 -8.76
CA LYS A 92 33.20 -19.17 -9.26
C LYS A 92 32.39 -18.21 -8.38
N VAL A 93 31.26 -18.68 -7.87
CA VAL A 93 30.43 -17.89 -6.95
C VAL A 93 31.18 -17.63 -5.63
N ILE A 94 31.77 -18.68 -5.10
CA ILE A 94 32.66 -18.55 -3.96
C ILE A 94 33.74 -17.50 -4.18
N ALA A 95 34.37 -17.53 -5.34
CA ALA A 95 35.47 -16.61 -5.63
C ALA A 95 34.94 -15.18 -5.77
N GLU A 96 33.74 -15.05 -6.34
CA GLU A 96 33.14 -13.73 -6.55
C GLU A 96 32.63 -13.11 -5.25
N LEU A 97 31.98 -13.89 -4.40
CA LEU A 97 31.57 -13.42 -3.08
C LEU A 97 32.78 -12.96 -2.26
N HIS A 98 33.85 -13.74 -2.29
CA HIS A 98 35.07 -13.35 -1.60
C HIS A 98 35.61 -12.01 -2.12
N ARG A 99 35.63 -11.85 -3.43
CA ARG A 99 36.07 -10.60 -4.05
C ARG A 99 35.29 -9.39 -3.51
N LEU A 100 33.98 -9.54 -3.37
CA LEU A 100 33.12 -8.48 -2.85
C LEU A 100 33.41 -8.20 -1.37
N GLU A 101 33.72 -9.24 -0.61
CA GLU A 101 34.08 -9.06 0.79
C GLU A 101 35.41 -8.33 0.94
N SER A 102 36.41 -8.71 0.14
CA SER A 102 37.69 -8.00 0.14
C SER A 102 37.54 -6.57 -0.34
N ALA A 103 36.65 -6.35 -1.32
CA ALA A 103 36.40 -5.00 -1.82
C ALA A 103 35.82 -4.12 -0.70
N GLN A 104 34.98 -4.72 0.14
CA GLN A 104 34.40 -4.00 1.29
C GLN A 104 35.52 -3.50 2.21
N ALA A 105 36.51 -4.33 2.49
CA ALA A 105 37.62 -3.92 3.35
C ALA A 105 38.48 -2.81 2.72
N GLU A 106 38.72 -2.91 1.43
CA GLU A 106 39.47 -1.90 0.70
C GLU A 106 38.75 -0.56 0.76
N PHE A 107 37.43 -0.57 0.61
CA PHE A 107 36.64 0.65 0.78
C PHE A 107 36.82 1.25 2.17
N LEU A 108 36.79 0.40 3.21
CA LEU A 108 37.00 0.88 4.58
C LEU A 108 38.34 1.60 4.69
N MET A 109 39.40 0.94 4.23
CA MET A 109 40.76 1.46 4.32
C MET A 109 40.97 2.73 3.50
N ASP A 110 40.18 2.92 2.45
CA ASP A 110 40.21 4.17 1.68
C ASP A 110 39.94 5.38 2.57
N HIS A 111 39.39 5.14 3.75
CA HIS A 111 38.97 6.23 4.63
C HIS A 111 39.82 6.33 5.89
N LEU A 112 40.90 5.56 5.94
CA LEU A 112 41.81 5.57 7.08
C LEU A 112 42.89 6.63 6.96
N GLY A 113 42.78 7.48 5.93
CA GLY A 113 43.81 8.46 5.68
C GLY A 113 45.12 7.78 5.33
N GLN A 114 46.22 8.52 5.44
CA GLN A 114 47.52 7.96 5.14
C GLN A 114 48.15 7.34 6.39
N ALA A 115 48.92 6.29 6.17
CA ALA A 115 49.53 5.54 7.25
C ALA A 115 50.79 4.94 6.69
N GLY A 116 51.80 4.78 7.54
CA GLY A 116 53.09 4.26 7.10
C GLY A 116 53.69 3.33 8.13
N PRO A 117 54.91 2.81 7.83
CA PRO A 117 55.59 1.82 8.66
C PRO A 117 55.82 2.26 10.10
N ASP A 118 55.88 3.57 10.34
CA ASP A 118 56.12 4.07 11.70
C ASP A 118 54.84 4.17 12.52
N ASP A 119 53.70 3.89 11.90
CA ASP A 119 52.39 4.06 12.54
C ASP A 119 51.84 2.76 13.09
N THR A 120 50.95 2.88 14.07
CA THR A 120 50.21 1.74 14.61
C THR A 120 48.74 1.86 14.27
N LEU A 121 48.19 0.78 13.72
CA LEU A 121 46.77 0.70 13.37
C LEU A 121 46.10 -0.38 14.21
N VAL A 122 44.84 -0.14 14.59
CA VAL A 122 44.14 -1.05 15.47
C VAL A 122 42.84 -1.53 14.83
N ASP A 123 42.74 -2.85 14.74
CA ASP A 123 41.54 -3.51 14.25
C ASP A 123 40.76 -4.00 15.48
N ALA A 124 39.68 -3.28 15.81
CA ALA A 124 38.88 -3.60 17.00
C ALA A 124 37.83 -4.68 16.69
N GLY A 125 38.03 -5.89 17.23
CA GLY A 125 37.16 -7.01 16.91
C GLY A 125 37.61 -7.65 15.62
N CYS A 126 38.83 -8.21 15.63
CA CYS A 126 39.58 -8.48 14.40
C CYS A 126 39.28 -9.81 13.68
N GLY A 127 38.42 -10.64 14.24
CA GLY A 127 38.09 -11.90 13.58
C GLY A 127 39.35 -12.73 13.31
N ARG A 128 39.41 -13.38 12.15
CA ARG A 128 40.56 -14.23 11.82
C ARG A 128 41.72 -13.42 11.20
N GLY A 129 41.53 -12.11 11.06
CA GLY A 129 42.64 -11.23 10.72
C GLY A 129 42.87 -10.88 9.26
N GLY A 130 42.00 -11.31 8.35
CA GLY A 130 42.09 -10.94 6.95
C GLY A 130 42.29 -9.45 6.70
N SER A 131 41.56 -8.59 7.43
CA SER A 131 41.67 -7.14 7.24
C SER A 131 43.01 -6.64 7.73
N MET A 132 43.59 -7.34 8.71
CA MET A 132 44.88 -6.92 9.25
C MET A 132 46.01 -7.14 8.22
N VAL A 133 45.98 -8.30 7.56
CA VAL A 133 46.92 -8.58 6.49
C VAL A 133 46.81 -7.53 5.40
N MET A 134 45.57 -7.26 4.95
CA MET A 134 45.32 -6.24 3.94
C MET A 134 45.83 -4.87 4.34
N ALA A 135 45.58 -4.47 5.59
CA ALA A 135 46.08 -3.19 6.08
C ALA A 135 47.61 -3.12 6.08
N HIS A 136 48.26 -4.18 6.57
CA HIS A 136 49.71 -4.20 6.58
C HIS A 136 50.28 -4.07 5.16
N ARG A 137 49.71 -4.82 4.23
CA ARG A 137 50.15 -4.77 2.84
C ARG A 137 49.99 -3.35 2.29
N ARG A 138 48.84 -2.75 2.53
CA ARG A 138 48.55 -1.45 1.95
C ARG A 138 49.39 -0.33 2.56
N PHE A 139 49.59 -0.37 3.88
CA PHE A 139 50.20 0.76 4.58
C PHE A 139 51.60 0.47 5.11
N GLY A 140 51.90 -0.80 5.37
CA GLY A 140 53.20 -1.19 5.93
C GLY A 140 53.27 -0.96 7.43
N SER A 141 52.16 -0.50 7.99
CA SER A 141 52.08 -0.17 9.41
C SER A 141 52.15 -1.40 10.31
N ARG A 142 52.47 -1.16 11.58
CA ARG A 142 52.19 -2.13 12.61
C ARG A 142 50.66 -2.21 12.78
N VAL A 143 50.13 -3.42 12.79
CA VAL A 143 48.68 -3.60 12.93
C VAL A 143 48.34 -4.52 14.11
N GLU A 144 47.69 -3.94 15.13
CA GLU A 144 47.29 -4.69 16.32
C GLU A 144 45.78 -4.99 16.26
N GLY A 145 45.44 -6.28 16.38
CA GLY A 145 44.05 -6.68 16.41
C GLY A 145 43.67 -7.22 17.78
N VAL A 146 42.43 -6.96 18.17
CA VAL A 146 41.90 -7.56 19.40
C VAL A 146 40.59 -8.28 19.09
N THR A 147 40.46 -9.46 19.68
CA THR A 147 39.27 -10.29 19.54
C THR A 147 39.01 -10.98 20.88
N LEU A 148 37.76 -11.40 21.11
CA LEU A 148 37.41 -12.14 22.32
C LEU A 148 37.69 -13.65 22.17
N SER A 149 38.08 -14.07 20.96
CA SER A 149 38.24 -15.48 20.62
C SER A 149 39.70 -15.90 20.51
N ALA A 150 40.13 -16.78 21.40
CA ALA A 150 41.48 -17.35 21.35
C ALA A 150 41.70 -18.13 20.06
N ALA A 151 40.69 -18.87 19.61
CA ALA A 151 40.79 -19.63 18.36
C ALA A 151 41.07 -18.71 17.18
N GLN A 152 40.38 -17.56 17.13
CA GLN A 152 40.57 -16.59 16.05
C GLN A 152 41.93 -15.91 16.14
N ALA A 153 42.34 -15.56 17.36
CA ALA A 153 43.63 -14.92 17.57
C ALA A 153 44.75 -15.86 17.15
N ASP A 154 44.71 -17.11 17.61
CA ASP A 154 45.67 -18.12 17.16
C ASP A 154 45.71 -18.26 15.65
N PHE A 155 44.53 -18.37 15.04
CA PHE A 155 44.43 -18.53 13.59
C PHE A 155 45.10 -17.36 12.84
N GLY A 156 44.82 -16.15 13.31
CA GLY A 156 45.37 -14.97 12.67
C GLY A 156 46.87 -14.84 12.83
N ASN A 157 47.38 -15.23 13.99
CA ASN A 157 48.81 -15.17 14.25
C ASN A 157 49.58 -16.25 13.46
N ARG A 158 48.95 -17.41 13.29
CA ARG A 158 49.52 -18.48 12.47
C ARG A 158 49.60 -18.03 11.01
N ARG A 159 48.55 -17.35 10.57
CA ARG A 159 48.51 -16.79 9.22
C ARG A 159 49.58 -15.71 9.03
N ALA A 160 49.79 -14.90 10.06
CA ALA A 160 50.80 -13.84 10.00
C ALA A 160 52.20 -14.44 9.90
N ARG A 161 52.42 -15.55 10.62
CA ARG A 161 53.71 -16.23 10.59
C ARG A 161 53.98 -16.85 9.23
N GLU A 162 52.98 -17.55 8.69
CA GLU A 162 53.11 -18.11 7.35
C GLU A 162 53.51 -17.05 6.32
N LEU A 163 53.02 -15.83 6.51
CA LEU A 163 53.27 -14.75 5.57
C LEU A 163 54.52 -13.94 5.95
N ARG A 164 55.17 -14.33 7.05
CA ARG A 164 56.37 -13.63 7.52
C ARG A 164 56.11 -12.14 7.74
N ILE A 165 54.96 -11.83 8.34
CA ILE A 165 54.64 -10.45 8.69
C ILE A 165 54.25 -10.36 10.16
N ASP A 166 54.56 -11.41 10.91
CA ASP A 166 54.20 -11.49 12.32
C ASP A 166 54.96 -10.51 13.19
N ASP A 167 56.04 -9.94 12.67
CA ASP A 167 56.74 -8.91 13.41
C ASP A 167 56.02 -7.56 13.33
N HIS A 168 54.98 -7.49 12.51
CA HIS A 168 54.21 -6.25 12.37
C HIS A 168 52.71 -6.45 12.63
N VAL A 169 52.22 -7.66 12.42
CA VAL A 169 50.80 -7.95 12.54
C VAL A 169 50.57 -8.91 13.69
N ARG A 170 49.76 -8.49 14.66
CA ARG A 170 49.49 -9.31 15.81
C ARG A 170 48.06 -9.22 16.30
N SER A 171 47.44 -10.37 16.52
CA SER A 171 46.13 -10.47 17.15
C SER A 171 46.29 -10.87 18.60
N ARG A 172 45.48 -10.28 19.48
CA ARG A 172 45.41 -10.68 20.88
C ARG A 172 43.98 -10.93 21.37
N VAL A 173 43.84 -11.74 22.40
CA VAL A 173 42.54 -11.93 23.04
C VAL A 173 42.36 -10.81 24.03
N CYS A 174 41.42 -9.90 23.75
CA CYS A 174 41.25 -8.72 24.59
C CYS A 174 39.91 -8.05 24.30
N ASN A 175 39.29 -7.55 25.35
CA ASN A 175 38.07 -6.76 25.26
C ASN A 175 38.39 -5.41 24.62
N MET A 176 37.84 -5.15 23.43
CA MET A 176 38.12 -3.90 22.72
C MET A 176 37.68 -2.65 23.49
N LEU A 177 36.87 -2.82 24.53
CA LEU A 177 36.44 -1.69 25.37
C LEU A 177 37.51 -1.33 26.37
N ASP A 178 38.48 -2.23 26.57
CA ASP A 178 39.51 -2.05 27.59
C ASP A 178 40.84 -2.64 27.14
N THR A 179 41.57 -1.87 26.33
CA THR A 179 42.77 -2.37 25.65
C THR A 179 44.04 -1.80 26.28
N PRO A 180 45.19 -2.41 25.98
CA PRO A 180 46.48 -1.99 26.57
C PRO A 180 47.12 -0.81 25.85
N PHE A 181 46.57 -0.40 24.70
CA PHE A 181 47.20 0.66 23.90
C PHE A 181 47.27 1.95 24.70
N ASP A 182 48.39 2.65 24.56
CA ASP A 182 48.61 3.88 25.31
C ASP A 182 47.78 5.04 24.75
N LYS A 183 47.47 6.00 25.61
CA LYS A 183 46.73 7.17 25.18
C LYS A 183 47.46 7.85 24.02
N GLY A 184 46.76 8.12 22.94
CA GLY A 184 47.36 8.81 21.82
C GLY A 184 48.37 8.04 21.00
N ALA A 185 48.56 6.76 21.28
CA ALA A 185 49.56 5.96 20.56
C ALA A 185 49.13 5.53 19.14
N VAL A 186 47.83 5.55 18.85
CA VAL A 186 47.34 4.91 17.64
C VAL A 186 46.98 5.92 16.55
N THR A 187 47.37 5.62 15.31
CA THR A 187 47.20 6.55 14.20
C THR A 187 45.80 6.43 13.60
N ALA A 188 45.35 5.21 13.41
CA ALA A 188 44.00 4.99 12.90
C ALA A 188 43.51 3.63 13.35
N SER A 189 42.19 3.49 13.48
CA SER A 189 41.60 2.24 13.96
C SER A 189 40.23 2.05 13.33
N TRP A 190 39.63 0.89 13.53
CA TRP A 190 38.33 0.63 12.90
C TRP A 190 37.56 -0.51 13.56
N ASN A 191 36.27 -0.54 13.29
CA ASN A 191 35.42 -1.67 13.61
C ASN A 191 34.73 -2.07 12.31
N ASN A 192 35.00 -3.28 11.86
CA ASN A 192 34.35 -3.81 10.68
C ASN A 192 33.37 -4.89 11.12
N GLU A 193 32.09 -4.51 11.15
CA GLU A 193 31.03 -5.38 11.63
C GLU A 193 31.33 -6.01 12.99
N SER A 194 31.75 -5.18 13.93
CA SER A 194 31.94 -5.67 15.30
C SER A 194 31.33 -4.73 16.35
N THR A 195 30.80 -3.58 15.91
CA THR A 195 30.20 -2.62 16.84
C THR A 195 28.90 -3.13 17.50
N MET A 196 28.26 -4.12 16.89
CA MET A 196 26.98 -4.61 17.39
C MET A 196 27.09 -5.55 18.60
N TYR A 197 28.28 -5.65 19.17
CA TYR A 197 28.51 -6.49 20.33
C TYR A 197 28.87 -5.67 21.54
N VAL A 198 28.83 -4.34 21.41
CA VAL A 198 29.23 -3.47 22.51
C VAL A 198 28.40 -2.20 22.63
N ASP A 199 28.41 -1.63 23.82
CA ASP A 199 27.90 -0.30 24.07
C ASP A 199 28.72 0.69 23.26
N LEU A 200 28.06 1.52 22.45
CA LEU A 200 28.78 2.43 21.54
C LEU A 200 29.55 3.54 22.25
N HIS A 201 28.98 4.07 23.33
CA HIS A 201 29.66 5.13 24.07
C HIS A 201 30.96 4.61 24.69
N ASP A 202 30.91 3.41 25.27
CA ASP A 202 32.12 2.80 25.81
C ASP A 202 33.13 2.50 24.69
N LEU A 203 32.62 2.02 23.56
CA LEU A 203 33.51 1.70 22.43
C LEU A 203 34.22 2.96 21.94
N PHE A 204 33.44 4.00 21.63
CA PHE A 204 34.03 5.20 21.04
C PHE A 204 34.85 5.99 22.05
N SER A 205 34.48 5.91 23.33
CA SER A 205 35.33 6.41 24.41
C SER A 205 36.74 5.81 24.31
N GLU A 206 36.81 4.49 24.07
CA GLU A 206 38.10 3.78 24.08
C GLU A 206 38.94 4.11 22.85
N HIS A 207 38.33 4.04 21.67
CA HIS A 207 39.01 4.48 20.44
C HIS A 207 39.52 5.92 20.61
N SER A 208 38.69 6.78 21.19
CA SER A 208 39.06 8.18 21.38
C SER A 208 40.29 8.31 22.28
N ARG A 209 40.38 7.42 23.27
CA ARG A 209 41.53 7.39 24.20
C ARG A 209 42.84 7.02 23.51
N PHE A 210 42.87 5.91 22.77
CA PHE A 210 44.14 5.49 22.17
C PHE A 210 44.49 6.15 20.83
N LEU A 211 43.51 6.77 20.17
CA LEU A 211 43.80 7.51 18.94
C LEU A 211 44.44 8.85 19.22
N LYS A 212 45.47 9.20 18.47
CA LYS A 212 46.12 10.48 18.64
C LYS A 212 45.21 11.58 18.10
N VAL A 213 45.40 12.81 18.56
CA VAL A 213 44.69 13.94 17.95
C VAL A 213 45.06 13.96 16.46
N GLY A 214 44.07 14.13 15.59
CA GLY A 214 44.31 14.01 14.16
C GLY A 214 44.22 12.57 13.68
N GLY A 215 43.96 11.65 14.61
CA GLY A 215 43.82 10.25 14.26
C GLY A 215 42.52 10.02 13.51
N ARG A 216 42.41 8.85 12.87
CA ARG A 216 41.21 8.54 12.10
C ARG A 216 40.53 7.24 12.51
N TYR A 217 39.20 7.28 12.54
CA TYR A 217 38.42 6.10 12.85
C TYR A 217 37.45 5.83 11.71
N VAL A 218 37.21 4.56 11.44
CA VAL A 218 36.19 4.14 10.48
C VAL A 218 35.40 2.96 11.03
N THR A 219 34.09 2.93 10.78
CA THR A 219 33.33 1.72 10.98
C THR A 219 32.50 1.41 9.74
N ILE A 220 32.34 0.13 9.46
CA ILE A 220 31.27 -0.29 8.58
C ILE A 220 30.38 -1.17 9.44
N THR A 221 29.08 -0.91 9.38
CA THR A 221 28.15 -1.58 10.29
C THR A 221 26.80 -1.77 9.63
N GLY A 222 26.01 -2.71 10.15
CA GLY A 222 24.60 -2.74 9.85
C GLY A 222 23.93 -2.10 11.04
N CYS A 223 23.16 -1.02 10.80
CA CYS A 223 22.46 -0.35 11.88
C CYS A 223 20.98 -0.27 11.54
N TRP A 224 20.11 -0.25 12.54
CA TRP A 224 18.71 -0.08 12.21
C TRP A 224 18.42 1.40 11.94
N ASN A 225 17.53 1.65 11.00
CA ASN A 225 17.30 3.00 10.49
C ASN A 225 16.26 3.71 11.37
N PRO A 226 16.67 4.77 12.08
CA PRO A 226 15.72 5.48 12.94
C PRO A 226 14.51 5.99 12.16
N ARG A 227 14.63 6.14 10.83
CA ARG A 227 13.47 6.54 10.02
C ARG A 227 12.35 5.49 10.11
N TYR A 228 12.71 4.22 10.28
CA TYR A 228 11.72 3.15 10.36
C TYR A 228 10.96 3.25 11.71
N GLY A 229 11.66 3.72 12.74
CA GLY A 229 11.08 3.96 14.05
C GLY A 229 11.70 3.16 15.19
N GLN A 230 11.64 1.83 15.08
CA GLN A 230 12.27 0.91 16.04
C GLN A 230 12.81 -0.28 15.25
N PRO A 231 13.57 -1.17 15.90
CA PRO A 231 14.06 -2.35 15.20
C PRO A 231 12.90 -3.20 14.70
N SER A 232 12.87 -3.50 13.41
CA SER A 232 11.84 -4.37 12.86
C SER A 232 12.03 -5.83 13.27
N LYS A 233 11.05 -6.67 12.93
CA LYS A 233 11.18 -8.11 13.19
C LYS A 233 12.44 -8.69 12.53
N TRP A 234 12.74 -8.24 11.31
CA TRP A 234 13.92 -8.73 10.61
C TRP A 234 15.20 -8.43 11.38
N VAL A 235 15.33 -7.17 11.81
CA VAL A 235 16.48 -6.79 12.62
C VAL A 235 16.63 -7.69 13.84
N SER A 236 15.50 -8.00 14.49
CA SER A 236 15.55 -8.83 15.70
C SER A 236 15.95 -10.26 15.38
N GLN A 237 15.49 -10.75 14.24
CA GLN A 237 15.90 -12.07 13.77
C GLN A 237 17.41 -12.10 13.56
N ILE A 238 17.97 -11.03 13.00
CA ILE A 238 19.41 -10.95 12.83
C ILE A 238 20.11 -10.94 14.19
N ASN A 239 19.62 -10.11 15.12
CA ASN A 239 20.15 -10.11 16.47
C ASN A 239 20.13 -11.52 17.08
N ALA A 240 19.00 -12.24 16.95
CA ALA A 240 18.86 -13.55 17.55
C ALA A 240 19.85 -14.55 16.94
N HIS A 241 20.07 -14.43 15.64
CA HIS A 241 20.95 -15.33 14.87
C HIS A 241 22.41 -15.22 15.33
N PHE A 242 22.88 -13.99 15.52
CA PHE A 242 24.27 -13.72 15.90
C PHE A 242 24.48 -13.41 17.39
N GLU A 243 23.41 -13.37 18.17
CA GLU A 243 23.52 -12.98 19.57
C GLU A 243 24.10 -11.56 19.68
N CYS A 244 23.73 -10.68 18.75
CA CYS A 244 24.24 -9.31 18.75
C CYS A 244 23.16 -8.30 19.14
N ASN A 245 23.52 -7.02 19.05
CA ASN A 245 22.65 -5.97 19.52
C ASN A 245 22.79 -4.78 18.57
N ILE A 246 22.17 -4.90 17.40
CA ILE A 246 22.23 -3.91 16.35
C ILE A 246 21.78 -2.54 16.90
N HIS A 247 22.57 -1.51 16.61
CA HIS A 247 22.27 -0.19 17.12
C HIS A 247 21.61 0.65 16.04
N SER A 248 20.90 1.69 16.47
CA SER A 248 20.30 2.65 15.56
C SER A 248 21.36 3.59 15.00
N ARG A 249 21.18 4.05 13.75
CA ARG A 249 22.11 5.02 13.18
C ARG A 249 22.19 6.27 14.08
N ARG A 250 21.08 6.59 14.75
CA ARG A 250 21.06 7.75 15.65
C ARG A 250 22.07 7.57 16.79
N GLU A 251 22.14 6.35 17.31
CA GLU A 251 23.04 5.99 18.40
C GLU A 251 24.51 6.08 17.98
N TYR A 252 24.84 5.67 16.76
CA TYR A 252 26.20 5.85 16.25
C TYR A 252 26.61 7.33 16.29
N LEU A 253 25.76 8.21 15.75
CA LEU A 253 26.11 9.62 15.61
C LEU A 253 26.21 10.27 17.01
N ARG A 254 25.28 9.94 17.88
CA ARG A 254 25.31 10.46 19.24
C ARG A 254 26.56 10.01 20.00
N ALA A 255 26.84 8.70 19.98
CA ALA A 255 28.01 8.18 20.70
C ALA A 255 29.33 8.80 20.21
N MET A 256 29.42 9.07 18.91
CA MET A 256 30.61 9.71 18.36
C MET A 256 30.72 11.16 18.83
N ALA A 257 29.60 11.89 18.75
CA ALA A 257 29.58 13.29 19.16
C ALA A 257 30.00 13.43 20.62
N ASP A 258 29.63 12.45 21.44
CA ASP A 258 29.92 12.52 22.87
C ASP A 258 31.36 12.12 23.19
N ASN A 259 32.09 11.64 22.18
CA ASN A 259 33.45 11.14 22.38
C ASN A 259 34.54 11.72 21.45
N ARG A 260 34.34 12.95 21.00
CA ARG A 260 35.37 13.63 20.22
C ARG A 260 35.68 12.98 18.87
N LEU A 261 34.81 12.08 18.41
CA LEU A 261 34.90 11.59 17.03
C LEU A 261 33.86 12.32 16.17
N VAL A 262 34.34 12.93 15.09
CA VAL A 262 33.54 13.78 14.21
C VAL A 262 33.54 13.26 12.77
N PRO A 263 32.41 12.66 12.34
CA PRO A 263 32.35 12.12 10.96
C PRO A 263 32.75 13.14 9.89
N HIS A 264 33.56 12.71 8.92
CA HIS A 264 33.84 13.51 7.72
C HIS A 264 33.21 12.87 6.49
N THR A 265 32.83 11.60 6.60
CA THR A 265 32.22 10.92 5.48
C THR A 265 31.23 9.91 6.01
N ILE A 266 30.02 9.90 5.45
CA ILE A 266 29.05 8.88 5.77
C ILE A 266 28.42 8.41 4.48
N VAL A 267 28.44 7.10 4.23
CA VAL A 267 27.92 6.55 2.99
C VAL A 267 26.90 5.48 3.31
N ASP A 268 25.71 5.57 2.73
CA ASP A 268 24.74 4.49 2.84
C ASP A 268 25.12 3.43 1.81
N LEU A 269 25.66 2.30 2.27
CA LEU A 269 26.12 1.23 1.39
C LEU A 269 25.02 0.19 1.14
N THR A 270 23.80 0.47 1.57
CA THR A 270 22.72 -0.49 1.40
C THR A 270 22.56 -0.96 -0.06
N PRO A 271 22.47 -0.01 -1.02
CA PRO A 271 22.34 -0.43 -2.43
C PRO A 271 23.54 -1.23 -2.91
N ASP A 272 24.71 -0.95 -2.34
CA ASP A 272 25.96 -1.54 -2.82
C ASP A 272 26.19 -2.94 -2.31
N THR A 273 25.50 -3.30 -1.23
CA THR A 273 25.70 -4.62 -0.64
C THR A 273 24.62 -5.60 -1.04
N LEU A 274 23.52 -5.09 -1.58
CA LEU A 274 22.44 -5.97 -2.02
C LEU A 274 22.85 -7.00 -3.10
N PRO A 275 23.63 -6.57 -4.11
CA PRO A 275 24.10 -7.55 -5.10
C PRO A 275 24.84 -8.73 -4.46
N TYR A 276 25.71 -8.45 -3.49
CA TYR A 276 26.38 -9.51 -2.74
C TYR A 276 25.39 -10.48 -2.10
N TRP A 277 24.41 -9.95 -1.38
CA TRP A 277 23.44 -10.79 -0.66
C TRP A 277 22.55 -11.61 -1.59
N GLU A 278 22.09 -10.99 -2.67
CA GLU A 278 21.29 -11.68 -3.68
C GLU A 278 22.06 -12.84 -4.35
N LEU A 279 23.35 -12.65 -4.56
CA LEU A 279 24.18 -13.71 -5.12
C LEU A 279 24.39 -14.79 -4.05
N ARG A 280 24.77 -14.36 -2.86
CA ARG A 280 24.94 -15.28 -1.74
C ARG A 280 23.70 -16.18 -1.58
N ALA A 281 22.52 -15.59 -1.73
CA ALA A 281 21.27 -16.31 -1.51
C ALA A 281 21.10 -17.53 -2.44
N THR A 282 21.78 -17.51 -3.59
CA THR A 282 21.75 -18.61 -4.53
C THR A 282 22.81 -19.67 -4.21
N SER A 283 23.70 -19.37 -3.26
CA SER A 283 24.84 -20.22 -2.98
C SER A 283 24.50 -21.42 -2.11
N SER A 284 25.30 -22.48 -2.23
CA SER A 284 25.09 -23.71 -1.47
C SER A 284 25.57 -23.50 -0.04
N LEU A 285 26.22 -22.38 0.20
CA LEU A 285 26.75 -22.05 1.51
C LEU A 285 25.87 -21.06 2.30
N VAL A 286 24.62 -20.88 1.88
CA VAL A 286 23.67 -20.02 2.59
C VAL A 286 23.60 -20.45 4.05
N THR A 287 23.20 -19.54 4.92
CA THR A 287 23.14 -19.84 6.35
C THR A 287 21.73 -19.70 6.91
N GLY A 288 20.81 -19.22 6.09
CA GLY A 288 19.44 -19.06 6.56
C GLY A 288 19.06 -17.63 6.92
N ILE A 289 20.04 -16.78 7.17
CA ILE A 289 19.76 -15.38 7.52
C ILE A 289 19.67 -14.45 6.29
N GLU A 290 19.92 -15.00 5.10
CA GLU A 290 19.94 -14.19 3.88
C GLU A 290 18.65 -13.41 3.65
N LYS A 291 17.51 -14.06 3.83
CA LYS A 291 16.23 -13.39 3.63
C LYS A 291 16.04 -12.18 4.56
N ALA A 292 16.46 -12.31 5.82
CA ALA A 292 16.30 -11.21 6.79
C ALA A 292 17.10 -9.96 6.40
N PHE A 293 18.33 -10.16 5.95
CA PHE A 293 19.13 -9.05 5.44
C PHE A 293 18.47 -8.43 4.21
N ILE A 294 18.09 -9.27 3.26
CA ILE A 294 17.52 -8.78 2.01
C ILE A 294 16.21 -8.02 2.22
N GLU A 295 15.28 -8.61 2.96
CA GLU A 295 13.98 -7.97 3.17
C GLU A 295 14.11 -6.66 3.96
N SER A 296 14.95 -6.66 4.98
CA SER A 296 15.09 -5.48 5.84
C SER A 296 15.83 -4.35 5.13
N TYR A 297 16.79 -4.71 4.27
CA TYR A 297 17.46 -3.69 3.47
C TYR A 297 16.45 -3.10 2.49
N ARG A 298 15.58 -3.96 1.95
CA ARG A 298 14.62 -3.52 0.95
C ARG A 298 13.48 -2.69 1.51
N ASP A 299 13.05 -2.98 2.73
CA ASP A 299 11.91 -2.26 3.30
C ASP A 299 12.34 -1.05 4.13
N GLY A 300 13.64 -0.78 4.18
CA GLY A 300 14.16 0.40 4.86
C GLY A 300 14.33 0.32 6.38
N SER A 301 14.11 -0.85 6.97
CA SER A 301 14.24 -0.96 8.43
C SER A 301 15.68 -1.13 8.88
N PHE A 302 16.54 -1.54 7.95
CA PHE A 302 17.93 -1.90 8.26
C PHE A 302 18.82 -1.34 7.16
N GLN A 303 20.02 -0.88 7.52
CA GLN A 303 20.92 -0.30 6.53
C GLN A 303 22.39 -0.64 6.81
N TYR A 304 23.18 -0.64 5.75
CA TYR A 304 24.61 -0.93 5.83
C TYR A 304 25.33 0.38 5.58
N VAL A 305 26.08 0.86 6.56
CA VAL A 305 26.66 2.19 6.45
C VAL A 305 28.15 2.20 6.77
N LEU A 306 28.86 3.12 6.14
CA LEU A 306 30.21 3.44 6.51
C LEU A 306 30.24 4.80 7.15
N ILE A 307 30.88 4.91 8.31
CA ILE A 307 31.10 6.20 8.96
C ILE A 307 32.58 6.38 9.23
N ALA A 308 33.17 7.40 8.62
CA ALA A 308 34.58 7.73 8.82
C ALA A 308 34.69 9.05 9.56
N ALA A 309 35.45 9.06 10.66
CA ALA A 309 35.50 10.20 11.55
C ALA A 309 36.92 10.57 11.92
N ASP A 310 37.13 11.86 12.19
CA ASP A 310 38.37 12.39 12.76
C ASP A 310 38.30 12.43 14.28
N ARG A 311 39.42 12.10 14.92
CA ARG A 311 39.59 12.29 16.36
C ARG A 311 40.17 13.69 16.56
N VAL A 312 39.38 14.56 17.20
CA VAL A 312 39.76 15.97 17.32
C VAL A 312 39.73 16.41 18.77
N ALA B 36 44.80 15.80 56.48
CA ALA B 36 44.63 17.16 55.96
C ALA B 36 43.24 17.36 55.37
N PRO B 37 42.44 18.25 56.00
CA PRO B 37 41.05 18.51 55.59
C PRO B 37 40.94 19.00 54.14
N ALA B 38 39.95 18.50 53.42
CA ALA B 38 39.78 18.85 52.01
C ALA B 38 39.14 20.23 51.86
N THR B 39 38.31 20.59 52.83
CA THR B 39 37.56 21.82 52.80
C THR B 39 37.26 22.25 54.23
N PRO B 40 36.90 23.52 54.42
CA PRO B 40 36.47 23.95 55.76
C PRO B 40 35.27 23.15 56.24
N TYR B 41 34.40 22.77 55.32
CA TYR B 41 33.22 22.01 55.72
C TYR B 41 33.62 20.63 56.24
N GLN B 42 34.48 19.92 55.50
CA GLN B 42 34.94 18.62 55.96
C GLN B 42 35.76 18.75 57.24
N GLU B 43 36.29 19.95 57.47
CA GLU B 43 36.96 20.23 58.75
C GLU B 43 35.93 20.29 59.88
N ASP B 44 34.80 20.95 59.62
CA ASP B 44 33.69 20.99 60.58
C ASP B 44 33.24 19.59 60.95
N ILE B 45 33.15 18.73 59.94
CA ILE B 45 32.59 17.40 60.14
C ILE B 45 33.55 16.46 60.87
N ALA B 46 34.84 16.57 60.56
CA ALA B 46 35.83 15.79 61.29
C ALA B 46 35.74 16.19 62.77
N ARG B 47 35.65 17.49 63.03
CA ARG B 47 35.53 18.00 64.40
C ARG B 47 34.21 17.55 65.04
N TYR B 48 33.12 17.61 64.29
CA TYR B 48 31.82 17.14 64.80
C TYR B 48 31.92 15.71 65.33
N TRP B 49 32.52 14.82 64.54
CA TRP B 49 32.57 13.41 64.92
C TRP B 49 33.67 13.03 65.90
N ASN B 50 34.75 13.81 65.95
CA ASN B 50 35.74 13.66 67.01
C ASN B 50 35.16 14.04 68.39
N ASN B 51 34.21 14.96 68.41
CA ASN B 51 33.63 15.46 69.67
C ASN B 51 32.42 14.68 70.14
N GLU B 52 31.77 13.97 69.22
CA GLU B 52 30.69 13.06 69.60
C GLU B 52 31.22 11.99 70.55
N VAL B 63 27.73 -2.35 74.82
CA VAL B 63 27.43 -3.73 75.20
C VAL B 63 27.99 -4.80 74.25
N ASP B 64 27.26 -5.11 73.18
CA ASP B 64 27.63 -6.23 72.33
C ASP B 64 28.80 -5.89 71.41
N GLY B 65 29.32 -4.67 71.54
CA GLY B 65 30.51 -4.26 70.83
C GLY B 65 30.32 -4.05 69.34
N LEU B 66 29.09 -3.81 68.92
CA LEU B 66 28.82 -3.37 67.55
C LEU B 66 28.43 -1.92 67.64
N TYR B 67 29.29 -1.03 67.17
CA TYR B 67 29.04 0.38 67.36
C TYR B 67 28.51 1.06 66.10
N HIS B 68 27.23 1.43 66.17
CA HIS B 68 26.52 2.07 65.08
C HIS B 68 26.30 3.56 65.30
N HIS B 69 26.23 4.29 64.20
CA HIS B 69 25.75 5.66 64.20
C HIS B 69 24.72 5.77 63.08
N HIS B 70 23.67 4.96 63.19
CA HIS B 70 22.57 5.04 62.25
C HIS B 70 21.29 4.60 62.95
N TYR B 71 20.17 4.73 62.26
CA TYR B 71 18.87 4.48 62.86
C TYR B 71 18.34 3.09 62.56
N GLY B 72 17.21 2.73 63.16
CA GLY B 72 16.73 1.37 63.09
C GLY B 72 15.48 1.16 62.27
N ILE B 73 15.22 -0.09 61.91
CA ILE B 73 14.02 -0.44 61.15
C ILE B 73 13.41 -1.70 61.76
N GLY B 74 12.12 -1.91 61.52
CA GLY B 74 11.46 -3.12 61.97
C GLY B 74 10.54 -2.89 63.16
N PRO B 75 9.65 -3.85 63.42
CA PRO B 75 8.65 -3.73 64.50
C PRO B 75 9.31 -3.73 65.88
N VAL B 76 8.77 -2.95 66.80
CA VAL B 76 9.22 -2.99 68.19
C VAL B 76 8.71 -4.26 68.87
N ASP B 77 9.57 -4.88 69.68
CA ASP B 77 9.20 -6.10 70.38
C ASP B 77 8.66 -5.73 71.78
N ARG B 78 7.35 -5.55 71.85
CA ARG B 78 6.69 -5.11 73.07
C ARG B 78 6.85 -6.13 74.19
N ALA B 79 6.75 -7.40 73.83
CA ALA B 79 6.90 -8.49 74.81
C ALA B 79 8.26 -8.39 75.48
N ALA B 80 9.30 -8.18 74.68
CA ALA B 80 10.66 -8.12 75.19
C ALA B 80 10.89 -6.88 76.05
N LEU B 81 10.10 -5.85 75.83
CA LEU B 81 10.23 -4.61 76.60
C LEU B 81 9.55 -4.74 77.97
N GLY B 82 8.43 -5.46 78.00
CA GLY B 82 7.71 -5.70 79.24
C GLY B 82 6.85 -4.52 79.67
N ASP B 83 6.64 -4.39 80.97
CA ASP B 83 5.81 -3.32 81.51
C ASP B 83 6.58 -2.02 81.64
N PRO B 84 6.07 -0.95 81.01
CA PRO B 84 6.67 0.38 80.99
C PRO B 84 6.94 0.95 82.39
N GLU B 85 6.02 0.74 83.32
CA GLU B 85 6.17 1.25 84.69
C GLU B 85 7.23 0.48 85.47
N HIS B 86 7.73 -0.60 84.90
CA HIS B 86 8.73 -1.42 85.57
C HIS B 86 10.04 -0.65 85.70
N SER B 87 10.81 -0.98 86.73
CA SER B 87 11.99 -0.20 87.10
C SER B 87 13.07 -0.14 86.01
N GLU B 88 13.51 -1.29 85.53
CA GLU B 88 14.60 -1.33 84.54
C GLU B 88 14.08 -1.35 83.09
N TYR B 89 12.90 -0.79 82.89
CA TYR B 89 12.32 -0.62 81.56
C TYR B 89 13.24 0.18 80.64
N GLU B 90 13.85 1.23 81.17
CA GLU B 90 14.73 2.10 80.39
C GLU B 90 15.93 1.36 79.80
N LYS B 91 16.49 0.43 80.57
CA LYS B 91 17.59 -0.40 80.09
C LYS B 91 17.13 -1.28 78.94
N LYS B 92 15.91 -1.80 79.05
CA LYS B 92 15.33 -2.64 78.01
C LYS B 92 15.09 -1.87 76.71
N VAL B 93 14.64 -0.62 76.83
CA VAL B 93 14.39 0.21 75.68
C VAL B 93 15.68 0.44 74.90
N ILE B 94 16.75 0.78 75.61
CA ILE B 94 18.06 0.97 75.01
C ILE B 94 18.51 -0.29 74.24
N ALA B 95 18.25 -1.46 74.79
CA ALA B 95 18.64 -2.73 74.17
C ALA B 95 17.85 -2.98 72.90
N GLU B 96 16.57 -2.60 72.92
CA GLU B 96 15.70 -2.81 71.77
C GLU B 96 16.11 -1.89 70.61
N LEU B 97 16.41 -0.63 70.93
CA LEU B 97 16.80 0.35 69.93
C LEU B 97 18.09 -0.11 69.26
N HIS B 98 19.00 -0.67 70.04
CA HIS B 98 20.24 -1.18 69.48
C HIS B 98 19.97 -2.36 68.54
N ARG B 99 19.10 -3.26 68.94
CA ARG B 99 18.70 -4.37 68.07
C ARG B 99 18.15 -3.86 66.73
N LEU B 100 17.36 -2.79 66.78
CA LEU B 100 16.73 -2.24 65.59
C LEU B 100 17.77 -1.61 64.67
N GLU B 101 18.82 -1.04 65.26
CA GLU B 101 19.92 -0.46 64.49
C GLU B 101 20.75 -1.55 63.84
N SER B 102 20.96 -2.67 64.53
CA SER B 102 21.66 -3.80 63.91
C SER B 102 20.84 -4.43 62.79
N ALA B 103 19.52 -4.52 62.97
CA ALA B 103 18.66 -5.07 61.92
C ALA B 103 18.72 -4.20 60.67
N GLN B 104 18.90 -2.90 60.85
CA GLN B 104 18.99 -1.97 59.72
C GLN B 104 20.24 -2.26 58.88
N ALA B 105 21.35 -2.51 59.56
CA ALA B 105 22.60 -2.83 58.89
C ALA B 105 22.53 -4.20 58.19
N GLU B 106 21.86 -5.16 58.83
CA GLU B 106 21.69 -6.48 58.22
C GLU B 106 20.89 -6.38 56.92
N PHE B 107 19.88 -5.51 56.91
CA PHE B 107 19.03 -5.31 55.73
C PHE B 107 19.83 -4.68 54.59
N LEU B 108 20.74 -3.76 54.93
CA LEU B 108 21.59 -3.12 53.94
C LEU B 108 22.43 -4.20 53.28
N MET B 109 23.03 -5.05 54.11
CA MET B 109 23.89 -6.13 53.63
C MET B 109 23.15 -7.17 52.81
N ASP B 110 21.85 -7.31 53.03
CA ASP B 110 21.02 -8.20 52.19
C ASP B 110 21.04 -7.79 50.71
N HIS B 111 21.48 -6.57 50.43
CA HIS B 111 21.44 -6.03 49.05
C HIS B 111 22.82 -5.87 48.44
N LEU B 112 23.84 -6.39 49.12
CA LEU B 112 25.22 -6.27 48.64
C LEU B 112 25.61 -7.42 47.72
N GLY B 113 24.65 -8.26 47.36
CA GLY B 113 24.92 -9.43 46.55
C GLY B 113 25.84 -10.41 47.25
N GLN B 114 26.64 -11.12 46.49
CA GLN B 114 27.54 -12.11 47.08
C GLN B 114 28.95 -11.57 47.21
N ALA B 115 29.61 -11.95 48.30
CA ALA B 115 30.99 -11.59 48.52
C ALA B 115 31.64 -12.69 49.36
N GLY B 116 32.92 -12.93 49.11
CA GLY B 116 33.66 -13.93 49.86
C GLY B 116 34.98 -13.35 50.35
N PRO B 117 35.83 -14.23 50.91
CA PRO B 117 37.10 -13.88 51.54
C PRO B 117 38.05 -13.21 50.56
N ASP B 118 37.91 -13.51 49.27
CA ASP B 118 38.80 -12.98 48.25
C ASP B 118 38.45 -11.55 47.85
N ASP B 119 37.31 -11.05 48.33
CA ASP B 119 36.81 -9.75 47.87
C ASP B 119 37.13 -8.61 48.82
N THR B 120 37.10 -7.38 48.32
CA THR B 120 37.21 -6.20 49.18
C THR B 120 35.91 -5.40 49.15
N LEU B 121 35.42 -5.05 50.34
CA LEU B 121 34.23 -4.22 50.52
C LEU B 121 34.65 -2.86 51.08
N VAL B 122 33.93 -1.81 50.72
CA VAL B 122 34.23 -0.50 51.27
C VAL B 122 33.04 0.14 52.01
N ASP B 123 33.30 0.56 53.24
CA ASP B 123 32.35 1.33 54.03
C ASP B 123 32.76 2.79 53.96
N ALA B 124 32.01 3.57 53.18
CA ALA B 124 32.32 4.99 53.01
C ALA B 124 31.63 5.85 54.08
N GLY B 125 32.42 6.45 54.96
CA GLY B 125 31.88 7.17 56.11
C GLY B 125 31.49 6.16 57.18
N CYS B 126 32.50 5.46 57.72
CA CYS B 126 32.28 4.19 58.42
C CYS B 126 32.03 4.29 59.92
N GLY B 127 32.00 5.49 60.48
CA GLY B 127 31.79 5.65 61.90
C GLY B 127 32.76 4.82 62.74
N ARG B 128 32.25 4.16 63.77
CA ARG B 128 33.09 3.39 64.69
C ARG B 128 33.32 1.95 64.28
N GLY B 129 32.77 1.54 63.12
CA GLY B 129 33.09 0.25 62.53
C GLY B 129 32.10 -0.89 62.71
N GLY B 130 30.95 -0.63 63.33
CA GLY B 130 29.95 -1.65 63.58
C GLY B 130 29.56 -2.44 62.34
N SER B 131 29.29 -1.72 61.25
CA SER B 131 28.88 -2.36 59.99
C SER B 131 30.00 -3.18 59.39
N MET B 132 31.23 -2.72 59.57
CA MET B 132 32.38 -3.40 58.98
C MET B 132 32.55 -4.78 59.63
N VAL B 133 32.45 -4.81 60.96
CA VAL B 133 32.49 -6.06 61.70
C VAL B 133 31.38 -7.00 61.22
N MET B 134 30.18 -6.47 61.06
CA MET B 134 29.07 -7.30 60.61
C MET B 134 29.30 -7.85 59.21
N ALA B 135 29.77 -6.98 58.31
CA ALA B 135 30.10 -7.38 56.95
C ALA B 135 31.16 -8.47 56.91
N HIS B 136 32.25 -8.28 57.65
CA HIS B 136 33.29 -9.29 57.67
C HIS B 136 32.75 -10.62 58.21
N ARG B 137 31.95 -10.56 59.27
CA ARG B 137 31.32 -11.76 59.81
C ARG B 137 30.41 -12.45 58.81
N ARG B 138 29.63 -11.69 58.04
CA ARG B 138 28.72 -12.31 57.10
C ARG B 138 29.38 -12.84 55.82
N PHE B 139 30.40 -12.12 55.33
CA PHE B 139 31.00 -12.44 54.03
C PHE B 139 32.41 -13.01 54.12
N GLY B 140 33.15 -12.60 55.14
CA GLY B 140 34.53 -13.05 55.29
C GLY B 140 35.49 -12.19 54.50
N SER B 141 34.94 -11.22 53.78
CA SER B 141 35.73 -10.36 52.90
C SER B 141 36.68 -9.46 53.67
N ARG B 142 37.65 -8.91 52.96
CA ARG B 142 38.39 -7.78 53.48
C ARG B 142 37.45 -6.59 53.49
N VAL B 143 37.43 -5.82 54.57
CA VAL B 143 36.56 -4.67 54.65
C VAL B 143 37.33 -3.41 55.02
N GLU B 144 37.38 -2.47 54.08
CA GLU B 144 38.05 -1.19 54.28
C GLU B 144 37.03 -0.10 54.60
N GLY B 145 37.25 0.67 55.65
CA GLY B 145 36.38 1.78 55.94
C GLY B 145 37.13 3.11 55.93
N VAL B 146 36.45 4.18 55.52
CA VAL B 146 37.01 5.53 55.59
C VAL B 146 36.09 6.46 56.36
N THR B 147 36.69 7.34 57.17
CA THR B 147 35.96 8.32 57.97
C THR B 147 36.83 9.58 58.12
N LEU B 148 36.20 10.70 58.43
CA LEU B 148 36.93 11.96 58.64
C LEU B 148 37.47 12.08 60.06
N SER B 149 37.04 11.17 60.93
CA SER B 149 37.32 11.26 62.37
C SER B 149 38.42 10.29 62.79
N ALA B 150 39.55 10.84 63.23
CA ALA B 150 40.65 10.02 63.76
C ALA B 150 40.18 9.25 64.99
N ALA B 151 39.34 9.90 65.80
CA ALA B 151 38.76 9.24 66.97
C ALA B 151 37.98 7.99 66.58
N GLN B 152 37.12 8.09 65.57
CA GLN B 152 36.38 6.93 65.09
C GLN B 152 37.27 5.84 64.48
N ALA B 153 38.29 6.24 63.70
CA ALA B 153 39.17 5.25 63.07
C ALA B 153 40.00 4.50 64.11
N ASP B 154 40.50 5.23 65.10
CA ASP B 154 41.22 4.64 66.22
C ASP B 154 40.31 3.66 66.98
N PHE B 155 39.10 4.10 67.26
CA PHE B 155 38.13 3.25 67.96
C PHE B 155 37.85 1.97 67.17
N GLY B 156 37.54 2.12 65.88
CA GLY B 156 37.22 0.96 65.07
C GLY B 156 38.38 0.00 64.96
N ASN B 157 39.59 0.53 64.82
CA ASN B 157 40.78 -0.29 64.69
C ASN B 157 41.13 -0.99 66.00
N ARG B 158 40.97 -0.27 67.12
CA ARG B 158 41.12 -0.88 68.44
C ARG B 158 40.16 -2.07 68.56
N ARG B 159 38.92 -1.86 68.11
CA ARG B 159 37.89 -2.88 68.18
C ARG B 159 38.16 -4.08 67.26
N ALA B 160 38.67 -3.80 66.06
CA ALA B 160 39.05 -4.85 65.13
C ALA B 160 40.15 -5.70 65.75
N ARG B 161 41.09 -5.02 66.41
CA ARG B 161 42.21 -5.64 67.10
C ARG B 161 41.71 -6.60 68.18
N GLU B 162 40.82 -6.10 69.03
CA GLU B 162 40.20 -6.91 70.08
C GLU B 162 39.60 -8.19 69.50
N LEU B 163 38.88 -8.05 68.39
CA LEU B 163 38.16 -9.17 67.79
C LEU B 163 39.05 -10.06 66.93
N ARG B 164 40.34 -9.70 66.84
CA ARG B 164 41.32 -10.46 66.06
C ARG B 164 40.93 -10.55 64.60
N ILE B 165 40.42 -9.46 64.04
CA ILE B 165 40.09 -9.45 62.61
C ILE B 165 40.76 -8.28 61.89
N ASP B 166 41.68 -7.63 62.60
CA ASP B 166 42.37 -6.43 62.10
C ASP B 166 43.18 -6.69 60.82
N ASP B 167 43.47 -7.95 60.52
CA ASP B 167 44.15 -8.25 59.27
C ASP B 167 43.17 -8.26 58.09
N HIS B 168 41.88 -8.12 58.39
CA HIS B 168 40.85 -8.05 57.35
C HIS B 168 40.04 -6.77 57.42
N VAL B 169 40.04 -6.12 58.58
CA VAL B 169 39.18 -4.98 58.80
C VAL B 169 39.98 -3.77 59.27
N ARG B 170 40.00 -2.72 58.46
CA ARG B 170 40.75 -1.52 58.78
C ARG B 170 39.96 -0.25 58.51
N SER B 171 40.05 0.69 59.45
CA SER B 171 39.50 2.02 59.26
C SER B 171 40.65 2.99 59.00
N ARG B 172 40.41 3.96 58.13
CA ARG B 172 41.39 5.00 57.86
C ARG B 172 40.72 6.36 57.88
N VAL B 173 41.50 7.39 58.21
CA VAL B 173 41.02 8.76 58.09
C VAL B 173 41.22 9.16 56.65
N CYS B 174 40.11 9.31 55.93
CA CYS B 174 40.18 9.66 54.52
C CYS B 174 38.89 10.29 54.05
N ASN B 175 38.99 11.23 53.11
CA ASN B 175 37.84 11.81 52.44
C ASN B 175 37.29 10.80 51.44
N MET B 176 36.04 10.34 51.66
CA MET B 176 35.46 9.28 50.83
C MET B 176 35.26 9.69 49.38
N LEU B 177 35.43 10.98 49.07
CA LEU B 177 35.37 11.43 47.67
C LEU B 177 36.71 11.19 46.93
N ASP B 178 37.76 10.91 47.69
CA ASP B 178 39.12 10.81 47.15
C ASP B 178 39.93 9.75 47.89
N THR B 179 39.71 8.48 47.55
CA THR B 179 40.27 7.35 48.30
C THR B 179 41.43 6.68 47.57
N PRO B 180 42.22 5.86 48.29
CA PRO B 180 43.38 5.17 47.70
C PRO B 180 43.01 3.91 46.95
N PHE B 181 41.75 3.49 47.02
CA PHE B 181 41.35 2.24 46.36
C PHE B 181 41.57 2.32 44.85
N ASP B 182 42.10 1.24 44.29
CA ASP B 182 42.41 1.17 42.86
C ASP B 182 41.15 1.09 42.00
N LYS B 183 41.25 1.52 40.75
CA LYS B 183 40.12 1.45 39.83
C LYS B 183 39.66 -0.01 39.70
N GLY B 184 38.37 -0.23 39.90
CA GLY B 184 37.78 -1.55 39.75
C GLY B 184 38.23 -2.62 40.74
N ALA B 185 38.86 -2.22 41.84
CA ALA B 185 39.36 -3.18 42.81
C ALA B 185 38.31 -3.65 43.83
N VAL B 186 37.21 -2.89 43.95
CA VAL B 186 36.25 -3.12 45.03
C VAL B 186 35.02 -3.88 44.53
N THR B 187 34.56 -4.85 45.32
CA THR B 187 33.45 -5.71 44.92
C THR B 187 32.09 -5.12 45.26
N ALA B 188 31.98 -4.55 46.45
CA ALA B 188 30.74 -3.90 46.86
C ALA B 188 31.09 -2.80 47.85
N SER B 189 30.28 -1.76 47.88
CA SER B 189 30.50 -0.65 48.78
C SER B 189 29.18 -0.05 49.22
N TRP B 190 29.23 0.80 50.25
CA TRP B 190 28.01 1.41 50.76
C TRP B 190 28.26 2.70 51.52
N ASN B 191 27.21 3.54 51.57
CA ASN B 191 27.12 4.62 52.53
C ASN B 191 25.89 4.34 53.41
N ASN B 192 26.12 4.09 54.69
CA ASN B 192 25.04 4.02 55.67
C ASN B 192 24.95 5.34 56.43
N GLU B 193 23.94 6.14 56.11
CA GLU B 193 23.74 7.47 56.68
C GLU B 193 24.98 8.37 56.66
N SER B 194 25.56 8.59 55.48
CA SER B 194 26.73 9.46 55.38
C SER B 194 26.79 10.22 54.06
N THR B 195 25.83 9.95 53.17
CA THR B 195 25.75 10.62 51.88
C THR B 195 25.40 12.10 52.09
N MET B 196 24.85 12.46 53.24
CA MET B 196 24.36 13.83 53.41
C MET B 196 25.47 14.80 53.83
N TYR B 197 26.72 14.35 53.75
CA TYR B 197 27.85 15.20 54.11
C TYR B 197 28.67 15.55 52.86
N VAL B 198 28.19 15.11 51.69
CA VAL B 198 28.93 15.29 50.44
C VAL B 198 28.05 15.59 49.22
N ASP B 199 28.69 16.13 48.18
CA ASP B 199 28.08 16.29 46.87
C ASP B 199 27.91 14.88 46.27
N LEU B 200 26.69 14.54 45.85
CA LEU B 200 26.38 13.19 45.38
C LEU B 200 27.08 12.80 44.07
N HIS B 201 27.16 13.74 43.13
CA HIS B 201 27.85 13.45 41.88
C HIS B 201 29.28 13.04 42.14
N ASP B 202 29.97 13.80 42.99
CA ASP B 202 31.35 13.48 43.34
C ASP B 202 31.42 12.14 44.07
N LEU B 203 30.50 11.94 45.01
CA LEU B 203 30.46 10.69 45.78
C LEU B 203 30.32 9.48 44.86
N PHE B 204 29.30 9.49 43.99
CA PHE B 204 29.03 8.33 43.14
C PHE B 204 30.06 8.18 42.03
N SER B 205 30.67 9.29 41.65
CA SER B 205 31.79 9.23 40.71
C SER B 205 32.93 8.41 41.33
N GLU B 206 33.15 8.57 42.63
CA GLU B 206 34.25 7.85 43.29
C GLU B 206 33.94 6.36 43.48
N HIS B 207 32.76 6.05 43.99
CA HIS B 207 32.33 4.65 44.11
C HIS B 207 32.43 3.99 42.74
N SER B 208 31.90 4.68 41.74
CA SER B 208 31.93 4.17 40.38
C SER B 208 33.37 3.93 39.92
N ARG B 209 34.31 4.78 40.36
CA ARG B 209 35.71 4.56 40.01
C ARG B 209 36.28 3.27 40.63
N PHE B 210 36.11 3.07 41.93
CA PHE B 210 36.71 1.89 42.58
C PHE B 210 35.94 0.57 42.47
N LEU B 211 34.64 0.64 42.20
CA LEU B 211 33.83 -0.56 42.03
C LEU B 211 34.12 -1.23 40.68
N LYS B 212 34.34 -2.54 40.70
CA LYS B 212 34.52 -3.29 39.46
C LYS B 212 33.21 -3.34 38.69
N VAL B 213 33.29 -3.57 37.38
CA VAL B 213 32.12 -3.83 36.57
C VAL B 213 31.38 -5.03 37.15
N GLY B 214 30.09 -4.87 37.41
CA GLY B 214 29.34 -5.93 38.06
C GLY B 214 29.37 -5.79 39.57
N GLY B 215 30.08 -4.77 40.05
CA GLY B 215 30.10 -4.48 41.47
C GLY B 215 28.74 -4.02 41.99
N ARG B 216 28.60 -3.97 43.30
CA ARG B 216 27.34 -3.56 43.91
C ARG B 216 27.48 -2.41 44.90
N TYR B 217 26.54 -1.49 44.84
CA TYR B 217 26.48 -0.35 45.75
C TYR B 217 25.15 -0.33 46.49
N VAL B 218 25.17 0.13 47.74
CA VAL B 218 23.94 0.34 48.51
C VAL B 218 24.07 1.59 49.39
N THR B 219 23.01 2.38 49.45
CA THR B 219 22.93 3.42 50.46
C THR B 219 21.60 3.32 51.21
N ILE B 220 21.67 3.55 52.52
CA ILE B 220 20.46 3.87 53.28
C ILE B 220 20.61 5.32 53.71
N THR B 221 19.60 6.13 53.42
CA THR B 221 19.73 7.57 53.60
C THR B 221 18.39 8.19 53.97
N GLY B 222 18.46 9.38 54.58
CA GLY B 222 17.27 10.20 54.72
C GLY B 222 17.37 11.27 53.65
N CYS B 223 16.41 11.28 52.72
CA CYS B 223 16.40 12.27 51.66
C CYS B 223 15.11 13.07 51.72
N TRP B 224 15.15 14.35 51.34
CA TRP B 224 13.88 15.05 51.24
C TRP B 224 13.11 14.62 49.99
N ASN B 225 11.79 14.60 50.12
CA ASN B 225 10.95 14.08 49.05
C ASN B 225 10.59 15.16 48.02
N PRO B 226 11.02 14.98 46.76
CA PRO B 226 10.76 15.99 45.73
C PRO B 226 9.26 16.23 45.56
N ARG B 227 8.44 15.26 45.94
CA ARG B 227 6.99 15.41 45.92
C ARG B 227 6.52 16.54 46.84
N TYR B 228 7.23 16.76 47.95
CA TYR B 228 6.89 17.85 48.85
C TYR B 228 7.15 19.19 48.17
N GLY B 229 8.23 19.25 47.39
CA GLY B 229 8.52 20.44 46.60
C GLY B 229 9.90 21.02 46.86
N GLN B 230 10.20 21.25 48.14
CA GLN B 230 11.49 21.79 48.58
C GLN B 230 11.68 21.31 50.02
N PRO B 231 12.89 21.48 50.57
CA PRO B 231 13.13 21.00 51.93
C PRO B 231 12.23 21.73 52.93
N SER B 232 11.43 20.98 53.68
CA SER B 232 10.56 21.59 54.69
C SER B 232 11.37 22.08 55.89
N LYS B 233 10.74 22.89 56.75
CA LYS B 233 11.44 23.42 57.93
C LYS B 233 12.02 22.28 58.77
N TRP B 234 11.32 21.15 58.82
CA TRP B 234 11.81 19.98 59.55
C TRP B 234 13.14 19.49 59.00
N VAL B 235 13.24 19.38 57.68
CA VAL B 235 14.49 18.93 57.06
C VAL B 235 15.64 19.88 57.38
N SER B 236 15.38 21.17 57.32
CA SER B 236 16.39 22.18 57.65
C SER B 236 16.82 22.14 59.13
N GLN B 237 15.87 21.85 60.02
CA GLN B 237 16.21 21.68 61.43
C GLN B 237 17.17 20.50 61.60
N ILE B 238 16.88 19.40 60.90
CA ILE B 238 17.78 18.25 60.87
C ILE B 238 19.15 18.60 60.31
N ASN B 239 19.18 19.32 59.18
CA ASN B 239 20.45 19.80 58.65
C ASN B 239 21.24 20.60 59.68
N ALA B 240 20.57 21.56 60.32
CA ALA B 240 21.22 22.41 61.30
C ALA B 240 21.78 21.59 62.47
N HIS B 241 20.99 20.62 62.92
CA HIS B 241 21.33 19.79 64.07
C HIS B 241 22.59 18.97 63.81
N PHE B 242 22.67 18.35 62.63
CA PHE B 242 23.81 17.51 62.28
C PHE B 242 24.86 18.25 61.43
N GLU B 243 24.60 19.50 61.09
CA GLU B 243 25.48 20.23 60.17
C GLU B 243 25.60 19.47 58.85
N CYS B 244 24.53 18.81 58.43
CA CYS B 244 24.56 18.05 57.19
C CYS B 244 23.80 18.78 56.10
N ASN B 245 23.60 18.10 54.97
CA ASN B 245 23.02 18.68 53.77
C ASN B 245 22.18 17.65 53.04
N ILE B 246 21.05 17.31 53.66
CA ILE B 246 20.12 16.33 53.11
C ILE B 246 19.81 16.62 51.65
N HIS B 247 19.92 15.59 50.80
CA HIS B 247 19.62 15.76 49.39
C HIS B 247 18.21 15.27 49.04
N SER B 248 17.69 15.75 47.92
CA SER B 248 16.41 15.27 47.41
C SER B 248 16.53 13.86 46.80
N ARG B 249 15.45 13.09 46.84
CA ARG B 249 15.45 11.77 46.20
C ARG B 249 15.78 11.88 44.70
N ARG B 250 15.45 13.02 44.10
CA ARG B 250 15.75 13.26 42.69
C ARG B 250 17.26 13.32 42.44
N GLU B 251 17.99 14.00 43.31
CA GLU B 251 19.44 14.13 43.19
C GLU B 251 20.17 12.79 43.31
N TYR B 252 19.71 11.96 44.24
CA TYR B 252 20.25 10.60 44.40
C TYR B 252 20.18 9.84 43.08
N LEU B 253 19.02 9.87 42.44
CA LEU B 253 18.82 9.13 41.20
C LEU B 253 19.52 9.75 39.99
N ARG B 254 19.52 11.08 39.90
CA ARG B 254 20.22 11.77 38.83
C ARG B 254 21.73 11.56 38.94
N ALA B 255 22.27 11.74 40.14
CA ALA B 255 23.69 11.49 40.37
C ALA B 255 24.11 10.04 40.07
N MET B 256 23.27 9.06 40.43
CA MET B 256 23.57 7.67 40.06
C MET B 256 23.56 7.45 38.55
N ALA B 257 22.52 7.94 37.88
CA ALA B 257 22.40 7.82 36.43
C ALA B 257 23.60 8.42 35.70
N ASP B 258 24.14 9.50 36.26
CA ASP B 258 25.28 10.22 35.66
C ASP B 258 26.60 9.52 35.95
N ASN B 259 26.57 8.46 36.75
CA ASN B 259 27.79 7.79 37.18
C ASN B 259 27.78 6.26 37.08
N ARG B 260 27.03 5.71 36.14
CA ARG B 260 27.06 4.26 35.89
C ARG B 260 26.59 3.39 37.07
N LEU B 261 25.83 3.96 37.99
CA LEU B 261 25.17 3.20 39.04
C LEU B 261 23.69 3.06 38.70
N VAL B 262 23.23 1.83 38.57
CA VAL B 262 21.85 1.56 38.17
C VAL B 262 21.09 0.80 39.26
N PRO B 263 20.15 1.50 39.93
CA PRO B 263 19.33 0.87 40.98
C PRO B 263 18.63 -0.38 40.48
N HIS B 264 18.68 -1.46 41.26
CA HIS B 264 17.86 -2.63 40.99
C HIS B 264 16.80 -2.71 42.08
N THR B 265 17.05 -2.01 43.18
CA THR B 265 16.14 -2.02 44.33
C THR B 265 16.06 -0.65 44.97
N ILE B 266 14.84 -0.15 45.09
CA ILE B 266 14.56 1.03 45.87
C ILE B 266 13.39 0.72 46.79
N VAL B 267 13.60 0.93 48.08
CA VAL B 267 12.57 0.67 49.09
C VAL B 267 12.43 1.89 49.98
N ASP B 268 11.21 2.40 50.11
CA ASP B 268 10.94 3.48 51.03
C ASP B 268 10.76 2.88 52.41
N LEU B 269 11.73 3.14 53.30
CA LEU B 269 11.76 2.51 54.62
C LEU B 269 11.10 3.38 55.69
N THR B 270 10.47 4.47 55.29
CA THR B 270 9.87 5.39 56.24
C THR B 270 8.95 4.73 57.28
N PRO B 271 8.02 3.84 56.83
CA PRO B 271 7.12 3.18 57.79
C PRO B 271 7.87 2.22 58.71
N ASP B 272 9.00 1.71 58.24
CA ASP B 272 9.76 0.71 58.98
C ASP B 272 10.70 1.34 60.00
N THR B 273 10.99 2.64 59.86
CA THR B 273 11.89 3.31 60.81
C THR B 273 11.11 4.10 61.88
N LEU B 274 9.85 4.40 61.59
CA LEU B 274 9.04 5.20 62.50
C LEU B 274 8.90 4.57 63.90
N PRO B 275 8.63 3.25 63.97
CA PRO B 275 8.57 2.63 65.31
C PRO B 275 9.86 2.82 66.08
N TYR B 276 11.00 2.76 65.39
CA TYR B 276 12.26 3.06 66.05
C TYR B 276 12.27 4.48 66.66
N TRP B 277 11.82 5.46 65.87
CA TRP B 277 11.89 6.85 66.29
C TRP B 277 10.92 7.16 67.42
N GLU B 278 9.73 6.58 67.35
CA GLU B 278 8.71 6.79 68.38
C GLU B 278 9.14 6.17 69.70
N LEU B 279 9.72 4.97 69.63
CA LEU B 279 10.27 4.34 70.82
C LEU B 279 11.41 5.19 71.39
N ARG B 280 12.31 5.62 70.52
CA ARG B 280 13.41 6.49 70.91
C ARG B 280 12.94 7.78 71.58
N ALA B 281 11.82 8.32 71.11
CA ALA B 281 11.31 9.57 71.67
C ALA B 281 10.88 9.40 73.12
N THR B 282 10.61 8.15 73.53
CA THR B 282 10.22 7.88 74.92
C THR B 282 11.44 7.61 75.82
N SER B 283 12.62 7.53 75.21
CA SER B 283 13.82 7.06 75.90
C SER B 283 14.69 8.19 76.43
N SER B 284 15.70 7.82 77.21
CA SER B 284 16.62 8.76 77.80
C SER B 284 17.75 9.09 76.84
N LEU B 285 17.71 8.49 75.65
CA LEU B 285 18.70 8.79 74.62
C LEU B 285 18.31 10.00 73.80
N VAL B 286 17.12 10.55 74.05
CA VAL B 286 16.61 11.67 73.25
C VAL B 286 17.62 12.82 73.16
N THR B 287 17.74 13.40 71.96
CA THR B 287 18.67 14.49 71.71
C THR B 287 17.89 15.74 71.35
N GLY B 288 16.57 15.60 71.22
CA GLY B 288 15.72 16.72 70.87
C GLY B 288 15.41 16.88 69.39
N ILE B 289 15.99 16.01 68.55
CA ILE B 289 15.73 16.08 67.11
C ILE B 289 14.62 15.11 66.73
N GLU B 290 14.10 14.40 67.72
CA GLU B 290 13.11 13.35 67.47
C GLU B 290 11.85 13.88 66.80
N LYS B 291 11.33 15.02 67.28
CA LYS B 291 10.12 15.59 66.70
C LYS B 291 10.29 15.89 65.20
N ALA B 292 11.44 16.44 64.84
CA ALA B 292 11.72 16.80 63.44
C ALA B 292 11.65 15.57 62.52
N PHE B 293 12.27 14.47 62.94
CA PHE B 293 12.22 13.20 62.18
C PHE B 293 10.80 12.66 62.08
N ILE B 294 10.14 12.55 63.22
CA ILE B 294 8.80 11.94 63.25
C ILE B 294 7.77 12.74 62.45
N GLU B 295 7.81 14.05 62.59
CA GLU B 295 6.85 14.91 61.90
C GLU B 295 7.10 14.98 60.40
N SER B 296 8.36 15.03 59.99
CA SER B 296 8.68 15.09 58.56
C SER B 296 8.40 13.74 57.89
N TYR B 297 8.67 12.64 58.61
CA TYR B 297 8.34 11.31 58.11
C TYR B 297 6.84 11.18 57.92
N ARG B 298 6.07 11.73 58.86
CA ARG B 298 4.61 11.61 58.83
C ARG B 298 3.94 12.55 57.83
N ASP B 299 4.55 13.71 57.57
CA ASP B 299 3.92 14.67 56.67
C ASP B 299 4.42 14.56 55.23
N GLY B 300 5.39 13.66 55.02
CA GLY B 300 5.86 13.31 53.68
C GLY B 300 6.97 14.17 53.12
N SER B 301 7.48 15.13 53.91
CA SER B 301 8.52 16.02 53.44
C SER B 301 9.88 15.36 53.48
N PHE B 302 10.00 14.29 54.27
CA PHE B 302 11.28 13.62 54.52
C PHE B 302 11.02 12.14 54.43
N GLN B 303 12.01 11.37 53.99
CA GLN B 303 11.81 9.93 53.89
C GLN B 303 13.11 9.15 54.10
N TYR B 304 12.97 7.91 54.54
CA TYR B 304 14.11 7.07 54.86
C TYR B 304 14.13 6.00 53.80
N VAL B 305 15.18 5.94 53.00
CA VAL B 305 15.17 5.12 51.80
C VAL B 305 16.41 4.24 51.63
N LEU B 306 16.21 3.07 51.05
CA LEU B 306 17.33 2.26 50.62
C LEU B 306 17.37 2.22 49.09
N ILE B 307 18.53 2.51 48.52
CA ILE B 307 18.73 2.34 47.08
C ILE B 307 19.92 1.40 46.89
N ALA B 308 19.69 0.26 46.25
CA ALA B 308 20.78 -0.66 45.91
C ALA B 308 20.99 -0.67 44.39
N ALA B 309 22.23 -0.49 43.96
CA ALA B 309 22.51 -0.35 42.55
C ALA B 309 23.65 -1.24 42.05
N ASP B 310 23.62 -1.51 40.75
CA ASP B 310 24.70 -2.22 40.07
C ASP B 310 25.65 -1.21 39.43
N ARG B 311 26.94 -1.47 39.51
CA ARG B 311 27.94 -0.71 38.77
C ARG B 311 28.05 -1.35 37.40
N VAL B 312 27.68 -0.62 36.35
CA VAL B 312 27.62 -1.18 35.02
C VAL B 312 28.51 -0.44 34.03
N PRO C 37 54.31 20.53 18.10
CA PRO C 37 53.16 21.22 17.53
C PRO C 37 51.92 20.33 17.57
N ALA C 38 50.97 20.66 18.43
CA ALA C 38 49.80 19.80 18.66
C ALA C 38 48.86 19.75 17.46
N THR C 39 48.81 20.84 16.70
CA THR C 39 47.90 20.95 15.57
C THR C 39 48.48 21.94 14.57
N PRO C 40 48.06 21.85 13.30
CA PRO C 40 48.52 22.86 12.35
C PRO C 40 48.22 24.27 12.85
N TYR C 41 47.06 24.47 13.48
CA TYR C 41 46.70 25.80 13.97
C TYR C 41 47.71 26.31 14.99
N GLN C 42 48.07 25.45 15.93
CA GLN C 42 49.03 25.87 16.96
C GLN C 42 50.42 26.16 16.38
N GLU C 43 50.76 25.51 15.26
CA GLU C 43 51.96 25.88 14.51
C GLU C 43 51.87 27.30 13.97
N ASP C 44 50.71 27.65 13.43
CA ASP C 44 50.48 29.03 12.97
C ASP C 44 50.73 30.03 14.09
N ILE C 45 50.26 29.69 15.29
CA ILE C 45 50.36 30.60 16.43
C ILE C 45 51.79 30.67 16.96
N ALA C 46 52.50 29.54 16.99
CA ALA C 46 53.90 29.53 17.40
C ALA C 46 54.72 30.40 16.44
N ARG C 47 54.46 30.23 15.14
CA ARG C 47 55.17 31.00 14.12
C ARG C 47 54.87 32.50 14.25
N TYR C 48 53.59 32.81 14.44
CA TYR C 48 53.17 34.19 14.62
C TYR C 48 53.96 34.88 15.73
N TRP C 49 54.00 34.25 16.91
CA TRP C 49 54.66 34.90 18.05
C TRP C 49 56.18 34.81 18.01
N ASN C 50 56.72 33.74 17.44
CA ASN C 50 58.16 33.64 17.24
C ASN C 50 58.68 34.75 16.34
N ASN C 51 57.77 35.27 15.51
CA ASN C 51 58.14 36.20 14.46
C ASN C 51 57.80 37.65 14.78
N GLU C 52 56.97 37.85 15.80
CA GLU C 52 56.51 39.20 16.13
C GLU C 52 57.61 40.02 16.80
N ALA C 53 57.66 41.32 16.48
CA ALA C 53 58.59 42.25 17.14
C ALA C 53 58.32 43.68 16.70
N VAL C 63 61.39 50.29 28.92
CA VAL C 63 60.75 51.29 29.79
C VAL C 63 61.02 50.99 31.26
N ASP C 64 60.54 49.84 31.74
CA ASP C 64 60.77 49.41 33.11
C ASP C 64 60.97 47.90 33.17
N GLY C 65 61.29 47.31 32.03
CA GLY C 65 61.61 45.89 31.96
C GLY C 65 60.40 44.98 32.08
N LEU C 66 59.20 45.54 31.95
CA LEU C 66 57.98 44.74 31.98
C LEU C 66 57.36 44.64 30.60
N TYR C 67 57.48 43.49 29.95
CA TYR C 67 57.04 43.35 28.57
C TYR C 67 55.68 42.66 28.44
N HIS C 68 54.69 43.43 28.01
CA HIS C 68 53.31 42.98 27.91
C HIS C 68 52.86 42.83 26.46
N HIS C 69 51.90 41.94 26.24
CA HIS C 69 51.15 41.87 24.99
C HIS C 69 49.67 41.84 25.33
N HIS C 70 49.21 42.85 26.06
CA HIS C 70 47.79 42.98 26.36
C HIS C 70 47.44 44.46 26.43
N TYR C 71 46.16 44.76 26.58
CA TYR C 71 45.66 46.12 26.46
C TYR C 71 45.57 46.84 27.81
N GLY C 72 45.21 48.11 27.76
CA GLY C 72 45.22 48.93 28.96
C GLY C 72 43.85 49.24 29.51
N ILE C 73 43.80 49.58 30.80
CA ILE C 73 42.57 50.09 31.42
C ILE C 73 42.87 51.31 32.27
N GLY C 74 41.87 52.15 32.50
CA GLY C 74 42.03 53.32 33.34
C GLY C 74 42.05 54.62 32.55
N PRO C 75 41.69 55.72 33.21
CA PRO C 75 41.67 57.03 32.54
C PRO C 75 43.07 57.42 32.07
N VAL C 76 43.13 58.14 30.95
CA VAL C 76 44.40 58.68 30.48
C VAL C 76 44.85 59.83 31.38
N ASP C 77 46.12 59.83 31.74
CA ASP C 77 46.73 60.93 32.49
C ASP C 77 47.12 62.08 31.54
N ARG C 78 46.22 63.03 31.32
CA ARG C 78 46.46 64.12 30.37
C ARG C 78 47.64 65.00 30.77
N ALA C 79 47.75 65.30 32.07
CA ALA C 79 48.84 66.11 32.58
C ALA C 79 50.20 65.50 32.21
N ALA C 80 50.38 64.21 32.48
CA ALA C 80 51.64 63.54 32.20
C ALA C 80 51.97 63.53 30.71
N LEU C 81 50.95 63.65 29.87
CA LEU C 81 51.17 63.70 28.42
C LEU C 81 51.74 65.06 27.96
N GLY C 82 51.17 66.13 28.50
CA GLY C 82 51.64 67.48 28.20
C GLY C 82 51.11 68.06 26.89
N ASP C 83 51.88 68.98 26.33
CA ASP C 83 51.52 69.64 25.07
C ASP C 83 51.84 68.73 23.89
N PRO C 84 50.82 68.42 23.07
CA PRO C 84 50.99 67.58 21.88
C PRO C 84 52.06 68.12 20.93
N GLU C 85 52.30 69.43 20.95
CA GLU C 85 53.28 70.05 20.08
C GLU C 85 54.72 69.91 20.60
N HIS C 86 54.86 69.37 21.81
CA HIS C 86 56.20 69.18 22.36
C HIS C 86 56.91 68.05 21.61
N SER C 87 58.24 68.14 21.53
CA SER C 87 59.02 67.18 20.75
C SER C 87 59.00 65.78 21.33
N GLU C 88 58.75 65.67 22.64
CA GLU C 88 58.82 64.39 23.33
C GLU C 88 57.45 63.76 23.51
N TYR C 89 56.44 64.37 22.89
CA TYR C 89 55.06 63.93 23.09
C TYR C 89 54.84 62.45 22.77
N GLU C 90 55.36 61.99 21.65
CA GLU C 90 55.24 60.58 21.27
C GLU C 90 55.91 59.67 22.30
N LYS C 91 56.99 60.16 22.89
CA LYS C 91 57.70 59.43 23.92
C LYS C 91 56.87 59.32 25.21
N LYS C 92 56.04 60.34 25.48
CA LYS C 92 55.22 60.35 26.67
C LYS C 92 53.92 59.56 26.46
N VAL C 93 53.42 59.54 25.23
CA VAL C 93 52.24 58.76 24.90
C VAL C 93 52.55 57.26 25.02
N ILE C 94 53.76 56.87 24.60
CA ILE C 94 54.22 55.50 24.75
C ILE C 94 54.30 55.09 26.22
N ALA C 95 54.81 55.99 27.05
CA ALA C 95 54.93 55.71 28.48
C ALA C 95 53.55 55.55 29.11
N GLU C 96 52.59 56.34 28.64
CA GLU C 96 51.25 56.31 29.20
C GLU C 96 50.52 55.03 28.78
N LEU C 97 50.60 54.66 27.50
CA LEU C 97 50.02 53.41 27.03
C LEU C 97 50.58 52.23 27.82
N HIS C 98 51.89 52.26 28.09
CA HIS C 98 52.52 51.22 28.89
C HIS C 98 51.95 51.18 30.30
N ARG C 99 51.74 52.36 30.89
CA ARG C 99 51.21 52.45 32.24
C ARG C 99 49.85 51.78 32.29
N LEU C 100 49.02 52.03 31.28
CA LEU C 100 47.66 51.50 31.28
C LEU C 100 47.64 49.98 31.12
N GLU C 101 48.64 49.44 30.42
CA GLU C 101 48.76 48.00 30.26
C GLU C 101 49.21 47.35 31.58
N SER C 102 50.17 47.98 32.25
CA SER C 102 50.58 47.51 33.57
C SER C 102 49.44 47.61 34.58
N ALA C 103 48.60 48.63 34.47
CA ALA C 103 47.44 48.76 35.35
C ALA C 103 46.46 47.59 35.16
N GLN C 104 46.30 47.17 33.91
CA GLN C 104 45.44 46.04 33.57
C GLN C 104 45.92 44.78 34.30
N ALA C 105 47.23 44.53 34.29
CA ALA C 105 47.76 43.36 34.97
C ALA C 105 47.62 43.44 36.51
N GLU C 106 47.74 44.64 37.09
CA GLU C 106 47.54 44.80 38.53
C GLU C 106 46.07 44.49 38.86
N PHE C 107 45.17 44.94 38.01
CA PHE C 107 43.75 44.68 38.22
C PHE C 107 43.44 43.16 38.12
N LEU C 108 44.02 42.50 37.12
CA LEU C 108 43.90 41.04 37.03
C LEU C 108 44.35 40.37 38.34
N MET C 109 45.55 40.75 38.81
CA MET C 109 46.11 40.17 40.03
C MET C 109 45.29 40.46 41.29
N ASP C 110 44.54 41.56 41.29
CA ASP C 110 43.65 41.88 42.41
C ASP C 110 42.56 40.83 42.61
N HIS C 111 42.42 39.94 41.62
CA HIS C 111 41.35 38.94 41.65
C HIS C 111 41.85 37.52 41.83
N LEU C 112 43.16 37.38 42.05
CA LEU C 112 43.76 36.06 42.19
C LEU C 112 43.71 35.54 43.61
N GLY C 113 43.08 36.30 44.49
CA GLY C 113 43.06 35.98 45.90
C GLY C 113 44.42 36.13 46.53
N GLN C 114 44.62 35.49 47.66
CA GLN C 114 45.90 35.51 48.35
C GLN C 114 46.81 34.40 47.83
N ALA C 115 48.08 34.72 47.71
CA ALA C 115 49.08 33.71 47.37
C ALA C 115 50.37 34.08 48.08
N GLY C 116 51.20 33.09 48.35
CA GLY C 116 52.44 33.33 49.05
C GLY C 116 53.65 32.68 48.42
N PRO C 117 54.82 32.92 49.00
CA PRO C 117 56.12 32.39 48.56
C PRO C 117 56.14 30.87 48.43
N ASP C 118 55.22 30.19 49.10
CA ASP C 118 55.17 28.71 49.05
C ASP C 118 54.27 28.19 47.93
N ASP C 119 53.55 29.10 47.29
CA ASP C 119 52.57 28.73 46.28
C ASP C 119 53.14 28.76 44.88
N THR C 120 52.45 28.06 43.97
CA THR C 120 52.79 28.05 42.57
C THR C 120 51.66 28.69 41.78
N LEU C 121 52.02 29.63 40.90
CA LEU C 121 51.06 30.31 40.05
C LEU C 121 51.39 30.01 38.60
N VAL C 122 50.35 29.87 37.77
CA VAL C 122 50.55 29.58 36.35
C VAL C 122 49.99 30.68 35.45
N ASP C 123 50.81 31.13 34.50
CA ASP C 123 50.41 32.06 33.46
C ASP C 123 50.24 31.29 32.16
N ALA C 124 48.99 31.07 31.72
CA ALA C 124 48.71 30.27 30.54
C ALA C 124 48.74 31.12 29.26
N GLY C 125 49.79 30.94 28.46
CA GLY C 125 50.00 31.77 27.27
C GLY C 125 50.68 33.07 27.71
N CYS C 126 51.93 32.96 28.13
CA CYS C 126 52.55 33.98 28.97
C CYS C 126 53.29 35.10 28.24
N GLY C 127 53.30 35.06 26.92
CA GLY C 127 53.98 36.10 26.15
C GLY C 127 55.42 36.20 26.59
N ARG C 128 55.92 37.44 26.71
CA ARG C 128 57.32 37.67 27.04
C ARG C 128 57.58 37.70 28.54
N GLY C 129 56.56 37.44 29.36
CA GLY C 129 56.76 37.23 30.78
C GLY C 129 56.47 38.40 31.70
N GLY C 130 56.05 39.53 31.15
CA GLY C 130 55.76 40.71 31.93
C GLY C 130 54.88 40.48 33.15
N SER C 131 53.75 39.79 32.94
CA SER C 131 52.80 39.54 34.02
C SER C 131 53.35 38.59 35.08
N MET C 132 54.31 37.76 34.67
CA MET C 132 54.92 36.84 35.59
C MET C 132 55.85 37.57 36.55
N VAL C 133 56.65 38.49 36.02
CA VAL C 133 57.49 39.33 36.86
C VAL C 133 56.60 40.07 37.86
N MET C 134 55.56 40.72 37.34
CA MET C 134 54.63 41.42 38.21
C MET C 134 54.02 40.52 39.29
N ALA C 135 53.74 39.25 38.95
CA ALA C 135 53.11 38.34 39.92
C ALA C 135 54.08 37.98 41.03
N HIS C 136 55.35 37.74 40.68
CA HIS C 136 56.37 37.43 41.68
C HIS C 136 56.62 38.62 42.61
N ARG C 137 56.60 39.83 42.07
CA ARG C 137 56.79 41.01 42.90
C ARG C 137 55.59 41.19 43.84
N ARG C 138 54.41 40.93 43.32
CA ARG C 138 53.18 41.06 44.10
C ARG C 138 53.08 40.01 45.21
N PHE C 139 53.38 38.75 44.91
CA PHE C 139 53.12 37.65 45.84
C PHE C 139 54.37 36.95 46.39
N GLY C 140 55.46 36.93 45.61
CA GLY C 140 56.64 36.16 45.99
C GLY C 140 56.55 34.67 45.67
N SER C 141 55.45 34.28 45.05
CA SER C 141 55.24 32.88 44.69
C SER C 141 56.15 32.42 43.57
N ARG C 142 56.20 31.11 43.36
CA ARG C 142 56.78 30.55 42.16
C ARG C 142 55.81 30.84 41.04
N VAL C 143 56.31 31.30 39.89
CA VAL C 143 55.43 31.57 38.76
C VAL C 143 55.90 30.80 37.53
N GLU C 144 55.03 29.95 37.01
CA GLU C 144 55.31 29.16 35.81
C GLU C 144 54.49 29.66 34.63
N GLY C 145 55.16 29.92 33.52
CA GLY C 145 54.49 30.39 32.33
C GLY C 145 54.58 29.40 31.20
N VAL C 146 53.53 29.28 30.41
CA VAL C 146 53.60 28.49 29.18
C VAL C 146 53.27 29.36 27.96
N THR C 147 54.05 29.19 26.90
CA THR C 147 53.83 29.90 25.64
C THR C 147 54.14 28.93 24.49
N LEU C 148 53.57 29.17 23.32
CA LEU C 148 53.90 28.35 22.15
C LEU C 148 55.20 28.84 21.50
N SER C 149 55.69 30.00 21.93
CA SER C 149 56.83 30.67 21.27
C SER C 149 58.16 30.52 22.00
N ALA C 150 59.12 29.87 21.35
CA ALA C 150 60.48 29.73 21.87
C ALA C 150 61.15 31.09 22.02
N ALA C 151 60.96 31.97 21.04
CA ALA C 151 61.49 33.32 21.14
C ALA C 151 61.02 33.95 22.43
N GLN C 152 59.72 33.84 22.69
CA GLN C 152 59.12 34.46 23.87
C GLN C 152 59.60 33.84 25.18
N ALA C 153 59.69 32.51 25.22
CA ALA C 153 60.16 31.83 26.42
C ALA C 153 61.61 32.19 26.73
N ASP C 154 62.45 32.21 25.70
CA ASP C 154 63.84 32.61 25.83
C ASP C 154 63.96 34.04 26.34
N PHE C 155 63.17 34.93 25.76
CA PHE C 155 63.14 36.33 26.18
C PHE C 155 62.77 36.45 27.66
N GLY C 156 61.73 35.71 28.05
CA GLY C 156 61.23 35.78 29.42
C GLY C 156 62.24 35.26 30.41
N ASN C 157 62.89 34.15 30.08
CA ASN C 157 63.91 33.56 30.94
C ASN C 157 65.17 34.41 31.05
N ARG C 158 65.57 35.07 29.95
CA ARG C 158 66.69 36.01 29.99
C ARG C 158 66.40 37.11 30.98
N ARG C 159 65.21 37.71 30.86
CA ARG C 159 64.77 38.76 31.77
C ARG C 159 64.79 38.32 33.22
N ALA C 160 64.32 37.11 33.48
CA ALA C 160 64.26 36.59 34.85
C ALA C 160 65.66 36.51 35.48
N ARG C 161 66.63 36.02 34.70
CA ARG C 161 68.01 35.95 35.15
C ARG C 161 68.54 37.34 35.50
N GLU C 162 68.28 38.30 34.62
CA GLU C 162 68.74 39.67 34.83
C GLU C 162 68.19 40.27 36.12
N LEU C 163 66.97 39.87 36.48
CA LEU C 163 66.34 40.34 37.71
C LEU C 163 66.67 39.42 38.89
N ARG C 164 67.39 38.34 38.61
CA ARG C 164 67.80 37.40 39.65
C ARG C 164 66.62 36.71 40.35
N ILE C 165 65.58 36.41 39.57
CA ILE C 165 64.40 35.72 40.10
C ILE C 165 64.10 34.45 39.31
N ASP C 166 65.07 34.02 38.51
CA ASP C 166 64.93 32.83 37.68
C ASP C 166 64.76 31.55 38.52
N ASP C 167 65.04 31.63 39.81
CA ASP C 167 64.83 30.45 40.67
C ASP C 167 63.34 30.30 41.01
N HIS C 168 62.56 31.35 40.75
CA HIS C 168 61.13 31.35 41.04
C HIS C 168 60.25 31.52 39.80
N VAL C 169 60.77 32.23 38.80
CA VAL C 169 60.00 32.56 37.61
C VAL C 169 60.58 31.84 36.40
N ARG C 170 59.72 31.07 35.71
CA ARG C 170 60.16 30.30 34.56
C ARG C 170 59.12 30.19 33.44
N SER C 171 59.54 30.48 32.21
CA SER C 171 58.72 30.26 31.02
C SER C 171 59.12 28.97 30.33
N ARG C 172 58.15 28.27 29.75
CA ARG C 172 58.45 27.12 28.90
C ARG C 172 57.60 27.13 27.64
N VAL C 173 58.10 26.49 26.59
CA VAL C 173 57.31 26.25 25.40
C VAL C 173 56.45 25.02 25.68
N CYS C 174 55.14 25.22 25.69
CA CYS C 174 54.21 24.14 25.97
C CYS C 174 52.79 24.55 25.57
N ASN C 175 52.03 23.61 25.03
CA ASN C 175 50.61 23.81 24.75
C ASN C 175 49.88 23.98 26.08
N MET C 176 49.20 25.10 26.28
CA MET C 176 48.54 25.33 27.57
C MET C 176 47.34 24.39 27.78
N LEU C 177 46.92 23.69 26.74
CA LEU C 177 45.85 22.67 26.85
C LEU C 177 46.39 21.34 27.40
N ASP C 178 47.72 21.24 27.51
CA ASP C 178 48.35 19.99 27.93
C ASP C 178 49.70 20.25 28.61
N THR C 179 49.64 20.56 29.90
CA THR C 179 50.83 21.01 30.63
C THR C 179 51.39 19.91 31.56
N PRO C 180 52.64 20.08 32.03
CA PRO C 180 53.30 19.12 32.92
C PRO C 180 52.89 19.27 34.40
N PHE C 181 52.10 20.28 34.72
CA PHE C 181 51.75 20.52 36.12
C PHE C 181 50.89 19.39 36.71
N ASP C 182 51.21 19.00 37.95
CA ASP C 182 50.49 17.92 38.61
C ASP C 182 49.07 18.33 38.99
N LYS C 183 48.16 17.37 38.99
CA LYS C 183 46.78 17.57 39.41
C LYS C 183 46.73 18.26 40.77
N GLY C 184 46.08 19.41 40.83
CA GLY C 184 45.91 20.13 42.07
C GLY C 184 47.16 20.76 42.67
N ALA C 185 48.23 20.89 41.90
CA ALA C 185 49.48 21.48 42.43
C ALA C 185 49.48 23.00 42.41
N VAL C 186 48.59 23.58 41.62
CA VAL C 186 48.61 25.02 41.38
C VAL C 186 47.60 25.79 42.23
N THR C 187 48.04 26.90 42.80
CA THR C 187 47.21 27.73 43.69
C THR C 187 46.28 28.69 42.93
N ALA C 188 46.81 29.32 41.89
CA ALA C 188 46.04 30.25 41.08
C ALA C 188 46.64 30.34 39.69
N SER C 189 45.81 30.63 38.70
CA SER C 189 46.25 30.68 37.31
C SER C 189 45.41 31.69 36.52
N TRP C 190 45.88 32.07 35.34
CA TRP C 190 45.17 33.08 34.57
C TRP C 190 45.44 32.95 33.08
N ASN C 191 44.53 33.47 32.27
CA ASN C 191 44.79 33.76 30.86
C ASN C 191 44.58 35.24 30.66
N ASN C 192 45.64 35.98 30.35
CA ASN C 192 45.51 37.39 29.99
C ASN C 192 45.59 37.54 28.47
N GLU C 193 44.42 37.71 27.85
CA GLU C 193 44.30 37.81 26.40
C GLU C 193 45.00 36.68 25.68
N SER C 194 44.66 35.44 26.07
CA SER C 194 45.18 34.29 25.35
C SER C 194 44.13 33.18 25.20
N THR C 195 42.93 33.39 25.75
CA THR C 195 41.85 32.40 25.63
C THR C 195 41.34 32.25 24.18
N MET C 196 41.56 33.27 23.36
CA MET C 196 41.04 33.29 21.99
C MET C 196 41.85 32.45 21.00
N TYR C 197 42.78 31.64 21.49
CA TYR C 197 43.60 30.80 20.64
C TYR C 197 43.30 29.31 20.82
N VAL C 198 42.31 29.00 21.68
CA VAL C 198 42.06 27.62 22.08
C VAL C 198 40.57 27.37 22.34
N ASP C 199 40.22 26.10 22.32
CA ASP C 199 38.88 25.64 22.69
C ASP C 199 38.69 25.85 24.19
N LEU C 200 37.63 26.56 24.59
CA LEU C 200 37.41 26.90 26.00
C LEU C 200 37.15 25.69 26.92
N HIS C 201 36.42 24.70 26.42
CA HIS C 201 36.19 23.53 27.25
C HIS C 201 37.51 22.84 27.54
N ASP C 202 38.35 22.70 26.53
CA ASP C 202 39.64 22.07 26.74
C ASP C 202 40.54 22.91 27.66
N LEU C 203 40.53 24.22 27.46
CA LEU C 203 41.29 25.13 28.32
C LEU C 203 40.87 25.00 29.80
N PHE C 204 39.58 25.16 30.09
CA PHE C 204 39.14 25.15 31.47
C PHE C 204 39.20 23.77 32.12
N SER C 205 39.10 22.73 31.31
CA SER C 205 39.33 21.37 31.80
C SER C 205 40.76 21.30 32.34
N GLU C 206 41.71 21.88 31.62
CA GLU C 206 43.12 21.83 32.02
C GLU C 206 43.39 22.65 33.29
N HIS C 207 42.95 23.91 33.33
CA HIS C 207 43.10 24.72 34.52
C HIS C 207 42.42 24.00 35.69
N SER C 208 41.24 23.44 35.43
CA SER C 208 40.52 22.71 36.48
C SER C 208 41.37 21.55 37.01
N ARG C 209 42.08 20.85 36.12
CA ARG C 209 42.91 19.73 36.54
C ARG C 209 44.07 20.16 37.46
N PHE C 210 44.87 21.16 37.03
CA PHE C 210 46.05 21.50 37.84
C PHE C 210 45.79 22.42 39.04
N LEU C 211 44.65 23.11 39.04
CA LEU C 211 44.31 23.97 40.18
C LEU C 211 43.85 23.11 41.36
N LYS C 212 44.37 23.40 42.55
CA LYS C 212 43.89 22.74 43.75
C LYS C 212 42.44 23.12 44.01
N VAL C 213 41.71 22.29 44.75
CA VAL C 213 40.38 22.63 45.20
C VAL C 213 40.46 23.90 46.04
N GLY C 214 39.60 24.87 45.75
CA GLY C 214 39.66 26.16 46.41
C GLY C 214 40.64 27.11 45.70
N GLY C 215 41.26 26.62 44.63
CA GLY C 215 42.16 27.45 43.84
C GLY C 215 41.41 28.54 43.08
N ARG C 216 42.14 29.52 42.56
CA ARG C 216 41.50 30.64 41.87
C ARG C 216 41.96 30.81 40.41
N TYR C 217 41.01 31.20 39.55
CA TYR C 217 41.32 31.42 38.15
C TYR C 217 40.80 32.80 37.73
N VAL C 218 41.57 33.48 36.88
CA VAL C 218 41.16 34.77 36.34
C VAL C 218 41.49 34.84 34.86
N THR C 219 40.55 35.33 34.06
CA THR C 219 40.91 35.72 32.72
C THR C 219 40.47 37.15 32.45
N ILE C 220 41.24 37.83 31.61
CA ILE C 220 40.79 39.07 30.99
C ILE C 220 40.82 38.79 29.50
N THR C 221 39.71 39.07 28.84
CA THR C 221 39.56 38.68 27.46
C THR C 221 38.65 39.64 26.71
N GLY C 222 38.80 39.67 25.40
CA GLY C 222 37.82 40.29 24.53
C GLY C 222 36.94 39.18 24.02
N CYS C 223 35.63 39.28 24.27
CA CYS C 223 34.69 38.26 23.85
C CYS C 223 33.61 38.97 23.07
N TRP C 224 32.96 38.27 22.15
CA TRP C 224 31.85 38.94 21.48
C TRP C 224 30.59 38.86 22.35
N ASN C 225 29.74 39.86 22.22
CA ASN C 225 28.60 39.96 23.12
C ASN C 225 27.41 39.23 22.52
N PRO C 226 26.89 38.22 23.22
CA PRO C 226 25.74 37.44 22.75
C PRO C 226 24.50 38.33 22.59
N ARG C 227 24.45 39.48 23.26
CA ARG C 227 23.37 40.45 23.04
C ARG C 227 23.38 40.94 21.60
N TYR C 228 24.56 41.10 21.02
CA TYR C 228 24.65 41.53 19.63
C TYR C 228 24.07 40.45 18.70
N GLY C 229 24.44 39.19 18.93
CA GLY C 229 23.79 38.05 18.30
C GLY C 229 24.73 37.05 17.68
N GLN C 230 25.70 37.57 16.92
CA GLN C 230 26.77 36.79 16.30
C GLN C 230 27.95 37.74 16.18
N PRO C 231 29.13 37.21 15.83
CA PRO C 231 30.30 38.10 15.65
C PRO C 231 30.11 39.15 14.53
N SER C 232 30.24 40.43 14.87
CA SER C 232 30.15 41.48 13.86
C SER C 232 31.33 41.40 12.89
N LYS C 233 31.31 42.23 11.85
CA LYS C 233 32.44 42.23 10.94
C LYS C 233 33.70 42.72 11.65
N TRP C 234 33.54 43.61 12.64
CA TRP C 234 34.69 44.12 13.40
C TRP C 234 35.38 43.00 14.17
N VAL C 235 34.58 42.12 14.79
CA VAL C 235 35.14 41.00 15.54
C VAL C 235 35.94 40.12 14.57
N SER C 236 35.33 39.86 13.41
CA SER C 236 36.00 39.05 12.41
C SER C 236 37.27 39.71 11.90
N GLN C 237 37.28 41.05 11.79
CA GLN C 237 38.51 41.73 11.34
C GLN C 237 39.61 41.51 12.36
N ILE C 238 39.22 41.52 13.62
CA ILE C 238 40.14 41.23 14.70
C ILE C 238 40.64 39.78 14.66
N ASN C 239 39.73 38.82 14.52
CA ASN C 239 40.13 37.43 14.30
C ASN C 239 41.15 37.27 13.16
N ALA C 240 40.89 37.93 12.03
CA ALA C 240 41.76 37.82 10.85
C ALA C 240 43.12 38.44 11.12
N HIS C 241 43.12 39.58 11.80
CA HIS C 241 44.34 40.31 12.14
C HIS C 241 45.27 39.46 13.02
N PHE C 242 44.73 38.88 14.09
CA PHE C 242 45.53 38.10 15.03
C PHE C 242 45.53 36.60 14.77
N GLU C 243 44.80 36.16 13.76
CA GLU C 243 44.58 34.72 13.51
C GLU C 243 44.07 34.05 14.78
N CYS C 244 43.09 34.67 15.43
CA CYS C 244 42.51 34.10 16.64
C CYS C 244 41.05 33.74 16.41
N ASN C 245 40.36 33.41 17.49
CA ASN C 245 39.00 32.88 17.42
C ASN C 245 38.25 33.37 18.65
N ILE C 246 37.93 34.66 18.64
CA ILE C 246 37.20 35.27 19.74
C ILE C 246 35.91 34.50 20.05
N HIS C 247 35.68 34.24 21.33
CA HIS C 247 34.54 33.45 21.75
C HIS C 247 33.46 34.36 22.27
N SER C 248 32.24 33.85 22.37
CA SER C 248 31.15 34.62 22.93
C SER C 248 31.21 34.59 24.45
N ARG C 249 30.65 35.59 25.11
CA ARG C 249 30.61 35.61 26.57
C ARG C 249 29.82 34.40 27.05
N ARG C 250 28.83 33.99 26.26
CA ARG C 250 28.03 32.81 26.59
C ARG C 250 28.90 31.55 26.71
N GLU C 251 29.79 31.34 25.75
CA GLU C 251 30.71 30.21 25.74
C GLU C 251 31.69 30.22 26.91
N TYR C 252 32.20 31.39 27.28
CA TYR C 252 33.04 31.47 28.48
C TYR C 252 32.31 30.89 29.69
N LEU C 253 31.11 31.40 29.95
CA LEU C 253 30.37 30.95 31.13
C LEU C 253 29.95 29.46 31.07
N ARG C 254 29.64 28.99 29.87
CA ARG C 254 29.22 27.60 29.67
C ARG C 254 30.41 26.66 29.96
N ALA C 255 31.55 26.94 29.33
CA ALA C 255 32.74 26.11 29.50
C ALA C 255 33.23 26.07 30.96
N MET C 256 33.08 27.18 31.67
CA MET C 256 33.44 27.22 33.08
C MET C 256 32.49 26.35 33.90
N ALA C 257 31.19 26.50 33.65
CA ALA C 257 30.19 25.74 34.35
C ALA C 257 30.44 24.24 34.15
N ASP C 258 30.89 23.86 32.95
CA ASP C 258 31.08 22.45 32.62
C ASP C 258 32.38 21.89 33.19
N ASN C 259 33.18 22.75 33.81
CA ASN C 259 34.53 22.39 34.25
C ASN C 259 34.90 22.77 35.69
N ARG C 260 33.92 22.85 36.58
CA ARG C 260 34.17 23.10 38.02
C ARG C 260 34.79 24.47 38.34
N LEU C 261 34.66 25.42 37.42
CA LEU C 261 35.09 26.80 37.69
C LEU C 261 33.84 27.64 37.87
N VAL C 262 33.75 28.29 39.03
CA VAL C 262 32.55 29.05 39.38
C VAL C 262 32.91 30.51 39.60
N PRO C 263 32.56 31.37 38.63
CA PRO C 263 32.85 32.80 38.75
C PRO C 263 32.32 33.38 40.05
N HIS C 264 33.14 34.20 40.70
CA HIS C 264 32.72 34.99 41.85
C HIS C 264 32.68 36.47 41.48
N THR C 265 33.38 36.85 40.41
CA THR C 265 33.42 38.23 39.94
C THR C 265 33.45 38.29 38.41
N ILE C 266 32.60 39.14 37.84
CA ILE C 266 32.61 39.41 36.42
C ILE C 266 32.45 40.90 36.24
N VAL C 267 33.37 41.52 35.50
CA VAL C 267 33.40 42.96 35.29
C VAL C 267 33.49 43.26 33.81
N ASP C 268 32.55 44.04 33.29
CA ASP C 268 32.70 44.58 31.95
C ASP C 268 33.65 45.78 32.00
N LEU C 269 34.83 45.61 31.42
CA LEU C 269 35.87 46.62 31.41
C LEU C 269 35.84 47.46 30.14
N THR C 270 34.78 47.35 29.36
CA THR C 270 34.74 48.04 28.07
C THR C 270 34.90 49.56 28.22
N PRO C 271 34.10 50.20 29.09
CA PRO C 271 34.31 51.64 29.25
C PRO C 271 35.75 51.96 29.67
N ASP C 272 36.38 51.04 30.39
CA ASP C 272 37.68 51.30 31.01
C ASP C 272 38.86 51.17 30.06
N THR C 273 38.67 50.44 28.97
CA THR C 273 39.76 50.17 28.05
C THR C 273 39.68 51.09 26.84
N LEU C 274 38.52 51.73 26.68
CA LEU C 274 38.32 52.65 25.54
C LEU C 274 39.31 53.82 25.50
N PRO C 275 39.62 54.44 26.65
CA PRO C 275 40.63 55.50 26.67
C PRO C 275 41.96 55.01 26.11
N TYR C 276 42.42 53.85 26.57
CA TYR C 276 43.68 53.30 26.10
C TYR C 276 43.68 53.19 24.57
N TRP C 277 42.60 52.67 24.01
CA TRP C 277 42.52 52.45 22.56
C TRP C 277 42.47 53.74 21.75
N GLU C 278 41.73 54.72 22.24
CA GLU C 278 41.57 55.99 21.56
C GLU C 278 42.90 56.74 21.50
N LEU C 279 43.64 56.69 22.61
CA LEU C 279 44.98 57.26 22.67
C LEU C 279 45.90 56.50 21.71
N ARG C 280 45.90 55.18 21.83
CA ARG C 280 46.67 54.34 20.92
C ARG C 280 46.41 54.69 19.46
N ALA C 281 45.14 54.92 19.13
CA ALA C 281 44.75 55.28 17.75
C ALA C 281 45.47 56.52 17.23
N THR C 282 45.78 57.45 18.12
CA THR C 282 46.46 58.71 17.75
C THR C 282 47.97 58.59 17.78
N SER C 283 48.48 57.45 18.23
CA SER C 283 49.92 57.31 18.45
C SER C 283 50.66 56.70 17.26
N SER C 284 51.98 56.58 17.41
CA SER C 284 52.84 56.09 16.35
C SER C 284 52.98 54.56 16.40
N LEU C 285 52.38 53.96 17.42
CA LEU C 285 52.44 52.51 17.58
C LEU C 285 51.28 51.80 16.88
N VAL C 286 50.37 52.57 16.29
CA VAL C 286 49.21 52.02 15.62
C VAL C 286 49.56 50.84 14.72
N THR C 287 48.66 49.84 14.67
CA THR C 287 48.87 48.66 13.84
C THR C 287 47.77 48.48 12.78
N GLY C 288 46.77 49.35 12.83
CA GLY C 288 45.70 49.33 11.84
C GLY C 288 44.46 48.56 12.29
N ILE C 289 44.52 47.96 13.47
CA ILE C 289 43.39 47.24 14.04
C ILE C 289 42.64 48.10 15.06
N GLU C 290 43.13 49.31 15.29
CA GLU C 290 42.58 50.20 16.32
C GLU C 290 41.10 50.48 16.09
N LYS C 291 40.74 50.73 14.84
CA LYS C 291 39.37 51.10 14.48
C LYS C 291 38.37 49.99 14.78
N ALA C 292 38.76 48.75 14.53
CA ALA C 292 37.88 47.61 14.73
C ALA C 292 37.51 47.50 16.21
N PHE C 293 38.50 47.64 17.09
CA PHE C 293 38.27 47.65 18.54
C PHE C 293 37.36 48.79 18.99
N ILE C 294 37.76 50.02 18.67
CA ILE C 294 36.98 51.19 19.07
C ILE C 294 35.52 51.08 18.62
N GLU C 295 35.34 50.76 17.34
CA GLU C 295 34.01 50.68 16.75
C GLU C 295 33.16 49.55 17.35
N SER C 296 33.76 48.41 17.62
CA SER C 296 33.01 47.26 18.16
C SER C 296 32.70 47.39 19.64
N TYR C 297 33.63 47.99 20.38
CA TYR C 297 33.37 48.33 21.78
C TYR C 297 32.19 49.31 21.84
N ARG C 298 32.21 50.33 20.98
CA ARG C 298 31.16 51.35 21.00
C ARG C 298 29.78 50.84 20.52
N ASP C 299 29.75 49.95 19.53
CA ASP C 299 28.45 49.50 19.03
C ASP C 299 27.87 48.28 19.78
N GLY C 300 28.59 47.79 20.79
CA GLY C 300 28.11 46.71 21.62
C GLY C 300 28.34 45.30 21.10
N SER C 301 29.04 45.15 19.98
CA SER C 301 29.22 43.83 19.40
C SER C 301 30.36 43.08 20.08
N PHE C 302 31.28 43.83 20.67
CA PHE C 302 32.51 43.28 21.24
C PHE C 302 32.71 43.89 22.63
N GLN C 303 33.28 43.11 23.56
CA GLN C 303 33.43 43.61 24.93
C GLN C 303 34.72 43.14 25.60
N TYR C 304 35.22 43.93 26.54
CA TYR C 304 36.44 43.60 27.27
C TYR C 304 36.03 43.25 28.68
N VAL C 305 36.34 42.03 29.11
CA VAL C 305 35.78 41.54 30.37
C VAL C 305 36.78 40.78 31.23
N LEU C 306 36.62 40.92 32.55
CA LEU C 306 37.35 40.10 33.51
C LEU C 306 36.39 39.12 34.15
N ILE C 307 36.76 37.84 34.13
CA ILE C 307 36.01 36.80 34.83
C ILE C 307 36.95 36.13 35.81
N ALA C 308 36.59 36.14 37.08
CA ALA C 308 37.39 35.49 38.10
C ALA C 308 36.53 34.41 38.74
N ALA C 309 37.09 33.21 38.87
CA ALA C 309 36.32 32.05 39.29
C ALA C 309 37.03 31.25 40.36
N ASP C 310 36.26 30.57 41.22
CA ASP C 310 36.83 29.58 42.14
C ASP C 310 36.81 28.19 41.49
N ARG C 311 37.88 27.42 41.74
CA ARG C 311 37.93 26.01 41.39
C ARG C 311 37.29 25.25 42.55
N VAL C 312 36.12 24.65 42.30
CA VAL C 312 35.39 23.95 43.35
C VAL C 312 35.18 22.48 43.02
N THR D 25 -3.19 53.11 17.68
CA THR D 25 -2.60 52.03 16.91
C THR D 25 -3.12 50.68 17.38
N THR D 26 -3.47 49.82 16.42
CA THR D 26 -3.99 48.49 16.76
C THR D 26 -2.86 47.48 16.99
N THR D 27 -3.22 46.33 17.57
CA THR D 27 -2.28 45.25 17.84
C THR D 27 -1.78 44.63 16.54
N ALA D 28 -2.68 44.50 15.57
CA ALA D 28 -2.35 43.94 14.27
C ALA D 28 -1.32 44.81 13.56
N THR D 29 -1.55 46.13 13.59
CA THR D 29 -0.61 47.08 12.99
C THR D 29 0.68 47.17 13.80
N ALA D 30 0.58 46.93 15.11
CA ALA D 30 1.75 46.92 15.98
C ALA D 30 2.65 45.72 15.71
N THR D 31 2.05 44.53 15.62
CA THR D 31 2.82 43.30 15.40
C THR D 31 3.23 43.15 13.92
N ALA D 32 2.71 44.02 13.07
CA ALA D 32 3.11 44.04 11.67
C ALA D 32 4.32 44.96 11.49
N LYS D 33 4.48 45.88 12.43
CA LYS D 33 5.54 46.88 12.36
C LYS D 33 6.90 46.30 12.78
N ILE D 34 6.86 45.26 13.61
CA ILE D 34 8.08 44.64 14.11
C ILE D 34 8.99 44.13 12.99
N PRO D 35 10.26 44.56 13.02
CA PRO D 35 11.27 44.08 12.06
C PRO D 35 11.47 42.57 12.16
N ALA D 36 11.72 41.94 11.02
CA ALA D 36 12.01 40.51 10.97
C ALA D 36 13.28 40.11 11.76
N PRO D 37 14.39 40.86 11.59
CA PRO D 37 15.63 40.55 12.31
C PRO D 37 15.45 40.66 13.83
N ALA D 38 15.92 39.65 14.55
CA ALA D 38 15.66 39.56 15.98
C ALA D 38 16.76 40.22 16.84
N THR D 39 17.82 40.69 16.20
CA THR D 39 19.01 41.18 16.91
C THR D 39 19.78 42.18 16.06
N PRO D 40 20.68 42.96 16.69
CA PRO D 40 21.54 43.88 15.93
C PRO D 40 22.30 43.19 14.80
N TYR D 41 22.82 41.98 15.06
CA TYR D 41 23.53 41.23 14.03
C TYR D 41 22.64 40.92 12.83
N GLN D 42 21.41 40.47 13.08
CA GLN D 42 20.52 40.14 11.98
C GLN D 42 20.11 41.40 11.20
N GLU D 43 20.12 42.54 11.88
CA GLU D 43 19.91 43.82 11.17
C GLU D 43 21.06 44.07 10.19
N ASP D 44 22.28 43.79 10.62
CA ASP D 44 23.46 43.89 9.78
C ASP D 44 23.32 43.03 8.53
N ILE D 45 22.78 41.83 8.71
CA ILE D 45 22.65 40.86 7.61
C ILE D 45 21.50 41.24 6.66
N ALA D 46 20.40 41.74 7.21
CA ALA D 46 19.32 42.25 6.36
C ALA D 46 19.86 43.35 5.45
N ARG D 47 20.63 44.27 6.03
CA ARG D 47 21.22 45.39 5.30
C ARG D 47 22.21 44.91 4.24
N TYR D 48 23.08 43.98 4.63
CA TYR D 48 24.05 43.40 3.69
C TYR D 48 23.35 42.92 2.42
N TRP D 49 22.30 42.12 2.58
CA TRP D 49 21.67 41.51 1.42
C TRP D 49 20.73 42.45 0.67
N ASN D 50 20.06 43.34 1.39
CA ASN D 50 19.30 44.41 0.72
C ASN D 50 20.20 45.24 -0.18
N ASN D 51 21.44 45.45 0.24
CA ASN D 51 22.39 46.27 -0.52
C ASN D 51 23.19 45.54 -1.60
N GLU D 52 23.19 44.21 -1.60
CA GLU D 52 24.06 43.44 -2.48
C GLU D 52 23.51 43.36 -3.90
N ALA D 53 24.39 43.59 -4.87
CA ALA D 53 24.04 43.47 -6.28
C ALA D 53 25.31 43.33 -7.12
N ARG D 54 26.12 42.33 -6.78
CA ARG D 54 27.39 42.11 -7.46
C ARG D 54 27.19 41.43 -8.82
N PRO D 55 27.94 41.89 -9.83
CA PRO D 55 27.89 41.27 -11.15
C PRO D 55 28.11 39.77 -11.10
N VAL D 56 29.05 39.32 -10.27
CA VAL D 56 29.38 37.90 -10.21
C VAL D 56 28.18 37.05 -9.78
N ASN D 57 27.12 37.70 -9.30
CA ASN D 57 25.85 37.04 -9.00
C ASN D 57 24.76 37.30 -10.03
N LEU D 58 24.62 38.56 -10.43
CA LEU D 58 23.60 38.94 -11.40
C LEU D 58 23.92 38.46 -12.81
N ARG D 59 25.16 38.63 -13.23
CA ARG D 59 25.58 38.17 -14.56
C ARG D 59 25.36 36.66 -14.72
N LEU D 60 25.62 35.90 -13.66
CA LEU D 60 25.44 34.45 -13.72
C LEU D 60 23.95 34.05 -13.83
N GLY D 61 23.10 34.71 -13.04
CA GLY D 61 21.67 34.46 -13.13
C GLY D 61 21.06 34.89 -14.46
N ASP D 62 21.58 35.99 -15.02
CA ASP D 62 21.07 36.52 -16.28
C ASP D 62 21.09 35.47 -17.40
N VAL D 63 21.97 34.48 -17.26
CA VAL D 63 22.11 33.43 -18.26
C VAL D 63 20.79 32.72 -18.55
N ASP D 64 20.06 32.34 -17.50
CA ASP D 64 18.84 31.56 -17.70
C ASP D 64 17.73 31.84 -16.67
N GLY D 65 17.89 32.90 -15.88
CA GLY D 65 16.85 33.31 -14.95
C GLY D 65 16.87 32.63 -13.59
N LEU D 66 17.87 31.79 -13.35
CA LEU D 66 18.06 31.16 -12.05
C LEU D 66 19.16 31.87 -11.27
N TYR D 67 18.77 32.59 -10.21
CA TYR D 67 19.71 33.44 -9.48
C TYR D 67 20.15 32.82 -8.16
N HIS D 68 21.43 32.47 -8.09
CA HIS D 68 21.98 31.75 -6.95
C HIS D 68 22.95 32.63 -6.17
N HIS D 69 23.15 32.28 -4.90
CA HIS D 69 24.20 32.87 -4.07
C HIS D 69 24.91 31.73 -3.34
N HIS D 70 25.55 30.85 -4.10
CA HIS D 70 26.31 29.76 -3.51
C HIS D 70 27.34 29.34 -4.55
N TYR D 71 28.26 28.46 -4.18
CA TYR D 71 29.37 28.19 -5.06
C TYR D 71 29.13 26.98 -5.97
N GLY D 72 30.07 26.69 -6.86
CA GLY D 72 29.88 25.60 -7.81
C GLY D 72 30.60 24.31 -7.44
N ILE D 73 30.14 23.19 -8.00
CA ILE D 73 30.87 21.95 -7.86
C ILE D 73 30.98 21.25 -9.22
N GLY D 74 32.00 20.40 -9.37
CA GLY D 74 32.15 19.61 -10.59
C GLY D 74 33.28 20.07 -11.50
N PRO D 75 33.65 19.21 -12.46
CA PRO D 75 34.71 19.50 -13.43
C PRO D 75 34.34 20.69 -14.33
N VAL D 76 35.31 21.58 -14.57
CA VAL D 76 35.15 22.63 -15.57
C VAL D 76 35.11 22.08 -17.00
N ASP D 77 34.13 22.51 -17.78
CA ASP D 77 34.00 22.15 -19.20
C ASP D 77 34.96 23.01 -20.03
N ARG D 78 36.23 22.61 -20.05
CA ARG D 78 37.28 23.39 -20.66
C ARG D 78 37.00 23.66 -22.15
N ALA D 79 36.44 22.68 -22.84
CA ALA D 79 36.15 22.81 -24.27
C ALA D 79 35.13 23.92 -24.53
N ALA D 80 34.11 24.00 -23.69
CA ALA D 80 33.06 25.00 -23.83
C ALA D 80 33.60 26.43 -23.66
N LEU D 81 34.70 26.56 -22.93
CA LEU D 81 35.32 27.87 -22.71
C LEU D 81 36.08 28.36 -23.94
N GLY D 82 36.55 27.43 -24.76
CA GLY D 82 37.31 27.75 -25.95
C GLY D 82 38.63 28.45 -25.69
N ASP D 83 39.02 29.28 -26.65
CA ASP D 83 40.26 30.05 -26.61
C ASP D 83 40.17 31.20 -25.60
N PRO D 84 41.06 31.19 -24.58
CA PRO D 84 41.05 32.24 -23.54
C PRO D 84 41.30 33.61 -24.11
N GLU D 85 41.97 33.67 -25.27
CA GLU D 85 42.36 34.95 -25.86
C GLU D 85 41.23 35.59 -26.65
N HIS D 86 40.15 34.83 -26.89
CA HIS D 86 39.06 35.35 -27.68
C HIS D 86 38.26 36.41 -26.91
N SER D 87 37.62 37.29 -27.65
CA SER D 87 36.86 38.39 -27.06
C SER D 87 35.67 37.90 -26.21
N GLU D 88 35.12 36.75 -26.57
CA GLU D 88 33.90 36.25 -25.93
C GLU D 88 34.19 35.30 -24.76
N TYR D 89 35.44 35.26 -24.32
CA TYR D 89 35.86 34.30 -23.32
C TYR D 89 35.11 34.51 -21.99
N GLU D 90 35.01 35.76 -21.55
CA GLU D 90 34.34 36.08 -20.31
C GLU D 90 32.89 35.61 -20.32
N LYS D 91 32.22 35.77 -21.46
CA LYS D 91 30.84 35.33 -21.57
C LYS D 91 30.73 33.83 -21.35
N LYS D 92 31.72 33.09 -21.84
CA LYS D 92 31.75 31.63 -21.67
C LYS D 92 32.07 31.27 -20.21
N VAL D 93 33.05 31.96 -19.62
CA VAL D 93 33.40 31.73 -18.22
C VAL D 93 32.17 31.96 -17.32
N ILE D 94 31.43 33.03 -17.59
CA ILE D 94 30.18 33.31 -16.89
C ILE D 94 29.20 32.17 -17.03
N ALA D 95 29.04 31.66 -18.25
CA ALA D 95 28.07 30.61 -18.52
C ALA D 95 28.49 29.34 -17.78
N GLU D 96 29.79 29.08 -17.73
CA GLU D 96 30.31 27.87 -17.08
C GLU D 96 30.25 27.96 -15.54
N LEU D 97 30.59 29.10 -14.97
CA LEU D 97 30.47 29.28 -13.51
C LEU D 97 29.01 29.11 -13.09
N HIS D 98 28.10 29.64 -13.89
CA HIS D 98 26.68 29.49 -13.60
C HIS D 98 26.26 28.02 -13.67
N ARG D 99 26.79 27.29 -14.64
CA ARG D 99 26.50 25.85 -14.74
C ARG D 99 26.93 25.11 -13.47
N LEU D 100 28.11 25.43 -12.94
CA LEU D 100 28.62 24.73 -11.75
C LEU D 100 27.85 25.08 -10.49
N GLU D 101 27.37 26.33 -10.41
CA GLU D 101 26.53 26.74 -9.29
C GLU D 101 25.18 26.03 -9.32
N SER D 102 24.60 25.89 -10.51
CA SER D 102 23.32 25.19 -10.63
C SER D 102 23.48 23.69 -10.39
N ALA D 103 24.62 23.13 -10.77
CA ALA D 103 24.87 21.71 -10.51
C ALA D 103 24.97 21.45 -9.00
N GLN D 104 25.53 22.42 -8.29
CA GLN D 104 25.67 22.36 -6.84
C GLN D 104 24.28 22.21 -6.23
N ALA D 105 23.33 22.98 -6.76
CA ALA D 105 21.96 22.97 -6.27
C ALA D 105 21.26 21.65 -6.59
N GLU D 106 21.47 21.14 -7.81
CA GLU D 106 20.93 19.85 -8.19
C GLU D 106 21.44 18.74 -7.26
N PHE D 107 22.72 18.80 -6.90
CA PHE D 107 23.32 17.81 -6.02
C PHE D 107 22.70 17.86 -4.62
N LEU D 108 22.49 19.06 -4.10
CA LEU D 108 21.75 19.22 -2.85
C LEU D 108 20.38 18.53 -2.94
N MET D 109 19.71 18.68 -4.08
CA MET D 109 18.34 18.17 -4.20
C MET D 109 18.28 16.67 -4.37
N ASP D 110 19.36 16.08 -4.85
CA ASP D 110 19.50 14.62 -4.90
C ASP D 110 19.36 14.00 -3.50
N HIS D 111 19.55 14.80 -2.45
CA HIS D 111 19.57 14.29 -1.07
C HIS D 111 18.33 14.64 -0.26
N LEU D 112 17.35 15.25 -0.90
CA LEU D 112 16.09 15.61 -0.24
C LEU D 112 15.08 14.46 -0.21
N GLY D 113 15.43 13.30 -0.76
CA GLY D 113 14.48 12.22 -0.88
C GLY D 113 13.38 12.54 -1.88
N GLN D 114 12.26 11.86 -1.79
CA GLN D 114 11.15 12.14 -2.69
C GLN D 114 10.21 13.20 -2.14
N ALA D 115 9.62 13.95 -3.05
CA ALA D 115 8.68 14.99 -2.70
C ALA D 115 7.80 15.23 -3.91
N GLY D 116 6.55 15.61 -3.68
CA GLY D 116 5.60 15.78 -4.76
C GLY D 116 4.74 17.01 -4.55
N PRO D 117 3.74 17.18 -5.42
CA PRO D 117 2.88 18.38 -5.41
C PRO D 117 2.22 18.61 -4.06
N ASP D 118 1.94 17.54 -3.31
CA ASP D 118 1.23 17.67 -2.05
C ASP D 118 2.12 18.07 -0.87
N ASP D 119 3.42 18.14 -1.10
CA ASP D 119 4.37 18.41 -0.03
C ASP D 119 4.80 19.86 0.04
N THR D 120 5.22 20.29 1.23
CA THR D 120 5.82 21.60 1.41
C THR D 120 7.32 21.48 1.68
N LEU D 121 8.12 22.20 0.92
CA LEU D 121 9.57 22.27 1.15
C LEU D 121 9.95 23.65 1.62
N VAL D 122 10.96 23.72 2.50
CA VAL D 122 11.42 25.01 3.00
C VAL D 122 12.90 25.29 2.68
N ASP D 123 13.12 26.41 2.01
CA ASP D 123 14.47 26.93 1.75
C ASP D 123 14.79 28.00 2.81
N ALA D 124 15.61 27.63 3.79
CA ALA D 124 15.95 28.53 4.89
C ALA D 124 17.15 29.41 4.53
N GLY D 125 16.90 30.72 4.39
CA GLY D 125 17.93 31.65 3.94
C GLY D 125 17.99 31.56 2.42
N CYS D 126 16.92 32.00 1.76
CA CYS D 126 16.68 31.60 0.38
C CYS D 126 17.29 32.47 -0.70
N GLY D 127 17.90 33.59 -0.33
CA GLY D 127 18.50 34.47 -1.32
C GLY D 127 17.47 34.99 -2.33
N ARG D 128 17.83 34.97 -3.62
CA ARG D 128 16.98 35.50 -4.68
C ARG D 128 16.04 34.43 -5.24
N GLY D 129 16.14 33.20 -4.73
CA GLY D 129 15.16 32.17 -5.00
C GLY D 129 15.41 31.17 -6.12
N GLY D 130 16.60 31.19 -6.71
CA GLY D 130 16.93 30.28 -7.80
C GLY D 130 16.75 28.82 -7.43
N SER D 131 17.14 28.46 -6.20
CA SER D 131 16.98 27.08 -5.73
C SER D 131 15.53 26.67 -5.58
N MET D 132 14.69 27.63 -5.21
CA MET D 132 13.26 27.34 -5.01
C MET D 132 12.61 27.07 -6.35
N VAL D 133 13.03 27.79 -7.38
CA VAL D 133 12.53 27.52 -8.72
C VAL D 133 12.95 26.12 -9.18
N MET D 134 14.24 25.80 -9.02
CA MET D 134 14.72 24.47 -9.37
C MET D 134 13.97 23.37 -8.62
N ALA D 135 13.79 23.53 -7.30
CA ALA D 135 13.04 22.54 -6.51
C ALA D 135 11.62 22.34 -6.99
N HIS D 136 10.91 23.43 -7.31
CA HIS D 136 9.54 23.31 -7.78
C HIS D 136 9.48 22.61 -9.14
N ARG D 137 10.46 22.92 -9.98
CA ARG D 137 10.53 22.26 -11.28
C ARG D 137 10.79 20.77 -11.12
N ARG D 138 11.67 20.40 -10.20
CA ARG D 138 12.00 18.98 -10.03
C ARG D 138 10.89 18.19 -9.36
N PHE D 139 10.32 18.73 -8.29
CA PHE D 139 9.40 17.99 -7.43
C PHE D 139 7.94 18.40 -7.59
N GLY D 140 7.69 19.62 -8.04
CA GLY D 140 6.33 20.12 -8.13
C GLY D 140 5.74 20.54 -6.78
N SER D 141 6.53 20.43 -5.72
CA SER D 141 6.05 20.75 -4.37
C SER D 141 5.78 22.25 -4.20
N ARG D 142 5.05 22.58 -3.15
CA ARG D 142 4.98 23.94 -2.66
C ARG D 142 6.34 24.26 -2.04
N VAL D 143 6.93 25.40 -2.41
CA VAL D 143 8.23 25.78 -1.88
C VAL D 143 8.20 27.13 -1.19
N GLU D 144 8.49 27.13 0.11
CA GLU D 144 8.51 28.35 0.89
C GLU D 144 9.95 28.72 1.23
N GLY D 145 10.32 29.97 0.94
CA GLY D 145 11.64 30.46 1.30
C GLY D 145 11.54 31.53 2.35
N VAL D 146 12.53 31.61 3.24
CA VAL D 146 12.62 32.71 4.17
C VAL D 146 13.98 33.39 4.04
N THR D 147 13.96 34.71 4.06
CA THR D 147 15.19 35.51 3.97
C THR D 147 15.04 36.76 4.85
N LEU D 148 16.17 37.35 5.25
CA LEU D 148 16.13 38.58 6.05
C LEU D 148 16.00 39.79 5.14
N SER D 149 16.11 39.57 3.83
CA SER D 149 16.15 40.67 2.87
C SER D 149 14.85 40.88 2.10
N ALA D 150 14.18 42.00 2.32
CA ALA D 150 13.00 42.35 1.55
C ALA D 150 13.32 42.48 0.06
N ALA D 151 14.52 42.99 -0.25
CA ALA D 151 14.95 43.13 -1.65
C ALA D 151 14.95 41.78 -2.35
N GLN D 152 15.54 40.79 -1.67
CA GLN D 152 15.64 39.42 -2.19
C GLN D 152 14.26 38.76 -2.27
N ALA D 153 13.45 38.92 -1.23
CA ALA D 153 12.13 38.30 -1.21
C ALA D 153 11.31 38.81 -2.41
N ASP D 154 11.37 40.12 -2.64
CA ASP D 154 10.69 40.72 -3.78
C ASP D 154 11.24 40.17 -5.10
N PHE D 155 12.56 40.11 -5.22
CA PHE D 155 13.19 39.54 -6.42
C PHE D 155 12.63 38.14 -6.74
N GLY D 156 12.64 37.25 -5.74
CA GLY D 156 12.20 35.88 -5.96
C GLY D 156 10.72 35.79 -6.29
N ASN D 157 9.90 36.58 -5.59
CA ASN D 157 8.47 36.62 -5.90
C ASN D 157 8.16 37.14 -7.31
N ARG D 158 8.97 38.07 -7.81
CA ARG D 158 8.76 38.58 -9.17
C ARG D 158 9.09 37.49 -10.17
N ARG D 159 10.25 36.84 -9.98
CA ARG D 159 10.58 35.71 -10.85
C ARG D 159 9.49 34.62 -10.84
N ALA D 160 9.00 34.27 -9.66
CA ALA D 160 7.93 33.26 -9.53
C ALA D 160 6.66 33.66 -10.28
N ARG D 161 6.25 34.93 -10.16
CA ARG D 161 5.08 35.42 -10.87
C ARG D 161 5.29 35.35 -12.39
N GLU D 162 6.47 35.75 -12.85
CA GLU D 162 6.80 35.70 -14.28
C GLU D 162 6.70 34.29 -14.82
N LEU D 163 7.15 33.33 -14.03
CA LEU D 163 7.16 31.93 -14.45
C LEU D 163 5.79 31.28 -14.20
N ARG D 164 4.89 32.04 -13.57
CA ARG D 164 3.54 31.55 -13.29
C ARG D 164 3.55 30.34 -12.37
N ILE D 165 4.47 30.33 -11.40
CA ILE D 165 4.51 29.26 -10.40
C ILE D 165 4.30 29.84 -9.01
N ASP D 166 3.83 31.08 -8.95
CA ASP D 166 3.76 31.79 -7.67
C ASP D 166 2.69 31.24 -6.72
N ASP D 167 1.74 30.47 -7.26
CA ASP D 167 0.79 29.79 -6.38
C ASP D 167 1.47 28.67 -5.58
N HIS D 168 2.66 28.23 -6.02
CA HIS D 168 3.40 27.16 -5.34
C HIS D 168 4.69 27.65 -4.68
N VAL D 169 5.27 28.72 -5.22
CA VAL D 169 6.57 29.20 -4.79
C VAL D 169 6.45 30.59 -4.18
N ARG D 170 6.86 30.74 -2.92
CA ARG D 170 6.77 32.01 -2.23
C ARG D 170 7.97 32.27 -1.33
N SER D 171 8.57 33.46 -1.47
CA SER D 171 9.55 33.93 -0.48
C SER D 171 8.90 34.92 0.50
N ARG D 172 9.35 34.88 1.75
CA ARG D 172 8.94 35.86 2.75
C ARG D 172 10.12 36.38 3.52
N VAL D 173 10.01 37.61 4.01
CA VAL D 173 11.01 38.17 4.90
C VAL D 173 10.76 37.64 6.32
N CYS D 174 11.69 36.82 6.81
CA CYS D 174 11.50 36.15 8.09
C CYS D 174 12.80 35.59 8.63
N ASN D 175 12.94 35.66 9.95
CA ASN D 175 14.06 35.03 10.65
C ASN D 175 13.90 33.51 10.63
N MET D 176 14.81 32.81 9.96
CA MET D 176 14.69 31.35 9.82
C MET D 176 14.77 30.60 11.14
N LEU D 177 15.18 31.28 12.21
CA LEU D 177 15.20 30.68 13.55
C LEU D 177 13.82 30.68 14.18
N ASP D 178 12.90 31.43 13.59
CA ASP D 178 11.58 31.60 14.18
C ASP D 178 10.53 31.83 13.09
N THR D 179 10.05 30.73 12.51
CA THR D 179 9.25 30.79 11.29
C THR D 179 7.78 30.48 11.59
N PRO D 180 6.88 30.77 10.63
CA PRO D 180 5.46 30.57 10.91
C PRO D 180 5.00 29.15 10.58
N PHE D 181 5.89 28.36 9.99
CA PHE D 181 5.52 26.98 9.64
C PHE D 181 5.06 26.17 10.87
N ASP D 182 3.98 25.41 10.68
CA ASP D 182 3.42 24.58 11.76
C ASP D 182 4.33 23.40 12.09
N LYS D 183 4.30 22.99 13.36
CA LYS D 183 5.04 21.81 13.79
C LYS D 183 4.70 20.65 12.85
N GLY D 184 5.72 20.03 12.28
CA GLY D 184 5.53 18.81 11.50
C GLY D 184 4.85 18.98 10.16
N ALA D 185 4.73 20.21 9.69
CA ALA D 185 4.04 20.47 8.42
C ALA D 185 4.95 20.32 7.20
N VAL D 186 6.26 20.31 7.43
CA VAL D 186 7.20 20.37 6.30
C VAL D 186 7.79 19.00 5.96
N THR D 187 7.93 18.72 4.67
CA THR D 187 8.40 17.42 4.21
C THR D 187 9.91 17.36 4.14
N ALA D 188 10.52 18.44 3.66
CA ALA D 188 11.97 18.51 3.55
C ALA D 188 12.40 19.97 3.55
N SER D 189 13.63 20.23 4.00
CA SER D 189 14.14 21.60 4.11
C SER D 189 15.65 21.59 3.95
N TRP D 190 16.21 22.78 3.72
CA TRP D 190 17.64 22.90 3.53
C TRP D 190 18.18 24.27 3.87
N ASN D 191 19.48 24.31 4.12
CA ASN D 191 20.22 25.56 4.18
C ASN D 191 21.32 25.46 3.16
N ASN D 192 21.25 26.25 2.11
CA ASN D 192 22.33 26.25 1.11
C ASN D 192 23.19 27.48 1.34
N GLU D 193 24.36 27.27 1.95
CA GLU D 193 25.24 28.38 2.30
C GLU D 193 24.54 29.50 3.04
N SER D 194 23.88 29.17 4.15
CA SER D 194 23.26 30.19 5.00
C SER D 194 23.33 29.84 6.48
N THR D 195 23.88 28.67 6.81
CA THR D 195 24.00 28.23 8.20
C THR D 195 25.01 29.10 8.98
N MET D 196 25.89 29.78 8.27
CA MET D 196 26.96 30.56 8.91
C MET D 196 26.53 31.94 9.42
N TYR D 197 25.21 32.19 9.46
CA TYR D 197 24.68 33.47 9.96
C TYR D 197 23.89 33.28 11.24
N VAL D 198 23.87 32.05 11.74
CA VAL D 198 23.08 31.73 12.92
C VAL D 198 23.74 30.68 13.80
N ASP D 199 23.28 30.65 15.03
CA ASP D 199 23.60 29.63 16.00
C ASP D 199 23.02 28.29 15.53
N LEU D 200 23.85 27.26 15.42
CA LEU D 200 23.43 25.97 14.84
C LEU D 200 22.39 25.25 15.69
N HIS D 201 22.56 25.29 17.00
CA HIS D 201 21.57 24.66 17.87
C HIS D 201 20.19 25.25 17.63
N ASP D 202 20.09 26.57 17.59
CA ASP D 202 18.80 27.23 17.40
C ASP D 202 18.25 26.94 16.00
N LEU D 203 19.13 26.91 15.01
CA LEU D 203 18.72 26.58 13.64
C LEU D 203 18.15 25.16 13.53
N PHE D 204 18.92 24.17 13.99
CA PHE D 204 18.47 22.79 13.89
C PHE D 204 17.26 22.49 14.80
N SER D 205 17.16 23.21 15.91
CA SER D 205 15.95 23.15 16.72
C SER D 205 14.71 23.57 15.90
N GLU D 206 14.85 24.66 15.14
CA GLU D 206 13.71 25.15 14.37
C GLU D 206 13.33 24.21 13.22
N HIS D 207 14.29 23.79 12.41
CA HIS D 207 14.05 22.75 11.39
C HIS D 207 13.38 21.48 11.99
N SER D 208 13.89 21.04 13.12
CA SER D 208 13.38 19.83 13.74
C SER D 208 11.91 20.04 14.13
N ARG D 209 11.60 21.25 14.59
CA ARG D 209 10.22 21.61 14.91
C ARG D 209 9.28 21.51 13.72
N PHE D 210 9.60 22.15 12.60
CA PHE D 210 8.65 22.14 11.47
C PHE D 210 8.71 20.92 10.55
N LEU D 211 9.83 20.20 10.57
CA LEU D 211 9.92 18.97 9.79
C LEU D 211 9.10 17.87 10.42
N LYS D 212 8.28 17.19 9.62
CA LYS D 212 7.53 16.04 10.08
C LYS D 212 8.52 14.94 10.45
N VAL D 213 8.11 14.05 11.34
CA VAL D 213 8.88 12.86 11.65
C VAL D 213 9.11 12.08 10.35
N GLY D 214 10.36 11.72 10.08
CA GLY D 214 10.70 11.13 8.79
C GLY D 214 11.04 12.15 7.71
N GLY D 215 10.91 13.45 8.04
CA GLY D 215 11.31 14.48 7.10
C GLY D 215 12.82 14.48 6.82
N ARG D 216 13.25 15.16 5.76
CA ARG D 216 14.66 15.20 5.41
C ARG D 216 15.23 16.62 5.46
N TYR D 217 16.49 16.72 5.89
CA TYR D 217 17.20 17.98 5.91
C TYR D 217 18.53 17.85 5.19
N VAL D 218 18.91 18.87 4.44
CA VAL D 218 20.22 18.90 3.80
C VAL D 218 20.85 20.28 4.02
N THR D 219 22.14 20.30 4.29
CA THR D 219 22.91 21.54 4.17
C THR D 219 24.18 21.35 3.32
N ILE D 220 24.46 22.34 2.50
CA ILE D 220 25.79 22.49 1.94
C ILE D 220 26.36 23.72 2.61
N THR D 221 27.58 23.58 3.14
CA THR D 221 28.16 24.63 3.94
C THR D 221 29.66 24.64 3.79
N GLY D 222 30.26 25.76 4.14
CA GLY D 222 31.70 25.84 4.33
C GLY D 222 31.94 25.84 5.83
N CYS D 223 32.64 24.82 6.34
CA CYS D 223 32.92 24.77 7.77
C CYS D 223 34.42 24.73 8.01
N TRP D 224 34.88 25.20 9.16
CA TRP D 224 36.30 25.01 9.44
C TRP D 224 36.55 23.59 9.94
N ASN D 225 37.68 23.02 9.57
CA ASN D 225 37.97 21.63 9.90
C ASN D 225 38.58 21.50 11.29
N PRO D 226 37.90 20.80 12.21
CA PRO D 226 38.42 20.66 13.57
C PRO D 226 39.76 19.92 13.57
N ARG D 227 40.07 19.24 12.48
CA ARG D 227 41.37 18.59 12.35
C ARG D 227 42.51 19.64 12.32
N TYR D 228 42.24 20.80 11.75
CA TYR D 228 43.24 21.88 11.69
C TYR D 228 43.50 22.50 13.09
N GLY D 229 42.46 22.56 13.92
CA GLY D 229 42.61 23.02 15.29
C GLY D 229 41.62 24.12 15.70
N GLN D 230 41.74 25.26 15.04
CA GLN D 230 40.88 26.41 15.25
C GLN D 230 40.77 27.07 13.88
N PRO D 231 39.93 28.12 13.76
CA PRO D 231 39.82 28.83 12.47
C PRO D 231 41.14 29.44 12.03
N SER D 232 41.55 29.17 10.80
CA SER D 232 42.76 29.79 10.25
C SER D 232 42.52 31.26 9.89
N LYS D 233 43.62 31.95 9.63
CA LYS D 233 43.59 33.32 9.13
C LYS D 233 42.63 33.44 7.95
N TRP D 234 42.75 32.50 7.02
CA TRP D 234 41.91 32.47 5.82
C TRP D 234 40.42 32.42 6.16
N VAL D 235 40.04 31.49 7.03
CA VAL D 235 38.66 31.39 7.50
C VAL D 235 38.16 32.71 8.08
N SER D 236 38.96 33.33 8.94
CA SER D 236 38.61 34.62 9.52
C SER D 236 38.46 35.70 8.45
N GLN D 237 39.30 35.66 7.43
CA GLN D 237 39.17 36.62 6.33
C GLN D 237 37.83 36.47 5.61
N ILE D 238 37.40 35.22 5.41
CA ILE D 238 36.08 34.95 4.83
C ILE D 238 34.97 35.47 5.75
N ASN D 239 35.09 35.21 7.06
CA ASN D 239 34.14 35.74 8.03
C ASN D 239 34.04 37.26 7.92
N ALA D 240 35.18 37.93 7.82
CA ALA D 240 35.21 39.39 7.81
C ALA D 240 34.59 39.91 6.51
N HIS D 241 34.90 39.23 5.41
CA HIS D 241 34.39 39.59 4.10
C HIS D 241 32.85 39.54 4.02
N PHE D 242 32.25 38.51 4.61
CA PHE D 242 30.80 38.30 4.51
C PHE D 242 30.06 38.66 5.81
N GLU D 243 30.79 39.11 6.83
CA GLU D 243 30.17 39.39 8.13
C GLU D 243 29.46 38.13 8.65
N CYS D 244 30.07 36.96 8.47
CA CYS D 244 29.44 35.70 8.89
C CYS D 244 30.23 35.04 10.02
N ASN D 245 29.79 33.84 10.42
CA ASN D 245 30.39 33.14 11.54
C ASN D 245 30.54 31.66 11.20
N ILE D 246 31.52 31.35 10.36
CA ILE D 246 31.77 29.96 9.96
C ILE D 246 31.95 29.02 11.16
N HIS D 247 31.17 27.95 11.18
CA HIS D 247 31.24 26.98 12.28
C HIS D 247 32.19 25.84 11.95
N SER D 248 32.61 25.10 12.98
CA SER D 248 33.46 23.93 12.75
C SER D 248 32.59 22.71 12.39
N ARG D 249 33.15 21.75 11.64
CA ARG D 249 32.40 20.53 11.31
C ARG D 249 31.91 19.86 12.60
N ARG D 250 32.68 19.98 13.67
CA ARG D 250 32.30 19.37 14.94
C ARG D 250 30.96 19.95 15.47
N GLU D 251 30.80 21.27 15.36
CA GLU D 251 29.59 21.92 15.85
C GLU D 251 28.37 21.54 15.04
N TYR D 252 28.55 21.33 13.74
CA TYR D 252 27.44 20.93 12.89
C TYR D 252 26.90 19.58 13.38
N LEU D 253 27.79 18.63 13.61
CA LEU D 253 27.34 17.28 13.98
C LEU D 253 26.76 17.27 15.40
N ARG D 254 27.33 18.09 16.27
CA ARG D 254 26.87 18.17 17.67
C ARG D 254 25.49 18.81 17.73
N ALA D 255 25.32 19.91 17.03
CA ALA D 255 24.04 20.59 17.01
C ALA D 255 22.95 19.71 16.42
N MET D 256 23.27 18.94 15.38
CA MET D 256 22.28 18.02 14.80
C MET D 256 21.87 16.91 15.78
N ALA D 257 22.86 16.25 16.41
CA ALA D 257 22.58 15.17 17.34
C ALA D 257 21.75 15.66 18.53
N ASP D 258 21.95 16.93 18.92
CA ASP D 258 21.17 17.50 20.02
C ASP D 258 19.76 17.89 19.58
N ASN D 259 19.45 17.75 18.29
CA ASN D 259 18.16 18.19 17.76
C ASN D 259 17.41 17.19 16.86
N ARG D 260 17.62 15.89 17.09
CA ARG D 260 16.87 14.87 16.33
C ARG D 260 17.09 14.87 14.82
N LEU D 261 18.20 15.45 14.38
CA LEU D 261 18.60 15.34 12.98
C LEU D 261 19.74 14.34 12.93
N VAL D 262 19.58 13.29 12.13
CA VAL D 262 20.56 12.21 12.08
C VAL D 262 21.12 12.05 10.68
N PRO D 263 22.37 12.46 10.46
CA PRO D 263 22.96 12.35 9.12
C PRO D 263 22.95 10.92 8.58
N HIS D 264 22.58 10.78 7.30
CA HIS D 264 22.66 9.53 6.57
C HIS D 264 23.71 9.62 5.46
N THR D 265 24.09 10.84 5.09
CA THR D 265 25.10 11.06 4.04
C THR D 265 25.93 12.28 4.38
N ILE D 266 27.24 12.16 4.38
CA ILE D 266 28.10 13.34 4.50
C ILE D 266 29.18 13.24 3.45
N VAL D 267 29.29 14.26 2.62
CA VAL D 267 30.27 14.26 1.54
C VAL D 267 31.20 15.45 1.70
N ASP D 268 32.50 15.22 1.61
CA ASP D 268 33.46 16.33 1.58
C ASP D 268 33.62 16.78 0.14
N LEU D 269 33.09 17.95 -0.16
CA LEU D 269 33.02 18.45 -1.53
C LEU D 269 34.19 19.41 -1.86
N THR D 270 35.17 19.50 -0.97
CA THR D 270 36.30 20.40 -1.22
C THR D 270 36.96 20.21 -2.61
N PRO D 271 37.34 18.97 -2.96
CA PRO D 271 38.01 18.81 -4.26
C PRO D 271 37.07 19.14 -5.40
N ASP D 272 35.77 18.98 -5.18
CA ASP D 272 34.78 19.20 -6.23
C ASP D 272 34.48 20.67 -6.47
N THR D 273 34.80 21.53 -5.50
CA THR D 273 34.50 22.97 -5.62
C THR D 273 35.72 23.79 -6.02
N LEU D 274 36.91 23.21 -5.87
CA LEU D 274 38.13 23.91 -6.25
C LEU D 274 38.21 24.28 -7.74
N PRO D 275 37.78 23.39 -8.64
CA PRO D 275 37.80 23.81 -10.05
C PRO D 275 37.02 25.11 -10.27
N TYR D 276 35.85 25.22 -9.65
CA TYR D 276 35.04 26.43 -9.72
C TYR D 276 35.80 27.68 -9.26
N TRP D 277 36.50 27.57 -8.13
CA TRP D 277 37.21 28.72 -7.55
C TRP D 277 38.43 29.10 -8.37
N GLU D 278 39.15 28.11 -8.89
CA GLU D 278 40.32 28.37 -9.72
C GLU D 278 39.94 29.08 -11.03
N LEU D 279 38.82 28.66 -11.64
CA LEU D 279 38.30 29.35 -12.82
C LEU D 279 37.80 30.76 -12.49
N ARG D 280 37.08 30.89 -11.39
CA ARG D 280 36.55 32.20 -10.99
C ARG D 280 37.69 33.19 -10.74
N ALA D 281 38.81 32.68 -10.24
CA ALA D 281 39.94 33.52 -9.85
C ALA D 281 40.64 34.19 -11.04
N THR D 282 40.39 33.67 -12.25
CA THR D 282 40.96 34.23 -13.46
C THR D 282 39.97 35.19 -14.11
N SER D 283 38.77 35.26 -13.55
CA SER D 283 37.68 36.02 -14.16
C SER D 283 37.76 37.50 -13.81
N SER D 284 37.11 38.34 -14.63
CA SER D 284 37.02 39.77 -14.31
C SER D 284 35.93 40.04 -13.27
N LEU D 285 35.23 39.00 -12.86
CA LEU D 285 34.13 39.14 -11.89
C LEU D 285 34.59 38.95 -10.45
N VAL D 286 35.88 38.69 -10.25
CA VAL D 286 36.43 38.43 -8.93
C VAL D 286 36.02 39.47 -7.87
N THR D 287 35.67 39.01 -6.67
CA THR D 287 35.27 39.91 -5.59
C THR D 287 36.39 40.17 -4.60
N GLY D 288 37.51 39.45 -4.75
CA GLY D 288 38.64 39.61 -3.86
C GLY D 288 38.77 38.56 -2.76
N ILE D 289 37.76 37.71 -2.61
CA ILE D 289 37.83 36.66 -1.59
C ILE D 289 38.30 35.31 -2.17
N GLU D 290 38.54 35.27 -3.47
CA GLU D 290 38.90 34.02 -4.11
C GLU D 290 40.13 33.36 -3.46
N LYS D 291 41.14 34.17 -3.13
CA LYS D 291 42.38 33.60 -2.57
C LYS D 291 42.19 32.88 -1.22
N ALA D 292 41.40 33.46 -0.32
CA ALA D 292 41.17 32.86 0.99
C ALA D 292 40.57 31.45 0.85
N PHE D 293 39.52 31.34 0.03
CA PHE D 293 38.88 30.05 -0.25
C PHE D 293 39.88 29.04 -0.81
N ILE D 294 40.55 29.40 -1.90
CA ILE D 294 41.48 28.47 -2.55
C ILE D 294 42.56 27.99 -1.60
N GLU D 295 43.18 28.91 -0.87
CA GLU D 295 44.27 28.57 0.05
C GLU D 295 43.82 27.71 1.23
N SER D 296 42.66 28.02 1.80
CA SER D 296 42.21 27.26 2.98
C SER D 296 41.70 25.85 2.60
N TYR D 297 41.09 25.74 1.43
CA TYR D 297 40.72 24.43 0.89
C TYR D 297 41.98 23.58 0.71
N ARG D 298 43.00 24.16 0.09
CA ARG D 298 44.24 23.44 -0.14
C ARG D 298 45.02 23.09 1.14
N ASP D 299 45.05 24.00 2.10
CA ASP D 299 45.82 23.76 3.32
C ASP D 299 45.04 22.99 4.40
N GLY D 300 43.76 22.74 4.14
CA GLY D 300 42.99 21.85 5.01
C GLY D 300 42.36 22.55 6.21
N SER D 301 42.44 23.88 6.26
CA SER D 301 41.85 24.59 7.39
C SER D 301 40.35 24.74 7.20
N PHE D 302 39.92 24.77 5.94
CA PHE D 302 38.52 25.04 5.59
C PHE D 302 38.03 23.94 4.67
N GLN D 303 36.74 23.65 4.72
CA GLN D 303 36.20 22.60 3.85
C GLN D 303 34.76 22.86 3.45
N TYR D 304 34.39 22.26 2.32
CA TYR D 304 33.07 22.45 1.72
C TYR D 304 32.37 21.10 1.81
N VAL D 305 31.25 21.06 2.50
CA VAL D 305 30.69 19.76 2.86
C VAL D 305 29.19 19.71 2.62
N LEU D 306 28.67 18.53 2.24
CA LEU D 306 27.24 18.32 2.27
C LEU D 306 26.87 17.39 3.41
N ILE D 307 25.89 17.78 4.22
CA ILE D 307 25.35 16.90 5.26
C ILE D 307 23.85 16.74 5.03
N ALA D 308 23.43 15.51 4.77
CA ALA D 308 22.01 15.23 4.59
C ALA D 308 21.56 14.38 5.75
N ALA D 309 20.43 14.75 6.36
CA ALA D 309 19.99 14.13 7.61
C ALA D 309 18.51 13.81 7.64
N ASP D 310 18.15 12.80 8.43
CA ASP D 310 16.75 12.45 8.68
C ASP D 310 16.26 13.08 9.98
N ARG D 311 15.02 13.56 9.96
CA ARG D 311 14.35 14.07 11.16
C ARG D 311 13.63 12.88 11.80
N VAL D 312 14.07 12.50 12.99
CA VAL D 312 13.59 11.26 13.59
C VAL D 312 13.00 11.47 14.97
N ALA E 36 -3.55 8.28 11.22
CA ALA E 36 -2.55 7.63 10.38
C ALA E 36 -1.31 7.27 11.18
N PRO E 37 -0.63 6.17 10.80
CA PRO E 37 0.48 5.58 11.57
C PRO E 37 1.72 6.45 11.60
N ALA E 38 2.23 6.69 12.80
CA ALA E 38 3.36 7.60 13.01
C ALA E 38 4.61 7.20 12.21
N THR E 39 4.88 5.89 12.15
CA THR E 39 6.09 5.38 11.52
C THR E 39 5.80 4.01 10.93
N PRO E 40 6.65 3.56 9.99
CA PRO E 40 6.46 2.21 9.45
C PRO E 40 6.45 1.18 10.57
N TYR E 41 7.28 1.39 11.59
CA TYR E 41 7.31 0.45 12.72
C TYR E 41 5.99 0.46 13.46
N GLN E 42 5.40 1.63 13.67
CA GLN E 42 4.12 1.65 14.37
C GLN E 42 3.00 1.04 13.52
N GLU E 43 3.18 1.04 12.20
CA GLU E 43 2.26 0.29 11.32
C GLU E 43 2.36 -1.19 11.58
N ASP E 44 3.60 -1.68 11.70
CA ASP E 44 3.83 -3.09 11.98
C ASP E 44 3.12 -3.45 13.28
N ILE E 45 3.25 -2.58 14.28
CA ILE E 45 2.72 -2.86 15.60
C ILE E 45 1.19 -2.80 15.64
N ALA E 46 0.60 -1.81 15.00
CA ALA E 46 -0.86 -1.81 14.80
C ALA E 46 -1.34 -3.14 14.21
N ARG E 47 -0.65 -3.61 13.16
CA ARG E 47 -1.01 -4.85 12.51
C ARG E 47 -0.85 -6.06 13.42
N TYR E 48 0.26 -6.09 14.15
CA TYR E 48 0.53 -7.19 15.06
C TYR E 48 -0.63 -7.34 16.04
N TRP E 49 -1.05 -6.22 16.64
CA TRP E 49 -2.10 -6.30 17.66
C TRP E 49 -3.51 -6.40 17.08
N ASN E 50 -3.75 -5.81 15.91
CA ASN E 50 -5.03 -6.00 15.24
C ASN E 50 -5.25 -7.47 14.92
N ASN E 51 -4.17 -8.19 14.62
CA ASN E 51 -4.27 -9.58 14.14
C ASN E 51 -3.98 -10.62 15.21
N GLU E 52 -3.74 -10.16 16.44
CA GLU E 52 -3.46 -11.06 17.55
C GLU E 52 -4.73 -11.83 17.95
N ALA E 53 -4.59 -13.15 18.09
CA ALA E 53 -5.74 -13.96 18.49
C ALA E 53 -5.36 -15.29 19.17
N ARG E 54 -4.29 -15.30 19.95
CA ARG E 54 -3.89 -16.49 20.72
C ARG E 54 -5.01 -16.94 21.65
N PRO E 55 -5.36 -18.24 21.63
CA PRO E 55 -6.33 -18.74 22.59
C PRO E 55 -5.93 -18.41 24.04
N VAL E 56 -4.65 -18.54 24.37
CA VAL E 56 -4.24 -18.31 25.75
C VAL E 56 -4.90 -17.03 26.30
N ASN E 57 -4.72 -15.92 25.59
CA ASN E 57 -5.25 -14.65 26.05
C ASN E 57 -6.78 -14.59 26.13
N LEU E 58 -7.46 -15.23 25.17
CA LEU E 58 -8.92 -15.21 25.15
C LEU E 58 -9.53 -16.09 26.26
N ARG E 59 -9.03 -17.31 26.41
CA ARG E 59 -9.55 -18.23 27.42
C ARG E 59 -9.35 -17.68 28.83
N LEU E 60 -8.19 -17.07 29.09
CA LEU E 60 -7.93 -16.45 30.39
C LEU E 60 -8.89 -15.30 30.68
N GLY E 61 -9.07 -14.42 29.70
CA GLY E 61 -10.00 -13.30 29.85
C GLY E 61 -11.44 -13.76 30.00
N ASP E 62 -11.83 -14.81 29.29
CA ASP E 62 -13.20 -15.33 29.35
C ASP E 62 -13.60 -15.69 30.78
N VAL E 63 -12.61 -16.00 31.62
CA VAL E 63 -12.88 -16.39 33.00
C VAL E 63 -13.81 -15.42 33.73
N ASP E 64 -13.55 -14.12 33.59
CA ASP E 64 -14.34 -13.14 34.31
C ASP E 64 -14.50 -11.82 33.57
N GLY E 65 -14.17 -11.83 32.28
CA GLY E 65 -14.40 -10.68 31.44
C GLY E 65 -13.32 -9.61 31.60
N LEU E 66 -12.19 -9.97 32.22
CA LEU E 66 -11.03 -9.07 32.29
C LEU E 66 -9.94 -9.57 31.34
N TYR E 67 -9.75 -8.86 30.23
CA TYR E 67 -8.83 -9.31 29.19
C TYR E 67 -7.45 -8.66 29.27
N HIS E 68 -6.46 -9.47 29.60
CA HIS E 68 -5.09 -9.00 29.78
C HIS E 68 -4.17 -9.42 28.65
N HIS E 69 -3.09 -8.66 28.48
CA HIS E 69 -1.94 -9.08 27.70
C HIS E 69 -0.67 -8.74 28.48
N HIS E 70 -0.57 -9.26 29.70
CA HIS E 70 0.66 -9.14 30.48
C HIS E 70 0.81 -10.42 31.27
N TYR E 71 1.95 -10.60 31.95
CA TYR E 71 2.24 -11.87 32.60
C TYR E 71 1.88 -11.85 34.08
N GLY E 72 2.02 -13.00 34.75
CA GLY E 72 1.54 -13.12 36.10
C GLY E 72 2.65 -13.05 37.13
N ILE E 73 2.28 -12.80 38.38
CA ILE E 73 3.20 -12.81 39.50
C ILE E 73 2.55 -13.47 40.71
N GLY E 74 3.39 -13.97 41.62
CA GLY E 74 2.88 -14.57 42.84
C GLY E 74 2.93 -16.09 42.80
N PRO E 75 2.81 -16.73 43.99
CA PRO E 75 2.93 -18.19 44.10
C PRO E 75 1.72 -18.89 43.48
N VAL E 76 1.99 -20.05 42.89
CA VAL E 76 0.95 -20.88 42.31
C VAL E 76 0.14 -21.59 43.40
N ASP E 77 -1.17 -21.59 43.24
CA ASP E 77 -2.08 -22.19 44.23
C ASP E 77 -2.34 -23.65 43.90
N ARG E 78 -1.47 -24.52 44.41
CA ARG E 78 -1.51 -25.96 44.10
C ARG E 78 -2.82 -26.64 44.49
N ALA E 79 -3.43 -26.20 45.59
CA ALA E 79 -4.69 -26.79 46.04
C ALA E 79 -5.79 -26.53 45.03
N ALA E 80 -5.88 -25.28 44.57
CA ALA E 80 -6.91 -24.90 43.58
C ALA E 80 -6.76 -25.68 42.28
N LEU E 81 -5.52 -25.99 41.91
CA LEU E 81 -5.24 -26.74 40.69
C LEU E 81 -5.64 -28.21 40.77
N GLY E 82 -5.44 -28.82 41.94
CA GLY E 82 -5.80 -30.22 42.14
C GLY E 82 -4.90 -31.18 41.38
N ASP E 83 -5.37 -32.41 41.22
CA ASP E 83 -4.59 -33.44 40.54
C ASP E 83 -4.40 -33.12 39.06
N PRO E 84 -3.13 -33.01 38.61
CA PRO E 84 -2.83 -32.70 37.21
C PRO E 84 -3.46 -33.71 36.25
N GLU E 85 -3.63 -34.94 36.71
CA GLU E 85 -4.15 -36.01 35.87
C GLU E 85 -5.68 -35.93 35.70
N HIS E 86 -6.33 -35.15 36.55
CA HIS E 86 -7.77 -34.95 36.46
C HIS E 86 -8.15 -34.41 35.08
N SER E 87 -9.41 -34.56 34.71
CA SER E 87 -9.87 -34.17 33.38
C SER E 87 -9.83 -32.66 33.16
N GLU E 88 -10.46 -31.90 34.07
CA GLU E 88 -10.54 -30.46 33.92
C GLU E 88 -9.37 -29.73 34.58
N TYR E 89 -8.22 -30.39 34.63
CA TYR E 89 -7.01 -29.75 35.12
C TYR E 89 -6.71 -28.52 34.27
N GLU E 90 -6.88 -28.68 32.97
CA GLU E 90 -6.60 -27.62 32.01
C GLU E 90 -7.42 -26.37 32.32
N LYS E 91 -8.71 -26.55 32.61
CA LYS E 91 -9.56 -25.42 32.94
C LYS E 91 -9.11 -24.75 34.24
N LYS E 92 -8.59 -25.55 35.16
CA LYS E 92 -8.07 -25.04 36.44
C LYS E 92 -6.78 -24.25 36.22
N VAL E 93 -5.94 -24.71 35.30
CA VAL E 93 -4.71 -24.01 34.95
C VAL E 93 -5.03 -22.63 34.36
N ILE E 94 -6.02 -22.59 33.48
CA ILE E 94 -6.47 -21.34 32.87
C ILE E 94 -6.89 -20.36 33.95
N ALA E 95 -7.67 -20.84 34.90
CA ALA E 95 -8.17 -19.97 35.98
C ALA E 95 -6.99 -19.48 36.82
N GLU E 96 -6.02 -20.35 37.08
CA GLU E 96 -4.89 -19.99 37.89
C GLU E 96 -3.98 -18.97 37.17
N LEU E 97 -3.65 -19.24 35.91
CA LEU E 97 -2.88 -18.30 35.10
C LEU E 97 -3.54 -16.91 35.06
N HIS E 98 -4.85 -16.87 34.93
CA HIS E 98 -5.58 -15.61 34.89
C HIS E 98 -5.51 -14.91 36.25
N ARG E 99 -5.57 -15.69 37.32
CA ARG E 99 -5.49 -15.11 38.66
C ARG E 99 -4.15 -14.39 38.84
N LEU E 100 -3.07 -15.04 38.41
CA LEU E 100 -1.74 -14.48 38.53
C LEU E 100 -1.59 -13.20 37.67
N GLU E 101 -2.16 -13.22 36.46
CA GLU E 101 -2.13 -12.03 35.60
C GLU E 101 -2.92 -10.89 36.21
N SER E 102 -4.05 -11.19 36.83
CA SER E 102 -4.83 -10.16 37.53
C SER E 102 -4.12 -9.65 38.79
N ALA E 103 -3.42 -10.53 39.48
CA ALA E 103 -2.65 -10.13 40.66
C ALA E 103 -1.51 -9.17 40.27
N GLN E 104 -0.95 -9.36 39.09
CA GLN E 104 0.13 -8.52 38.57
C GLN E 104 -0.39 -7.08 38.41
N ALA E 105 -1.57 -6.93 37.81
CA ALA E 105 -2.18 -5.60 37.64
C ALA E 105 -2.55 -4.93 38.98
N GLU E 106 -3.05 -5.72 39.92
CA GLU E 106 -3.42 -5.19 41.23
C GLU E 106 -2.18 -4.63 41.93
N PHE E 107 -1.07 -5.36 41.78
CA PHE E 107 0.20 -4.94 42.33
C PHE E 107 0.67 -3.63 41.69
N LEU E 108 0.55 -3.51 40.37
CA LEU E 108 0.86 -2.25 39.71
C LEU E 108 0.04 -1.14 40.37
N MET E 109 -1.26 -1.34 40.48
CA MET E 109 -2.15 -0.32 41.03
C MET E 109 -1.89 0.03 42.49
N ASP E 110 -1.26 -0.87 43.24
CA ASP E 110 -0.84 -0.58 44.61
C ASP E 110 0.15 0.58 44.62
N HIS E 111 0.75 0.88 43.46
CA HIS E 111 1.79 1.91 43.41
C HIS E 111 1.34 3.22 42.75
N LEU E 112 0.05 3.32 42.42
CA LEU E 112 -0.45 4.51 41.74
C LEU E 112 -0.83 5.63 42.71
N GLY E 113 -0.65 5.38 44.00
CA GLY E 113 -1.08 6.33 45.03
C GLY E 113 -2.58 6.39 45.14
N GLN E 114 -3.09 7.47 45.70
CA GLN E 114 -4.52 7.65 45.88
C GLN E 114 -5.13 8.24 44.62
N ALA E 115 -6.27 7.71 44.22
CA ALA E 115 -6.99 8.25 43.08
C ALA E 115 -8.47 8.15 43.35
N GLY E 116 -9.23 9.13 42.84
CA GLY E 116 -10.65 9.18 43.10
C GLY E 116 -11.46 9.46 41.85
N PRO E 117 -12.79 9.48 42.00
CA PRO E 117 -13.73 9.68 40.89
C PRO E 117 -13.46 10.96 40.13
N ASP E 118 -12.77 11.90 40.77
CA ASP E 118 -12.53 13.20 40.13
C ASP E 118 -11.22 13.24 39.35
N ASP E 119 -10.51 12.12 39.35
CA ASP E 119 -9.21 12.05 38.69
C ASP E 119 -9.29 11.37 37.34
N THR E 120 -8.31 11.69 36.49
CA THR E 120 -8.12 10.97 35.25
C THR E 120 -6.85 10.13 35.32
N LEU E 121 -6.95 8.86 34.97
CA LEU E 121 -5.81 7.98 34.89
C LEU E 121 -5.59 7.59 33.42
N VAL E 122 -4.35 7.35 33.03
CA VAL E 122 -4.06 6.97 31.65
C VAL E 122 -3.35 5.61 31.57
N ASP E 123 -3.93 4.70 30.80
CA ASP E 123 -3.29 3.43 30.47
C ASP E 123 -2.62 3.53 29.10
N ALA E 124 -1.29 3.73 29.10
CA ALA E 124 -0.53 3.88 27.85
C ALA E 124 -0.18 2.52 27.22
N GLY E 125 -0.78 2.22 26.06
CA GLY E 125 -0.64 0.92 25.41
C GLY E 125 -1.56 -0.08 26.09
N CYS E 126 -2.86 0.08 25.89
CA CYS E 126 -3.85 -0.46 26.85
C CYS E 126 -4.45 -1.84 26.54
N GLY E 127 -4.01 -2.46 25.45
CA GLY E 127 -4.54 -3.76 25.08
C GLY E 127 -6.06 -3.76 25.00
N ARG E 128 -6.68 -4.84 25.44
CA ARG E 128 -8.12 -5.01 25.38
C ARG E 128 -8.90 -4.35 26.52
N GLY E 129 -8.18 -3.69 27.43
CA GLY E 129 -8.81 -2.85 28.44
C GLY E 129 -8.98 -3.46 29.83
N GLY E 130 -8.48 -4.68 30.02
CA GLY E 130 -8.62 -5.36 31.30
C GLY E 130 -8.21 -4.53 32.50
N SER E 131 -7.02 -3.94 32.43
CA SER E 131 -6.47 -3.14 33.52
C SER E 131 -7.29 -1.86 33.71
N MET E 132 -7.88 -1.37 32.62
CA MET E 132 -8.70 -0.16 32.71
C MET E 132 -9.98 -0.41 33.50
N VAL E 133 -10.57 -1.61 33.33
CA VAL E 133 -11.74 -1.99 34.10
C VAL E 133 -11.36 -2.11 35.57
N MET E 134 -10.27 -2.81 35.86
CA MET E 134 -9.81 -2.97 37.23
C MET E 134 -9.55 -1.62 37.92
N ALA E 135 -8.91 -0.70 37.20
CA ALA E 135 -8.61 0.62 37.75
C ALA E 135 -9.86 1.43 38.06
N HIS E 136 -10.83 1.41 37.15
CA HIS E 136 -12.08 2.10 37.42
C HIS E 136 -12.81 1.50 38.62
N ARG E 137 -12.77 0.18 38.76
CA ARG E 137 -13.41 -0.50 39.90
C ARG E 137 -12.72 -0.10 41.20
N ARG E 138 -11.39 -0.14 41.24
CA ARG E 138 -10.67 0.21 42.46
C ARG E 138 -10.80 1.67 42.86
N PHE E 139 -10.76 2.57 41.87
CA PHE E 139 -10.63 4.00 42.14
C PHE E 139 -11.88 4.84 41.83
N GLY E 140 -12.68 4.39 40.88
CA GLY E 140 -13.83 5.16 40.44
C GLY E 140 -13.43 6.30 39.50
N SER E 141 -12.14 6.36 39.17
CA SER E 141 -11.59 7.40 38.32
C SER E 141 -12.08 7.28 36.88
N ARG E 142 -12.03 8.38 36.13
CA ARG E 142 -12.14 8.26 34.69
C ARG E 142 -10.84 7.63 34.20
N VAL E 143 -10.94 6.66 33.29
CA VAL E 143 -9.75 5.97 32.80
C VAL E 143 -9.70 6.04 31.28
N GLU E 144 -8.63 6.66 30.77
CA GLU E 144 -8.43 6.81 29.33
C GLU E 144 -7.32 5.88 28.86
N GLY E 145 -7.59 5.07 27.85
CA GLY E 145 -6.59 4.18 27.32
C GLY E 145 -6.21 4.57 25.90
N VAL E 146 -4.95 4.34 25.53
CA VAL E 146 -4.52 4.50 24.14
C VAL E 146 -3.82 3.24 23.60
N THR E 147 -4.21 2.81 22.41
CA THR E 147 -3.61 1.66 21.75
C THR E 147 -3.48 1.94 20.26
N LEU E 148 -2.57 1.23 19.59
CA LEU E 148 -2.41 1.38 18.14
C LEU E 148 -3.40 0.52 17.36
N SER E 149 -4.06 -0.39 18.07
CA SER E 149 -4.98 -1.35 17.48
C SER E 149 -6.44 -0.92 17.64
N ALA E 150 -7.09 -0.64 16.52
CA ALA E 150 -8.51 -0.31 16.52
C ALA E 150 -9.35 -1.51 16.95
N ALA E 151 -8.86 -2.70 16.64
CA ALA E 151 -9.55 -3.91 17.08
C ALA E 151 -9.57 -4.00 18.62
N GLN E 152 -8.43 -3.72 19.24
CA GLN E 152 -8.35 -3.73 20.71
C GLN E 152 -9.22 -2.63 21.33
N ALA E 153 -9.11 -1.41 20.81
CA ALA E 153 -9.88 -0.27 21.31
C ALA E 153 -11.38 -0.54 21.24
N ASP E 154 -11.83 -1.01 20.08
CA ASP E 154 -13.22 -1.43 19.90
C ASP E 154 -13.64 -2.49 20.92
N PHE E 155 -12.77 -3.48 21.14
CA PHE E 155 -13.00 -4.53 22.13
C PHE E 155 -13.18 -3.95 23.53
N GLY E 156 -12.30 -3.04 23.92
CA GLY E 156 -12.37 -2.47 25.25
C GLY E 156 -13.61 -1.62 25.42
N ASN E 157 -13.97 -0.87 24.39
CA ASN E 157 -15.13 0.01 24.46
C ASN E 157 -16.46 -0.75 24.55
N ARG E 158 -16.57 -1.87 23.82
CA ARG E 158 -17.77 -2.70 23.93
C ARG E 158 -17.88 -3.29 25.33
N ARG E 159 -16.77 -3.79 25.87
CA ARG E 159 -16.76 -4.33 27.22
C ARG E 159 -17.21 -3.28 28.23
N ALA E 160 -16.75 -2.04 28.08
CA ALA E 160 -17.12 -0.96 28.97
C ALA E 160 -18.63 -0.73 28.93
N ARG E 161 -19.18 -0.64 27.73
CA ARG E 161 -20.63 -0.54 27.54
C ARG E 161 -21.37 -1.68 28.25
N GLU E 162 -20.88 -2.90 28.09
CA GLU E 162 -21.50 -4.05 28.73
C GLU E 162 -21.47 -3.96 30.26
N LEU E 163 -20.41 -3.36 30.79
CA LEU E 163 -20.27 -3.16 32.22
C LEU E 163 -20.92 -1.84 32.66
N ARG E 164 -21.39 -1.06 31.70
CA ARG E 164 -22.06 0.21 31.98
C ARG E 164 -21.15 1.20 32.70
N ILE E 165 -19.90 1.26 32.26
CA ILE E 165 -18.93 2.21 32.80
C ILE E 165 -18.29 2.98 31.66
N ASP E 166 -18.92 2.97 30.50
CA ASP E 166 -18.36 3.63 29.33
C ASP E 166 -18.34 5.15 29.48
N ASP E 167 -19.09 5.68 30.43
CA ASP E 167 -19.00 7.12 30.70
C ASP E 167 -17.75 7.47 31.51
N HIS E 168 -17.06 6.44 32.01
CA HIS E 168 -15.81 6.64 32.73
C HIS E 168 -14.59 5.97 32.09
N VAL E 169 -14.80 4.96 31.26
CA VAL E 169 -13.70 4.20 30.71
C VAL E 169 -13.73 4.21 29.17
N ARG E 170 -12.71 4.80 28.57
CA ARG E 170 -12.64 4.89 27.11
C ARG E 170 -11.29 4.50 26.54
N SER E 171 -11.31 3.69 25.49
CA SER E 171 -10.10 3.34 24.73
C SER E 171 -10.04 4.11 23.41
N ARG E 172 -8.87 4.59 23.05
CA ARG E 172 -8.71 5.26 21.77
C ARG E 172 -7.52 4.73 21.01
N VAL E 173 -7.58 4.81 19.68
CA VAL E 173 -6.46 4.47 18.82
C VAL E 173 -5.57 5.68 18.72
N CYS E 174 -4.38 5.61 19.31
CA CYS E 174 -3.51 6.78 19.38
C CYS E 174 -2.10 6.37 19.80
N ASN E 175 -1.11 7.01 19.17
CA ASN E 175 0.30 6.89 19.54
C ASN E 175 0.52 7.44 20.94
N MET E 176 0.94 6.58 21.86
CA MET E 176 1.09 7.01 23.25
C MET E 176 2.23 8.02 23.42
N LEU E 177 2.99 8.25 22.35
CA LEU E 177 4.06 9.26 22.39
C LEU E 177 3.51 10.63 22.06
N ASP E 178 2.27 10.67 21.60
CA ASP E 178 1.67 11.92 21.12
C ASP E 178 0.16 11.90 21.35
N THR E 179 -0.25 12.13 22.60
CA THR E 179 -1.65 11.96 22.99
C THR E 179 -2.37 13.30 23.04
N PRO E 180 -3.72 13.26 23.12
CA PRO E 180 -4.55 14.47 23.16
C PRO E 180 -4.70 15.04 24.57
N PHE E 181 -4.03 14.44 25.54
CA PHE E 181 -4.25 14.83 26.93
C PHE E 181 -3.58 16.17 27.21
N ASP E 182 -4.30 17.05 27.90
CA ASP E 182 -3.76 18.38 28.22
C ASP E 182 -2.62 18.27 29.23
N LYS E 183 -1.76 19.28 29.22
CA LYS E 183 -0.64 19.34 30.13
C LYS E 183 -1.15 19.37 31.58
N GLY E 184 -0.61 18.48 32.41
CA GLY E 184 -0.95 18.44 33.82
C GLY E 184 -2.34 17.97 34.17
N ALA E 185 -3.06 17.41 33.20
CA ALA E 185 -4.44 17.02 33.44
C ALA E 185 -4.59 15.64 34.08
N VAL E 186 -3.52 14.84 34.04
CA VAL E 186 -3.62 13.42 34.42
C VAL E 186 -3.04 13.19 35.82
N THR E 187 -3.78 12.44 36.64
CA THR E 187 -3.37 12.19 38.02
C THR E 187 -2.34 11.07 38.14
N ALA E 188 -2.56 10.00 37.40
CA ALA E 188 -1.68 8.84 37.43
C ALA E 188 -1.73 8.10 36.10
N SER E 189 -0.64 7.47 35.72
CA SER E 189 -0.58 6.80 34.44
C SER E 189 0.39 5.62 34.51
N TRP E 190 0.29 4.71 33.54
CA TRP E 190 1.16 3.54 33.55
C TRP E 190 1.38 2.93 32.18
N ASN E 191 2.48 2.20 32.07
CA ASN E 191 2.71 1.24 31.00
C ASN E 191 2.81 -0.15 31.61
N ASN E 192 1.90 -1.04 31.23
CA ASN E 192 1.99 -2.43 31.65
C ASN E 192 2.43 -3.27 30.44
N GLU E 193 3.71 -3.58 30.39
CA GLU E 193 4.28 -4.35 29.27
C GLU E 193 4.01 -3.73 27.90
N SER E 194 4.20 -2.43 27.80
CA SER E 194 4.08 -1.75 26.52
C SER E 194 5.24 -0.77 26.27
N THR E 195 6.21 -0.72 27.19
CA THR E 195 7.33 0.20 27.00
C THR E 195 8.32 -0.26 25.90
N MET E 196 8.32 -1.55 25.59
CA MET E 196 9.29 -2.12 24.65
C MET E 196 8.90 -1.92 23.20
N TYR E 197 7.93 -1.03 22.96
CA TYR E 197 7.54 -0.72 21.60
C TYR E 197 7.88 0.70 21.25
N VAL E 198 8.52 1.42 22.16
CA VAL E 198 8.85 2.83 21.93
C VAL E 198 10.17 3.25 22.55
N ASP E 199 10.69 4.36 22.05
CA ASP E 199 11.82 5.08 22.63
C ASP E 199 11.43 5.63 24.02
N LEU E 200 12.21 5.29 25.04
CA LEU E 200 11.85 5.66 26.43
C LEU E 200 11.92 7.16 26.71
N HIS E 201 12.90 7.86 26.15
CA HIS E 201 12.94 9.31 26.36
C HIS E 201 11.65 9.95 25.82
N ASP E 202 11.22 9.53 24.63
CA ASP E 202 10.02 10.13 24.03
C ASP E 202 8.79 9.77 24.87
N LEU E 203 8.76 8.53 25.37
CA LEU E 203 7.64 8.04 26.17
C LEU E 203 7.50 8.78 27.51
N PHE E 204 8.60 8.93 28.24
CA PHE E 204 8.53 9.52 29.56
C PHE E 204 8.38 11.04 29.47
N SER E 205 8.84 11.60 28.36
CA SER E 205 8.59 12.99 28.04
C SER E 205 7.08 13.23 27.94
N GLU E 206 6.38 12.35 27.25
CA GLU E 206 4.94 12.51 27.08
C GLU E 206 4.17 12.31 28.39
N HIS E 207 4.50 11.26 29.16
CA HIS E 207 3.88 11.06 30.48
C HIS E 207 4.14 12.26 31.36
N SER E 208 5.38 12.74 31.36
CA SER E 208 5.75 13.88 32.19
C SER E 208 4.95 15.12 31.78
N ARG E 209 4.68 15.25 30.49
CA ARG E 209 3.88 16.36 30.00
C ARG E 209 2.43 16.32 30.52
N PHE E 210 1.75 15.19 30.35
CA PHE E 210 0.35 15.16 30.77
C PHE E 210 0.10 14.89 32.25
N LEU E 211 1.10 14.40 32.97
CA LEU E 211 0.94 14.17 34.42
C LEU E 211 1.05 15.48 35.20
N LYS E 212 0.15 15.68 36.15
CA LYS E 212 0.24 16.84 37.03
C LYS E 212 1.51 16.71 37.88
N VAL E 213 2.03 17.84 38.33
CA VAL E 213 3.10 17.85 39.33
C VAL E 213 2.58 17.13 40.58
N GLY E 214 3.32 16.14 41.06
CA GLY E 214 2.84 15.29 42.13
C GLY E 214 2.07 14.10 41.63
N GLY E 215 1.92 13.99 40.31
CA GLY E 215 1.26 12.82 39.74
C GLY E 215 2.15 11.60 39.91
N ARG E 216 1.60 10.42 39.65
CA ARG E 216 2.35 9.17 39.83
C ARG E 216 2.40 8.32 38.55
N TYR E 217 3.53 7.64 38.33
CA TYR E 217 3.70 6.78 37.16
C TYR E 217 4.18 5.42 37.60
N VAL E 218 3.68 4.36 36.97
CA VAL E 218 4.21 3.04 37.21
C VAL E 218 4.41 2.31 35.89
N THR E 219 5.50 1.55 35.80
CA THR E 219 5.60 0.56 34.72
C THR E 219 5.97 -0.81 35.27
N ILE E 220 5.43 -1.86 34.65
CA ILE E 220 5.97 -3.18 34.82
C ILE E 220 6.50 -3.55 33.45
N THR E 221 7.74 -4.00 33.39
CA THR E 221 8.36 -4.25 32.10
C THR E 221 9.33 -5.41 32.21
N GLY E 222 9.60 -6.05 31.07
CA GLY E 222 10.73 -6.96 30.95
C GLY E 222 11.88 -6.17 30.36
N CYS E 223 12.97 -6.03 31.10
CA CYS E 223 14.14 -5.29 30.62
C CYS E 223 15.38 -6.18 30.64
N TRP E 224 16.32 -5.97 29.73
CA TRP E 224 17.57 -6.70 29.85
C TRP E 224 18.43 -6.09 30.97
N ASN E 225 19.19 -6.96 31.63
CA ASN E 225 19.89 -6.58 32.84
C ASN E 225 21.29 -6.11 32.47
N PRO E 226 21.59 -4.82 32.73
CA PRO E 226 22.91 -4.33 32.29
C PRO E 226 24.05 -5.12 32.94
N ARG E 227 23.76 -5.80 34.06
CA ARG E 227 24.73 -6.71 34.69
C ARG E 227 25.22 -7.77 33.73
N TYR E 228 24.32 -8.27 32.89
CA TYR E 228 24.66 -9.30 31.93
C TYR E 228 25.63 -8.73 30.90
N GLY E 229 25.38 -7.51 30.45
CA GLY E 229 26.32 -6.78 29.59
C GLY E 229 25.68 -6.23 28.33
N GLN E 230 25.04 -7.11 27.58
CA GLN E 230 24.30 -6.76 26.37
C GLN E 230 23.13 -7.74 26.30
N PRO E 231 22.18 -7.51 25.37
CA PRO E 231 21.07 -8.45 25.22
C PRO E 231 21.56 -9.85 24.87
N SER E 232 21.18 -10.83 25.68
CA SER E 232 21.51 -12.22 25.39
C SER E 232 20.69 -12.72 24.21
N LYS E 233 21.03 -13.92 23.71
CA LYS E 233 20.31 -14.51 22.60
C LYS E 233 18.83 -14.66 22.92
N TRP E 234 18.51 -15.03 24.16
CA TRP E 234 17.13 -15.23 24.57
C TRP E 234 16.35 -13.93 24.43
N VAL E 235 16.91 -12.84 24.94
CA VAL E 235 16.28 -11.53 24.81
C VAL E 235 15.96 -11.21 23.34
N SER E 236 16.91 -11.52 22.45
CA SER E 236 16.73 -11.28 21.01
C SER E 236 15.63 -12.15 20.40
N GLN E 237 15.54 -13.41 20.84
CA GLN E 237 14.42 -14.27 20.48
C GLN E 237 13.07 -13.69 20.89
N ILE E 238 13.02 -13.10 22.08
CA ILE E 238 11.79 -12.46 22.55
C ILE E 238 11.46 -11.23 21.72
N ASN E 239 12.46 -10.39 21.47
CA ASN E 239 12.30 -9.28 20.53
C ASN E 239 11.71 -9.72 19.18
N ALA E 240 12.24 -10.80 18.61
CA ALA E 240 11.79 -11.26 17.30
C ALA E 240 10.36 -11.80 17.37
N HIS E 241 10.07 -12.49 18.46
CA HIS E 241 8.75 -13.10 18.66
C HIS E 241 7.67 -12.02 18.73
N PHE E 242 7.95 -10.94 19.45
CA PHE E 242 6.96 -9.86 19.64
C PHE E 242 7.18 -8.65 18.73
N GLU E 243 8.21 -8.68 17.88
CA GLU E 243 8.55 -7.49 17.09
C GLU E 243 8.76 -6.27 17.99
N CYS E 244 9.33 -6.52 19.16
CA CYS E 244 9.57 -5.45 20.11
C CYS E 244 11.06 -5.11 20.22
N ASN E 245 11.39 -4.27 21.19
CA ASN E 245 12.74 -3.74 21.36
C ASN E 245 13.00 -3.57 22.84
N ILE E 246 13.23 -4.69 23.51
CA ILE E 246 13.46 -4.68 24.95
C ILE E 246 14.61 -3.75 25.34
N HIS E 247 14.37 -2.90 26.34
CA HIS E 247 15.37 -1.94 26.79
C HIS E 247 16.14 -2.47 27.99
N SER E 248 17.28 -1.86 28.25
CA SER E 248 18.10 -2.16 29.41
C SER E 248 17.52 -1.46 30.64
N ARG E 249 17.74 -2.03 31.83
CA ARG E 249 17.28 -1.37 33.04
C ARG E 249 17.94 0.01 33.16
N ARG E 250 19.18 0.12 32.68
CA ARG E 250 19.92 1.38 32.72
C ARG E 250 19.20 2.47 31.92
N GLU E 251 18.62 2.10 30.78
CA GLU E 251 17.89 3.04 29.94
C GLU E 251 16.60 3.53 30.59
N TYR E 252 15.89 2.64 31.27
CA TYR E 252 14.67 3.06 31.96
C TYR E 252 14.99 4.20 32.92
N LEU E 253 16.02 3.98 33.73
CA LEU E 253 16.40 4.93 34.79
C LEU E 253 16.92 6.24 34.24
N ARG E 254 17.73 6.14 33.18
CA ARG E 254 18.25 7.32 32.50
C ARG E 254 17.11 8.15 31.89
N ALA E 255 16.24 7.51 31.11
CA ALA E 255 15.13 8.20 30.47
C ALA E 255 14.20 8.87 31.51
N MET E 256 14.00 8.21 32.64
CA MET E 256 13.21 8.83 33.72
C MET E 256 13.88 10.06 34.31
N ALA E 257 15.16 9.95 34.63
CA ALA E 257 15.89 11.07 35.22
C ALA E 257 15.90 12.29 34.28
N ASP E 258 15.89 12.03 32.97
CA ASP E 258 15.93 13.10 31.97
C ASP E 258 14.55 13.72 31.75
N ASN E 259 13.53 13.15 32.37
CA ASN E 259 12.15 13.59 32.14
C ASN E 259 11.32 13.79 33.41
N ARG E 260 11.97 14.18 34.50
CA ARG E 260 11.27 14.58 35.73
C ARG E 260 10.43 13.47 36.38
N LEU E 261 10.81 12.23 36.12
CA LEU E 261 10.20 11.10 36.80
C LEU E 261 11.22 10.51 37.74
N VAL E 262 10.87 10.43 39.02
CA VAL E 262 11.78 10.04 40.08
C VAL E 262 11.27 8.81 40.80
N PRO E 263 11.89 7.64 40.54
CA PRO E 263 11.46 6.39 41.17
C PRO E 263 11.44 6.50 42.70
N HIS E 264 10.35 6.04 43.31
CA HIS E 264 10.28 5.88 44.76
C HIS E 264 10.32 4.39 45.14
N THR E 265 10.02 3.53 44.17
CA THR E 265 9.99 2.09 44.41
C THR E 265 10.44 1.38 43.16
N ILE E 266 11.34 0.41 43.34
CA ILE E 266 11.75 -0.46 42.25
C ILE E 266 11.85 -1.86 42.84
N VAL E 267 11.15 -2.81 42.22
CA VAL E 267 11.12 -4.18 42.67
C VAL E 267 11.52 -5.12 41.55
N ASP E 268 12.49 -5.98 41.79
CA ASP E 268 12.82 -7.01 40.81
C ASP E 268 11.81 -8.15 41.01
N LEU E 269 10.87 -8.28 40.07
CA LEU E 269 9.79 -9.26 40.16
C LEU E 269 10.12 -10.61 39.50
N THR E 270 11.36 -10.78 39.06
CA THR E 270 11.75 -12.00 38.36
C THR E 270 11.42 -13.29 39.13
N PRO E 271 11.80 -13.36 40.43
CA PRO E 271 11.47 -14.57 41.20
C PRO E 271 9.96 -14.77 41.29
N ASP E 272 9.23 -13.67 41.26
CA ASP E 272 7.78 -13.65 41.45
C ASP E 272 7.01 -14.03 40.19
N THR E 273 7.66 -13.91 39.03
CA THR E 273 6.98 -14.21 37.78
C THR E 273 7.31 -15.60 37.27
N LEU E 274 8.40 -16.17 37.75
CA LEU E 274 8.83 -17.49 37.30
C LEU E 274 7.77 -18.60 37.52
N PRO E 275 7.12 -18.62 38.68
CA PRO E 275 6.06 -19.63 38.89
C PRO E 275 4.97 -19.56 37.82
N TYR E 276 4.53 -18.35 37.49
CA TYR E 276 3.59 -18.16 36.38
C TYR E 276 4.10 -18.83 35.10
N TRP E 277 5.35 -18.54 34.74
CA TRP E 277 5.90 -19.04 33.48
C TRP E 277 6.08 -20.57 33.48
N GLU E 278 6.56 -21.12 34.60
CA GLU E 278 6.72 -22.56 34.73
C GLU E 278 5.39 -23.32 34.61
N LEU E 279 4.35 -22.79 35.24
CA LEU E 279 3.01 -23.38 35.11
C LEU E 279 2.52 -23.29 33.68
N ARG E 280 2.66 -22.10 33.08
CA ARG E 280 2.24 -21.87 31.71
C ARG E 280 2.90 -22.83 30.74
N ALA E 281 4.17 -23.12 30.98
CA ALA E 281 4.91 -24.00 30.07
C ALA E 281 4.36 -25.43 30.06
N THR E 282 3.59 -25.78 31.09
CA THR E 282 3.00 -27.11 31.18
C THR E 282 1.63 -27.18 30.50
N SER E 283 1.06 -26.02 30.20
CA SER E 283 -0.31 -25.96 29.68
C SER E 283 -0.35 -26.14 28.18
N SER E 284 -1.52 -26.51 27.67
CA SER E 284 -1.70 -26.74 26.23
C SER E 284 -1.88 -25.44 25.48
N LEU E 285 -1.79 -24.32 26.20
CA LEU E 285 -1.95 -23.01 25.60
C LEU E 285 -0.60 -22.29 25.32
N VAL E 286 0.50 -23.04 25.46
CA VAL E 286 1.83 -22.49 25.23
C VAL E 286 1.92 -21.85 23.85
N THR E 287 2.75 -20.81 23.73
CA THR E 287 2.90 -20.10 22.47
C THR E 287 4.27 -20.33 21.83
N GLY E 288 5.16 -20.97 22.56
CA GLY E 288 6.49 -21.27 22.04
C GLY E 288 7.61 -20.40 22.59
N ILE E 289 7.26 -19.32 23.29
CA ILE E 289 8.25 -18.39 23.83
C ILE E 289 8.55 -18.63 25.32
N GLU E 290 7.81 -19.56 25.93
CA GLU E 290 7.98 -19.83 27.35
C GLU E 290 9.44 -20.09 27.72
N LYS E 291 10.17 -20.80 26.87
CA LYS E 291 11.54 -21.19 27.17
C LYS E 291 12.54 -20.01 27.21
N ALA E 292 12.42 -19.09 26.26
CA ALA E 292 13.28 -17.91 26.25
C ALA E 292 13.08 -17.11 27.54
N PHE E 293 11.83 -16.91 27.96
CA PHE E 293 11.55 -16.24 29.23
C PHE E 293 12.19 -16.98 30.40
N ILE E 294 11.83 -18.24 30.57
CA ILE E 294 12.36 -19.03 31.66
C ILE E 294 13.90 -19.07 31.71
N GLU E 295 14.55 -19.32 30.59
CA GLU E 295 16.00 -19.43 30.59
C GLU E 295 16.69 -18.08 30.88
N SER E 296 16.16 -17.00 30.32
CA SER E 296 16.77 -15.69 30.50
C SER E 296 16.53 -15.15 31.92
N TYR E 297 15.36 -15.46 32.49
CA TYR E 297 15.11 -15.12 33.88
C TYR E 297 16.09 -15.85 34.79
N ARG E 298 16.33 -17.13 34.49
CA ARG E 298 17.22 -17.92 35.32
C ARG E 298 18.70 -17.60 35.13
N ASP E 299 19.10 -17.23 33.92
CA ASP E 299 20.52 -16.96 33.70
C ASP E 299 20.92 -15.51 33.99
N GLY E 300 19.93 -14.70 34.38
CA GLY E 300 20.19 -13.32 34.76
C GLY E 300 20.32 -12.31 33.62
N SER E 301 20.00 -12.71 32.40
CA SER E 301 20.14 -11.78 31.26
C SER E 301 18.91 -10.89 31.07
N PHE E 302 17.76 -11.37 31.55
CA PHE E 302 16.47 -10.69 31.37
C PHE E 302 15.83 -10.62 32.76
N GLN E 303 15.09 -9.56 33.04
CA GLN E 303 14.46 -9.42 34.35
C GLN E 303 13.10 -8.74 34.23
N TYR E 304 12.23 -9.03 35.18
CA TYR E 304 10.87 -8.51 35.17
C TYR E 304 10.81 -7.57 36.34
N VAL E 305 10.59 -6.30 36.04
CA VAL E 305 10.79 -5.26 37.04
C VAL E 305 9.59 -4.32 37.10
N LEU E 306 9.23 -3.91 38.32
CA LEU E 306 8.31 -2.79 38.52
C LEU E 306 9.08 -1.53 38.90
N ILE E 307 8.77 -0.41 38.24
CA ILE E 307 9.33 0.89 38.61
C ILE E 307 8.19 1.88 38.82
N ALA E 308 8.10 2.45 40.03
CA ALA E 308 7.07 3.42 40.36
C ALA E 308 7.74 4.75 40.67
N ALA E 309 7.24 5.81 40.03
CA ALA E 309 7.90 7.10 40.07
C ALA E 309 6.92 8.25 40.35
N ASP E 310 7.44 9.33 40.90
CA ASP E 310 6.71 10.57 41.07
C ASP E 310 7.07 11.53 39.93
N ARG E 311 6.07 12.24 39.41
CA ARG E 311 6.29 13.34 38.47
C ARG E 311 6.54 14.57 39.33
N VAL E 312 7.73 15.14 39.22
CA VAL E 312 8.13 16.27 40.08
C VAL E 312 8.61 17.46 39.28
N PRO F 35 -5.86 30.87 43.88
CA PRO F 35 -5.35 29.69 43.17
C PRO F 35 -4.89 28.60 44.14
N ALA F 36 -5.04 27.34 43.75
CA ALA F 36 -4.58 26.24 44.58
C ALA F 36 -3.05 26.24 44.64
N PRO F 37 -2.49 25.95 45.82
CA PRO F 37 -1.03 25.89 45.99
C PRO F 37 -0.40 24.79 45.13
N ALA F 38 0.76 25.10 44.56
CA ALA F 38 1.42 24.19 43.62
C ALA F 38 1.92 22.93 44.31
N THR F 39 2.53 23.11 45.48
CA THR F 39 3.07 21.99 46.23
C THR F 39 2.80 22.19 47.72
N PRO F 40 2.95 21.11 48.51
CA PRO F 40 2.81 21.28 49.96
C PRO F 40 3.85 22.26 50.52
N TYR F 41 5.03 22.36 49.88
CA TYR F 41 6.02 23.34 50.32
C TYR F 41 5.61 24.77 50.03
N GLN F 42 5.05 25.02 48.85
CA GLN F 42 4.61 26.38 48.50
C GLN F 42 3.41 26.82 49.36
N GLU F 43 2.60 25.86 49.76
CA GLU F 43 1.57 26.14 50.76
C GLU F 43 2.22 26.66 52.04
N ASP F 44 3.26 25.96 52.51
CA ASP F 44 4.03 26.41 53.67
C ASP F 44 4.54 27.83 53.54
N ILE F 45 5.14 28.15 52.39
CA ILE F 45 5.71 29.48 52.18
C ILE F 45 4.62 30.57 52.10
N ALA F 46 3.49 30.22 51.50
CA ALA F 46 2.34 31.11 51.45
C ALA F 46 1.89 31.44 52.88
N ARG F 47 1.80 30.42 53.73
CA ARG F 47 1.39 30.59 55.11
C ARG F 47 2.41 31.42 55.91
N TYR F 48 3.70 31.17 55.68
CA TYR F 48 4.75 31.91 56.38
C TYR F 48 4.66 33.42 56.09
N TRP F 49 4.48 33.78 54.83
CA TRP F 49 4.43 35.19 54.46
C TRP F 49 3.08 35.85 54.75
N ASN F 50 2.03 35.04 54.77
CA ASN F 50 0.72 35.51 55.24
C ASN F 50 0.73 35.87 56.73
N ASN F 51 1.60 35.24 57.51
CA ASN F 51 1.60 35.43 58.95
C ASN F 51 2.70 36.37 59.48
N GLU F 52 3.66 36.70 58.63
CA GLU F 52 4.82 37.48 59.06
C GLU F 52 4.46 38.91 59.51
N ALA F 53 4.93 39.28 60.70
CA ALA F 53 4.64 40.60 61.28
C ALA F 53 5.78 41.59 61.05
N ARG F 59 7.91 48.28 60.00
CA ARG F 59 8.04 49.61 60.57
C ARG F 59 9.10 50.45 59.86
N LEU F 60 10.18 49.79 59.43
CA LEU F 60 11.21 50.48 58.65
C LEU F 60 10.60 51.09 57.38
N GLY F 61 9.59 50.41 56.84
CA GLY F 61 8.88 50.91 55.68
C GLY F 61 8.04 52.11 56.00
N ASP F 62 7.70 52.27 57.27
CA ASP F 62 6.88 53.40 57.72
C ASP F 62 7.60 54.73 57.54
N VAL F 63 8.93 54.68 57.50
CA VAL F 63 9.73 55.88 57.25
C VAL F 63 9.21 56.66 56.04
N ASP F 64 9.18 56.02 54.86
CA ASP F 64 8.78 56.69 53.63
C ASP F 64 7.82 55.88 52.76
N GLY F 65 7.16 54.89 53.34
CA GLY F 65 6.16 54.11 52.63
C GLY F 65 6.68 53.11 51.62
N LEU F 66 8.00 52.93 51.58
CA LEU F 66 8.61 51.87 50.78
C LEU F 66 8.86 50.66 51.67
N TYR F 67 8.14 49.57 51.41
CA TYR F 67 8.19 48.40 52.28
C TYR F 67 9.02 47.24 51.71
N HIS F 68 10.19 47.01 52.31
CA HIS F 68 11.13 46.02 51.82
C HIS F 68 11.22 44.80 52.70
N HIS F 69 11.40 43.64 52.08
CA HIS F 69 11.75 42.42 52.78
C HIS F 69 13.08 41.93 52.21
N HIS F 70 14.13 42.72 52.37
CA HIS F 70 15.46 42.33 51.93
C HIS F 70 16.45 43.11 52.75
N TYR F 71 17.72 42.74 52.64
CA TYR F 71 18.75 43.34 53.49
C TYR F 71 19.45 44.53 52.86
N GLY F 72 20.43 45.09 53.55
CA GLY F 72 21.02 46.35 53.11
C GLY F 72 22.48 46.27 52.71
N ILE F 73 22.93 47.29 51.99
CA ILE F 73 24.32 47.39 51.59
C ILE F 73 24.81 48.84 51.72
N GLY F 74 26.11 49.01 51.87
CA GLY F 74 26.71 50.33 51.95
C GLY F 74 27.21 50.63 53.36
N PRO F 75 28.12 51.61 53.48
CA PRO F 75 28.68 52.02 54.77
C PRO F 75 27.63 52.63 55.67
N VAL F 76 27.72 52.38 56.97
CA VAL F 76 26.81 53.00 57.93
C VAL F 76 27.12 54.49 58.09
N ASP F 77 26.10 55.32 57.93
CA ASP F 77 26.22 56.77 58.08
C ASP F 77 26.25 57.13 59.56
N ARG F 78 27.44 57.13 60.16
CA ARG F 78 27.58 57.41 61.59
C ARG F 78 27.07 58.80 61.94
N ALA F 79 27.43 59.78 61.11
CA ALA F 79 26.98 61.16 61.29
C ALA F 79 25.46 61.23 61.47
N ALA F 80 24.72 60.70 60.49
CA ALA F 80 23.27 60.74 60.54
C ALA F 80 22.69 60.10 61.81
N LEU F 81 23.37 59.07 62.32
CA LEU F 81 22.90 58.35 63.52
C LEU F 81 23.01 59.20 64.78
N GLY F 82 24.06 60.01 64.85
CA GLY F 82 24.28 60.87 66.01
C GLY F 82 24.91 60.15 67.19
N ASP F 83 24.69 60.71 68.39
CA ASP F 83 25.26 60.13 69.60
C ASP F 83 24.51 58.86 70.01
N PRO F 84 25.24 57.75 70.17
CA PRO F 84 24.74 56.41 70.50
C PRO F 84 23.95 56.34 71.80
N GLU F 85 23.99 57.39 72.61
CA GLU F 85 23.26 57.40 73.87
C GLU F 85 22.14 58.44 73.91
N HIS F 86 22.04 59.23 72.85
CA HIS F 86 20.96 60.21 72.73
C HIS F 86 19.61 59.50 72.79
N SER F 87 18.55 60.26 73.01
CA SER F 87 17.20 59.67 73.16
C SER F 87 16.67 59.15 71.83
N GLU F 88 16.84 59.94 70.77
CA GLU F 88 16.32 59.57 69.47
C GLU F 88 17.21 58.59 68.72
N TYR F 89 18.23 58.06 69.38
CA TYR F 89 19.19 57.19 68.72
C TYR F 89 18.55 56.01 68.01
N GLU F 90 17.78 55.21 68.73
CA GLU F 90 17.18 54.01 68.17
C GLU F 90 16.31 54.34 66.95
N LYS F 91 15.63 55.48 67.01
CA LYS F 91 14.80 55.91 65.90
C LYS F 91 15.65 56.15 64.66
N LYS F 92 16.86 56.66 64.87
CA LYS F 92 17.80 56.94 63.79
C LYS F 92 18.42 55.66 63.25
N VAL F 93 18.48 54.62 64.09
CA VAL F 93 18.97 53.32 63.66
C VAL F 93 17.97 52.65 62.72
N ILE F 94 16.69 52.67 63.10
CA ILE F 94 15.62 52.17 62.25
C ILE F 94 15.65 52.86 60.89
N ALA F 95 15.86 54.17 60.90
CA ALA F 95 15.93 54.93 59.65
C ALA F 95 17.13 54.51 58.80
N GLU F 96 18.29 54.33 59.43
CA GLU F 96 19.50 53.95 58.72
C GLU F 96 19.40 52.57 58.07
N LEU F 97 18.91 51.59 58.83
CA LEU F 97 18.67 50.26 58.31
C LEU F 97 17.75 50.33 57.09
N HIS F 98 16.67 51.10 57.20
CA HIS F 98 15.78 51.29 56.05
C HIS F 98 16.47 52.00 54.88
N ARG F 99 17.41 52.90 55.19
CA ARG F 99 18.15 53.58 54.12
C ARG F 99 19.04 52.60 53.36
N LEU F 100 19.75 51.74 54.09
CA LEU F 100 20.64 50.76 53.48
C LEU F 100 19.86 49.76 52.62
N GLU F 101 18.68 49.36 53.10
CA GLU F 101 17.83 48.44 52.36
C GLU F 101 17.38 49.04 51.03
N SER F 102 17.04 50.34 51.05
CA SER F 102 16.62 51.01 49.83
C SER F 102 17.79 51.16 48.86
N ALA F 103 18.97 51.45 49.41
CA ALA F 103 20.18 51.47 48.60
C ALA F 103 20.45 50.11 47.90
N GLN F 104 20.03 49.02 48.55
CA GLN F 104 20.21 47.68 48.00
C GLN F 104 19.29 47.50 46.79
N ALA F 105 18.02 47.89 46.94
CA ALA F 105 17.09 47.87 45.80
C ALA F 105 17.56 48.75 44.63
N GLU F 106 18.20 49.88 44.94
CA GLU F 106 18.65 50.78 43.87
C GLU F 106 19.83 50.21 43.11
N PHE F 107 20.75 49.57 43.83
CA PHE F 107 21.90 48.93 43.21
C PHE F 107 21.40 47.84 42.26
N LEU F 108 20.33 47.16 42.66
CA LEU F 108 19.75 46.11 41.83
C LEU F 108 19.29 46.71 40.52
N MET F 109 18.45 47.75 40.62
CA MET F 109 17.91 48.41 39.44
C MET F 109 18.99 49.06 38.58
N ASP F 110 20.13 49.40 39.17
CA ASP F 110 21.29 49.85 38.41
C ASP F 110 21.66 48.85 37.32
N HIS F 111 21.23 47.60 37.46
CA HIS F 111 21.64 46.53 36.54
C HIS F 111 20.52 46.02 35.65
N LEU F 112 19.36 46.65 35.74
CA LEU F 112 18.23 46.27 34.88
C LEU F 112 18.34 46.85 33.48
N GLY F 113 19.34 47.69 33.25
CA GLY F 113 19.49 48.38 31.97
C GLY F 113 18.47 49.49 31.80
N GLN F 114 18.26 49.91 30.56
CA GLN F 114 17.27 50.94 30.28
C GLN F 114 15.88 50.33 30.19
N ALA F 115 14.90 51.04 30.74
CA ALA F 115 13.51 50.66 30.62
C ALA F 115 12.64 51.91 30.64
N GLY F 116 11.56 51.88 29.87
CA GLY F 116 10.67 53.02 29.78
C GLY F 116 9.21 52.67 29.95
N PRO F 117 8.34 53.66 29.77
CA PRO F 117 6.89 53.58 29.99
C PRO F 117 6.20 52.51 29.16
N ASP F 118 6.82 52.10 28.06
CA ASP F 118 6.22 51.11 27.17
C ASP F 118 6.57 49.67 27.55
N ASP F 119 7.52 49.53 28.46
CA ASP F 119 8.04 48.22 28.84
C ASP F 119 7.29 47.62 30.02
N THR F 120 7.35 46.29 30.15
CA THR F 120 6.83 45.60 31.31
C THR F 120 7.98 44.95 32.09
N LEU F 121 7.99 45.16 33.40
CA LEU F 121 9.00 44.59 34.28
C LEU F 121 8.34 43.60 35.24
N VAL F 122 9.06 42.55 35.61
CA VAL F 122 8.53 41.54 36.54
C VAL F 122 9.36 41.41 37.82
N ASP F 123 8.71 41.62 38.97
CA ASP F 123 9.33 41.35 40.26
C ASP F 123 8.85 39.99 40.74
N ALA F 124 9.69 38.97 40.60
CA ALA F 124 9.32 37.61 41.00
C ALA F 124 9.52 37.38 42.51
N GLY F 125 8.43 37.09 43.21
CA GLY F 125 8.46 37.01 44.67
C GLY F 125 8.59 38.42 45.26
N CYS F 126 7.54 39.22 45.08
CA CYS F 126 7.65 40.69 45.18
C CYS F 126 7.44 41.27 46.58
N GLY F 127 7.01 40.44 47.52
CA GLY F 127 6.80 40.91 48.88
C GLY F 127 5.68 41.95 48.94
N ARG F 128 5.95 43.06 49.61
CA ARG F 128 4.92 44.08 49.83
C ARG F 128 4.92 45.18 48.77
N GLY F 129 5.84 45.09 47.81
CA GLY F 129 5.83 45.99 46.66
C GLY F 129 6.84 47.13 46.66
N GLY F 130 7.66 47.21 47.70
CA GLY F 130 8.64 48.29 47.81
C GLY F 130 9.48 48.47 46.55
N SER F 131 10.10 47.38 46.10
CA SER F 131 10.93 47.39 44.90
C SER F 131 10.12 47.78 43.66
N MET F 132 8.85 47.39 43.64
CA MET F 132 7.98 47.70 42.51
C MET F 132 7.68 49.20 42.44
N VAL F 133 7.29 49.79 43.57
CA VAL F 133 7.12 51.24 43.66
C VAL F 133 8.38 51.96 43.21
N MET F 134 9.52 51.53 43.73
CA MET F 134 10.80 52.15 43.39
C MET F 134 11.14 52.06 41.91
N ALA F 135 10.78 50.93 41.29
CA ALA F 135 11.13 50.72 39.89
C ALA F 135 10.25 51.56 38.97
N HIS F 136 8.96 51.60 39.26
CA HIS F 136 8.03 52.39 38.47
C HIS F 136 8.36 53.88 38.50
N ARG F 137 8.80 54.38 39.66
CA ARG F 137 9.23 55.76 39.79
C ARG F 137 10.50 55.98 38.97
N ARG F 138 11.37 54.98 38.97
CA ARG F 138 12.65 55.11 38.29
C ARG F 138 12.53 55.03 36.77
N PHE F 139 11.69 54.11 36.30
CA PHE F 139 11.61 53.79 34.87
C PHE F 139 10.30 54.21 34.21
N GLY F 140 9.23 54.26 35.00
CA GLY F 140 7.92 54.62 34.47
C GLY F 140 7.20 53.44 33.85
N SER F 141 7.86 52.30 33.86
CA SER F 141 7.34 51.08 33.26
C SER F 141 6.10 50.53 33.95
N ARG F 142 5.40 49.65 33.24
CA ARG F 142 4.39 48.80 33.85
C ARG F 142 5.16 47.78 34.69
N VAL F 143 4.78 47.61 35.96
CA VAL F 143 5.50 46.70 36.85
C VAL F 143 4.57 45.65 37.45
N GLU F 144 4.85 44.38 37.13
CA GLU F 144 4.03 43.26 37.60
C GLU F 144 4.78 42.43 38.64
N GLY F 145 4.17 42.26 39.81
CA GLY F 145 4.75 41.45 40.87
C GLY F 145 4.00 40.15 41.11
N VAL F 146 4.74 39.10 41.44
CA VAL F 146 4.12 37.83 41.88
C VAL F 146 4.61 37.44 43.27
N THR F 147 3.66 37.04 44.12
CA THR F 147 3.95 36.53 45.44
C THR F 147 3.00 35.36 45.72
N LEU F 148 3.36 34.51 46.67
CA LEU F 148 2.49 33.43 47.12
C LEU F 148 1.52 33.90 48.22
N SER F 149 1.75 35.10 48.74
CA SER F 149 0.98 35.63 49.87
C SER F 149 -0.09 36.62 49.41
N ALA F 150 -1.35 36.24 49.60
CA ALA F 150 -2.48 37.12 49.32
C ALA F 150 -2.42 38.38 50.19
N ALA F 151 -1.92 38.23 51.41
CA ALA F 151 -1.79 39.35 52.33
C ALA F 151 -0.82 40.40 51.80
N GLN F 152 0.35 39.94 51.34
CA GLN F 152 1.37 40.86 50.80
C GLN F 152 0.87 41.53 49.52
N ALA F 153 0.15 40.77 48.71
CA ALA F 153 -0.36 41.26 47.44
C ALA F 153 -1.38 42.38 47.64
N ASP F 154 -2.26 42.20 48.62
CA ASP F 154 -3.25 43.21 48.96
C ASP F 154 -2.57 44.45 49.53
N PHE F 155 -1.60 44.24 50.41
CA PHE F 155 -0.83 45.35 50.96
C PHE F 155 -0.15 46.14 49.84
N GLY F 156 0.41 45.43 48.86
CA GLY F 156 1.06 46.08 47.73
C GLY F 156 0.07 46.87 46.89
N ASN F 157 -1.06 46.25 46.54
CA ASN F 157 -2.08 46.90 45.73
C ASN F 157 -2.80 48.06 46.45
N ARG F 158 -2.93 47.97 47.76
CA ARG F 158 -3.50 49.06 48.54
C ARG F 158 -2.56 50.25 48.45
N ARG F 159 -1.28 49.99 48.71
CA ARG F 159 -0.25 51.01 48.63
C ARG F 159 -0.19 51.63 47.23
N ALA F 160 -0.39 50.79 46.21
CA ALA F 160 -0.31 51.26 44.83
C ALA F 160 -1.38 52.31 44.56
N ARG F 161 -2.59 52.08 45.06
CA ARG F 161 -3.68 53.04 44.91
C ARG F 161 -3.36 54.36 45.63
N GLU F 162 -2.78 54.26 46.81
CA GLU F 162 -2.48 55.44 47.62
C GLU F 162 -1.51 56.38 46.91
N LEU F 163 -0.63 55.82 46.09
CA LEU F 163 0.30 56.62 45.30
C LEU F 163 -0.30 56.94 43.95
N ARG F 164 -1.47 56.36 43.68
CA ARG F 164 -2.18 56.52 42.42
C ARG F 164 -1.36 56.01 41.23
N ILE F 165 -0.74 54.85 41.41
CA ILE F 165 0.07 54.22 40.37
C ILE F 165 -0.45 52.81 40.08
N ASP F 166 -1.64 52.50 40.61
CA ASP F 166 -2.24 51.18 40.49
C ASP F 166 -2.55 50.79 39.05
N ASP F 167 -2.36 51.71 38.12
CA ASP F 167 -2.59 51.42 36.70
C ASP F 167 -1.31 50.95 36.01
N HIS F 168 -0.18 51.18 36.68
CA HIS F 168 1.11 50.71 36.18
C HIS F 168 1.73 49.63 37.06
N VAL F 169 1.31 49.58 38.32
CA VAL F 169 1.89 48.65 39.28
C VAL F 169 0.84 47.70 39.86
N ARG F 170 1.08 46.40 39.75
CA ARG F 170 0.14 45.42 40.28
C ARG F 170 0.82 44.17 40.85
N SER F 171 0.34 43.72 42.01
CA SER F 171 0.78 42.46 42.58
C SER F 171 -0.27 41.40 42.39
N ARG F 172 0.17 40.15 42.33
CA ARG F 172 -0.74 39.04 42.15
C ARG F 172 -0.25 37.83 42.91
N VAL F 173 -1.19 36.99 43.33
CA VAL F 173 -0.88 35.74 43.96
C VAL F 173 -0.67 34.70 42.88
N CYS F 174 0.59 34.30 42.71
CA CYS F 174 0.97 33.39 41.64
C CYS F 174 2.33 32.78 41.92
N ASN F 175 2.49 31.52 41.52
CA ASN F 175 3.76 30.84 41.63
C ASN F 175 4.68 31.37 40.54
N MET F 176 5.79 31.98 40.93
CA MET F 176 6.71 32.60 39.98
C MET F 176 7.32 31.59 39.01
N LEU F 177 7.18 30.30 39.32
CA LEU F 177 7.66 29.26 38.41
C LEU F 177 6.67 29.01 37.29
N ASP F 178 5.50 29.61 37.40
CA ASP F 178 4.43 29.32 36.44
C ASP F 178 3.51 30.53 36.27
N THR F 179 3.97 31.53 35.52
CA THR F 179 3.29 32.82 35.47
C THR F 179 2.48 33.03 34.18
N PRO F 180 1.57 34.04 34.19
CA PRO F 180 0.68 34.30 33.05
C PRO F 180 1.34 35.15 31.97
N PHE F 181 2.56 35.59 32.21
CA PHE F 181 3.25 36.45 31.24
C PHE F 181 3.52 35.70 29.93
N ASP F 182 3.31 36.38 28.81
CA ASP F 182 3.48 35.77 27.50
C ASP F 182 4.96 35.60 27.17
N LYS F 183 5.27 34.60 26.36
CA LYS F 183 6.64 34.37 25.92
C LYS F 183 7.20 35.63 25.31
N GLY F 184 8.37 36.06 25.80
CA GLY F 184 9.05 37.22 25.26
C GLY F 184 8.39 38.58 25.47
N ALA F 185 7.40 38.65 26.36
CA ALA F 185 6.70 39.92 26.61
C ALA F 185 7.42 40.86 27.59
N VAL F 186 8.31 40.30 28.40
CA VAL F 186 8.90 41.05 29.51
C VAL F 186 10.26 41.62 29.15
N THR F 187 10.48 42.88 29.48
CA THR F 187 11.72 43.57 29.17
C THR F 187 12.81 43.27 30.20
N ALA F 188 12.41 43.14 31.46
CA ALA F 188 13.37 42.89 32.53
C ALA F 188 12.67 42.37 33.76
N SER F 189 13.43 41.69 34.61
CA SER F 189 12.86 41.04 35.77
C SER F 189 13.95 40.74 36.77
N TRP F 190 13.55 40.51 38.02
CA TRP F 190 14.50 40.24 39.08
C TRP F 190 13.93 39.31 40.16
N ASN F 191 14.83 38.76 40.96
CA ASN F 191 14.52 38.11 42.21
C ASN F 191 15.39 38.81 43.23
N ASN F 192 14.75 39.49 44.18
CA ASN F 192 15.49 40.09 45.28
C ASN F 192 15.21 39.27 46.54
N GLU F 193 16.18 38.42 46.92
CA GLU F 193 16.03 37.53 48.06
C GLU F 193 14.77 36.68 48.02
N SER F 194 14.53 36.04 46.89
CA SER F 194 13.39 35.14 46.75
C SER F 194 13.74 33.86 45.97
N THR F 195 14.97 33.77 45.48
CA THR F 195 15.42 32.54 44.78
C THR F 195 15.57 31.32 45.72
N MET F 196 15.77 31.56 47.02
CA MET F 196 15.98 30.44 47.94
C MET F 196 14.68 29.71 48.27
N TYR F 197 13.60 29.97 47.54
CA TYR F 197 12.34 29.26 47.80
C TYR F 197 11.92 28.35 46.65
N VAL F 198 12.79 28.23 45.65
CA VAL F 198 12.44 27.51 44.43
C VAL F 198 13.62 26.79 43.83
N ASP F 199 13.32 25.79 43.01
CA ASP F 199 14.29 25.13 42.15
C ASP F 199 14.81 26.14 41.13
N LEU F 200 16.11 26.37 41.10
CA LEU F 200 16.72 27.36 40.21
C LEU F 200 16.56 27.10 38.71
N HIS F 201 16.72 25.85 38.28
CA HIS F 201 16.50 25.53 36.87
C HIS F 201 15.10 25.94 36.44
N ASP F 202 14.10 25.58 37.26
CA ASP F 202 12.71 25.89 36.94
C ASP F 202 12.46 27.40 36.97
N LEU F 203 13.10 28.08 37.91
CA LEU F 203 12.98 29.54 37.98
C LEU F 203 13.57 30.23 36.75
N PHE F 204 14.81 29.92 36.41
CA PHE F 204 15.46 30.60 35.30
C PHE F 204 14.86 30.17 33.97
N SER F 205 14.27 28.97 33.97
CA SER F 205 13.50 28.49 32.84
C SER F 205 12.30 29.42 32.58
N GLU F 206 11.62 29.82 33.65
CA GLU F 206 10.43 30.67 33.51
C GLU F 206 10.79 32.12 33.16
N HIS F 207 11.82 32.68 33.81
CA HIS F 207 12.28 34.01 33.45
C HIS F 207 12.72 34.02 31.98
N SER F 208 13.49 33.02 31.59
CA SER F 208 14.00 32.93 30.22
C SER F 208 12.85 32.83 29.21
N ARG F 209 11.75 32.18 29.59
CA ARG F 209 10.57 32.13 28.74
C ARG F 209 9.88 33.49 28.55
N PHE F 210 9.53 34.20 29.62
CA PHE F 210 8.83 35.48 29.43
C PHE F 210 9.69 36.68 29.09
N LEU F 211 10.99 36.58 29.30
CA LEU F 211 11.89 37.67 28.93
C LEU F 211 12.12 37.67 27.41
N LYS F 212 12.06 38.84 26.79
CA LYS F 212 12.40 38.98 25.38
C LYS F 212 13.89 38.75 25.17
N VAL F 213 14.26 38.35 23.95
CA VAL F 213 15.66 38.25 23.58
C VAL F 213 16.30 39.61 23.75
N GLY F 214 17.41 39.65 24.46
CA GLY F 214 18.05 40.90 24.80
C GLY F 214 17.52 41.50 26.10
N GLY F 215 16.50 40.86 26.68
CA GLY F 215 15.98 41.27 27.97
C GLY F 215 17.01 41.10 29.08
N ARG F 216 16.75 41.67 30.25
CA ARG F 216 17.72 41.57 31.33
C ARG F 216 17.15 40.98 32.62
N TYR F 217 17.97 40.19 33.29
CA TYR F 217 17.60 39.60 34.57
C TYR F 217 18.64 39.95 35.62
N VAL F 218 18.20 40.16 36.85
CA VAL F 218 19.10 40.39 37.99
C VAL F 218 18.59 39.65 39.22
N THR F 219 19.52 39.11 40.01
CA THR F 219 19.18 38.65 41.36
C THR F 219 20.18 39.15 42.38
N ILE F 220 19.67 39.44 43.57
CA ILE F 220 20.49 39.57 44.75
C ILE F 220 20.05 38.46 45.66
N THR F 221 21.01 37.66 46.12
CA THR F 221 20.69 36.45 46.84
C THR F 221 21.75 36.18 47.89
N GLY F 222 21.36 35.43 48.92
CA GLY F 222 22.34 34.84 49.80
C GLY F 222 22.54 33.41 49.30
N CYS F 223 23.77 33.06 48.94
CA CYS F 223 24.04 31.70 48.47
C CYS F 223 25.15 31.10 49.32
N TRP F 224 25.18 29.78 49.48
CA TRP F 224 26.33 29.21 50.15
C TRP F 224 27.53 29.16 49.21
N ASN F 225 28.72 29.38 49.77
CA ASN F 225 29.93 29.47 48.99
C ASN F 225 30.50 28.08 48.72
N PRO F 226 30.56 27.68 47.44
CA PRO F 226 31.09 26.35 47.10
C PRO F 226 32.55 26.20 47.56
N ARG F 227 33.27 27.30 47.74
CA ARG F 227 34.62 27.24 48.31
C ARG F 227 34.61 26.60 49.69
N TYR F 228 33.53 26.79 50.44
CA TYR F 228 33.43 26.24 51.80
C TYR F 228 33.26 24.72 51.75
N GLY F 229 32.52 24.23 50.75
CA GLY F 229 32.42 22.81 50.49
C GLY F 229 30.99 22.33 50.44
N GLN F 230 30.28 22.55 51.54
CA GLN F 230 28.85 22.25 51.69
C GLN F 230 28.27 23.29 52.65
N PRO F 231 26.94 23.35 52.76
CA PRO F 231 26.27 24.29 53.67
C PRO F 231 26.73 24.14 55.12
N SER F 232 27.24 25.21 55.74
CA SER F 232 27.67 25.14 57.12
C SER F 232 26.47 25.10 58.05
N LYS F 233 26.75 24.91 59.34
CA LYS F 233 25.72 24.97 60.37
C LYS F 233 24.94 26.29 60.32
N TRP F 234 25.65 27.40 60.08
CA TRP F 234 25.01 28.71 60.02
C TRP F 234 24.00 28.82 58.89
N VAL F 235 24.41 28.38 57.70
CA VAL F 235 23.52 28.38 56.56
C VAL F 235 22.26 27.56 56.85
N SER F 236 22.42 26.40 57.47
CA SER F 236 21.29 25.52 57.79
C SER F 236 20.35 26.16 58.82
N GLN F 237 20.93 26.83 59.82
CA GLN F 237 20.14 27.59 60.78
C GLN F 237 19.31 28.66 60.07
N ILE F 238 19.90 29.29 59.04
CA ILE F 238 19.16 30.28 58.27
C ILE F 238 18.00 29.60 57.52
N ASN F 239 18.29 28.50 56.83
CA ASN F 239 17.23 27.72 56.17
C ASN F 239 16.08 27.38 57.10
N ALA F 240 16.39 26.90 58.31
CA ALA F 240 15.34 26.55 59.27
C ALA F 240 14.53 27.77 59.69
N HIS F 241 15.20 28.88 59.94
CA HIS F 241 14.55 30.11 60.33
C HIS F 241 13.50 30.56 59.30
N PHE F 242 13.91 30.59 58.03
CA PHE F 242 13.04 31.09 56.97
C PHE F 242 12.30 29.97 56.22
N GLU F 243 12.58 28.73 56.57
CA GLU F 243 11.99 27.59 55.87
C GLU F 243 12.35 27.65 54.38
N CYS F 244 13.56 28.13 54.12
CA CYS F 244 14.04 28.30 52.76
C CYS F 244 15.07 27.20 52.40
N ASN F 245 15.61 27.28 51.19
CA ASN F 245 16.54 26.27 50.67
C ASN F 245 17.67 26.99 49.92
N ILE F 246 18.57 27.62 50.67
CA ILE F 246 19.67 28.36 50.13
C ILE F 246 20.51 27.51 49.16
N HIS F 247 20.80 28.06 47.99
CA HIS F 247 21.55 27.34 46.97
C HIS F 247 23.00 27.77 46.94
N SER F 248 23.83 26.93 46.34
CA SER F 248 25.25 27.22 46.15
C SER F 248 25.43 28.19 45.00
N ARG F 249 26.48 28.99 45.06
CA ARG F 249 26.78 29.90 43.96
C ARG F 249 26.98 29.08 42.69
N ARG F 250 27.48 27.85 42.84
CA ARG F 250 27.70 26.97 41.69
C ARG F 250 26.38 26.65 40.97
N GLU F 251 25.33 26.39 41.73
CA GLU F 251 24.01 26.10 41.18
C GLU F 251 23.37 27.29 40.47
N TYR F 252 23.62 28.52 40.96
CA TYR F 252 23.10 29.69 40.26
C TYR F 252 23.66 29.78 38.85
N LEU F 253 24.97 29.61 38.73
CA LEU F 253 25.63 29.83 37.45
C LEU F 253 25.34 28.69 36.47
N ARG F 254 25.16 27.50 37.02
CA ARG F 254 24.80 26.32 36.22
C ARG F 254 23.37 26.45 35.69
N ALA F 255 22.45 26.84 36.55
CA ALA F 255 21.06 26.97 36.15
C ALA F 255 20.86 28.10 35.12
N MET F 256 21.65 29.16 35.23
CA MET F 256 21.62 30.22 34.21
C MET F 256 22.18 29.73 32.87
N ALA F 257 23.35 29.10 32.92
CA ALA F 257 23.99 28.55 31.72
C ALA F 257 23.02 27.64 31.00
N ASP F 258 22.19 26.93 31.76
CA ASP F 258 21.29 25.93 31.20
C ASP F 258 20.00 26.53 30.67
N ASN F 259 19.80 27.83 30.88
CA ASN F 259 18.53 28.48 30.53
C ASN F 259 18.69 29.79 29.76
N ARG F 260 19.77 29.89 28.99
CA ARG F 260 19.96 31.06 28.14
C ARG F 260 20.09 32.38 28.88
N LEU F 261 20.51 32.34 30.15
CA LEU F 261 20.85 33.56 30.86
C LEU F 261 22.36 33.62 31.05
N VAL F 262 22.96 34.69 30.54
CA VAL F 262 24.41 34.85 30.58
C VAL F 262 24.77 36.04 31.46
N PRO F 263 25.37 35.79 32.65
CA PRO F 263 25.82 36.89 33.51
C PRO F 263 26.73 37.86 32.77
N HIS F 264 26.50 39.15 32.94
CA HIS F 264 27.43 40.15 32.46
C HIS F 264 28.13 40.84 33.64
N THR F 265 27.54 40.68 34.82
CA THR F 265 28.04 41.31 36.03
C THR F 265 27.75 40.41 37.23
N ILE F 266 28.80 40.09 37.97
CA ILE F 266 28.66 39.41 39.24
C ILE F 266 29.48 40.21 40.24
N VAL F 267 28.91 40.45 41.41
CA VAL F 267 29.53 41.25 42.47
C VAL F 267 29.30 40.57 43.80
N ASP F 268 30.38 40.29 44.53
CA ASP F 268 30.25 39.76 45.87
C ASP F 268 30.01 40.93 46.83
N LEU F 269 28.78 41.03 47.31
CA LEU F 269 28.35 42.16 48.15
C LEU F 269 28.48 41.84 49.65
N THR F 270 29.17 40.75 49.97
CA THR F 270 29.33 40.33 51.36
C THR F 270 29.99 41.41 52.22
N PRO F 271 31.12 41.98 51.76
CA PRO F 271 31.75 43.04 52.55
C PRO F 271 30.81 44.22 52.70
N ASP F 272 29.93 44.41 51.72
CA ASP F 272 29.07 45.58 51.64
C ASP F 272 27.81 45.47 52.51
N THR F 273 27.47 44.24 52.90
CA THR F 273 26.24 44.01 53.67
C THR F 273 26.53 43.78 55.15
N LEU F 274 27.80 43.56 55.49
CA LEU F 274 28.20 43.37 56.89
C LEU F 274 27.90 44.59 57.77
N PRO F 275 28.23 45.80 57.31
CA PRO F 275 27.83 46.97 58.11
C PRO F 275 26.35 46.95 58.49
N TYR F 276 25.48 46.63 57.53
CA TYR F 276 24.04 46.60 57.81
C TYR F 276 23.67 45.58 58.87
N TRP F 277 24.32 44.43 58.86
CA TRP F 277 24.00 43.38 59.82
C TRP F 277 24.55 43.67 61.21
N GLU F 278 25.76 44.19 61.27
CA GLU F 278 26.42 44.54 62.51
C GLU F 278 25.65 45.65 63.25
N LEU F 279 25.09 46.59 62.50
CA LEU F 279 24.25 47.63 63.08
C LEU F 279 22.93 47.02 63.53
N ARG F 280 22.29 46.26 62.65
CA ARG F 280 21.03 45.62 62.98
C ARG F 280 21.12 44.77 64.26
N ALA F 281 22.26 44.11 64.44
CA ALA F 281 22.49 43.26 65.61
C ALA F 281 22.36 44.04 66.92
N THR F 282 22.76 45.31 66.90
CA THR F 282 22.68 46.17 68.08
C THR F 282 21.31 46.83 68.19
N SER F 283 20.46 46.59 67.20
CA SER F 283 19.13 47.16 67.18
C SER F 283 18.26 46.45 68.20
N SER F 284 17.05 46.96 68.40
CA SER F 284 16.09 46.31 69.27
C SER F 284 15.08 45.57 68.41
N LEU F 285 15.26 45.66 67.10
CA LEU F 285 14.39 44.96 66.16
C LEU F 285 15.04 43.66 65.67
N VAL F 286 16.15 43.28 66.30
CA VAL F 286 16.78 41.99 66.04
C VAL F 286 15.73 40.88 66.05
N THR F 287 15.91 39.87 65.21
CA THR F 287 15.00 38.73 65.17
C THR F 287 15.68 37.47 65.67
N GLY F 288 16.98 37.55 65.95
CA GLY F 288 17.72 36.40 66.47
C GLY F 288 18.44 35.55 65.43
N ILE F 289 18.40 35.95 64.16
CA ILE F 289 19.16 35.26 63.12
C ILE F 289 20.40 36.06 62.72
N GLU F 290 20.55 37.24 63.32
CA GLU F 290 21.66 38.12 62.99
C GLU F 290 22.99 37.41 63.17
N LYS F 291 23.08 36.60 64.22
CA LYS F 291 24.33 35.91 64.50
C LYS F 291 24.70 34.96 63.36
N ALA F 292 23.72 34.20 62.88
CA ALA F 292 23.96 33.24 61.80
C ALA F 292 24.46 33.94 60.52
N PHE F 293 23.86 35.07 60.18
CA PHE F 293 24.33 35.85 59.03
C PHE F 293 25.76 36.36 59.21
N ILE F 294 25.96 37.14 60.27
CA ILE F 294 27.28 37.72 60.53
C ILE F 294 28.40 36.68 60.55
N GLU F 295 28.21 35.61 61.34
CA GLU F 295 29.20 34.54 61.47
C GLU F 295 29.52 33.85 60.15
N SER F 296 28.49 33.60 59.35
CA SER F 296 28.66 32.85 58.11
C SER F 296 29.29 33.74 57.03
N TYR F 297 28.91 35.01 57.01
CA TYR F 297 29.56 35.98 56.12
C TYR F 297 31.04 36.08 56.46
N ARG F 298 31.34 36.13 57.76
CA ARG F 298 32.75 36.26 58.20
C ARG F 298 33.60 35.02 57.96
N ASP F 299 33.03 33.82 58.15
CA ASP F 299 33.83 32.60 58.03
C ASP F 299 33.90 32.06 56.59
N GLY F 300 33.17 32.71 55.69
CA GLY F 300 33.27 32.39 54.27
C GLY F 300 32.31 31.30 53.80
N SER F 301 31.45 30.80 54.69
CA SER F 301 30.54 29.71 54.32
C SER F 301 29.33 30.23 53.53
N PHE F 302 29.02 31.50 53.74
CA PHE F 302 27.82 32.11 53.18
C PHE F 302 28.22 33.45 52.56
N GLN F 303 27.53 33.85 51.50
CA GLN F 303 27.89 35.08 50.80
C GLN F 303 26.65 35.74 50.21
N TYR F 304 26.74 37.06 50.02
CA TYR F 304 25.65 37.84 49.48
C TYR F 304 26.12 38.36 48.12
N VAL F 305 25.36 38.06 47.08
CA VAL F 305 25.88 38.30 45.73
C VAL F 305 24.85 38.93 44.82
N LEU F 306 25.33 39.70 43.87
CA LEU F 306 24.47 40.21 42.81
C LEU F 306 24.91 39.54 41.52
N ILE F 307 23.95 39.02 40.78
CA ILE F 307 24.21 38.46 39.46
C ILE F 307 23.24 39.09 38.48
N ALA F 308 23.77 39.73 37.45
CA ALA F 308 22.96 40.37 36.44
C ALA F 308 23.30 39.71 35.11
N ALA F 309 22.29 39.27 34.37
CA ALA F 309 22.48 38.47 33.16
C ALA F 309 21.62 38.93 31.99
N ASP F 310 22.11 38.66 30.77
CA ASP F 310 21.32 38.92 29.56
C ASP F 310 20.57 37.66 29.15
N ARG F 311 19.35 37.83 28.66
CA ARG F 311 18.59 36.76 28.04
C ARG F 311 19.02 36.66 26.57
N VAL F 312 19.72 35.60 26.20
CA VAL F 312 20.28 35.48 24.84
C VAL F 312 19.55 34.42 24.03
N PRO G 35 9.04 -12.36 -43.24
CA PRO G 35 7.78 -12.81 -42.63
C PRO G 35 6.77 -13.23 -43.70
N ALA G 36 6.51 -14.53 -43.83
CA ALA G 36 5.64 -15.03 -44.89
C ALA G 36 4.22 -14.51 -44.74
N PRO G 37 3.51 -14.31 -45.88
CA PRO G 37 2.11 -13.87 -45.93
C PRO G 37 1.16 -14.88 -45.28
N ALA G 38 0.15 -14.37 -44.58
CA ALA G 38 -0.79 -15.23 -43.86
C ALA G 38 -1.72 -15.94 -44.84
N THR G 39 -2.09 -15.22 -45.88
CA THR G 39 -3.08 -15.69 -46.84
C THR G 39 -2.77 -15.10 -48.20
N PRO G 40 -3.34 -15.70 -49.26
CA PRO G 40 -3.24 -15.11 -50.58
C PRO G 40 -3.75 -13.67 -50.60
N TYR G 41 -4.80 -13.36 -49.83
CA TYR G 41 -5.34 -12.00 -49.84
C TYR G 41 -4.34 -11.03 -49.24
N GLN G 42 -3.76 -11.38 -48.10
CA GLN G 42 -2.77 -10.51 -47.47
C GLN G 42 -1.53 -10.37 -48.33
N GLU G 43 -1.23 -11.39 -49.11
CA GLU G 43 -0.15 -11.24 -50.08
C GLU G 43 -0.52 -10.15 -51.10
N ASP G 44 -1.76 -10.20 -51.61
CA ASP G 44 -2.25 -9.13 -52.49
C ASP G 44 -2.07 -7.74 -51.89
N ILE G 45 -2.43 -7.61 -50.62
CA ILE G 45 -2.41 -6.32 -49.94
C ILE G 45 -0.97 -5.81 -49.65
N ALA G 46 -0.05 -6.72 -49.33
CA ALA G 46 1.35 -6.30 -49.21
C ALA G 46 1.85 -5.77 -50.56
N ARG G 47 1.57 -6.52 -51.62
CA ARG G 47 1.96 -6.07 -52.96
C ARG G 47 1.36 -4.69 -53.26
N TYR G 48 0.06 -4.53 -53.00
CA TYR G 48 -0.61 -3.26 -53.27
C TYR G 48 0.13 -2.10 -52.60
N TRP G 49 0.42 -2.25 -51.32
CA TRP G 49 1.07 -1.15 -50.58
C TRP G 49 2.57 -0.99 -50.84
N ASN G 50 3.24 -2.07 -51.22
CA ASN G 50 4.63 -1.97 -51.64
C ASN G 50 4.78 -1.15 -52.92
N ASN G 51 3.73 -1.15 -53.72
CA ASN G 51 3.79 -0.51 -55.02
C ASN G 51 3.16 0.88 -55.06
N GLU G 52 2.32 1.19 -54.09
CA GLU G 52 1.62 2.48 -54.07
C GLU G 52 2.61 3.64 -54.02
N ALA G 53 2.26 4.72 -54.72
CA ALA G 53 3.12 5.91 -54.79
C ALA G 53 2.35 7.04 -55.48
N ARG G 54 1.13 7.28 -55.04
CA ARG G 54 0.30 8.29 -55.68
C ARG G 54 0.68 9.68 -55.21
N PRO G 55 0.64 10.66 -56.14
CA PRO G 55 0.91 12.06 -55.83
C PRO G 55 0.05 12.55 -54.66
N VAL G 56 -1.22 12.16 -54.66
CA VAL G 56 -2.16 12.64 -53.64
C VAL G 56 -1.67 12.28 -52.23
N ASN G 57 -0.86 11.23 -52.12
CA ASN G 57 -0.31 10.84 -50.83
C ASN G 57 1.12 11.37 -50.60
N LEU G 58 1.97 11.30 -51.62
CA LEU G 58 3.36 11.72 -51.47
C LEU G 58 3.49 13.24 -51.31
N ARG G 59 2.76 13.97 -52.13
CA ARG G 59 2.88 15.44 -52.14
C ARG G 59 2.39 16.07 -50.85
N LEU G 60 1.34 15.49 -50.25
CA LEU G 60 0.81 16.02 -48.98
C LEU G 60 1.79 15.81 -47.82
N GLY G 61 2.40 14.63 -47.78
CA GLY G 61 3.36 14.34 -46.71
C GLY G 61 4.62 15.17 -46.84
N ASP G 62 4.98 15.51 -48.08
CA ASP G 62 6.15 16.35 -48.36
C ASP G 62 6.09 17.69 -47.61
N VAL G 63 4.87 18.18 -47.40
CA VAL G 63 4.67 19.46 -46.72
C VAL G 63 5.46 19.59 -45.41
N ASP G 64 5.28 18.64 -44.49
CA ASP G 64 5.94 18.71 -43.19
C ASP G 64 6.51 17.37 -42.69
N GLY G 65 6.56 16.38 -43.58
CA GLY G 65 7.19 15.12 -43.23
C GLY G 65 6.28 14.12 -42.52
N LEU G 66 5.00 14.44 -42.43
CA LEU G 66 4.00 13.53 -41.85
C LEU G 66 3.25 12.81 -42.96
N TYR G 67 3.55 11.52 -43.17
CA TYR G 67 2.99 10.80 -44.31
C TYR G 67 1.76 9.97 -43.94
N HIS G 68 0.60 10.43 -44.39
CA HIS G 68 -0.68 9.83 -44.04
C HIS G 68 -1.28 9.06 -45.22
N HIS G 69 -2.08 8.04 -44.91
CA HIS G 69 -2.92 7.37 -45.88
C HIS G 69 -4.33 7.28 -45.30
N HIS G 70 -4.90 8.43 -44.98
CA HIS G 70 -6.28 8.48 -44.52
C HIS G 70 -6.83 9.83 -44.97
N TYR G 71 -8.15 9.99 -44.84
CA TYR G 71 -8.82 11.17 -45.35
C TYR G 71 -8.95 12.28 -44.30
N GLY G 72 -9.49 13.43 -44.70
CA GLY G 72 -9.52 14.57 -43.80
C GLY G 72 -10.89 14.88 -43.25
N ILE G 73 -10.92 15.68 -42.20
CA ILE G 73 -12.17 16.20 -41.66
C ILE G 73 -12.02 17.69 -41.32
N GLY G 74 -13.15 18.39 -41.27
CA GLY G 74 -13.14 19.78 -40.86
C GLY G 74 -13.40 20.68 -42.04
N PRO G 75 -13.87 21.91 -41.76
CA PRO G 75 -14.17 22.94 -42.76
C PRO G 75 -12.93 23.36 -43.53
N VAL G 76 -13.12 23.66 -44.81
CA VAL G 76 -12.03 24.14 -45.65
C VAL G 76 -11.72 25.61 -45.36
N ASP G 77 -10.43 25.94 -45.29
CA ASP G 77 -9.99 27.30 -45.04
C ASP G 77 -9.86 28.06 -46.37
N ARG G 78 -10.93 28.74 -46.77
CA ARG G 78 -10.96 29.46 -48.04
C ARG G 78 -9.94 30.60 -48.11
N ALA G 79 -9.74 31.28 -46.99
CA ALA G 79 -8.77 32.38 -46.95
C ALA G 79 -7.38 31.87 -47.28
N ALA G 80 -7.02 30.73 -46.71
CA ALA G 80 -5.71 30.13 -46.93
C ALA G 80 -5.53 29.69 -48.38
N LEU G 81 -6.62 29.25 -49.01
CA LEU G 81 -6.58 28.80 -50.39
C LEU G 81 -6.31 29.94 -51.37
N GLY G 82 -6.71 31.14 -50.99
CA GLY G 82 -6.49 32.32 -51.84
C GLY G 82 -7.35 32.29 -53.09
N ASP G 83 -6.92 33.00 -54.12
CA ASP G 83 -7.66 33.01 -55.38
C ASP G 83 -7.35 31.76 -56.20
N PRO G 84 -8.39 31.09 -56.69
CA PRO G 84 -8.32 29.83 -57.44
C PRO G 84 -7.57 29.95 -58.77
N GLU G 85 -7.53 31.15 -59.34
CA GLU G 85 -6.90 31.35 -60.65
C GLU G 85 -5.39 31.57 -60.53
N HIS G 86 -4.91 31.81 -59.31
CA HIS G 86 -3.50 32.05 -59.09
C HIS G 86 -2.65 30.80 -59.35
N SER G 87 -1.37 31.02 -59.62
CA SER G 87 -0.46 29.95 -60.01
C SER G 87 -0.01 29.07 -58.85
N GLU G 88 -0.17 29.58 -57.63
CA GLU G 88 0.24 28.83 -56.44
C GLU G 88 -0.91 28.03 -55.86
N TYR G 89 -2.04 28.00 -56.56
CA TYR G 89 -3.25 27.38 -56.05
C TYR G 89 -3.13 25.88 -55.78
N GLU G 90 -2.53 25.12 -56.70
CA GLU G 90 -2.39 23.69 -56.50
C GLU G 90 -1.51 23.39 -55.28
N LYS G 91 -0.50 24.22 -55.05
CA LYS G 91 0.36 24.09 -53.88
C LYS G 91 -0.43 24.38 -52.60
N LYS G 92 -1.36 25.33 -52.70
CA LYS G 92 -2.23 25.68 -51.58
C LYS G 92 -3.18 24.54 -51.24
N VAL G 93 -3.75 23.93 -52.28
CA VAL G 93 -4.65 22.78 -52.11
C VAL G 93 -3.90 21.65 -51.41
N ILE G 94 -2.71 21.34 -51.93
CA ILE G 94 -1.85 20.32 -51.30
C ILE G 94 -1.70 20.58 -49.80
N ALA G 95 -1.48 21.84 -49.45
CA ALA G 95 -1.30 22.21 -48.04
C ALA G 95 -2.59 22.02 -47.25
N GLU G 96 -3.72 22.41 -47.85
CA GLU G 96 -5.00 22.35 -47.14
C GLU G 96 -5.46 20.90 -46.92
N LEU G 97 -5.47 20.11 -47.98
CA LEU G 97 -5.83 18.71 -47.85
C LEU G 97 -4.95 18.04 -46.79
N HIS G 98 -3.65 18.32 -46.82
CA HIS G 98 -2.76 17.77 -45.80
C HIS G 98 -3.14 18.21 -44.39
N ARG G 99 -3.62 19.45 -44.25
CA ARG G 99 -4.05 19.93 -42.94
C ARG G 99 -5.27 19.15 -42.45
N LEU G 100 -6.24 18.96 -43.34
CA LEU G 100 -7.46 18.22 -43.02
C LEU G 100 -7.16 16.76 -42.60
N GLU G 101 -6.15 16.17 -43.23
CA GLU G 101 -5.75 14.79 -42.93
C GLU G 101 -5.05 14.68 -41.59
N SER G 102 -4.20 15.65 -41.26
CA SER G 102 -3.57 15.68 -39.94
C SER G 102 -4.61 15.98 -38.87
N ALA G 103 -5.60 16.78 -39.22
CA ALA G 103 -6.66 17.13 -38.27
C ALA G 103 -7.46 15.88 -37.91
N GLN G 104 -7.64 15.01 -38.90
CA GLN G 104 -8.33 13.74 -38.70
C GLN G 104 -7.56 12.89 -37.68
N ALA G 105 -6.24 12.87 -37.83
CA ALA G 105 -5.41 12.12 -36.91
C ALA G 105 -5.43 12.73 -35.49
N GLU G 106 -5.46 14.06 -35.39
CA GLU G 106 -5.49 14.67 -34.06
C GLU G 106 -6.81 14.35 -33.35
N PHE G 107 -7.90 14.32 -34.11
CA PHE G 107 -9.21 13.95 -33.58
C PHE G 107 -9.21 12.50 -33.09
N LEU G 108 -8.67 11.58 -33.88
CA LEU G 108 -8.52 10.20 -33.41
C LEU G 108 -7.84 10.18 -32.03
N MET G 109 -6.69 10.84 -31.94
CA MET G 109 -5.90 10.81 -30.71
C MET G 109 -6.57 11.51 -29.54
N ASP G 110 -7.53 12.39 -29.83
CA ASP G 110 -8.33 12.98 -28.78
C ASP G 110 -9.10 11.90 -28.00
N HIS G 111 -9.26 10.73 -28.61
CA HIS G 111 -10.04 9.65 -27.99
C HIS G 111 -9.19 8.53 -27.41
N LEU G 112 -7.87 8.72 -27.40
CA LEU G 112 -6.98 7.67 -26.90
C LEU G 112 -6.77 7.73 -25.39
N GLY G 113 -7.43 8.67 -24.73
CA GLY G 113 -7.22 8.89 -23.31
C GLY G 113 -5.85 9.48 -23.04
N GLN G 114 -5.38 9.32 -21.80
CA GLN G 114 -4.07 9.82 -21.41
C GLN G 114 -3.02 8.73 -21.59
N ALA G 115 -1.87 9.13 -22.16
CA ALA G 115 -0.75 8.22 -22.31
C ALA G 115 0.54 9.00 -22.13
N GLY G 116 1.56 8.35 -21.58
CA GLY G 116 2.83 9.01 -21.33
C GLY G 116 4.01 8.18 -21.76
N PRO G 117 5.22 8.62 -21.39
CA PRO G 117 6.48 8.03 -21.84
C PRO G 117 6.62 6.55 -21.49
N ASP G 118 6.01 6.12 -20.40
CA ASP G 118 6.16 4.74 -19.96
C ASP G 118 5.18 3.78 -20.65
N ASP G 119 4.27 4.34 -21.45
CA ASP G 119 3.25 3.52 -22.11
C ASP G 119 3.66 3.09 -23.50
N THR G 120 3.07 1.99 -23.97
CA THR G 120 3.22 1.56 -25.35
C THR G 120 1.91 1.71 -26.11
N LEU G 121 1.97 2.34 -27.29
CA LEU G 121 0.81 2.49 -28.15
C LEU G 121 1.04 1.72 -29.44
N VAL G 122 -0.04 1.18 -30.00
CA VAL G 122 0.04 0.38 -31.22
C VAL G 122 -0.78 0.97 -32.36
N ASP G 123 -0.12 1.19 -33.50
CA ASP G 123 -0.79 1.60 -34.73
C ASP G 123 -0.99 0.38 -35.61
N ALA G 124 -2.21 -0.15 -35.65
CA ALA G 124 -2.49 -1.35 -36.43
C ALA G 124 -2.76 -0.98 -37.88
N GLY G 125 -1.86 -1.39 -38.78
CA GLY G 125 -1.94 -1.00 -40.18
C GLY G 125 -1.44 0.42 -40.34
N CYS G 126 -0.14 0.61 -40.11
CA CYS G 126 0.42 1.92 -39.80
C CYS G 126 0.82 2.80 -41.00
N GLY G 127 0.72 2.26 -42.21
CA GLY G 127 1.08 3.00 -43.41
C GLY G 127 2.52 3.48 -43.37
N ARG G 128 2.76 4.73 -43.74
CA ARG G 128 4.11 5.28 -43.78
C ARG G 128 4.56 5.87 -42.45
N GLY G 129 3.70 5.82 -41.44
CA GLY G 129 4.07 6.19 -40.08
C GLY G 129 3.78 7.60 -39.59
N GLY G 130 3.05 8.40 -40.37
CA GLY G 130 2.76 9.77 -39.98
C GLY G 130 1.99 9.86 -38.68
N SER G 131 1.04 8.94 -38.47
CA SER G 131 0.28 8.89 -37.22
C SER G 131 1.16 8.56 -36.02
N MET G 132 2.11 7.66 -36.22
CA MET G 132 3.01 7.25 -35.14
C MET G 132 3.91 8.41 -34.69
N VAL G 133 4.32 9.25 -35.63
CA VAL G 133 5.11 10.45 -35.31
C VAL G 133 4.28 11.45 -34.50
N MET G 134 3.07 11.72 -34.97
CA MET G 134 2.17 12.62 -34.25
C MET G 134 1.84 12.13 -32.85
N ALA G 135 1.69 10.81 -32.69
CA ALA G 135 1.37 10.24 -31.38
C ALA G 135 2.54 10.39 -30.42
N HIS G 136 3.76 10.14 -30.89
CA HIS G 136 4.92 10.24 -30.02
C HIS G 136 5.17 11.69 -29.63
N ARG G 137 4.97 12.61 -30.56
CA ARG G 137 5.11 14.04 -30.28
C ARG G 137 4.09 14.45 -29.23
N ARG G 138 2.87 13.94 -29.34
CA ARG G 138 1.79 14.34 -28.45
C ARG G 138 1.84 13.71 -27.07
N PHE G 139 2.25 12.44 -27.01
CA PHE G 139 2.20 11.68 -25.76
C PHE G 139 3.59 11.32 -25.21
N GLY G 140 4.57 11.15 -26.09
CA GLY G 140 5.91 10.77 -25.68
C GLY G 140 6.07 9.28 -25.49
N SER G 141 5.00 8.53 -25.73
CA SER G 141 5.01 7.08 -25.51
C SER G 141 5.84 6.35 -26.55
N ARG G 142 6.19 5.12 -26.22
CA ARG G 142 6.71 4.20 -27.22
C ARG G 142 5.55 3.91 -28.20
N VAL G 143 5.83 3.98 -29.49
CA VAL G 143 4.80 3.72 -30.50
C VAL G 143 5.24 2.61 -31.44
N GLU G 144 4.43 1.56 -31.54
CA GLU G 144 4.75 0.42 -32.38
C GLU G 144 3.71 0.32 -33.50
N GLY G 145 4.19 0.29 -34.75
CA GLY G 145 3.30 0.11 -35.87
C GLY G 145 3.49 -1.23 -36.54
N VAL G 146 2.41 -1.78 -37.07
CA VAL G 146 2.50 -2.94 -37.95
C VAL G 146 1.86 -2.64 -39.31
N THR G 147 2.51 -3.16 -40.36
CA THR G 147 2.04 -3.01 -41.74
C THR G 147 2.44 -4.28 -42.50
N LEU G 148 1.75 -4.58 -43.59
CA LEU G 148 2.10 -5.74 -44.41
C LEU G 148 3.19 -5.38 -45.43
N SER G 149 3.47 -4.07 -45.57
CA SER G 149 4.38 -3.56 -46.58
C SER G 149 5.80 -3.26 -46.07
N ALA G 150 6.77 -3.98 -46.61
CA ALA G 150 8.17 -3.74 -46.29
C ALA G 150 8.61 -2.35 -46.71
N ALA G 151 8.08 -1.87 -47.83
CA ALA G 151 8.42 -0.53 -48.32
C ALA G 151 7.96 0.53 -47.33
N GLN G 152 6.72 0.41 -46.86
CA GLN G 152 6.18 1.34 -45.89
C GLN G 152 6.95 1.29 -44.57
N ALA G 153 7.24 0.08 -44.09
CA ALA G 153 7.97 -0.06 -42.83
C ALA G 153 9.32 0.66 -42.91
N ASP G 154 10.12 0.30 -43.90
CA ASP G 154 11.44 0.90 -44.11
C ASP G 154 11.30 2.42 -44.18
N PHE G 155 10.28 2.87 -44.91
CA PHE G 155 10.02 4.29 -45.06
C PHE G 155 9.84 4.93 -43.69
N GLY G 156 8.92 4.37 -42.91
CA GLY G 156 8.61 4.89 -41.60
C GLY G 156 9.81 4.88 -40.68
N ASN G 157 10.55 3.78 -40.69
CA ASN G 157 11.74 3.67 -39.85
C ASN G 157 12.85 4.68 -40.19
N ARG G 158 13.00 4.97 -41.49
CA ARG G 158 13.96 5.98 -41.93
C ARG G 158 13.55 7.36 -41.42
N ARG G 159 12.27 7.66 -41.57
CA ARG G 159 11.72 8.92 -41.10
C ARG G 159 11.94 9.07 -39.59
N ALA G 160 11.82 7.97 -38.84
CA ALA G 160 12.02 8.03 -37.40
C ALA G 160 13.48 8.31 -37.03
N ARG G 161 14.40 7.73 -37.79
CA ARG G 161 15.83 8.01 -37.60
C ARG G 161 16.14 9.46 -37.90
N GLU G 162 15.58 9.96 -39.00
CA GLU G 162 15.79 11.35 -39.39
C GLU G 162 15.32 12.30 -38.30
N LEU G 163 14.29 11.88 -37.57
CA LEU G 163 13.69 12.73 -36.53
C LEU G 163 14.29 12.45 -35.17
N ARG G 164 15.12 11.42 -35.09
CA ARG G 164 15.76 11.03 -33.84
C ARG G 164 14.76 10.54 -32.80
N ILE G 165 13.72 9.85 -33.25
CA ILE G 165 12.74 9.28 -32.33
C ILE G 165 12.63 7.78 -32.52
N ASP G 166 13.63 7.19 -33.16
CA ASP G 166 13.59 5.76 -33.53
C ASP G 166 13.79 4.80 -32.36
N ASP G 167 14.20 5.31 -31.21
CA ASP G 167 14.29 4.46 -30.03
C ASP G 167 12.95 4.41 -29.30
N HIS G 168 11.96 5.14 -29.81
CA HIS G 168 10.61 5.11 -29.27
C HIS G 168 9.57 4.68 -30.29
N VAL G 169 9.87 4.89 -31.57
CA VAL G 169 8.90 4.71 -32.64
C VAL G 169 9.45 3.72 -33.67
N ARG G 170 8.76 2.60 -33.87
CA ARG G 170 9.25 1.55 -34.74
C ARG G 170 8.13 0.93 -35.56
N SER G 171 8.38 0.74 -36.85
CA SER G 171 7.46 0.03 -37.73
C SER G 171 8.02 -1.35 -38.07
N ARG G 172 7.13 -2.32 -38.18
CA ARG G 172 7.51 -3.68 -38.49
C ARG G 172 6.52 -4.25 -39.50
N VAL G 173 6.99 -5.19 -40.32
CA VAL G 173 6.13 -5.93 -41.22
C VAL G 173 5.51 -7.06 -40.43
N CYS G 174 4.21 -7.00 -40.22
CA CYS G 174 3.53 -7.99 -39.40
C CYS G 174 2.02 -7.94 -39.63
N ASN G 175 1.42 -9.11 -39.73
CA ASN G 175 -0.03 -9.21 -39.79
C ASN G 175 -0.65 -8.72 -38.48
N MET G 176 -1.48 -7.69 -38.53
CA MET G 176 -2.03 -7.09 -37.30
C MET G 176 -3.00 -8.00 -36.56
N LEU G 177 -3.44 -9.08 -37.22
CA LEU G 177 -4.27 -10.10 -36.55
C LEU G 177 -3.43 -11.03 -35.66
N ASP G 178 -2.10 -10.94 -35.76
CA ASP G 178 -1.23 -11.89 -35.07
C ASP G 178 0.09 -11.22 -34.75
N THR G 179 0.09 -10.41 -33.70
CA THR G 179 1.23 -9.56 -33.37
C THR G 179 2.04 -10.13 -32.21
N PRO G 180 3.29 -9.68 -32.06
CA PRO G 180 4.20 -10.18 -31.01
C PRO G 180 3.97 -9.50 -29.65
N PHE G 181 3.11 -8.50 -29.61
CA PHE G 181 2.85 -7.79 -28.36
C PHE G 181 2.26 -8.70 -27.29
N ASP G 182 2.76 -8.57 -26.07
CA ASP G 182 2.29 -9.38 -24.95
C ASP G 182 0.88 -9.03 -24.50
N LYS G 183 0.19 -10.05 -24.00
CA LYS G 183 -1.11 -9.87 -23.40
C LYS G 183 -1.06 -8.75 -22.36
N GLY G 184 -1.99 -7.80 -22.47
CA GLY G 184 -2.11 -6.73 -21.49
C GLY G 184 -0.98 -5.72 -21.45
N ALA G 185 -0.10 -5.70 -22.46
CA ALA G 185 1.07 -4.82 -22.43
C ALA G 185 0.83 -3.43 -23.06
N VAL G 186 -0.28 -3.28 -23.78
CA VAL G 186 -0.50 -2.07 -24.57
C VAL G 186 -1.52 -1.13 -23.90
N THR G 187 -1.18 0.16 -23.84
CA THR G 187 -2.07 1.13 -23.22
C THR G 187 -3.21 1.56 -24.12
N ALA G 188 -2.91 1.83 -25.38
CA ALA G 188 -3.93 2.27 -26.33
C ALA G 188 -3.51 1.89 -27.75
N SER G 189 -4.50 1.62 -28.60
CA SER G 189 -4.23 1.18 -29.96
C SER G 189 -5.30 1.72 -30.88
N TRP G 190 -5.02 1.73 -32.17
CA TRP G 190 -5.98 2.25 -33.15
C TRP G 190 -5.84 1.59 -34.53
N ASN G 191 -6.93 1.63 -35.28
CA ASN G 191 -6.91 1.39 -36.72
C ASN G 191 -7.43 2.67 -37.38
N ASN G 192 -6.60 3.29 -38.22
CA ASN G 192 -7.04 4.44 -38.99
C ASN G 192 -7.13 4.03 -40.47
N GLU G 193 -8.36 3.80 -40.94
CA GLU G 193 -8.64 3.32 -42.27
C GLU G 193 -7.83 2.10 -42.65
N SER G 194 -7.80 1.11 -41.75
CA SER G 194 -7.18 -0.18 -42.05
C SER G 194 -8.04 -1.38 -41.63
N THR G 195 -9.22 -1.12 -41.05
CA THR G 195 -10.10 -2.24 -40.64
C THR G 195 -10.73 -2.97 -41.84
N MET G 196 -10.82 -2.30 -42.97
CA MET G 196 -11.46 -2.89 -44.13
C MET G 196 -10.58 -3.93 -44.86
N TYR G 197 -9.44 -4.31 -44.29
CA TYR G 197 -8.61 -5.36 -44.92
C TYR G 197 -8.65 -6.65 -44.13
N VAL G 198 -9.43 -6.69 -43.05
CA VAL G 198 -9.44 -7.87 -42.19
C VAL G 198 -10.82 -8.22 -41.65
N ASP G 199 -10.93 -9.46 -41.18
CA ASP G 199 -12.08 -9.94 -40.39
C ASP G 199 -12.11 -9.18 -39.05
N LEU G 200 -13.22 -8.50 -38.76
CA LEU G 200 -13.30 -7.63 -37.57
C LEU G 200 -13.27 -8.44 -36.27
N HIS G 201 -13.91 -9.61 -36.26
CA HIS G 201 -13.81 -10.45 -35.07
C HIS G 201 -12.38 -10.80 -34.70
N ASP G 202 -11.60 -11.26 -35.66
CA ASP G 202 -10.21 -11.59 -35.42
C ASP G 202 -9.40 -10.32 -35.07
N LEU G 203 -9.71 -9.20 -35.73
CA LEU G 203 -9.03 -7.94 -35.43
C LEU G 203 -9.28 -7.53 -33.99
N PHE G 204 -10.54 -7.46 -33.58
CA PHE G 204 -10.84 -7.03 -32.21
C PHE G 204 -10.45 -8.04 -31.13
N SER G 205 -10.43 -9.32 -31.48
CA SER G 205 -9.86 -10.31 -30.58
C SER G 205 -8.38 -10.02 -30.31
N GLU G 206 -7.64 -9.61 -31.34
CA GLU G 206 -6.21 -9.34 -31.18
C GLU G 206 -5.91 -8.06 -30.36
N HIS G 207 -6.60 -6.97 -30.66
CA HIS G 207 -6.49 -5.75 -29.85
C HIS G 207 -6.86 -6.05 -28.39
N SER G 208 -7.95 -6.78 -28.21
CA SER G 208 -8.42 -7.08 -26.86
C SER G 208 -7.35 -7.87 -26.10
N ARG G 209 -6.65 -8.77 -26.80
CA ARG G 209 -5.58 -9.55 -26.18
C ARG G 209 -4.41 -8.68 -25.69
N PHE G 210 -3.87 -7.81 -26.56
CA PHE G 210 -2.71 -7.01 -26.14
C PHE G 210 -3.02 -5.73 -25.34
N LEU G 211 -4.24 -5.21 -25.45
CA LEU G 211 -4.62 -4.07 -24.63
C LEU G 211 -4.80 -4.48 -23.15
N LYS G 212 -4.25 -3.68 -22.25
CA LYS G 212 -4.47 -3.89 -20.82
C LYS G 212 -5.92 -3.62 -20.48
N VAL G 213 -6.36 -4.19 -19.36
CA VAL G 213 -7.69 -3.88 -18.84
C VAL G 213 -7.76 -2.37 -18.58
N GLY G 214 -8.79 -1.71 -19.09
CA GLY G 214 -8.86 -0.26 -18.96
C GLY G 214 -8.10 0.46 -20.07
N GLY G 215 -7.55 -0.31 -21.01
CA GLY G 215 -6.91 0.30 -22.17
C GLY G 215 -7.95 0.92 -23.08
N ARG G 216 -7.50 1.72 -24.05
CA ARG G 216 -8.42 2.35 -24.99
C ARG G 216 -8.15 1.99 -26.45
N TYR G 217 -9.23 1.82 -27.22
CA TYR G 217 -9.13 1.54 -28.64
C TYR G 217 -9.92 2.58 -29.41
N VAL G 218 -9.44 2.95 -30.59
CA VAL G 218 -10.16 3.85 -31.47
C VAL G 218 -9.99 3.42 -32.92
N THR G 219 -11.08 3.54 -33.69
CA THR G 219 -10.98 3.38 -35.12
C THR G 219 -11.73 4.51 -35.81
N ILE G 220 -11.19 4.94 -36.94
CA ILE G 220 -11.93 5.76 -37.87
C ILE G 220 -12.00 4.94 -39.13
N THR G 221 -13.20 4.81 -39.69
CA THR G 221 -13.40 3.88 -40.78
C THR G 221 -14.50 4.36 -41.69
N GLY G 222 -14.52 3.83 -42.91
CA GLY G 222 -15.67 4.00 -43.78
C GLY G 222 -16.39 2.67 -43.77
N CYS G 223 -17.61 2.65 -43.24
CA CYS G 223 -18.43 1.44 -43.20
C CYS G 223 -19.68 1.68 -44.02
N TRP G 224 -20.25 0.62 -44.59
CA TRP G 224 -21.52 0.79 -45.27
C TRP G 224 -22.65 0.86 -44.25
N ASN G 225 -23.67 1.65 -44.53
CA ASN G 225 -24.72 1.90 -43.54
C ASN G 225 -25.79 0.81 -43.61
N PRO G 226 -25.97 0.07 -42.51
CA PRO G 226 -27.01 -0.95 -42.41
C PRO G 226 -28.39 -0.38 -42.79
N ARG G 227 -28.61 0.92 -42.55
CA ARG G 227 -29.87 1.56 -42.95
C ARG G 227 -30.13 1.42 -44.45
N TYR G 228 -29.07 1.56 -45.25
CA TYR G 228 -29.22 1.42 -46.70
C TYR G 228 -29.63 0.00 -47.10
N GLY G 229 -29.15 -1.01 -46.38
CA GLY G 229 -29.62 -2.37 -46.56
C GLY G 229 -28.52 -3.37 -46.90
N GLN G 230 -27.82 -3.10 -48.00
CA GLN G 230 -26.65 -3.87 -48.41
C GLN G 230 -25.67 -2.87 -49.02
N PRO G 231 -24.42 -3.30 -49.29
CA PRO G 231 -23.43 -2.42 -49.94
C PRO G 231 -23.93 -1.91 -51.29
N SER G 232 -23.95 -0.60 -51.48
CA SER G 232 -24.34 -0.04 -52.78
C SER G 232 -23.27 -0.26 -53.83
N LYS G 233 -23.66 -0.01 -55.08
CA LYS G 233 -22.73 -0.07 -56.20
C LYS G 233 -21.49 0.77 -55.90
N TRP G 234 -21.67 1.92 -55.25
CA TRP G 234 -20.56 2.82 -54.96
C TRP G 234 -19.57 2.20 -54.01
N VAL G 235 -20.10 1.59 -52.95
CA VAL G 235 -19.27 0.93 -51.95
C VAL G 235 -18.45 -0.18 -52.61
N SER G 236 -19.08 -0.93 -53.52
CA SER G 236 -18.41 -2.02 -54.22
C SER G 236 -17.29 -1.47 -55.11
N GLN G 237 -17.53 -0.31 -55.71
CA GLN G 237 -16.48 0.35 -56.52
C GLN G 237 -15.26 0.76 -55.66
N ILE G 238 -15.52 1.19 -54.43
CA ILE G 238 -14.42 1.51 -53.53
C ILE G 238 -13.68 0.21 -53.17
N ASN G 239 -14.43 -0.85 -52.90
CA ASN G 239 -13.82 -2.13 -52.59
C ASN G 239 -12.91 -2.55 -53.74
N ALA G 240 -13.42 -2.46 -54.96
CA ALA G 240 -12.67 -2.87 -56.14
C ALA G 240 -11.43 -1.99 -56.31
N HIS G 241 -11.60 -0.68 -56.14
CA HIS G 241 -10.49 0.27 -56.25
C HIS G 241 -9.33 -0.01 -55.29
N PHE G 242 -9.64 -0.32 -54.03
CA PHE G 242 -8.59 -0.55 -53.04
C PHE G 242 -8.31 -2.03 -52.74
N GLU G 243 -9.07 -2.92 -53.35
CA GLU G 243 -8.97 -4.35 -53.04
C GLU G 243 -9.30 -4.58 -51.57
N CYS G 244 -10.32 -3.88 -51.08
CA CYS G 244 -10.68 -3.98 -49.67
C CYS G 244 -12.07 -4.60 -49.47
N ASN G 245 -12.50 -4.68 -48.22
CA ASN G 245 -13.75 -5.33 -47.88
C ASN G 245 -14.47 -4.49 -46.82
N ILE G 246 -15.09 -3.40 -47.27
CA ILE G 246 -15.82 -2.52 -46.37
C ILE G 246 -16.90 -3.29 -45.60
N HIS G 247 -16.92 -3.08 -44.28
CA HIS G 247 -17.86 -3.76 -43.40
C HIS G 247 -19.03 -2.86 -43.04
N SER G 248 -20.14 -3.46 -42.62
CA SER G 248 -21.25 -2.64 -42.21
C SER G 248 -21.04 -2.12 -40.78
N ARG G 249 -21.64 -0.98 -40.47
CA ARG G 249 -21.54 -0.47 -39.09
C ARG G 249 -22.02 -1.54 -38.09
N ARG G 250 -23.03 -2.30 -38.48
CA ARG G 250 -23.54 -3.36 -37.62
C ARG G 250 -22.44 -4.36 -37.21
N GLU G 251 -21.60 -4.74 -38.18
CA GLU G 251 -20.50 -5.67 -37.95
C GLU G 251 -19.45 -5.13 -37.00
N TYR G 252 -19.17 -3.83 -37.09
CA TYR G 252 -18.19 -3.20 -36.21
C TYR G 252 -18.65 -3.32 -34.77
N LEU G 253 -19.91 -3.03 -34.52
CA LEU G 253 -20.45 -3.05 -33.16
C LEU G 253 -20.58 -4.47 -32.61
N ARG G 254 -20.99 -5.40 -33.47
CA ARG G 254 -21.10 -6.80 -33.09
C ARG G 254 -19.74 -7.36 -32.71
N ALA G 255 -18.73 -7.15 -33.56
CA ALA G 255 -17.40 -7.67 -33.32
C ALA G 255 -16.78 -7.10 -32.04
N MET G 256 -16.99 -5.81 -31.79
CA MET G 256 -16.56 -5.23 -30.53
C MET G 256 -17.25 -5.86 -29.32
N ALA G 257 -18.57 -6.03 -29.41
CA ALA G 257 -19.34 -6.58 -28.26
C ALA G 257 -18.84 -7.99 -27.91
N ASP G 258 -18.46 -8.73 -28.95
CA ASP G 258 -17.99 -10.11 -28.81
C ASP G 258 -16.54 -10.23 -28.34
N ASN G 259 -15.87 -9.08 -28.21
CA ASN G 259 -14.45 -9.07 -27.86
C ASN G 259 -14.03 -8.12 -26.74
N ARG G 260 -14.94 -7.88 -25.79
CA ARG G 260 -14.64 -7.05 -24.61
C ARG G 260 -14.20 -5.62 -24.95
N LEU G 261 -14.61 -5.10 -26.10
CA LEU G 261 -14.40 -3.68 -26.41
C LEU G 261 -15.73 -2.97 -26.34
N VAL G 262 -15.82 -1.96 -25.47
CA VAL G 262 -17.10 -1.29 -25.24
C VAL G 262 -17.04 0.19 -25.64
N PRO G 263 -17.67 0.52 -26.79
CA PRO G 263 -17.72 1.92 -27.25
C PRO G 263 -18.18 2.87 -26.16
N HIS G 264 -17.50 4.01 -26.06
CA HIS G 264 -17.94 5.10 -25.20
C HIS G 264 -18.27 6.34 -26.02
N THR G 265 -17.82 6.36 -27.27
CA THR G 265 -18.04 7.48 -28.17
C THR G 265 -18.16 6.93 -29.57
N ILE G 266 -19.24 7.27 -30.25
CA ILE G 266 -19.38 6.99 -31.68
C ILE G 266 -19.82 8.27 -32.35
N VAL G 267 -19.07 8.70 -33.36
CA VAL G 267 -19.36 9.94 -34.08
C VAL G 267 -19.48 9.67 -35.58
N ASP G 268 -20.57 10.11 -36.19
CA ASP G 268 -20.69 10.01 -37.63
C ASP G 268 -20.00 11.25 -38.22
N LEU G 269 -18.84 11.02 -38.85
CA LEU G 269 -18.01 12.09 -39.39
C LEU G 269 -18.29 12.41 -40.84
N THR G 270 -19.33 11.78 -41.40
CA THR G 270 -19.64 11.99 -42.81
C THR G 270 -19.76 13.50 -43.18
N PRO G 271 -20.58 14.27 -42.45
CA PRO G 271 -20.67 15.69 -42.83
C PRO G 271 -19.30 16.39 -42.73
N ASP G 272 -18.45 15.88 -41.86
CA ASP G 272 -17.16 16.52 -41.59
C ASP G 272 -16.08 16.17 -42.60
N THR G 273 -16.23 15.05 -43.30
CA THR G 273 -15.22 14.66 -44.30
C THR G 273 -15.56 15.12 -45.71
N LEU G 274 -16.82 15.48 -45.95
CA LEU G 274 -17.23 15.91 -47.29
C LEU G 274 -16.46 17.12 -47.84
N PRO G 275 -16.30 18.19 -47.03
CA PRO G 275 -15.50 19.32 -47.51
C PRO G 275 -14.15 18.86 -48.05
N TYR G 276 -13.48 17.97 -47.34
CA TYR G 276 -12.21 17.42 -47.83
C TYR G 276 -12.35 16.76 -49.21
N TRP G 277 -13.38 15.92 -49.35
CA TRP G 277 -13.56 15.23 -50.63
C TRP G 277 -13.91 16.15 -51.78
N GLU G 278 -14.76 17.14 -51.53
CA GLU G 278 -15.15 18.09 -52.58
C GLU G 278 -13.98 18.93 -53.07
N LEU G 279 -13.11 19.33 -52.13
CA LEU G 279 -11.90 20.06 -52.50
C LEU G 279 -10.99 19.16 -53.34
N ARG G 280 -10.72 17.97 -52.84
CA ARG G 280 -9.85 17.03 -53.53
C ARG G 280 -10.36 16.74 -54.95
N ALA G 281 -11.68 16.72 -55.12
CA ALA G 281 -12.30 16.43 -56.42
C ALA G 281 -11.98 17.48 -57.48
N THR G 282 -11.73 18.72 -57.06
CA THR G 282 -11.45 19.83 -57.97
C THR G 282 -9.97 19.96 -58.30
N SER G 283 -9.13 19.11 -57.71
CA SER G 283 -7.68 19.26 -57.84
C SER G 283 -7.06 18.32 -58.87
N SER G 284 -5.76 18.49 -59.10
CA SER G 284 -5.05 17.66 -60.07
C SER G 284 -4.58 16.36 -59.43
N LEU G 285 -4.85 16.22 -58.13
CA LEU G 285 -4.45 15.03 -57.40
C LEU G 285 -5.49 13.91 -57.47
N VAL G 286 -6.62 14.17 -58.13
CA VAL G 286 -7.71 13.19 -58.22
C VAL G 286 -7.21 11.82 -58.64
N THR G 287 -7.68 10.77 -57.97
CA THR G 287 -7.33 9.40 -58.35
C THR G 287 -8.47 8.70 -59.08
N GLY G 288 -9.61 9.35 -59.20
CA GLY G 288 -10.74 8.77 -59.91
C GLY G 288 -11.75 8.05 -59.03
N ILE G 289 -11.48 7.95 -57.73
CA ILE G 289 -12.44 7.32 -56.81
C ILE G 289 -13.28 8.37 -56.08
N GLU G 290 -12.97 9.64 -56.34
CA GLU G 290 -13.63 10.76 -55.66
C GLU G 290 -15.14 10.70 -55.78
N LYS G 291 -15.65 10.46 -56.99
CA LYS G 291 -17.10 10.40 -57.18
C LYS G 291 -17.77 9.34 -56.30
N ALA G 292 -17.16 8.15 -56.21
CA ALA G 292 -17.74 7.05 -55.44
C ALA G 292 -17.92 7.43 -53.97
N PHE G 293 -16.91 8.08 -53.37
CA PHE G 293 -17.03 8.56 -51.99
C PHE G 293 -18.12 9.63 -51.87
N ILE G 294 -18.05 10.65 -52.70
CA ILE G 294 -19.00 11.75 -52.58
C ILE G 294 -20.45 11.29 -52.79
N GLU G 295 -20.70 10.47 -53.80
CA GLU G 295 -22.07 10.02 -54.06
C GLU G 295 -22.63 9.08 -52.97
N SER G 296 -21.77 8.21 -52.44
CA SER G 296 -22.24 7.25 -51.44
C SER G 296 -22.44 7.94 -50.08
N TYR G 297 -21.54 8.86 -49.73
CA TYR G 297 -21.73 9.67 -48.53
C TYR G 297 -23.07 10.41 -48.62
N ARG G 298 -23.32 11.06 -49.75
CA ARG G 298 -24.53 11.85 -49.91
C ARG G 298 -25.82 11.03 -49.96
N ASP G 299 -25.81 9.89 -50.64
CA ASP G 299 -27.03 9.09 -50.76
C ASP G 299 -27.33 8.19 -49.55
N GLY G 300 -26.40 8.13 -48.61
CA GLY G 300 -26.63 7.42 -47.37
C GLY G 300 -26.09 6.00 -47.35
N SER G 301 -25.50 5.54 -48.45
CA SER G 301 -25.09 4.13 -48.54
C SER G 301 -23.79 3.85 -47.78
N PHE G 302 -22.97 4.88 -47.59
CA PHE G 302 -21.63 4.71 -47.06
C PHE G 302 -21.43 5.79 -46.02
N GLN G 303 -20.69 5.51 -44.95
CA GLN G 303 -20.47 6.53 -43.91
C GLN G 303 -19.08 6.48 -43.32
N TYR G 304 -18.64 7.64 -42.83
CA TYR G 304 -17.30 7.81 -42.25
C TYR G 304 -17.51 8.00 -40.76
N VAL G 305 -17.01 7.06 -39.96
CA VAL G 305 -17.34 7.06 -38.53
C VAL G 305 -16.11 6.89 -37.64
N LEU G 306 -16.19 7.43 -36.44
CA LEU G 306 -15.19 7.19 -35.41
C LEU G 306 -15.84 6.37 -34.32
N ILE G 307 -15.18 5.29 -33.90
CA ILE G 307 -15.62 4.50 -32.77
C ILE G 307 -14.49 4.40 -31.76
N ALA G 308 -14.73 4.90 -30.55
CA ALA G 308 -13.78 4.85 -29.46
C ALA G 308 -14.35 3.95 -28.36
N ALA G 309 -13.54 3.05 -27.82
CA ALA G 309 -14.03 2.01 -26.93
C ALA G 309 -13.05 1.70 -25.82
N ASP G 310 -13.57 1.23 -24.68
CA ASP G 310 -12.75 0.78 -23.56
C ASP G 310 -12.53 -0.72 -23.62
N ARG G 311 -11.34 -1.16 -23.23
CA ARG G 311 -11.04 -2.58 -23.08
C ARG G 311 -11.43 -2.95 -21.66
N VAL G 312 -12.49 -3.75 -21.50
CA VAL G 312 -12.98 -4.07 -20.15
C VAL G 312 -13.10 -5.58 -19.88
N ALA H 36 -0.77 -4.85 -7.20
CA ALA H 36 -1.32 -3.79 -8.06
C ALA H 36 -2.80 -4.05 -8.34
N PRO H 37 -3.67 -3.10 -7.94
CA PRO H 37 -5.14 -3.21 -8.01
C PRO H 37 -5.69 -3.33 -9.43
N ALA H 38 -6.37 -4.45 -9.67
CA ALA H 38 -6.93 -4.77 -10.98
C ALA H 38 -7.76 -3.63 -11.57
N THR H 39 -8.59 -3.01 -10.73
CA THR H 39 -9.50 -1.95 -11.18
C THR H 39 -9.77 -1.02 -10.01
N PRO H 40 -10.32 0.18 -10.27
CA PRO H 40 -10.72 1.05 -9.16
C PRO H 40 -11.69 0.38 -8.19
N TYR H 41 -12.65 -0.42 -8.68
CA TYR H 41 -13.58 -1.11 -7.80
C TYR H 41 -12.84 -2.06 -6.88
N GLN H 42 -11.92 -2.83 -7.44
CA GLN H 42 -11.20 -3.79 -6.59
C GLN H 42 -10.31 -3.08 -5.56
N GLU H 43 -9.82 -1.88 -5.88
CA GLU H 43 -9.19 -1.03 -4.87
C GLU H 43 -10.16 -0.72 -3.71
N ASP H 44 -11.37 -0.32 -4.04
CA ASP H 44 -12.40 -0.08 -3.02
C ASP H 44 -12.59 -1.30 -2.12
N ILE H 45 -12.64 -2.48 -2.73
CA ILE H 45 -12.91 -3.69 -1.97
C ILE H 45 -11.72 -4.08 -1.07
N ALA H 46 -10.51 -3.90 -1.58
CA ALA H 46 -9.31 -4.08 -0.74
C ALA H 46 -9.37 -3.17 0.50
N ARG H 47 -9.62 -1.89 0.27
CA ARG H 47 -9.73 -0.91 1.35
C ARG H 47 -10.81 -1.31 2.37
N TYR H 48 -11.98 -1.69 1.86
CA TYR H 48 -13.10 -2.10 2.70
C TYR H 48 -12.68 -3.22 3.66
N TRP H 49 -12.08 -4.28 3.12
CA TRP H 49 -11.71 -5.43 3.95
C TRP H 49 -10.46 -5.19 4.79
N ASN H 50 -9.56 -4.34 4.32
CA ASN H 50 -8.43 -3.94 5.15
C ASN H 50 -8.88 -3.19 6.40
N ASN H 51 -10.00 -2.47 6.29
CA ASN H 51 -10.50 -1.64 7.39
C ASN H 51 -11.50 -2.34 8.31
N GLU H 52 -12.07 -3.45 7.85
CA GLU H 52 -13.12 -4.13 8.60
C GLU H 52 -12.56 -4.90 9.80
N ALA H 53 -13.27 -4.80 10.93
CA ALA H 53 -12.91 -5.56 12.13
C ALA H 53 -14.09 -5.61 13.09
N ARG H 54 -15.25 -6.01 12.58
CA ARG H 54 -16.50 -5.95 13.34
C ARG H 54 -16.58 -7.05 14.40
N PRO H 55 -17.18 -6.70 15.55
CA PRO H 55 -17.34 -7.66 16.65
C PRO H 55 -18.13 -8.88 16.18
N VAL H 56 -19.15 -8.68 15.36
CA VAL H 56 -20.00 -9.79 14.92
C VAL H 56 -19.17 -10.81 14.13
N ASN H 57 -17.95 -10.40 13.79
CA ASN H 57 -17.02 -11.27 13.08
C ASN H 57 -15.94 -11.83 14.00
N LEU H 58 -15.19 -10.92 14.64
CA LEU H 58 -14.07 -11.33 15.50
C LEU H 58 -14.52 -12.04 16.78
N ARG H 59 -15.55 -11.53 17.43
CA ARG H 59 -15.98 -12.15 18.69
C ARG H 59 -16.48 -13.58 18.46
N LEU H 60 -17.17 -13.80 17.34
CA LEU H 60 -17.57 -15.14 16.98
C LEU H 60 -16.32 -16.02 16.75
N GLY H 61 -15.40 -15.52 15.92
CA GLY H 61 -14.17 -16.25 15.67
C GLY H 61 -13.37 -16.53 16.93
N ASP H 62 -13.41 -15.59 17.89
CA ASP H 62 -12.67 -15.72 19.14
C ASP H 62 -13.07 -16.99 19.91
N VAL H 63 -14.22 -17.57 19.58
CA VAL H 63 -14.75 -18.72 20.29
C VAL H 63 -13.83 -19.94 20.19
N ASP H 64 -13.38 -20.24 18.97
CA ASP H 64 -12.56 -21.42 18.74
C ASP H 64 -11.55 -21.19 17.62
N GLY H 65 -11.27 -19.93 17.33
CA GLY H 65 -10.23 -19.56 16.38
C GLY H 65 -10.60 -19.72 14.91
N LEU H 66 -11.88 -20.00 14.64
CA LEU H 66 -12.35 -20.11 13.25
C LEU H 66 -13.04 -18.80 12.84
N TYR H 67 -12.35 -18.01 12.03
CA TYR H 67 -12.81 -16.64 11.73
C TYR H 67 -13.52 -16.58 10.38
N HIS H 68 -14.84 -16.48 10.46
CA HIS H 68 -15.71 -16.54 9.29
C HIS H 68 -16.22 -15.16 8.91
N HIS H 69 -16.56 -14.99 7.63
CA HIS H 69 -17.29 -13.82 7.15
C HIS H 69 -18.41 -14.30 6.24
N HIS H 70 -19.36 -15.04 6.82
CA HIS H 70 -20.53 -15.50 6.09
C HIS H 70 -21.64 -15.80 7.08
N TYR H 71 -22.83 -16.10 6.59
CA TYR H 71 -23.96 -16.21 7.50
C TYR H 71 -24.22 -17.64 7.96
N GLY H 72 -25.25 -17.83 8.79
CA GLY H 72 -25.49 -19.11 9.41
C GLY H 72 -26.69 -19.85 8.84
N ILE H 73 -26.71 -21.17 9.00
CA ILE H 73 -27.89 -21.96 8.65
C ILE H 73 -28.20 -22.97 9.74
N GLY H 74 -29.47 -23.34 9.83
CA GLY H 74 -29.90 -24.34 10.80
C GLY H 74 -30.70 -23.75 11.94
N PRO H 75 -31.48 -24.61 12.60
CA PRO H 75 -32.32 -24.20 13.73
C PRO H 75 -31.45 -23.67 14.86
N VAL H 76 -31.95 -22.66 15.55
CA VAL H 76 -31.31 -22.10 16.73
C VAL H 76 -31.47 -23.03 17.95
N ASP H 77 -30.44 -23.12 18.78
CA ASP H 77 -30.48 -23.96 19.98
C ASP H 77 -31.04 -23.10 21.12
N ARG H 78 -32.36 -23.12 21.27
CA ARG H 78 -33.05 -22.29 22.24
C ARG H 78 -32.58 -22.54 23.69
N ALA H 79 -32.29 -23.79 24.02
CA ALA H 79 -31.84 -24.16 25.37
C ALA H 79 -30.47 -23.58 25.70
N ALA H 80 -29.62 -23.46 24.68
CA ALA H 80 -28.27 -22.92 24.88
C ALA H 80 -28.32 -21.39 25.06
N LEU H 81 -29.39 -20.76 24.60
CA LEU H 81 -29.50 -19.31 24.68
C LEU H 81 -30.01 -18.84 26.04
N GLY H 82 -31.06 -19.49 26.51
CA GLY H 82 -31.66 -19.13 27.79
C GLY H 82 -32.39 -17.81 27.69
N ASP H 83 -32.67 -17.22 28.85
CA ASP H 83 -33.41 -15.97 28.98
C ASP H 83 -32.68 -14.78 28.37
N PRO H 84 -33.33 -14.09 27.42
CA PRO H 84 -32.74 -12.90 26.77
C PRO H 84 -32.44 -11.79 27.77
N GLU H 85 -33.08 -11.85 28.93
CA GLU H 85 -32.98 -10.78 29.93
C GLU H 85 -31.74 -10.94 30.80
N HIS H 86 -31.13 -12.12 30.76
CA HIS H 86 -30.03 -12.44 31.67
C HIS H 86 -28.70 -11.82 31.21
N SER H 87 -27.76 -11.68 32.14
CA SER H 87 -26.51 -10.96 31.89
C SER H 87 -25.56 -11.64 30.89
N GLU H 88 -25.64 -12.96 30.78
CA GLU H 88 -24.73 -13.67 29.89
C GLU H 88 -25.37 -14.04 28.54
N TYR H 89 -26.50 -13.42 28.24
CA TYR H 89 -27.24 -13.71 27.02
C TYR H 89 -26.39 -13.41 25.77
N GLU H 90 -25.74 -12.25 25.75
CA GLU H 90 -24.93 -11.86 24.60
C GLU H 90 -23.80 -12.86 24.36
N LYS H 91 -23.17 -13.29 25.44
CA LYS H 91 -22.16 -14.33 25.32
C LYS H 91 -22.75 -15.62 24.74
N LYS H 92 -24.04 -15.87 25.02
CA LYS H 92 -24.69 -17.07 24.51
C LYS H 92 -25.02 -16.90 23.03
N VAL H 93 -25.48 -15.71 22.66
CA VAL H 93 -25.80 -15.38 21.28
C VAL H 93 -24.56 -15.52 20.39
N ILE H 94 -23.45 -14.92 20.81
CA ILE H 94 -22.18 -15.03 20.11
C ILE H 94 -21.81 -16.49 19.82
N ALA H 95 -21.86 -17.35 20.82
CA ALA H 95 -21.51 -18.75 20.62
C ALA H 95 -22.47 -19.47 19.66
N GLU H 96 -23.73 -19.07 19.71
CA GLU H 96 -24.76 -19.72 18.92
C GLU H 96 -24.72 -19.25 17.45
N LEU H 97 -24.53 -17.95 17.24
CA LEU H 97 -24.36 -17.43 15.89
C LEU H 97 -23.12 -18.05 15.26
N HIS H 98 -22.08 -18.25 16.05
CA HIS H 98 -20.85 -18.84 15.54
C HIS H 98 -21.06 -20.30 15.14
N ARG H 99 -21.81 -21.03 15.96
CA ARG H 99 -22.13 -22.41 15.66
C ARG H 99 -22.81 -22.55 14.29
N LEU H 100 -23.74 -21.63 14.01
CA LEU H 100 -24.55 -21.67 12.80
C LEU H 100 -23.71 -21.28 11.59
N GLU H 101 -22.80 -20.32 11.77
CA GLU H 101 -21.89 -19.91 10.71
C GLU H 101 -20.92 -21.03 10.38
N SER H 102 -20.43 -21.73 11.39
CA SER H 102 -19.59 -22.90 11.14
C SER H 102 -20.39 -24.04 10.50
N ALA H 103 -21.65 -24.21 10.87
CA ALA H 103 -22.46 -25.27 10.25
C ALA H 103 -22.64 -24.99 8.76
N GLN H 104 -22.76 -23.70 8.42
CA GLN H 104 -22.90 -23.27 7.04
C GLN H 104 -21.70 -23.71 6.20
N ALA H 105 -20.51 -23.56 6.77
CA ALA H 105 -19.29 -23.92 6.07
C ALA H 105 -19.14 -25.44 5.95
N GLU H 106 -19.52 -26.17 6.99
CA GLU H 106 -19.53 -27.64 6.89
C GLU H 106 -20.48 -28.13 5.80
N PHE H 107 -21.64 -27.48 5.69
CA PHE H 107 -22.59 -27.84 4.64
C PHE H 107 -21.99 -27.58 3.25
N LEU H 108 -21.33 -26.44 3.08
CA LEU H 108 -20.63 -26.19 1.82
C LEU H 108 -19.66 -27.34 1.51
N MET H 109 -18.92 -27.79 2.52
CA MET H 109 -17.86 -28.77 2.32
C MET H 109 -18.41 -30.16 2.04
N ASP H 110 -19.64 -30.40 2.49
CA ASP H 110 -20.34 -31.65 2.16
C ASP H 110 -20.46 -31.86 0.66
N HIS H 111 -20.23 -30.80 -0.12
CA HIS H 111 -20.48 -30.87 -1.56
C HIS H 111 -19.21 -30.81 -2.39
N LEU H 112 -18.06 -30.87 -1.73
CA LEU H 112 -16.76 -30.77 -2.40
C LEU H 112 -16.27 -32.13 -2.87
N GLY H 113 -17.10 -33.15 -2.69
CA GLY H 113 -16.70 -34.50 -3.04
C GLY H 113 -15.63 -34.99 -2.09
N GLN H 114 -14.94 -36.06 -2.47
CA GLN H 114 -13.86 -36.54 -1.64
C GLN H 114 -12.58 -35.83 -2.01
N ALA H 115 -11.77 -35.53 -1.01
CA ALA H 115 -10.47 -34.90 -1.20
C ALA H 115 -9.55 -35.38 -0.10
N GLY H 116 -8.27 -35.52 -0.42
CA GLY H 116 -7.31 -36.02 0.54
C GLY H 116 -6.04 -35.21 0.48
N PRO H 117 -5.00 -35.69 1.18
CA PRO H 117 -3.73 -34.98 1.37
C PRO H 117 -2.98 -34.62 0.09
N ASP H 118 -3.20 -35.34 -1.01
CA ASP H 118 -2.49 -35.03 -2.25
C ASP H 118 -3.23 -34.03 -3.15
N ASP H 119 -4.40 -33.58 -2.70
CA ASP H 119 -5.21 -32.66 -3.50
C ASP H 119 -4.94 -31.22 -3.11
N THR H 120 -5.22 -30.30 -4.03
CA THR H 120 -5.21 -28.87 -3.72
C THR H 120 -6.62 -28.30 -3.82
N LEU H 121 -7.04 -27.59 -2.77
CA LEU H 121 -8.35 -26.94 -2.74
C LEU H 121 -8.14 -25.44 -2.79
N VAL H 122 -9.06 -24.72 -3.44
CA VAL H 122 -8.95 -23.26 -3.52
C VAL H 122 -10.16 -22.54 -2.93
N ASP H 123 -9.90 -21.66 -1.96
CA ASP H 123 -10.92 -20.78 -1.37
C ASP H 123 -10.82 -19.43 -2.06
N ALA H 124 -11.77 -19.14 -2.95
CA ALA H 124 -11.73 -17.91 -3.75
C ALA H 124 -12.44 -16.79 -3.01
N GLY H 125 -11.67 -15.80 -2.55
CA GLY H 125 -12.20 -14.76 -1.69
C GLY H 125 -12.27 -15.27 -0.26
N CYS H 126 -11.09 -15.48 0.35
CA CYS H 126 -11.00 -16.34 1.55
C CYS H 126 -11.18 -15.67 2.91
N GLY H 127 -11.37 -14.36 2.94
CA GLY H 127 -11.55 -13.67 4.21
C GLY H 127 -10.41 -13.93 5.19
N ARG H 128 -10.74 -14.15 6.47
CA ARG H 128 -9.72 -14.39 7.49
C ARG H 128 -9.26 -15.84 7.59
N GLY H 129 -9.87 -16.72 6.79
CA GLY H 129 -9.36 -18.07 6.59
C GLY H 129 -10.01 -19.20 7.39
N GLY H 130 -11.10 -18.91 8.08
CA GLY H 130 -11.77 -19.93 8.87
C GLY H 130 -12.15 -21.18 8.09
N SER H 131 -12.69 -20.98 6.89
CA SER H 131 -13.06 -22.13 6.04
C SER H 131 -11.84 -22.94 5.60
N MET H 132 -10.71 -22.26 5.43
CA MET H 132 -9.51 -22.96 4.99
C MET H 132 -9.01 -23.88 6.10
N VAL H 133 -9.02 -23.37 7.33
CA VAL H 133 -8.69 -24.23 8.47
C VAL H 133 -9.63 -25.44 8.50
N MET H 134 -10.93 -25.20 8.42
CA MET H 134 -11.91 -26.30 8.49
C MET H 134 -11.67 -27.27 7.35
N ALA H 135 -11.43 -26.74 6.15
CA ALA H 135 -11.18 -27.59 5.01
C ALA H 135 -9.95 -28.48 5.24
N HIS H 136 -8.86 -27.89 5.71
CA HIS H 136 -7.65 -28.66 5.92
C HIS H 136 -7.83 -29.74 6.99
N ARG H 137 -8.55 -29.42 8.06
CA ARG H 137 -8.81 -30.42 9.10
C ARG H 137 -9.64 -31.57 8.57
N ARG H 138 -10.61 -31.24 7.74
CA ARG H 138 -11.54 -32.24 7.27
C ARG H 138 -10.94 -33.15 6.20
N PHE H 139 -10.18 -32.58 5.27
CA PHE H 139 -9.69 -33.33 4.13
C PHE H 139 -8.19 -33.65 4.18
N GLY H 140 -7.41 -32.82 4.87
CA GLY H 140 -5.96 -33.00 4.93
C GLY H 140 -5.27 -32.36 3.74
N SER H 141 -6.08 -31.85 2.81
CA SER H 141 -5.57 -31.27 1.57
C SER H 141 -4.72 -30.01 1.75
N ARG H 142 -3.98 -29.65 0.72
CA ARG H 142 -3.40 -28.34 0.63
C ARG H 142 -4.56 -27.38 0.35
N VAL H 143 -4.61 -26.26 1.06
CA VAL H 143 -5.67 -25.29 0.84
C VAL H 143 -5.08 -23.92 0.55
N GLU H 144 -5.30 -23.43 -0.66
CA GLU H 144 -4.84 -22.11 -1.07
C GLU H 144 -6.01 -21.14 -1.04
N GLY H 145 -5.83 -19.98 -0.40
CA GLY H 145 -6.85 -18.95 -0.44
C GLY H 145 -6.36 -17.68 -1.09
N VAL H 146 -7.28 -16.96 -1.73
CA VAL H 146 -6.94 -15.67 -2.33
C VAL H 146 -7.88 -14.61 -1.80
N THR H 147 -7.34 -13.45 -1.44
CA THR H 147 -8.15 -12.32 -0.97
C THR H 147 -7.54 -11.01 -1.46
N LEU H 148 -8.37 -9.98 -1.58
CA LEU H 148 -7.89 -8.65 -1.96
C LEU H 148 -7.24 -7.91 -0.79
N SER H 149 -7.43 -8.41 0.42
CA SER H 149 -7.00 -7.72 1.64
C SER H 149 -5.69 -8.27 2.24
N ALA H 150 -4.66 -7.42 2.27
CA ALA H 150 -3.40 -7.79 2.90
C ALA H 150 -3.57 -8.03 4.41
N ALA H 151 -4.43 -7.22 5.03
CA ALA H 151 -4.74 -7.43 6.46
C ALA H 151 -5.30 -8.83 6.70
N GLN H 152 -6.26 -9.25 5.88
CA GLN H 152 -6.89 -10.57 6.01
C GLN H 152 -5.91 -11.72 5.73
N ALA H 153 -5.12 -11.57 4.67
CA ALA H 153 -4.12 -12.57 4.32
C ALA H 153 -3.14 -12.80 5.48
N ASP H 154 -2.61 -11.71 6.03
CA ASP H 154 -1.70 -11.80 7.18
C ASP H 154 -2.39 -12.46 8.38
N PHE H 155 -3.65 -12.09 8.62
CA PHE H 155 -4.37 -12.67 9.75
C PHE H 155 -4.42 -14.20 9.62
N GLY H 156 -4.83 -14.67 8.45
CA GLY H 156 -5.02 -16.10 8.20
C GLY H 156 -3.72 -16.89 8.19
N ASN H 157 -2.67 -16.32 7.61
CA ASN H 157 -1.36 -16.96 7.63
C ASN H 157 -0.78 -17.05 9.03
N ARG H 158 -1.05 -16.05 9.84
CA ARG H 158 -0.63 -16.08 11.25
C ARG H 158 -1.38 -17.20 11.99
N ARG H 159 -2.69 -17.30 11.78
CA ARG H 159 -3.45 -18.39 12.39
C ARG H 159 -2.88 -19.76 11.97
N ALA H 160 -2.59 -19.90 10.68
CA ALA H 160 -2.04 -21.16 10.17
C ALA H 160 -0.71 -21.51 10.83
N ARG H 161 0.19 -20.53 10.95
CA ARG H 161 1.45 -20.73 11.65
C ARG H 161 1.27 -21.23 13.09
N GLU H 162 0.44 -20.52 13.85
CA GLU H 162 0.13 -20.92 15.23
C GLU H 162 -0.39 -22.36 15.31
N LEU H 163 -1.21 -22.76 14.34
CA LEU H 163 -1.77 -24.11 14.33
C LEU H 163 -0.80 -25.12 13.73
N ARG H 164 0.33 -24.62 13.24
CA ARG H 164 1.35 -25.44 12.61
C ARG H 164 0.85 -26.16 11.35
N ILE H 165 -0.05 -25.50 10.61
CA ILE H 165 -0.56 -26.08 9.38
C ILE H 165 -0.21 -25.19 8.19
N ASP H 166 0.69 -24.23 8.41
CA ASP H 166 1.07 -23.27 7.39
C ASP H 166 1.77 -23.92 6.19
N ASP H 167 2.27 -25.14 6.37
CA ASP H 167 2.87 -25.84 5.25
C ASP H 167 1.82 -26.39 4.28
N HIS H 168 0.55 -26.36 4.68
CA HIS H 168 -0.55 -26.84 3.83
C HIS H 168 -1.58 -25.74 3.55
N VAL H 169 -1.64 -24.75 4.42
CA VAL H 169 -2.67 -23.72 4.33
C VAL H 169 -2.04 -22.36 4.14
N ARG H 170 -2.40 -21.67 3.07
CA ARG H 170 -1.78 -20.38 2.74
C ARG H 170 -2.76 -19.39 2.09
N SER H 171 -2.79 -18.17 2.60
CA SER H 171 -3.54 -17.10 1.94
C SER H 171 -2.61 -16.15 1.20
N ARG H 172 -3.05 -15.66 0.04
CA ARG H 172 -2.29 -14.67 -0.71
C ARG H 172 -3.18 -13.50 -1.12
N VAL H 173 -2.57 -12.33 -1.26
CA VAL H 173 -3.28 -11.17 -1.80
C VAL H 173 -3.29 -11.31 -3.33
N CYS H 174 -4.46 -11.57 -3.88
CA CYS H 174 -4.57 -11.86 -5.29
C CYS H 174 -6.03 -11.76 -5.75
N ASN H 175 -6.20 -11.23 -6.97
CA ASN H 175 -7.50 -11.12 -7.60
C ASN H 175 -7.94 -12.53 -8.01
N MET H 176 -9.07 -12.97 -7.47
CA MET H 176 -9.54 -14.32 -7.76
C MET H 176 -9.92 -14.52 -9.24
N LEU H 177 -9.98 -13.43 -10.01
CA LEU H 177 -10.27 -13.55 -11.44
C LEU H 177 -9.03 -13.88 -12.29
N ASP H 178 -7.86 -13.82 -11.68
CA ASP H 178 -6.60 -14.03 -12.39
C ASP H 178 -5.54 -14.51 -11.39
N THR H 179 -5.48 -15.81 -11.18
CA THR H 179 -4.69 -16.40 -10.11
C THR H 179 -3.51 -17.15 -10.69
N PRO H 180 -2.54 -17.55 -9.84
CA PRO H 180 -1.34 -18.20 -10.36
C PRO H 180 -1.49 -19.71 -10.46
N PHE H 181 -2.64 -20.27 -10.06
CA PHE H 181 -2.85 -21.72 -10.14
C PHE H 181 -2.78 -22.23 -11.57
N ASP H 182 -2.08 -23.35 -11.77
CA ASP H 182 -1.94 -23.90 -13.11
C ASP H 182 -3.26 -24.50 -13.59
N LYS H 183 -3.43 -24.54 -14.92
CA LYS H 183 -4.60 -25.14 -15.54
C LYS H 183 -4.76 -26.56 -15.03
N GLY H 184 -5.96 -26.90 -14.56
CA GLY H 184 -6.26 -28.27 -14.17
C GLY H 184 -5.53 -28.77 -12.92
N ALA H 185 -4.90 -27.87 -12.18
CA ALA H 185 -4.15 -28.26 -10.96
C ALA H 185 -5.05 -28.48 -9.73
N VAL H 186 -6.23 -27.88 -9.75
CA VAL H 186 -7.06 -27.83 -8.55
C VAL H 186 -8.13 -28.92 -8.51
N THR H 187 -8.29 -29.55 -7.36
CA THR H 187 -9.26 -30.64 -7.26
C THR H 187 -10.67 -30.10 -6.96
N ALA H 188 -10.73 -29.08 -6.13
CA ALA H 188 -12.03 -28.50 -5.74
C ALA H 188 -11.84 -27.06 -5.29
N SER H 189 -12.85 -26.23 -5.51
CA SER H 189 -12.78 -24.82 -5.15
C SER H 189 -14.16 -24.31 -4.80
N TRP H 190 -14.21 -23.12 -4.20
CA TRP H 190 -15.49 -22.57 -3.78
C TRP H 190 -15.47 -21.05 -3.60
N ASN H 191 -16.66 -20.46 -3.68
CA ASN H 191 -16.87 -19.08 -3.25
C ASN H 191 -17.92 -19.14 -2.16
N ASN H 192 -17.53 -18.74 -0.94
CA ASN H 192 -18.50 -18.64 0.14
C ASN H 192 -18.77 -17.16 0.40
N GLU H 193 -19.91 -16.67 -0.11
CA GLU H 193 -20.28 -15.27 -0.06
C GLU H 193 -19.18 -14.33 -0.54
N SER H 194 -18.73 -14.56 -1.77
CA SER H 194 -17.71 -13.68 -2.38
C SER H 194 -17.93 -13.48 -3.87
N THR H 195 -18.93 -14.15 -4.42
CA THR H 195 -19.26 -14.01 -5.85
C THR H 195 -19.84 -12.63 -6.21
N MET H 196 -20.38 -11.93 -5.21
CA MET H 196 -21.05 -10.65 -5.47
C MET H 196 -20.10 -9.48 -5.63
N TYR H 197 -18.80 -9.76 -5.77
CA TYR H 197 -17.82 -8.70 -5.97
C TYR H 197 -17.18 -8.76 -7.36
N VAL H 198 -17.65 -9.70 -8.18
CA VAL H 198 -17.05 -9.90 -9.49
C VAL H 198 -18.06 -10.30 -10.56
N ASP H 199 -17.66 -10.08 -11.80
CA ASP H 199 -18.40 -10.54 -12.96
C ASP H 199 -18.38 -12.07 -12.91
N LEU H 200 -19.57 -12.68 -13.00
CA LEU H 200 -19.71 -14.14 -12.86
C LEU H 200 -19.10 -14.92 -14.04
N HIS H 201 -19.24 -14.40 -15.25
CA HIS H 201 -18.61 -15.08 -16.39
C HIS H 201 -17.08 -15.19 -16.21
N ASP H 202 -16.45 -14.09 -15.82
CA ASP H 202 -15.00 -14.07 -15.62
C ASP H 202 -14.62 -14.97 -14.45
N LEU H 203 -15.43 -14.95 -13.40
CA LEU H 203 -15.16 -15.79 -12.23
C LEU H 203 -15.21 -17.26 -12.57
N PHE H 204 -16.30 -17.69 -13.20
CA PHE H 204 -16.43 -19.12 -13.52
C PHE H 204 -15.48 -19.54 -14.64
N SER H 205 -15.12 -18.60 -15.49
CA SER H 205 -14.07 -18.87 -16.46
C SER H 205 -12.77 -19.25 -15.74
N GLU H 206 -12.42 -18.50 -14.69
CA GLU H 206 -11.17 -18.75 -13.98
C GLU H 206 -11.19 -20.08 -13.23
N HIS H 207 -12.28 -20.32 -12.49
CA HIS H 207 -12.46 -21.60 -11.79
C HIS H 207 -12.33 -22.81 -12.74
N SER H 208 -13.02 -22.77 -13.88
CA SER H 208 -12.92 -23.90 -14.81
C SER H 208 -11.53 -24.01 -15.44
N ARG H 209 -10.79 -22.90 -15.47
CA ARG H 209 -9.41 -22.97 -15.96
C ARG H 209 -8.55 -23.79 -14.98
N PHE H 210 -8.56 -23.42 -13.70
CA PHE H 210 -7.71 -24.15 -12.74
C PHE H 210 -8.27 -25.48 -12.22
N LEU H 211 -9.58 -25.69 -12.31
CA LEU H 211 -10.17 -26.95 -11.86
C LEU H 211 -9.89 -28.07 -12.87
N LYS H 212 -9.49 -29.23 -12.37
CA LYS H 212 -9.27 -30.37 -13.24
C LYS H 212 -10.62 -30.84 -13.81
N VAL H 213 -10.61 -31.45 -14.99
CA VAL H 213 -11.81 -32.10 -15.47
C VAL H 213 -12.21 -33.11 -14.40
N GLY H 214 -13.47 -33.12 -14.01
CA GLY H 214 -13.94 -33.95 -12.90
C GLY H 214 -13.88 -33.21 -11.58
N GLY H 215 -13.27 -32.03 -11.58
CA GLY H 215 -13.19 -31.20 -10.38
C GLY H 215 -14.56 -30.77 -9.90
N ARG H 216 -14.61 -30.30 -8.65
CA ARG H 216 -15.87 -29.85 -8.10
C ARG H 216 -15.86 -28.41 -7.66
N TYR H 217 -16.98 -27.73 -7.89
CA TYR H 217 -17.13 -26.35 -7.46
C TYR H 217 -18.40 -26.19 -6.61
N VAL H 218 -18.31 -25.32 -5.60
CA VAL H 218 -19.47 -24.96 -4.81
C VAL H 218 -19.50 -23.50 -4.48
N THR H 219 -20.68 -22.90 -4.58
CA THR H 219 -20.87 -21.58 -4.01
C THR H 219 -22.07 -21.49 -3.06
N ILE H 220 -21.91 -20.73 -1.99
CA ILE H 220 -23.05 -20.28 -1.24
C ILE H 220 -23.13 -18.77 -1.45
N THR H 221 -24.30 -18.29 -1.83
CA THR H 221 -24.43 -16.91 -2.21
C THR H 221 -25.83 -16.39 -1.88
N GLY H 222 -25.94 -15.09 -1.74
CA GLY H 222 -27.23 -14.43 -1.75
C GLY H 222 -27.42 -13.91 -3.15
N CYS H 223 -28.47 -14.35 -3.82
CA CYS H 223 -28.75 -13.89 -5.17
C CYS H 223 -30.16 -13.33 -5.20
N TRP H 224 -30.40 -12.29 -6.00
CA TRP H 224 -31.77 -11.83 -6.17
C TRP H 224 -32.58 -12.81 -7.04
N ASN H 225 -33.86 -12.96 -6.72
CA ASN H 225 -34.67 -14.02 -7.35
C ASN H 225 -35.30 -13.49 -8.62
N PRO H 226 -34.99 -14.13 -9.78
CA PRO H 226 -35.58 -13.70 -11.05
C PRO H 226 -37.11 -13.77 -11.04
N ARG H 227 -37.70 -14.58 -10.16
CA ARG H 227 -39.17 -14.60 -10.03
C ARG H 227 -39.70 -13.23 -9.63
N TYR H 228 -38.94 -12.51 -8.80
CA TYR H 228 -39.38 -11.22 -8.30
C TYR H 228 -39.35 -10.18 -9.43
N GLY H 229 -38.37 -10.30 -10.32
CA GLY H 229 -38.30 -9.48 -11.52
C GLY H 229 -36.99 -8.72 -11.68
N GLN H 230 -36.63 -7.95 -10.66
CA GLN H 230 -35.41 -7.16 -10.66
C GLN H 230 -35.04 -7.01 -9.19
N PRO H 231 -33.83 -6.46 -8.90
CA PRO H 231 -33.41 -6.19 -7.52
C PRO H 231 -34.39 -5.28 -6.76
N SER H 232 -34.94 -5.78 -5.67
CA SER H 232 -35.82 -4.95 -4.84
C SER H 232 -35.01 -3.85 -4.11
N LYS H 233 -35.69 -2.90 -3.48
CA LYS H 233 -34.96 -1.88 -2.71
C LYS H 233 -34.12 -2.51 -1.61
N TRP H 234 -34.61 -3.61 -1.05
CA TRP H 234 -33.85 -4.31 -0.01
C TRP H 234 -32.51 -4.80 -0.54
N VAL H 235 -32.56 -5.43 -1.71
CA VAL H 235 -31.35 -5.94 -2.36
C VAL H 235 -30.36 -4.82 -2.60
N SER H 236 -30.86 -3.67 -3.08
CA SER H 236 -30.00 -2.51 -3.34
C SER H 236 -29.43 -1.93 -2.04
N GLN H 237 -30.18 -2.03 -0.95
CA GLN H 237 -29.69 -1.55 0.32
C GLN H 237 -28.52 -2.42 0.76
N ILE H 238 -28.62 -3.72 0.52
CA ILE H 238 -27.53 -4.62 0.84
C ILE H 238 -26.31 -4.30 -0.03
N ASN H 239 -26.54 -4.11 -1.33
CA ASN H 239 -25.44 -3.70 -2.22
C ASN H 239 -24.72 -2.46 -1.69
N ALA H 240 -25.48 -1.45 -1.27
CA ALA H 240 -24.88 -0.19 -0.82
C ALA H 240 -24.11 -0.40 0.48
N HIS H 241 -24.64 -1.27 1.35
CA HIS H 241 -24.04 -1.50 2.68
C HIS H 241 -22.64 -2.10 2.55
N PHE H 242 -22.48 -3.05 1.61
CA PHE H 242 -21.22 -3.77 1.43
C PHE H 242 -20.44 -3.35 0.17
N GLU H 243 -20.96 -2.37 -0.57
CA GLU H 243 -20.38 -1.98 -1.86
C GLU H 243 -20.26 -3.19 -2.80
N CYS H 244 -21.28 -4.03 -2.81
CA CYS H 244 -21.25 -5.22 -3.66
C CYS H 244 -22.26 -5.13 -4.79
N ASN H 245 -22.38 -6.21 -5.53
CA ASN H 245 -23.18 -6.24 -6.74
C ASN H 245 -23.87 -7.60 -6.84
N ILE H 246 -24.92 -7.79 -6.03
CA ILE H 246 -25.66 -9.03 -5.98
C ILE H 246 -26.23 -9.42 -7.34
N HIS H 247 -26.03 -10.68 -7.73
CA HIS H 247 -26.46 -11.14 -9.05
C HIS H 247 -27.76 -11.88 -8.94
N SER H 248 -28.45 -12.08 -10.06
CA SER H 248 -29.69 -12.84 -10.04
C SER H 248 -29.35 -14.32 -10.15
N ARG H 249 -30.23 -15.19 -9.63
CA ARG H 249 -30.01 -16.63 -9.74
C ARG H 249 -29.85 -17.04 -11.20
N ARG H 250 -30.52 -16.31 -12.08
CA ARG H 250 -30.44 -16.59 -13.52
C ARG H 250 -29.01 -16.41 -14.04
N GLU H 251 -28.36 -15.33 -13.60
CA GLU H 251 -27.00 -15.04 -14.03
C GLU H 251 -26.02 -16.11 -13.54
N TYR H 252 -26.20 -16.59 -12.32
CA TYR H 252 -25.35 -17.68 -11.83
C TYR H 252 -25.40 -18.90 -12.77
N LEU H 253 -26.60 -19.32 -13.13
CA LEU H 253 -26.77 -20.52 -13.96
C LEU H 253 -26.30 -20.30 -15.39
N ARG H 254 -26.53 -19.10 -15.94
CA ARG H 254 -26.04 -18.77 -17.27
C ARG H 254 -24.51 -18.79 -17.32
N ALA H 255 -23.88 -18.14 -16.36
CA ALA H 255 -22.43 -18.02 -16.36
C ALA H 255 -21.77 -19.39 -16.18
N MET H 256 -22.40 -20.25 -15.39
CA MET H 256 -21.90 -21.63 -15.21
C MET H 256 -21.98 -22.42 -16.50
N ALA H 257 -23.15 -22.42 -17.12
CA ALA H 257 -23.39 -23.15 -18.36
C ALA H 257 -22.43 -22.72 -19.46
N ASP H 258 -22.03 -21.45 -19.42
CA ASP H 258 -21.13 -20.88 -20.40
C ASP H 258 -19.66 -21.21 -20.13
N ASN H 259 -19.38 -21.82 -18.98
CA ASN H 259 -18.00 -22.09 -18.57
C ASN H 259 -17.75 -23.51 -18.04
N ARG H 260 -18.48 -24.49 -18.56
CA ARG H 260 -18.17 -25.90 -18.26
C ARG H 260 -18.40 -26.31 -16.81
N LEU H 261 -19.18 -25.51 -16.08
CA LEU H 261 -19.66 -25.91 -14.75
C LEU H 261 -21.11 -26.33 -14.85
N VAL H 262 -21.40 -27.54 -14.40
CA VAL H 262 -22.73 -28.13 -14.48
C VAL H 262 -23.27 -28.48 -13.09
N PRO H 263 -24.21 -27.67 -12.59
CA PRO H 263 -24.77 -27.93 -11.26
C PRO H 263 -25.33 -29.35 -11.14
N HIS H 264 -25.03 -29.99 -10.02
CA HIS H 264 -25.62 -31.28 -9.71
C HIS H 264 -26.53 -31.15 -8.49
N THR H 265 -26.38 -30.04 -7.76
CA THR H 265 -27.21 -29.77 -6.57
C THR H 265 -27.49 -28.26 -6.48
N ILE H 266 -28.74 -27.90 -6.28
CA ILE H 266 -29.10 -26.52 -5.97
C ILE H 266 -30.11 -26.61 -4.85
N VAL H 267 -29.78 -25.97 -3.73
CA VAL H 267 -30.65 -25.94 -2.55
C VAL H 267 -30.94 -24.49 -2.22
N ASP H 268 -32.21 -24.15 -2.03
CA ASP H 268 -32.58 -22.84 -1.51
C ASP H 268 -32.54 -22.90 0.01
N LEU H 269 -31.53 -22.24 0.58
CA LEU H 269 -31.32 -22.24 2.03
C LEU H 269 -31.96 -21.04 2.73
N THR H 270 -32.78 -20.28 2.02
CA THR H 270 -33.46 -19.14 2.64
C THR H 270 -34.16 -19.51 3.97
N PRO H 271 -35.02 -20.54 3.96
CA PRO H 271 -35.70 -20.86 5.23
C PRO H 271 -34.71 -21.22 6.33
N ASP H 272 -33.58 -21.78 5.94
CA ASP H 272 -32.61 -22.30 6.88
C ASP H 272 -31.73 -21.19 7.48
N THR H 273 -31.68 -20.04 6.82
CA THR H 273 -30.85 -18.92 7.27
C THR H 273 -31.63 -17.87 8.08
N LEU H 274 -32.94 -17.89 7.96
CA LEU H 274 -33.77 -16.92 8.67
C LEU H 274 -33.64 -16.98 10.21
N PRO H 275 -33.56 -18.19 10.80
CA PRO H 275 -33.36 -18.22 12.26
C PRO H 275 -32.09 -17.49 12.66
N TYR H 276 -30.99 -17.74 11.98
CA TYR H 276 -29.73 -17.00 12.20
C TYR H 276 -29.96 -15.48 12.22
N TRP H 277 -30.64 -14.96 11.19
CA TRP H 277 -30.85 -13.52 11.04
C TRP H 277 -31.80 -12.93 12.11
N GLU H 278 -32.84 -13.67 12.42
CA GLU H 278 -33.77 -13.25 13.47
C GLU H 278 -33.11 -13.26 14.85
N LEU H 279 -32.24 -14.23 15.11
CA LEU H 279 -31.47 -14.22 16.37
C LEU H 279 -30.51 -13.03 16.39
N ARG H 280 -29.75 -12.90 15.31
CA ARG H 280 -28.77 -11.83 15.20
C ARG H 280 -29.42 -10.46 15.43
N ALA H 281 -30.64 -10.29 14.91
CA ALA H 281 -31.36 -9.03 14.98
C ALA H 281 -31.73 -8.64 16.41
N THR H 282 -31.61 -9.59 17.35
CA THR H 282 -31.91 -9.30 18.76
C THR H 282 -30.65 -8.99 19.55
N SER H 283 -29.49 -9.09 18.92
CA SER H 283 -28.23 -8.98 19.64
C SER H 283 -27.59 -7.60 19.58
N SER H 284 -26.56 -7.43 20.41
CA SER H 284 -25.84 -6.16 20.47
C SER H 284 -24.79 -6.08 19.36
N LEU H 285 -24.71 -7.11 18.53
CA LEU H 285 -23.73 -7.16 17.46
C LEU H 285 -24.29 -6.60 16.16
N VAL H 286 -25.54 -6.14 16.18
CA VAL H 286 -26.22 -5.72 14.97
C VAL H 286 -25.45 -4.67 14.20
N THR H 287 -25.42 -4.82 12.87
CA THR H 287 -24.69 -3.89 12.02
C THR H 287 -25.61 -2.90 11.30
N GLY H 288 -26.91 -3.14 11.38
CA GLY H 288 -27.88 -2.26 10.74
C GLY H 288 -28.47 -2.81 9.43
N ILE H 289 -27.93 -3.91 8.93
CA ILE H 289 -28.39 -4.46 7.65
C ILE H 289 -29.38 -5.61 7.83
N GLU H 290 -29.64 -5.98 9.09
CA GLU H 290 -30.45 -7.15 9.43
C GLU H 290 -31.85 -7.05 8.84
N LYS H 291 -32.46 -5.88 8.89
CA LYS H 291 -33.83 -5.76 8.39
C LYS H 291 -33.93 -5.99 6.88
N ALA H 292 -32.97 -5.47 6.13
CA ALA H 292 -32.96 -5.66 4.67
C ALA H 292 -32.92 -7.15 4.33
N PHE H 293 -32.10 -7.89 5.05
CA PHE H 293 -32.02 -9.34 4.85
C PHE H 293 -33.34 -10.02 5.16
N ILE H 294 -33.85 -9.78 6.37
CA ILE H 294 -35.05 -10.47 6.81
C ILE H 294 -36.26 -10.18 5.92
N GLU H 295 -36.45 -8.91 5.58
CA GLU H 295 -37.57 -8.49 4.74
C GLU H 295 -37.49 -9.05 3.33
N SER H 296 -36.29 -9.04 2.74
CA SER H 296 -36.12 -9.54 1.37
C SER H 296 -36.22 -11.07 1.31
N TYR H 297 -35.69 -11.75 2.32
CA TYR H 297 -35.87 -13.20 2.39
C TYR H 297 -37.36 -13.53 2.49
N ARG H 298 -38.08 -12.76 3.31
CA ARG H 298 -39.48 -13.06 3.57
C ARG H 298 -40.40 -12.70 2.39
N ASP H 299 -40.07 -11.63 1.67
CA ASP H 299 -40.94 -11.22 0.56
C ASP H 299 -40.57 -11.84 -0.78
N GLY H 300 -39.53 -12.65 -0.80
CA GLY H 300 -39.17 -13.42 -1.98
C GLY H 300 -38.24 -12.72 -2.98
N SER H 301 -37.85 -11.49 -2.69
CA SER H 301 -36.97 -10.76 -3.62
C SER H 301 -35.51 -11.21 -3.58
N PHE H 302 -35.11 -11.81 -2.46
CA PHE H 302 -33.71 -12.17 -2.25
C PHE H 302 -33.68 -13.60 -1.71
N GLN H 303 -32.69 -14.39 -2.10
CA GLN H 303 -32.59 -15.77 -1.60
C GLN H 303 -31.15 -16.19 -1.29
N TYR H 304 -31.01 -17.11 -0.35
CA TYR H 304 -29.73 -17.64 0.06
C TYR H 304 -29.68 -19.04 -0.54
N VAL H 305 -28.73 -19.27 -1.44
CA VAL H 305 -28.74 -20.51 -2.19
C VAL H 305 -27.40 -21.22 -2.17
N LEU H 306 -27.41 -22.54 -2.20
CA LEU H 306 -26.20 -23.29 -2.49
C LEU H 306 -26.26 -23.90 -3.89
N ILE H 307 -25.24 -23.62 -4.69
CA ILE H 307 -25.08 -24.25 -6.01
C ILE H 307 -23.78 -25.06 -6.05
N ALA H 308 -23.89 -26.36 -6.31
CA ALA H 308 -22.72 -27.25 -6.37
C ALA H 308 -22.63 -27.85 -7.76
N ALA H 309 -21.45 -27.75 -8.39
CA ALA H 309 -21.28 -28.09 -9.79
C ALA H 309 -20.07 -28.98 -10.10
N ASP H 310 -20.16 -29.73 -11.19
CA ASP H 310 -19.03 -30.48 -11.68
C ASP H 310 -18.34 -29.64 -12.76
N ARG H 311 -17.02 -29.70 -12.79
CA ARG H 311 -16.23 -29.14 -13.90
C ARG H 311 -16.10 -30.22 -14.99
N VAL H 312 -16.78 -30.01 -16.11
CA VAL H 312 -16.87 -31.05 -17.13
C VAL H 312 -16.09 -30.64 -18.38
N PRO I 37 -5.60 -41.45 -18.02
CA PRO I 37 -6.96 -41.36 -18.54
C PRO I 37 -7.63 -40.02 -18.19
N ALA I 38 -8.46 -39.53 -19.10
CA ALA I 38 -9.11 -38.23 -18.90
C ALA I 38 -10.36 -38.39 -18.06
N THR I 39 -11.23 -39.30 -18.47
CA THR I 39 -12.53 -39.47 -17.87
C THR I 39 -12.81 -40.95 -17.71
N PRO I 40 -13.79 -41.31 -16.86
CA PRO I 40 -14.13 -42.73 -16.73
C PRO I 40 -14.56 -43.31 -18.08
N TYR I 41 -15.24 -42.53 -18.91
CA TYR I 41 -15.65 -42.99 -20.22
C TYR I 41 -14.44 -43.28 -21.09
N GLN I 42 -13.45 -42.39 -21.05
CA GLN I 42 -12.27 -42.59 -21.90
C GLN I 42 -11.46 -43.79 -21.44
N GLU I 43 -11.56 -44.15 -20.17
CA GLU I 43 -10.96 -45.38 -19.68
C GLU I 43 -11.67 -46.59 -20.30
N ASP I 44 -12.99 -46.50 -20.41
CA ASP I 44 -13.79 -47.51 -21.08
C ASP I 44 -13.32 -47.75 -22.51
N ILE I 45 -13.09 -46.64 -23.22
CA ILE I 45 -12.73 -46.70 -24.63
C ILE I 45 -11.30 -47.21 -24.83
N ALA I 46 -10.39 -46.78 -23.97
CA ALA I 46 -9.03 -47.31 -24.00
C ALA I 46 -9.08 -48.85 -23.88
N ARG I 47 -9.88 -49.34 -22.94
CA ARG I 47 -10.02 -50.77 -22.70
C ARG I 47 -10.68 -51.48 -23.88
N TYR I 48 -11.73 -50.88 -24.41
CA TYR I 48 -12.41 -51.46 -25.55
C TYR I 48 -11.41 -51.71 -26.69
N TRP I 49 -10.58 -50.71 -26.99
CA TRP I 49 -9.64 -50.84 -28.10
C TRP I 49 -8.39 -51.62 -27.72
N ASN I 50 -7.99 -51.56 -26.46
CA ASN I 50 -6.96 -52.47 -25.95
C ASN I 50 -7.40 -53.93 -26.04
N ASN I 51 -8.69 -54.17 -25.88
CA ASN I 51 -9.23 -55.53 -25.91
C ASN I 51 -9.81 -55.94 -27.26
N GLU I 52 -9.63 -55.10 -28.28
CA GLU I 52 -10.10 -55.44 -29.61
C GLU I 52 -9.24 -56.57 -30.17
N ALA I 53 -9.88 -57.67 -30.54
CA ALA I 53 -9.12 -58.81 -31.02
C ALA I 53 -9.95 -59.79 -31.87
N ARG I 54 -10.98 -59.28 -32.52
CA ARG I 54 -11.75 -60.11 -33.45
C ARG I 54 -10.82 -60.53 -34.57
N PRO I 55 -10.63 -61.85 -34.75
CA PRO I 55 -9.68 -62.38 -35.75
C PRO I 55 -9.91 -61.80 -37.15
N VAL I 56 -11.17 -61.62 -37.53
CA VAL I 56 -11.50 -61.15 -38.88
C VAL I 56 -10.84 -59.82 -39.23
N ASN I 57 -10.83 -58.88 -38.29
CA ASN I 57 -10.19 -57.57 -38.52
C ASN I 57 -8.70 -57.68 -38.81
N LEU I 58 -8.04 -58.63 -38.15
CA LEU I 58 -6.63 -58.89 -38.40
C LEU I 58 -6.45 -59.63 -39.72
N ARG I 59 -7.38 -60.53 -40.04
CA ARG I 59 -7.29 -61.27 -41.29
C ARG I 59 -7.40 -60.28 -42.45
N LEU I 60 -8.30 -59.30 -42.32
CA LEU I 60 -8.44 -58.27 -43.35
C LEU I 60 -7.14 -57.50 -43.58
N GLY I 61 -6.46 -57.12 -42.50
CA GLY I 61 -5.23 -56.37 -42.63
C GLY I 61 -4.03 -57.21 -43.06
N ASP I 62 -4.08 -58.52 -42.79
CA ASP I 62 -2.98 -59.42 -43.13
C ASP I 62 -2.77 -59.48 -44.64
N VAL I 63 -3.84 -59.19 -45.37
CA VAL I 63 -3.81 -59.26 -46.83
C VAL I 63 -2.65 -58.47 -47.43
N ASP I 64 -2.39 -57.28 -46.88
CA ASP I 64 -1.27 -56.47 -47.35
C ASP I 64 -0.67 -55.63 -46.24
N GLY I 65 -0.96 -55.99 -45.00
CA GLY I 65 -0.38 -55.31 -43.86
C GLY I 65 -0.89 -53.90 -43.62
N LEU I 66 -2.05 -53.56 -44.16
CA LEU I 66 -2.70 -52.29 -43.86
C LEU I 66 -3.92 -52.55 -42.98
N TYR I 67 -3.79 -52.26 -41.69
CA TYR I 67 -4.82 -52.61 -40.70
C TYR I 67 -5.77 -51.46 -40.39
N HIS I 68 -7.02 -51.64 -40.80
CA HIS I 68 -8.05 -50.64 -40.65
C HIS I 68 -9.06 -51.06 -39.60
N HIS I 69 -9.70 -50.05 -39.02
CA HIS I 69 -10.92 -50.26 -38.25
C HIS I 69 -11.97 -49.25 -38.74
N HIS I 70 -12.24 -49.27 -40.04
CA HIS I 70 -13.35 -48.48 -40.59
C HIS I 70 -14.02 -49.34 -41.66
N TYR I 71 -15.16 -48.87 -42.16
CA TYR I 71 -15.92 -49.62 -43.14
C TYR I 71 -15.56 -49.28 -44.59
N GLY I 72 -16.21 -49.93 -45.55
CA GLY I 72 -15.83 -49.81 -46.94
C GLY I 72 -16.82 -49.03 -47.79
N ILE I 73 -16.34 -48.55 -48.94
CA ILE I 73 -17.19 -47.92 -49.93
C ILE I 73 -16.84 -48.41 -51.34
N GLY I 74 -17.81 -48.35 -52.24
CA GLY I 74 -17.58 -48.74 -53.62
C GLY I 74 -18.40 -49.95 -54.03
N PRO I 75 -18.57 -50.15 -55.34
CA PRO I 75 -19.25 -51.34 -55.89
C PRO I 75 -18.43 -52.59 -55.61
N VAL I 76 -19.12 -53.69 -55.29
CA VAL I 76 -18.46 -54.97 -55.09
C VAL I 76 -18.00 -55.53 -56.42
N ASP I 77 -16.80 -56.11 -56.45
CA ASP I 77 -16.27 -56.71 -57.67
C ASP I 77 -16.63 -58.19 -57.77
N ARG I 78 -17.80 -58.48 -58.32
CA ARG I 78 -18.30 -59.84 -58.47
C ARG I 78 -17.33 -60.79 -59.17
N ALA I 79 -16.68 -60.29 -60.22
CA ALA I 79 -15.70 -61.10 -60.95
C ALA I 79 -14.61 -61.60 -60.01
N ALA I 80 -13.97 -60.68 -59.29
CA ALA I 80 -12.86 -61.01 -58.40
C ALA I 80 -13.26 -61.98 -57.31
N LEU I 81 -14.55 -62.00 -56.96
CA LEU I 81 -15.04 -62.89 -55.92
C LEU I 81 -15.20 -64.31 -56.41
N GLY I 82 -15.20 -64.48 -57.73
CA GLY I 82 -15.39 -65.78 -58.34
C GLY I 82 -16.69 -66.42 -57.89
N ASP I 83 -16.72 -67.75 -57.89
CA ASP I 83 -17.91 -68.51 -57.53
C ASP I 83 -18.11 -68.65 -56.01
N PRO I 84 -19.33 -68.34 -55.54
CA PRO I 84 -19.70 -68.42 -54.13
C PRO I 84 -19.61 -69.84 -53.56
N GLU I 85 -19.89 -70.84 -54.38
CA GLU I 85 -19.85 -72.22 -53.93
C GLU I 85 -18.45 -72.82 -54.04
N HIS I 86 -17.50 -72.00 -54.45
CA HIS I 86 -16.12 -72.47 -54.62
C HIS I 86 -15.42 -72.62 -53.28
N SER I 87 -14.26 -73.27 -53.31
CA SER I 87 -13.44 -73.50 -52.13
C SER I 87 -13.00 -72.19 -51.46
N GLU I 88 -12.12 -71.46 -52.14
CA GLU I 88 -11.49 -70.28 -51.57
C GLU I 88 -12.35 -69.02 -51.65
N TYR I 89 -13.66 -69.19 -51.50
CA TYR I 89 -14.58 -68.07 -51.62
C TYR I 89 -14.42 -67.07 -50.48
N GLU I 90 -14.38 -67.57 -49.25
CA GLU I 90 -14.30 -66.70 -48.08
C GLU I 90 -12.98 -65.94 -48.03
N LYS I 91 -11.96 -66.49 -48.67
CA LYS I 91 -10.67 -65.80 -48.75
C LYS I 91 -10.81 -64.63 -49.73
N LYS I 92 -11.63 -64.83 -50.75
CA LYS I 92 -11.93 -63.80 -51.73
C LYS I 92 -12.81 -62.71 -51.12
N VAL I 93 -13.76 -63.13 -50.29
CA VAL I 93 -14.65 -62.21 -49.60
C VAL I 93 -13.84 -61.29 -48.70
N ILE I 94 -12.88 -61.86 -47.97
CA ILE I 94 -11.96 -61.11 -47.14
C ILE I 94 -11.17 -60.10 -47.97
N ALA I 95 -10.61 -60.55 -49.09
CA ALA I 95 -9.82 -59.69 -49.97
C ALA I 95 -10.63 -58.51 -50.49
N GLU I 96 -11.86 -58.79 -50.92
CA GLU I 96 -12.76 -57.76 -51.43
C GLU I 96 -13.21 -56.77 -50.34
N LEU I 97 -13.58 -57.28 -49.17
CA LEU I 97 -13.93 -56.41 -48.04
C LEU I 97 -12.77 -55.47 -47.69
N HIS I 98 -11.57 -56.02 -47.58
CA HIS I 98 -10.38 -55.20 -47.32
C HIS I 98 -10.12 -54.17 -48.43
N ARG I 99 -10.34 -54.53 -49.69
CA ARG I 99 -10.19 -53.58 -50.79
C ARG I 99 -11.15 -52.39 -50.61
N LEU I 100 -12.37 -52.68 -50.21
CA LEU I 100 -13.38 -51.64 -50.09
C LEU I 100 -13.07 -50.75 -48.88
N GLU I 101 -12.47 -51.34 -47.85
CA GLU I 101 -12.03 -50.58 -46.69
C GLU I 101 -10.87 -49.66 -47.04
N SER I 102 -9.92 -50.16 -47.84
CA SER I 102 -8.80 -49.31 -48.23
C SER I 102 -9.23 -48.20 -49.20
N ALA I 103 -10.28 -48.46 -49.98
CA ALA I 103 -10.78 -47.44 -50.90
C ALA I 103 -11.48 -46.32 -50.11
N GLN I 104 -12.09 -46.67 -49.00
CA GLN I 104 -12.73 -45.69 -48.12
C GLN I 104 -11.64 -44.71 -47.66
N ALA I 105 -10.48 -45.25 -47.29
CA ALA I 105 -9.33 -44.43 -46.89
C ALA I 105 -8.73 -43.56 -48.00
N GLU I 106 -8.65 -44.08 -49.23
CA GLU I 106 -8.13 -43.27 -50.34
C GLU I 106 -9.06 -42.09 -50.63
N PHE I 107 -10.37 -42.34 -50.55
CA PHE I 107 -11.37 -41.31 -50.80
C PHE I 107 -11.25 -40.19 -49.77
N LEU I 108 -11.04 -40.56 -48.51
CA LEU I 108 -10.78 -39.55 -47.48
C LEU I 108 -9.58 -38.69 -47.88
N MET I 109 -8.49 -39.34 -48.25
CA MET I 109 -7.27 -38.62 -48.58
C MET I 109 -7.37 -37.73 -49.82
N ASP I 110 -8.26 -38.10 -50.74
CA ASP I 110 -8.57 -37.27 -51.90
C ASP I 110 -9.04 -35.89 -51.46
N HIS I 111 -9.46 -35.77 -50.20
CA HIS I 111 -10.00 -34.51 -49.70
C HIS I 111 -9.07 -33.75 -48.75
N LEU I 112 -7.83 -34.21 -48.62
CA LEU I 112 -6.86 -33.56 -47.72
C LEU I 112 -6.04 -32.49 -48.41
N GLY I 113 -6.28 -32.30 -49.70
CA GLY I 113 -5.53 -31.34 -50.48
C GLY I 113 -4.10 -31.81 -50.68
N GLN I 114 -3.21 -30.85 -50.88
CA GLN I 114 -1.80 -31.13 -51.11
C GLN I 114 -1.01 -31.13 -49.81
N ALA I 115 -0.14 -32.12 -49.67
CA ALA I 115 0.79 -32.15 -48.55
C ALA I 115 2.08 -32.78 -49.05
N GLY I 116 3.17 -32.55 -48.32
CA GLY I 116 4.45 -33.05 -48.77
C GLY I 116 5.36 -33.39 -47.61
N PRO I 117 6.62 -33.75 -47.91
CA PRO I 117 7.63 -34.22 -46.96
C PRO I 117 7.88 -33.22 -45.83
N ASP I 118 7.59 -31.96 -46.07
CA ASP I 118 7.86 -30.95 -45.05
C ASP I 118 6.68 -30.77 -44.11
N ASP I 119 5.56 -31.40 -44.45
CA ASP I 119 4.31 -31.22 -43.71
C ASP I 119 4.08 -32.25 -42.61
N THR I 120 3.21 -31.90 -41.66
CA THR I 120 2.77 -32.85 -40.66
C THR I 120 1.28 -33.11 -40.78
N LEU I 121 0.88 -34.37 -40.83
CA LEU I 121 -0.53 -34.73 -40.83
C LEU I 121 -0.87 -35.39 -39.49
N VAL I 122 -2.10 -35.19 -39.03
CA VAL I 122 -2.56 -35.83 -37.79
C VAL I 122 -3.75 -36.76 -38.01
N ASP I 123 -3.60 -38.01 -37.56
CA ASP I 123 -4.69 -38.99 -37.61
C ASP I 123 -5.29 -39.07 -36.20
N ALA I 124 -6.45 -38.44 -36.00
CA ALA I 124 -7.04 -38.36 -34.67
C ALA I 124 -7.90 -39.62 -34.38
N GLY I 125 -7.39 -40.49 -33.50
CA GLY I 125 -8.03 -41.76 -33.23
C GLY I 125 -7.60 -42.77 -34.28
N CYS I 126 -6.31 -43.10 -34.27
CA CYS I 126 -5.65 -43.67 -35.42
C CYS I 126 -5.73 -45.20 -35.52
N GLY I 127 -6.35 -45.87 -34.55
CA GLY I 127 -6.44 -47.32 -34.56
C GLY I 127 -5.09 -48.01 -34.72
N ARG I 128 -5.04 -49.02 -35.57
CA ARG I 128 -3.80 -49.80 -35.79
C ARG I 128 -2.83 -49.17 -36.80
N GLY I 129 -3.23 -48.06 -37.41
CA GLY I 129 -2.30 -47.28 -38.20
C GLY I 129 -2.34 -47.45 -39.72
N GLY I 130 -3.25 -48.29 -40.22
CA GLY I 130 -3.38 -48.51 -41.65
C GLY I 130 -3.48 -47.22 -42.46
N SER I 131 -4.29 -46.28 -41.98
CA SER I 131 -4.48 -45.00 -42.67
C SER I 131 -3.23 -44.13 -42.65
N MET I 132 -2.44 -44.25 -41.59
CA MET I 132 -1.23 -43.48 -41.46
C MET I 132 -0.19 -43.97 -42.45
N VAL I 133 -0.09 -45.28 -42.61
CA VAL I 133 0.83 -45.86 -43.59
C VAL I 133 0.45 -45.36 -44.98
N MET I 134 -0.83 -45.47 -45.33
CA MET I 134 -1.30 -45.01 -46.64
C MET I 134 -1.05 -43.52 -46.89
N ALA I 135 -1.31 -42.68 -45.87
CA ALA I 135 -1.06 -41.25 -45.97
C ALA I 135 0.42 -40.89 -46.23
N HIS I 136 1.32 -41.57 -45.52
CA HIS I 136 2.72 -41.25 -45.67
C HIS I 136 3.21 -41.69 -47.05
N ARG I 137 2.71 -42.82 -47.54
CA ARG I 137 3.08 -43.24 -48.89
C ARG I 137 2.56 -42.22 -49.89
N ARG I 138 1.32 -41.76 -49.71
CA ARG I 138 0.72 -40.87 -50.71
C ARG I 138 1.34 -39.47 -50.71
N PHE I 139 1.66 -38.95 -49.54
CA PHE I 139 2.10 -37.56 -49.39
C PHE I 139 3.57 -37.41 -49.02
N GLY I 140 4.15 -38.45 -48.45
CA GLY I 140 5.52 -38.37 -47.98
C GLY I 140 5.65 -37.62 -46.66
N SER I 141 4.55 -37.03 -46.21
CA SER I 141 4.55 -36.17 -45.03
C SER I 141 4.87 -36.95 -43.77
N ARG I 142 5.37 -36.25 -42.77
CA ARG I 142 5.40 -36.81 -41.41
C ARG I 142 3.95 -37.05 -40.98
N VAL I 143 3.66 -38.21 -40.41
CA VAL I 143 2.30 -38.52 -39.98
C VAL I 143 2.25 -38.96 -38.51
N GLU I 144 1.52 -38.18 -37.72
CA GLU I 144 1.38 -38.43 -36.29
C GLU I 144 0.00 -38.96 -35.97
N GLY I 145 -0.07 -40.09 -35.28
CA GLY I 145 -1.34 -40.64 -34.85
C GLY I 145 -1.50 -40.57 -33.35
N VAL I 146 -2.74 -40.42 -32.89
CA VAL I 146 -3.03 -40.51 -31.45
C VAL I 146 -4.16 -41.48 -31.21
N THR I 147 -4.00 -42.30 -30.16
CA THR I 147 -5.00 -43.30 -29.81
C THR I 147 -5.09 -43.46 -28.29
N LEU I 148 -6.23 -43.92 -27.80
CA LEU I 148 -6.39 -44.19 -26.37
C LEU I 148 -5.82 -45.58 -26.00
N SER I 149 -5.46 -46.36 -27.01
CA SER I 149 -5.05 -47.75 -26.77
C SER I 149 -3.55 -47.99 -26.98
N ALA I 150 -2.85 -48.27 -25.88
CA ALA I 150 -1.42 -48.61 -25.94
C ALA I 150 -1.15 -49.81 -26.83
N ALA I 151 -2.06 -50.78 -26.84
CA ALA I 151 -1.89 -51.96 -27.68
C ALA I 151 -1.90 -51.54 -29.15
N GLN I 152 -2.84 -50.67 -29.51
CA GLN I 152 -2.95 -50.16 -30.87
C GLN I 152 -1.71 -49.38 -31.27
N ALA I 153 -1.28 -48.49 -30.38
CA ALA I 153 -0.09 -47.69 -30.63
C ALA I 153 1.13 -48.57 -30.89
N ASP I 154 1.31 -49.62 -30.08
CA ASP I 154 2.45 -50.53 -30.24
C ASP I 154 2.35 -51.30 -31.55
N PHE I 155 1.15 -51.71 -31.89
CA PHE I 155 0.90 -52.43 -33.13
C PHE I 155 1.35 -51.59 -34.33
N GLY I 156 0.91 -50.32 -34.37
CA GLY I 156 1.22 -49.43 -35.47
C GLY I 156 2.69 -49.06 -35.53
N ASN I 157 3.29 -48.77 -34.39
CA ASN I 157 4.71 -48.43 -34.35
C ASN I 157 5.59 -49.60 -34.82
N ARG I 158 5.14 -50.82 -34.50
CA ARG I 158 5.84 -52.02 -34.94
C ARG I 158 5.74 -52.14 -36.47
N ARG I 159 4.54 -51.88 -37.01
CA ARG I 159 4.32 -51.99 -38.43
C ARG I 159 5.17 -50.95 -39.18
N ALA I 160 5.18 -49.71 -38.68
CA ALA I 160 6.02 -48.66 -39.25
C ALA I 160 7.50 -49.03 -39.26
N ARG I 161 7.97 -49.65 -38.18
CA ARG I 161 9.36 -50.10 -38.13
C ARG I 161 9.64 -51.09 -39.25
N GLU I 162 8.72 -52.04 -39.42
CA GLU I 162 8.89 -53.08 -40.43
C GLU I 162 8.94 -52.51 -41.83
N LEU I 163 8.22 -51.41 -42.03
CA LEU I 163 8.12 -50.79 -43.35
C LEU I 163 9.22 -49.74 -43.53
N ARG I 164 9.97 -49.52 -42.45
CA ARG I 164 11.10 -48.59 -42.42
C ARG I 164 10.63 -47.16 -42.69
N ILE I 165 9.48 -46.81 -42.12
CA ILE I 165 8.94 -45.46 -42.22
C ILE I 165 8.68 -44.88 -40.83
N ASP I 166 9.25 -45.50 -39.80
CA ASP I 166 9.08 -45.01 -38.43
C ASP I 166 9.77 -43.68 -38.20
N ASP I 167 10.66 -43.29 -39.11
CA ASP I 167 11.26 -41.97 -39.03
C ASP I 167 10.23 -40.88 -39.34
N HIS I 168 9.11 -41.27 -39.94
CA HIS I 168 8.07 -40.32 -40.36
C HIS I 168 6.68 -40.65 -39.82
N VAL I 169 6.47 -41.90 -39.42
CA VAL I 169 5.15 -42.35 -38.98
C VAL I 169 5.20 -42.82 -37.54
N ARG I 170 4.39 -42.20 -36.68
CA ARG I 170 4.39 -42.52 -35.26
C ARG I 170 3.02 -42.46 -34.58
N SER I 171 2.66 -43.53 -33.86
CA SER I 171 1.45 -43.54 -33.04
C SER I 171 1.80 -43.31 -31.57
N ARG I 172 0.96 -42.53 -30.88
CA ARG I 172 1.14 -42.29 -29.44
C ARG I 172 -0.17 -42.44 -28.70
N VAL I 173 -0.08 -42.84 -27.43
CA VAL I 173 -1.27 -42.91 -26.58
C VAL I 173 -1.53 -41.50 -26.10
N CYS I 174 -2.67 -40.94 -26.47
CA CYS I 174 -3.00 -39.55 -26.16
C CYS I 174 -4.45 -39.26 -26.51
N ASN I 175 -5.10 -38.49 -25.62
CA ASN I 175 -6.46 -38.03 -25.82
C ASN I 175 -6.48 -37.01 -26.95
N MET I 176 -7.23 -37.28 -28.02
CA MET I 176 -7.23 -36.41 -29.19
C MET I 176 -7.85 -35.04 -28.88
N LEU I 177 -8.44 -34.91 -27.70
CA LEU I 177 -8.99 -33.64 -27.26
C LEU I 177 -7.91 -32.75 -26.64
N ASP I 178 -6.74 -33.34 -26.37
CA ASP I 178 -5.69 -32.61 -25.67
C ASP I 178 -4.31 -33.09 -26.11
N THR I 179 -3.90 -32.68 -27.32
CA THR I 179 -2.70 -33.24 -27.94
C THR I 179 -1.48 -32.31 -27.74
N PRO I 180 -0.27 -32.85 -27.92
CA PRO I 180 0.96 -32.09 -27.73
C PRO I 180 1.31 -31.19 -28.92
N PHE I 181 0.53 -31.28 -29.99
CA PHE I 181 0.90 -30.59 -31.23
C PHE I 181 0.80 -29.08 -31.05
N ASP I 182 1.75 -28.36 -31.62
CA ASP I 182 1.79 -26.90 -31.47
C ASP I 182 0.66 -26.22 -32.24
N LYS I 183 0.24 -25.06 -31.76
CA LYS I 183 -0.72 -24.23 -32.47
C LYS I 183 -0.20 -23.96 -33.88
N GLY I 184 -1.02 -24.25 -34.88
CA GLY I 184 -0.69 -23.92 -36.25
C GLY I 184 0.37 -24.79 -36.90
N ALA I 185 0.77 -25.87 -36.24
CA ALA I 185 1.85 -26.71 -36.76
C ALA I 185 1.41 -27.81 -37.75
N VAL I 186 0.12 -28.05 -37.87
CA VAL I 186 -0.34 -29.22 -38.63
C VAL I 186 -0.94 -28.78 -39.95
N THR I 187 -0.57 -29.46 -41.02
CA THR I 187 -1.04 -29.07 -42.34
C THR I 187 -2.45 -29.61 -42.62
N ALA I 188 -2.69 -30.86 -42.20
CA ALA I 188 -3.96 -31.49 -42.45
C ALA I 188 -4.18 -32.61 -41.44
N SER I 189 -5.44 -32.90 -41.14
CA SER I 189 -5.78 -33.89 -40.11
C SER I 189 -7.16 -34.48 -40.40
N TRP I 190 -7.53 -35.54 -39.68
CA TRP I 190 -8.78 -36.23 -39.94
C TRP I 190 -9.22 -37.13 -38.80
N ASN I 191 -10.51 -37.46 -38.81
CA ASN I 191 -11.05 -38.53 -37.98
C ASN I 191 -11.74 -39.51 -38.93
N ASN I 192 -11.25 -40.75 -38.98
CA ASN I 192 -11.93 -41.80 -39.72
C ASN I 192 -12.63 -42.71 -38.71
N GLU I 193 -13.94 -42.52 -38.59
CA GLU I 193 -14.78 -43.30 -37.69
C GLU I 193 -14.30 -43.28 -36.25
N SER I 194 -14.02 -42.08 -35.73
CA SER I 194 -13.61 -41.94 -34.35
C SER I 194 -14.19 -40.70 -33.66
N THR I 195 -15.02 -39.94 -34.37
CA THR I 195 -15.65 -38.77 -33.79
C THR I 195 -16.76 -39.14 -32.80
N MET I 196 -17.28 -40.37 -32.91
CA MET I 196 -18.41 -40.80 -32.09
C MET I 196 -18.02 -41.18 -30.66
N TYR I 197 -16.77 -40.92 -30.30
CA TYR I 197 -16.31 -41.21 -28.94
C TYR I 197 -16.01 -39.93 -28.14
N VAL I 198 -16.26 -38.77 -28.74
CA VAL I 198 -15.96 -37.49 -28.11
C VAL I 198 -17.03 -36.40 -28.37
N ASP I 199 -17.03 -35.39 -27.51
CA ASP I 199 -17.80 -34.17 -27.72
C ASP I 199 -17.23 -33.45 -28.95
N LEU I 200 -18.09 -33.08 -29.89
CA LEU I 200 -17.63 -32.52 -31.17
C LEU I 200 -17.10 -31.09 -31.08
N HIS I 201 -17.69 -30.25 -30.24
CA HIS I 201 -17.11 -28.93 -30.02
C HIS I 201 -15.68 -29.02 -29.49
N ASP I 202 -15.47 -29.85 -28.47
CA ASP I 202 -14.11 -30.00 -27.93
C ASP I 202 -13.15 -30.58 -28.98
N LEU I 203 -13.66 -31.49 -29.81
CA LEU I 203 -12.82 -32.12 -30.84
C LEU I 203 -12.39 -31.12 -31.88
N PHE I 204 -13.36 -30.39 -32.42
CA PHE I 204 -13.08 -29.47 -33.50
C PHE I 204 -12.36 -28.22 -33.01
N SER I 205 -12.54 -27.90 -31.73
CA SER I 205 -11.72 -26.88 -31.08
C SER I 205 -10.22 -27.26 -31.12
N GLU I 206 -9.92 -28.52 -30.80
CA GLU I 206 -8.53 -28.96 -30.74
C GLU I 206 -7.89 -29.05 -32.14
N HIS I 207 -8.61 -29.60 -33.12
CA HIS I 207 -8.15 -29.64 -34.51
C HIS I 207 -7.91 -28.22 -35.01
N SER I 208 -8.84 -27.33 -34.69
CA SER I 208 -8.74 -25.93 -35.06
C SER I 208 -7.45 -25.33 -34.50
N ARG I 209 -7.11 -25.72 -33.28
CA ARG I 209 -5.94 -25.15 -32.60
C ARG I 209 -4.65 -25.56 -33.32
N PHE I 210 -4.49 -26.86 -33.56
CA PHE I 210 -3.24 -27.33 -34.18
C PHE I 210 -3.12 -27.17 -35.71
N LEU I 211 -4.26 -27.15 -36.42
CA LEU I 211 -4.23 -26.95 -37.87
C LEU I 211 -3.80 -25.52 -38.20
N LYS I 212 -2.95 -25.37 -39.21
CA LYS I 212 -2.56 -24.03 -39.65
C LYS I 212 -3.72 -23.36 -40.37
N VAL I 213 -3.70 -22.03 -40.43
CA VAL I 213 -4.68 -21.32 -41.25
C VAL I 213 -4.50 -21.80 -42.69
N GLY I 214 -5.60 -22.15 -43.35
CA GLY I 214 -5.52 -22.78 -44.66
C GLY I 214 -5.33 -24.29 -44.58
N GLY I 215 -5.33 -24.82 -43.36
CA GLY I 215 -5.19 -26.26 -43.17
C GLY I 215 -6.44 -27.00 -43.59
N ARG I 216 -6.37 -28.31 -43.69
CA ARG I 216 -7.53 -29.06 -44.13
C ARG I 216 -7.92 -30.14 -43.13
N TYR I 217 -9.22 -30.33 -42.99
CA TYR I 217 -9.75 -31.35 -42.10
C TYR I 217 -10.76 -32.19 -42.86
N VAL I 218 -10.75 -33.50 -42.58
CA VAL I 218 -11.75 -34.38 -43.17
C VAL I 218 -12.24 -35.35 -42.10
N THR I 219 -13.52 -35.68 -42.14
CA THR I 219 -14.00 -36.82 -41.37
C THR I 219 -14.90 -37.74 -42.21
N ILE I 220 -14.78 -39.03 -41.96
CA ILE I 220 -15.81 -39.98 -42.37
C ILE I 220 -16.44 -40.54 -41.10
N THR I 221 -17.76 -40.47 -41.04
CA THR I 221 -18.43 -40.83 -39.82
C THR I 221 -19.79 -41.42 -40.14
N GLY I 222 -20.33 -42.15 -39.17
CA GLY I 222 -21.74 -42.49 -39.17
C GLY I 222 -22.45 -41.53 -38.23
N CYS I 223 -23.38 -40.74 -38.77
CA CYS I 223 -24.17 -39.82 -37.97
C CYS I 223 -25.65 -40.15 -38.09
N TRP I 224 -26.44 -39.92 -37.04
CA TRP I 224 -27.87 -40.06 -37.21
C TRP I 224 -28.47 -38.84 -37.92
N ASN I 225 -29.56 -39.07 -38.65
CA ASN I 225 -30.10 -38.05 -39.56
C ASN I 225 -31.19 -37.21 -38.92
N PRO I 226 -30.95 -35.89 -38.76
CA PRO I 226 -31.91 -35.03 -38.06
C PRO I 226 -33.26 -35.08 -38.75
N ARG I 227 -33.28 -35.42 -40.04
CA ARG I 227 -34.53 -35.59 -40.78
C ARG I 227 -35.44 -36.62 -40.13
N TYR I 228 -34.82 -37.66 -39.55
CA TYR I 228 -35.57 -38.74 -38.94
C TYR I 228 -36.19 -38.28 -37.61
N GLY I 229 -35.47 -37.42 -36.89
CA GLY I 229 -36.03 -36.79 -35.70
C GLY I 229 -35.17 -36.96 -34.46
N GLN I 230 -34.91 -38.21 -34.10
CA GLN I 230 -34.03 -38.56 -32.99
C GLN I 230 -33.36 -39.86 -33.38
N PRO I 231 -32.34 -40.29 -32.62
CA PRO I 231 -31.71 -41.59 -32.90
C PRO I 231 -32.70 -42.75 -32.88
N SER I 232 -32.78 -43.51 -33.96
CA SER I 232 -33.69 -44.66 -34.01
C SER I 232 -33.16 -45.80 -33.13
N LYS I 233 -33.96 -46.84 -32.95
CA LYS I 233 -33.50 -47.97 -32.14
C LYS I 233 -32.26 -48.64 -32.72
N TRP I 234 -32.13 -48.64 -34.05
CA TRP I 234 -30.96 -49.23 -34.69
C TRP I 234 -29.70 -48.47 -34.31
N VAL I 235 -29.78 -47.14 -34.33
CA VAL I 235 -28.64 -46.31 -33.95
C VAL I 235 -28.20 -46.58 -32.52
N SER I 236 -29.18 -46.66 -31.61
CA SER I 236 -28.91 -46.98 -30.22
C SER I 236 -28.28 -48.36 -30.07
N GLN I 237 -28.72 -49.31 -30.89
CA GLN I 237 -28.13 -50.65 -30.83
C GLN I 237 -26.66 -50.60 -31.23
N ILE I 238 -26.36 -49.78 -32.23
CA ILE I 238 -24.98 -49.59 -32.65
C ILE I 238 -24.16 -48.92 -31.53
N ASN I 239 -24.73 -47.87 -30.92
CA ASN I 239 -24.11 -47.25 -29.73
C ASN I 239 -23.79 -48.29 -28.65
N ALA I 240 -24.77 -49.11 -28.31
CA ALA I 240 -24.60 -50.09 -27.25
C ALA I 240 -23.50 -51.06 -27.64
N HIS I 241 -23.49 -51.45 -28.92
CA HIS I 241 -22.52 -52.41 -29.43
C HIS I 241 -21.08 -51.92 -29.37
N PHE I 242 -20.84 -50.67 -29.77
CA PHE I 242 -19.49 -50.10 -29.77
C PHE I 242 -19.17 -49.21 -28.57
N GLU I 243 -20.15 -49.05 -27.67
CA GLU I 243 -19.97 -48.18 -26.51
C GLU I 243 -19.63 -46.76 -26.96
N CYS I 244 -20.30 -46.32 -28.03
CA CYS I 244 -20.00 -45.02 -28.61
C CYS I 244 -21.19 -44.10 -28.44
N ASN I 245 -21.14 -42.93 -29.07
CA ASN I 245 -22.14 -41.90 -28.90
C ASN I 245 -22.36 -41.17 -30.23
N ILE I 246 -23.01 -41.85 -31.16
CA ILE I 246 -23.26 -41.32 -32.49
C ILE I 246 -23.96 -39.96 -32.47
N HIS I 247 -23.37 -39.00 -33.18
CA HIS I 247 -23.88 -37.64 -33.22
C HIS I 247 -24.79 -37.39 -34.40
N SER I 248 -25.67 -36.41 -34.28
CA SER I 248 -26.55 -36.02 -35.37
C SER I 248 -25.77 -35.23 -36.42
N ARG I 249 -26.19 -35.30 -37.68
CA ARG I 249 -25.50 -34.54 -38.71
C ARG I 249 -25.56 -33.05 -38.35
N ARG I 250 -26.65 -32.64 -37.72
CA ARG I 250 -26.80 -31.25 -37.27
C ARG I 250 -25.65 -30.82 -36.35
N GLU I 251 -25.26 -31.71 -35.44
CA GLU I 251 -24.20 -31.43 -34.46
C GLU I 251 -22.83 -31.30 -35.09
N TYR I 252 -22.57 -32.12 -36.10
CA TYR I 252 -21.31 -32.00 -36.82
C TYR I 252 -21.15 -30.60 -37.40
N LEU I 253 -22.19 -30.14 -38.08
CA LEU I 253 -22.11 -28.86 -38.79
C LEU I 253 -22.08 -27.69 -37.82
N ARG I 254 -22.85 -27.76 -36.74
CA ARG I 254 -22.86 -26.72 -35.72
C ARG I 254 -21.48 -26.62 -35.06
N ALA I 255 -20.92 -27.75 -34.63
CA ALA I 255 -19.62 -27.75 -33.96
C ALA I 255 -18.50 -27.23 -34.87
N MET I 256 -18.58 -27.55 -36.15
CA MET I 256 -17.64 -26.98 -37.11
C MET I 256 -17.78 -25.48 -37.24
N ALA I 257 -19.01 -24.99 -37.42
CA ALA I 257 -19.20 -23.54 -37.60
C ALA I 257 -18.70 -22.79 -36.37
N ASP I 258 -18.90 -23.37 -35.18
CA ASP I 258 -18.49 -22.77 -33.92
C ASP I 258 -16.97 -22.77 -33.71
N ASN I 259 -16.24 -23.47 -34.58
CA ASN I 259 -14.79 -23.68 -34.42
C ASN I 259 -13.92 -23.45 -35.66
N ARG I 260 -14.34 -22.54 -36.51
CA ARG I 260 -13.47 -22.12 -37.62
C ARG I 260 -13.17 -23.18 -38.68
N LEU I 261 -13.98 -24.24 -38.71
CA LEU I 261 -13.87 -25.23 -39.75
C LEU I 261 -15.05 -25.04 -40.69
N VAL I 262 -14.76 -24.86 -41.98
CA VAL I 262 -15.78 -24.56 -42.97
C VAL I 262 -15.78 -25.63 -44.05
N PRO I 263 -16.80 -26.50 -44.04
CA PRO I 263 -16.97 -27.54 -45.06
C PRO I 263 -16.92 -27.00 -46.49
N HIS I 264 -16.16 -27.66 -47.35
CA HIS I 264 -16.17 -27.34 -48.77
C HIS I 264 -16.77 -28.48 -49.58
N THR I 265 -16.82 -29.66 -48.95
CA THR I 265 -17.41 -30.84 -49.58
C THR I 265 -18.11 -31.67 -48.52
N ILE I 266 -19.35 -32.06 -48.80
CA ILE I 266 -20.07 -33.00 -47.98
C ILE I 266 -20.75 -34.01 -48.90
N VAL I 267 -20.50 -35.29 -48.63
CA VAL I 267 -21.03 -36.36 -49.46
C VAL I 267 -21.72 -37.39 -48.58
N ASP I 268 -22.99 -37.65 -48.84
CA ASP I 268 -23.67 -38.79 -48.25
C ASP I 268 -23.20 -40.09 -48.93
N LEU I 269 -22.37 -40.84 -48.21
CA LEU I 269 -21.79 -42.06 -48.73
C LEU I 269 -22.62 -43.31 -48.43
N THR I 270 -23.86 -43.11 -47.96
CA THR I 270 -24.72 -44.23 -47.54
C THR I 270 -24.96 -45.22 -48.69
N PRO I 271 -25.34 -44.73 -49.88
CA PRO I 271 -25.49 -45.64 -51.04
C PRO I 271 -24.19 -46.35 -51.37
N ASP I 272 -23.06 -45.75 -51.02
CA ASP I 272 -21.75 -46.27 -51.42
C ASP I 272 -21.20 -47.32 -50.46
N THR I 273 -21.73 -47.34 -49.24
CA THR I 273 -21.22 -48.24 -48.22
C THR I 273 -22.13 -49.46 -48.06
N LEU I 274 -23.36 -49.36 -48.56
CA LEU I 274 -24.33 -50.45 -48.46
C LEU I 274 -23.85 -51.74 -49.11
N PRO I 275 -23.22 -51.66 -50.30
CA PRO I 275 -22.73 -52.91 -50.91
C PRO I 275 -21.74 -53.64 -50.00
N TYR I 276 -20.81 -52.90 -49.40
CA TYR I 276 -19.86 -53.48 -48.46
C TYR I 276 -20.59 -54.15 -47.30
N TRP I 277 -21.66 -53.54 -46.82
CA TRP I 277 -22.42 -54.11 -45.70
C TRP I 277 -23.23 -55.34 -46.08
N GLU I 278 -23.82 -55.31 -47.26
CA GLU I 278 -24.64 -56.43 -47.73
C GLU I 278 -23.78 -57.66 -48.03
N LEU I 279 -22.62 -57.43 -48.67
CA LEU I 279 -21.64 -58.49 -48.83
C LEU I 279 -21.25 -59.06 -47.48
N ARG I 280 -20.89 -58.17 -46.56
CA ARG I 280 -20.50 -58.57 -45.21
C ARG I 280 -21.56 -59.43 -44.54
N ALA I 281 -22.83 -59.08 -44.74
CA ALA I 281 -23.94 -59.78 -44.09
C ALA I 281 -24.16 -61.18 -44.66
N THR I 282 -23.81 -61.39 -45.93
CA THR I 282 -24.00 -62.68 -46.58
C THR I 282 -22.94 -63.69 -46.16
N SER I 283 -21.89 -63.21 -45.49
CA SER I 283 -20.76 -64.07 -45.17
C SER I 283 -20.85 -64.66 -43.78
N SER I 284 -19.79 -65.38 -43.40
CA SER I 284 -19.65 -65.92 -42.06
C SER I 284 -18.65 -65.05 -41.31
N LEU I 285 -18.61 -63.78 -41.69
CA LEU I 285 -17.73 -62.81 -41.05
C LEU I 285 -18.57 -61.88 -40.17
N VAL I 286 -19.89 -62.05 -40.29
CA VAL I 286 -20.89 -61.30 -39.52
C VAL I 286 -20.50 -61.12 -38.04
N THR I 287 -20.96 -60.03 -37.43
CA THR I 287 -20.79 -59.81 -36.00
C THR I 287 -22.15 -59.64 -35.31
N GLY I 288 -23.22 -59.61 -36.11
CA GLY I 288 -24.56 -59.44 -35.60
C GLY I 288 -25.02 -57.98 -35.58
N ILE I 289 -24.15 -57.08 -35.99
CA ILE I 289 -24.50 -55.66 -36.04
C ILE I 289 -24.92 -55.23 -37.45
N GLU I 290 -24.65 -56.12 -38.42
CA GLU I 290 -24.93 -55.82 -39.83
C GLU I 290 -26.36 -55.37 -40.06
N LYS I 291 -27.31 -55.99 -39.36
CA LYS I 291 -28.72 -55.67 -39.58
C LYS I 291 -29.03 -54.25 -39.13
N ALA I 292 -28.44 -53.84 -38.01
CA ALA I 292 -28.66 -52.49 -37.50
C ALA I 292 -28.18 -51.45 -38.51
N PHE I 293 -26.98 -51.64 -39.05
CA PHE I 293 -26.46 -50.76 -40.10
C PHE I 293 -27.36 -50.75 -41.33
N ILE I 294 -27.61 -51.92 -41.89
CA ILE I 294 -28.40 -52.04 -43.12
C ILE I 294 -29.81 -51.46 -42.98
N GLU I 295 -30.50 -51.83 -41.91
CA GLU I 295 -31.85 -51.33 -41.70
C GLU I 295 -31.88 -49.81 -41.48
N SER I 296 -30.91 -49.29 -40.75
CA SER I 296 -30.91 -47.85 -40.45
C SER I 296 -30.49 -47.06 -41.69
N TYR I 297 -29.52 -47.59 -42.44
CA TYR I 297 -29.12 -47.01 -43.73
C TYR I 297 -30.30 -46.92 -44.68
N ARG I 298 -31.13 -47.96 -44.71
CA ARG I 298 -32.25 -48.00 -45.65
C ARG I 298 -33.45 -47.16 -45.24
N ASP I 299 -33.77 -47.12 -43.94
CA ASP I 299 -34.92 -46.33 -43.48
C ASP I 299 -34.58 -44.84 -43.27
N GLY I 300 -33.32 -44.48 -43.51
CA GLY I 300 -32.90 -43.10 -43.45
C GLY I 300 -32.68 -42.53 -42.06
N SER I 301 -32.62 -43.39 -41.04
CA SER I 301 -32.40 -42.93 -39.67
C SER I 301 -30.91 -42.73 -39.36
N PHE I 302 -30.05 -43.42 -40.09
CA PHE I 302 -28.60 -43.41 -39.91
C PHE I 302 -27.96 -43.12 -41.28
N GLN I 303 -26.79 -42.47 -41.30
CA GLN I 303 -26.12 -42.22 -42.58
C GLN I 303 -24.62 -42.25 -42.43
N TYR I 304 -23.95 -42.52 -43.54
CA TYR I 304 -22.50 -42.55 -43.56
C TYR I 304 -22.06 -41.36 -44.40
N VAL I 305 -21.30 -40.45 -43.79
CA VAL I 305 -21.04 -39.16 -44.42
C VAL I 305 -19.56 -38.77 -44.44
N LEU I 306 -19.14 -38.15 -45.53
CA LEU I 306 -17.83 -37.51 -45.57
C LEU I 306 -18.03 -35.99 -45.46
N ILE I 307 -17.29 -35.36 -44.55
CA ILE I 307 -17.26 -33.90 -44.46
C ILE I 307 -15.81 -33.42 -44.53
N ALA I 308 -15.48 -32.67 -45.58
CA ALA I 308 -14.15 -32.11 -45.73
C ALA I 308 -14.25 -30.61 -45.58
N ALA I 309 -13.32 -30.03 -44.81
CA ALA I 309 -13.46 -28.63 -44.43
C ALA I 309 -12.13 -27.91 -44.38
N ASP I 310 -12.18 -26.59 -44.51
CA ASP I 310 -11.00 -25.75 -44.43
C ASP I 310 -10.92 -25.14 -43.03
N ARG I 311 -9.70 -25.03 -42.50
CA ARG I 311 -9.46 -24.25 -41.29
C ARG I 311 -9.25 -22.79 -41.70
N VAL I 312 -10.14 -21.89 -41.29
CA VAL I 312 -10.05 -20.50 -41.71
C VAL I 312 -9.92 -19.55 -40.53
N ALA J 38 -47.61 -7.49 -13.10
CA ALA J 38 -46.88 -8.36 -14.04
C ALA J 38 -45.79 -9.18 -13.36
N THR J 39 -45.01 -8.50 -12.51
CA THR J 39 -44.09 -9.16 -11.59
C THR J 39 -44.20 -8.39 -10.29
N PRO J 40 -43.79 -9.00 -9.18
CA PRO J 40 -43.77 -8.26 -7.91
C PRO J 40 -42.95 -6.96 -8.01
N TYR J 41 -41.83 -7.02 -8.72
CA TYR J 41 -41.02 -5.84 -8.89
C TYR J 41 -41.75 -4.74 -9.65
N GLN J 42 -42.52 -5.12 -10.69
CA GLN J 42 -43.24 -4.10 -11.45
C GLN J 42 -44.38 -3.50 -10.63
N GLU J 43 -44.97 -4.31 -9.74
CA GLU J 43 -45.90 -3.75 -8.76
C GLU J 43 -45.23 -2.68 -7.89
N ASP J 44 -44.02 -2.97 -7.40
CA ASP J 44 -43.25 -2.01 -6.60
C ASP J 44 -43.04 -0.68 -7.31
N ILE J 45 -42.75 -0.76 -8.61
CA ILE J 45 -42.45 0.43 -9.41
C ILE J 45 -43.73 1.21 -9.75
N ALA J 46 -44.81 0.49 -10.04
CA ALA J 46 -46.12 1.10 -10.19
C ALA J 46 -46.44 1.93 -8.94
N ARG J 47 -46.27 1.32 -7.78
CA ARG J 47 -46.54 1.98 -6.49
C ARG J 47 -45.64 3.19 -6.26
N TYR J 48 -44.34 3.00 -6.44
CA TYR J 48 -43.37 4.10 -6.28
C TYR J 48 -43.85 5.34 -7.04
N TRP J 49 -44.15 5.17 -8.32
CA TRP J 49 -44.55 6.29 -9.15
C TRP J 49 -45.99 6.75 -8.90
N ASN J 50 -46.88 5.83 -8.54
CA ASN J 50 -48.21 6.24 -8.12
C ASN J 50 -48.15 7.20 -6.92
N ASN J 51 -47.17 6.98 -6.05
CA ASN J 51 -47.07 7.70 -4.79
C ASN J 51 -46.14 8.90 -4.83
N GLU J 52 -45.53 9.16 -5.99
CA GLU J 52 -44.54 10.22 -6.08
C GLU J 52 -45.15 11.57 -6.50
N ALA J 53 -44.60 12.65 -5.96
CA ALA J 53 -44.98 14.00 -6.35
C ALA J 53 -44.02 14.99 -5.71
N ARG J 54 -42.73 14.82 -6.00
CA ARG J 54 -41.71 15.68 -5.40
C ARG J 54 -41.71 17.07 -6.01
N PRO J 55 -41.57 18.09 -5.16
CA PRO J 55 -41.50 19.49 -5.64
C PRO J 55 -40.44 19.66 -6.74
N VAL J 56 -39.28 19.03 -6.57
CA VAL J 56 -38.20 19.16 -7.57
C VAL J 56 -38.69 18.74 -8.95
N ASN J 57 -39.82 18.03 -8.97
CA ASN J 57 -40.47 17.61 -10.21
C ASN J 57 -41.66 18.49 -10.59
N LEU J 58 -42.56 18.74 -9.65
CA LEU J 58 -43.81 19.42 -9.97
C LEU J 58 -43.63 20.93 -10.15
N ARG J 59 -42.81 21.55 -9.30
CA ARG J 59 -42.55 22.97 -9.41
C ARG J 59 -41.83 23.32 -10.72
N LEU J 60 -40.86 22.50 -11.11
CA LEU J 60 -40.20 22.68 -12.43
C LEU J 60 -41.22 22.56 -13.56
N GLY J 61 -42.02 21.49 -13.54
CA GLY J 61 -43.09 21.31 -14.51
C GLY J 61 -44.05 22.49 -14.57
N ASP J 62 -44.41 23.03 -13.41
CA ASP J 62 -45.36 24.15 -13.34
C ASP J 62 -44.93 25.35 -14.19
N VAL J 63 -43.62 25.49 -14.37
CA VAL J 63 -43.09 26.64 -15.09
C VAL J 63 -43.77 26.85 -16.44
N ASP J 64 -43.93 25.76 -17.21
CA ASP J 64 -44.60 25.87 -18.50
C ASP J 64 -45.49 24.67 -18.86
N GLY J 65 -45.76 23.82 -17.87
CA GLY J 65 -46.65 22.70 -18.08
C GLY J 65 -46.01 21.52 -18.80
N LEU J 66 -44.68 21.47 -18.81
CA LEU J 66 -43.96 20.32 -19.33
C LEU J 66 -43.40 19.52 -18.16
N TYR J 67 -44.02 18.37 -17.88
CA TYR J 67 -43.67 17.62 -16.69
C TYR J 67 -42.67 16.50 -16.96
N HIS J 68 -41.43 16.75 -16.55
CA HIS J 68 -40.32 15.82 -16.78
C HIS J 68 -39.95 15.04 -15.54
N HIS J 69 -39.43 13.83 -15.75
CA HIS J 69 -38.75 13.10 -14.69
C HIS J 69 -37.41 12.63 -15.23
N HIS J 70 -36.56 13.60 -15.56
CA HIS J 70 -35.21 13.30 -15.99
C HIS J 70 -34.33 14.50 -15.69
N TYR J 71 -33.02 14.33 -15.89
CA TYR J 71 -32.08 15.35 -15.45
C TYR J 71 -31.69 16.32 -16.58
N GLY J 72 -30.90 17.33 -16.24
CA GLY J 72 -30.58 18.38 -17.19
C GLY J 72 -29.20 18.28 -17.80
N ILE J 73 -29.03 18.91 -18.98
CA ILE J 73 -27.73 19.04 -19.60
C ILE J 73 -27.48 20.45 -20.10
N GLY J 74 -26.21 20.83 -20.19
CA GLY J 74 -25.86 22.14 -20.69
C GLY J 74 -25.46 23.13 -19.60
N PRO J 75 -24.74 24.18 -19.99
CA PRO J 75 -24.19 25.21 -19.11
C PRO J 75 -25.28 25.97 -18.37
N VAL J 76 -25.02 26.32 -17.11
CA VAL J 76 -25.98 27.11 -16.35
C VAL J 76 -25.93 28.56 -16.83
N ASP J 77 -27.10 29.19 -16.91
CA ASP J 77 -27.21 30.58 -17.35
C ASP J 77 -27.18 31.54 -16.15
N ARG J 78 -25.98 31.94 -15.73
CA ARG J 78 -25.82 32.82 -14.58
C ARG J 78 -26.61 34.12 -14.70
N ALA J 79 -26.54 34.75 -15.87
CA ALA J 79 -27.30 35.97 -16.12
C ALA J 79 -28.76 35.81 -15.70
N ALA J 80 -29.43 34.81 -16.27
CA ALA J 80 -30.85 34.58 -16.00
C ALA J 80 -31.11 34.35 -14.51
N LEU J 81 -30.17 33.67 -13.84
CA LEU J 81 -30.30 33.43 -12.41
C LEU J 81 -30.19 34.75 -11.64
N GLY J 82 -29.28 35.62 -12.08
CA GLY J 82 -29.13 36.92 -11.47
C GLY J 82 -28.58 36.85 -10.06
N ASP J 83 -28.94 37.83 -9.24
CA ASP J 83 -28.41 37.94 -7.89
C ASP J 83 -28.78 36.75 -7.00
N PRO J 84 -27.75 36.09 -6.43
CA PRO J 84 -27.91 34.91 -5.56
C PRO J 84 -28.66 35.16 -4.27
N GLU J 85 -28.73 36.40 -3.80
CA GLU J 85 -29.48 36.71 -2.58
C GLU J 85 -30.81 37.39 -2.87
N HIS J 86 -30.96 37.87 -4.11
CA HIS J 86 -32.22 38.49 -4.52
C HIS J 86 -33.41 37.69 -4.00
N SER J 87 -34.51 38.38 -3.75
CA SER J 87 -35.68 37.76 -3.12
C SER J 87 -36.18 36.55 -3.91
N GLU J 88 -36.16 36.65 -5.24
CA GLU J 88 -36.70 35.60 -6.09
C GLU J 88 -35.62 34.77 -6.79
N TYR J 89 -34.56 34.43 -6.05
CA TYR J 89 -33.50 33.60 -6.60
C TYR J 89 -33.95 32.16 -6.79
N GLU J 90 -34.52 31.56 -5.74
CA GLU J 90 -34.99 30.18 -5.79
C GLU J 90 -36.01 29.95 -6.90
N LYS J 91 -36.74 31.00 -7.26
CA LYS J 91 -37.73 30.89 -8.32
C LYS J 91 -37.04 30.90 -9.68
N LYS J 92 -35.89 31.57 -9.73
CA LYS J 92 -35.07 31.57 -10.94
C LYS J 92 -34.30 30.26 -11.09
N VAL J 93 -33.84 29.70 -9.97
CA VAL J 93 -33.22 28.39 -9.97
C VAL J 93 -34.20 27.32 -10.46
N ILE J 94 -35.45 27.39 -10.00
CA ILE J 94 -36.48 26.48 -10.50
C ILE J 94 -36.62 26.60 -12.03
N ALA J 95 -36.67 27.83 -12.53
CA ALA J 95 -36.77 28.05 -13.96
C ALA J 95 -35.55 27.52 -14.72
N GLU J 96 -34.36 27.73 -14.16
CA GLU J 96 -33.14 27.31 -14.81
C GLU J 96 -33.01 25.77 -14.88
N LEU J 97 -33.33 25.12 -13.76
CA LEU J 97 -33.24 23.66 -13.67
C LEU J 97 -34.22 23.02 -14.64
N HIS J 98 -35.41 23.59 -14.72
CA HIS J 98 -36.41 23.14 -15.69
C HIS J 98 -35.95 23.38 -17.12
N ARG J 99 -35.26 24.50 -17.35
CA ARG J 99 -34.73 24.77 -18.68
C ARG J 99 -33.73 23.68 -19.11
N LEU J 100 -32.87 23.25 -18.18
CA LEU J 100 -31.85 22.27 -18.50
C LEU J 100 -32.46 20.90 -18.74
N GLU J 101 -33.54 20.60 -18.03
CA GLU J 101 -34.26 19.34 -18.21
C GLU J 101 -34.97 19.29 -19.56
N SER J 102 -35.57 20.41 -19.97
CA SER J 102 -36.16 20.48 -21.31
C SER J 102 -35.10 20.43 -22.42
N ALA J 103 -33.92 21.01 -22.17
CA ALA J 103 -32.83 20.93 -23.12
C ALA J 103 -32.40 19.46 -23.33
N GLN J 104 -32.42 18.69 -22.25
CA GLN J 104 -32.09 17.27 -22.28
C GLN J 104 -33.05 16.54 -23.22
N ALA J 105 -34.35 16.76 -23.06
CA ALA J 105 -35.33 16.14 -23.93
C ALA J 105 -35.18 16.58 -25.38
N GLU J 106 -34.89 17.87 -25.59
CA GLU J 106 -34.70 18.38 -26.94
C GLU J 106 -33.48 17.73 -27.60
N PHE J 107 -32.43 17.52 -26.82
CA PHE J 107 -31.23 16.84 -27.32
C PHE J 107 -31.49 15.39 -27.70
N LEU J 108 -32.31 14.69 -26.91
CA LEU J 108 -32.73 13.33 -27.26
C LEU J 108 -33.49 13.34 -28.60
N MET J 109 -34.45 14.26 -28.75
CA MET J 109 -35.23 14.34 -29.98
C MET J 109 -34.36 14.68 -31.20
N ASP J 110 -33.24 15.35 -30.99
CA ASP J 110 -32.31 15.63 -32.07
C ASP J 110 -31.84 14.32 -32.75
N HIS J 111 -31.95 13.20 -32.04
CA HIS J 111 -31.41 11.92 -32.54
C HIS J 111 -32.48 10.91 -32.98
N LEU J 112 -33.73 11.37 -33.07
CA LEU J 112 -34.85 10.51 -33.50
C LEU J 112 -35.09 10.55 -35.00
N GLY J 113 -34.22 11.25 -35.72
CA GLY J 113 -34.37 11.38 -37.16
C GLY J 113 -35.55 12.27 -37.51
N GLN J 114 -36.08 12.09 -38.72
CA GLN J 114 -37.25 12.87 -39.11
C GLN J 114 -38.50 12.03 -38.89
N ALA J 115 -39.54 12.70 -38.43
CA ALA J 115 -40.84 12.07 -38.22
C ALA J 115 -41.89 13.13 -38.53
N GLY J 116 -43.07 12.70 -38.93
CA GLY J 116 -44.11 13.63 -39.30
C GLY J 116 -45.46 13.20 -38.78
N PRO J 117 -46.50 13.98 -39.11
CA PRO J 117 -47.90 13.72 -38.69
C PRO J 117 -48.37 12.29 -38.95
N ASP J 118 -47.86 11.63 -39.98
CA ASP J 118 -48.34 10.29 -40.30
C ASP J 118 -47.59 9.18 -39.57
N ASP J 119 -46.68 9.58 -38.68
CA ASP J 119 -45.85 8.61 -37.94
C ASP J 119 -46.34 8.39 -36.52
N THR J 120 -46.01 7.24 -35.97
CA THR J 120 -46.23 6.98 -34.55
C THR J 120 -44.88 6.93 -33.85
N LEU J 121 -44.78 7.65 -32.73
CA LEU J 121 -43.60 7.62 -31.87
C LEU J 121 -44.03 7.00 -30.54
N VAL J 122 -43.13 6.28 -29.89
CA VAL J 122 -43.42 5.62 -28.64
C VAL J 122 -42.47 6.07 -27.54
N ASP J 123 -43.05 6.53 -26.43
CA ASP J 123 -42.25 6.91 -25.26
C ASP J 123 -42.38 5.78 -24.27
N ALA J 124 -41.31 4.98 -24.13
CA ALA J 124 -41.36 3.81 -23.26
C ALA J 124 -40.96 4.16 -21.81
N GLY J 125 -41.92 4.12 -20.89
CA GLY J 125 -41.72 4.56 -19.51
C GLY J 125 -41.88 6.07 -19.45
N CYS J 126 -43.10 6.55 -19.70
CA CYS J 126 -43.30 7.94 -20.13
C CYS J 126 -43.50 8.99 -19.04
N GLY J 127 -43.59 8.58 -17.78
CA GLY J 127 -43.76 9.53 -16.70
C GLY J 127 -45.03 10.34 -16.82
N ARG J 128 -44.96 11.63 -16.55
CA ARG J 128 -46.16 12.50 -16.58
C ARG J 128 -46.44 13.09 -17.97
N GLY J 129 -45.58 12.79 -18.93
CA GLY J 129 -45.88 13.08 -20.33
C GLY J 129 -45.17 14.27 -20.97
N GLY J 130 -44.32 14.95 -20.21
CA GLY J 130 -43.60 16.11 -20.73
C GLY J 130 -42.93 15.88 -22.08
N SER J 131 -42.19 14.78 -22.21
CA SER J 131 -41.48 14.48 -23.47
C SER J 131 -42.43 14.21 -24.63
N MET J 132 -43.58 13.60 -24.33
CA MET J 132 -44.57 13.29 -25.34
C MET J 132 -45.18 14.55 -25.94
N VAL J 133 -45.50 15.52 -25.08
CA VAL J 133 -46.01 16.81 -25.54
C VAL J 133 -44.96 17.47 -26.42
N MET J 134 -43.72 17.51 -25.94
CA MET J 134 -42.63 18.12 -26.70
C MET J 134 -42.43 17.43 -28.05
N ALA J 135 -42.52 16.10 -28.07
CA ALA J 135 -42.32 15.35 -29.31
C ALA J 135 -43.43 15.68 -30.32
N HIS J 136 -44.68 15.70 -29.85
CA HIS J 136 -45.79 16.03 -30.74
C HIS J 136 -45.71 17.46 -31.27
N ARG J 137 -45.25 18.40 -30.43
CA ARG J 137 -45.04 19.77 -30.89
C ARG J 137 -43.95 19.83 -31.97
N ARG J 138 -42.88 19.09 -31.77
CA ARG J 138 -41.75 19.15 -32.70
C ARG J 138 -42.04 18.45 -34.03
N PHE J 139 -42.63 17.27 -33.99
CA PHE J 139 -42.83 16.47 -35.20
C PHE J 139 -44.26 16.42 -35.73
N GLY J 140 -45.23 16.70 -34.88
CA GLY J 140 -46.64 16.57 -35.26
C GLY J 140 -47.14 15.13 -35.27
N SER J 141 -46.26 14.19 -34.89
CA SER J 141 -46.61 12.77 -34.93
C SER J 141 -47.64 12.32 -33.88
N ARG J 142 -48.23 11.15 -34.13
CA ARG J 142 -48.97 10.42 -33.11
C ARG J 142 -47.95 9.95 -32.07
N VAL J 143 -48.18 10.23 -30.80
CA VAL J 143 -47.24 9.84 -29.76
C VAL J 143 -47.93 9.02 -28.68
N GLU J 144 -47.44 7.80 -28.49
CA GLU J 144 -48.01 6.86 -27.53
C GLU J 144 -47.04 6.63 -26.38
N GLY J 145 -47.51 6.82 -25.15
CA GLY J 145 -46.68 6.64 -23.98
C GLY J 145 -47.17 5.45 -23.19
N VAL J 146 -46.23 4.69 -22.62
CA VAL J 146 -46.56 3.65 -21.67
C VAL J 146 -45.81 3.85 -20.36
N THR J 147 -46.51 3.61 -19.25
CA THR J 147 -45.98 3.78 -17.91
C THR J 147 -46.66 2.76 -17.01
N LEU J 148 -46.01 2.41 -15.90
CA LEU J 148 -46.61 1.47 -14.97
C LEU J 148 -47.62 2.15 -14.03
N SER J 149 -47.58 3.48 -14.01
CA SER J 149 -48.34 4.25 -13.02
C SER J 149 -49.63 4.81 -13.60
N ALA J 150 -50.76 4.32 -13.12
CA ALA J 150 -52.07 4.85 -13.49
C ALA J 150 -52.17 6.34 -13.16
N ALA J 151 -51.64 6.77 -12.02
CA ALA J 151 -51.70 8.18 -11.66
C ALA J 151 -50.97 9.03 -12.70
N GLN J 152 -49.79 8.58 -13.10
CA GLN J 152 -49.04 9.29 -14.15
C GLN J 152 -49.83 9.33 -15.44
N ALA J 153 -50.36 8.19 -15.87
CA ALA J 153 -51.13 8.13 -17.12
C ALA J 153 -52.33 9.08 -17.09
N ASP J 154 -53.10 9.06 -15.99
CA ASP J 154 -54.27 9.95 -15.84
C ASP J 154 -53.83 11.41 -15.94
N PHE J 155 -52.74 11.73 -15.24
CA PHE J 155 -52.16 13.07 -15.30
C PHE J 155 -51.80 13.46 -16.73
N GLY J 156 -51.05 12.59 -17.40
CA GLY J 156 -50.62 12.87 -18.77
C GLY J 156 -51.81 13.13 -19.68
N ASN J 157 -52.80 12.25 -19.59
CA ASN J 157 -54.00 12.38 -20.41
C ASN J 157 -54.82 13.64 -20.12
N ARG J 158 -54.91 14.04 -18.84
CA ARG J 158 -55.57 15.29 -18.49
C ARG J 158 -54.85 16.45 -19.18
N ARG J 159 -53.53 16.41 -19.16
CA ARG J 159 -52.70 17.43 -19.78
C ARG J 159 -52.95 17.50 -21.29
N ALA J 160 -53.04 16.32 -21.91
CA ALA J 160 -53.25 16.23 -23.35
C ALA J 160 -54.58 16.85 -23.75
N ARG J 161 -55.64 16.54 -23.03
CA ARG J 161 -56.97 17.05 -23.37
C ARG J 161 -57.00 18.56 -23.17
N GLU J 162 -56.44 19.01 -22.06
CA GLU J 162 -56.33 20.44 -21.79
C GLU J 162 -55.59 21.18 -22.93
N LEU J 163 -54.60 20.51 -23.52
CA LEU J 163 -53.86 21.12 -24.62
C LEU J 163 -54.53 20.82 -25.95
N ARG J 164 -55.65 20.11 -25.91
CA ARG J 164 -56.40 19.75 -27.11
C ARG J 164 -55.57 18.91 -28.09
N ILE J 165 -54.66 18.08 -27.58
CA ILE J 165 -53.82 17.26 -28.46
C ILE J 165 -54.02 15.77 -28.22
N ASP J 166 -55.04 15.43 -27.44
CA ASP J 166 -55.30 14.05 -27.08
C ASP J 166 -55.66 13.14 -28.27
N ASP J 167 -55.95 13.75 -29.41
CA ASP J 167 -56.15 12.97 -30.64
C ASP J 167 -54.85 12.33 -31.10
N HIS J 168 -53.72 12.90 -30.68
CA HIS J 168 -52.42 12.44 -31.14
C HIS J 168 -51.53 11.96 -30.01
N VAL J 169 -51.81 12.43 -28.80
CA VAL J 169 -50.96 12.12 -27.64
C VAL J 169 -51.75 11.35 -26.58
N ARG J 170 -51.32 10.13 -26.27
CA ARG J 170 -52.02 9.29 -25.31
C ARG J 170 -51.06 8.46 -24.44
N SER J 171 -51.34 8.44 -23.14
CA SER J 171 -50.63 7.61 -22.19
C SER J 171 -51.50 6.44 -21.73
N ARG J 172 -50.87 5.30 -21.49
CA ARG J 172 -51.57 4.13 -21.02
C ARG J 172 -50.74 3.41 -19.97
N VAL J 173 -51.43 2.73 -19.07
CA VAL J 173 -50.79 1.84 -18.12
C VAL J 173 -50.46 0.55 -18.84
N CYS J 174 -49.18 0.31 -19.05
CA CYS J 174 -48.75 -0.91 -19.73
C CYS J 174 -47.28 -1.17 -19.47
N ASN J 175 -46.93 -2.44 -19.33
CA ASN J 175 -45.54 -2.88 -19.27
C ASN J 175 -44.85 -2.64 -20.62
N MET J 176 -43.78 -1.85 -20.62
CA MET J 176 -43.11 -1.49 -21.87
C MET J 176 -42.39 -2.69 -22.49
N LEU J 177 -42.26 -3.77 -21.72
CA LEU J 177 -41.68 -5.01 -22.26
C LEU J 177 -42.69 -5.83 -23.07
N ASP J 178 -43.97 -5.48 -22.98
CA ASP J 178 -45.01 -6.26 -23.64
C ASP J 178 -46.15 -5.33 -24.05
N THR J 179 -45.95 -4.63 -25.16
CA THR J 179 -46.87 -3.55 -25.55
C THR J 179 -47.83 -4.02 -26.64
N PRO J 180 -48.90 -3.24 -26.90
CA PRO J 180 -49.92 -3.60 -27.90
C PRO J 180 -49.55 -3.17 -29.33
N PHE J 181 -48.46 -2.43 -29.49
CA PHE J 181 -48.08 -1.93 -30.81
C PHE J 181 -47.76 -3.05 -31.80
N ASP J 182 -48.21 -2.90 -33.04
CA ASP J 182 -48.00 -3.94 -34.05
C ASP J 182 -46.57 -3.95 -34.56
N LYS J 183 -46.10 -5.15 -34.90
CA LYS J 183 -44.78 -5.31 -35.48
C LYS J 183 -44.55 -4.29 -36.59
N GLY J 184 -43.47 -3.52 -36.47
CA GLY J 184 -43.07 -2.57 -37.49
C GLY J 184 -43.96 -1.35 -37.68
N ALA J 185 -44.82 -1.06 -36.70
CA ALA J 185 -45.74 0.05 -36.85
C ALA J 185 -45.12 1.37 -36.40
N VAL J 186 -44.01 1.30 -35.68
CA VAL J 186 -43.47 2.48 -35.01
C VAL J 186 -42.25 3.04 -35.73
N THR J 187 -42.19 4.37 -35.85
CA THR J 187 -41.17 5.03 -36.65
C THR J 187 -39.94 5.34 -35.82
N ALA J 188 -40.15 5.80 -34.59
CA ALA J 188 -39.07 6.05 -33.65
C ALA J 188 -39.59 5.90 -32.22
N SER J 189 -38.69 5.52 -31.31
CA SER J 189 -39.10 5.30 -29.92
C SER J 189 -37.93 5.66 -29.02
N TRP J 190 -38.15 5.70 -27.71
CA TRP J 190 -37.08 6.08 -26.81
C TRP J 190 -37.35 5.66 -25.37
N ASN J 191 -36.28 5.60 -24.59
CA ASN J 191 -36.37 5.49 -23.15
C ASN J 191 -35.58 6.68 -22.59
N ASN J 192 -36.27 7.60 -21.93
CA ASN J 192 -35.56 8.69 -21.24
C ASN J 192 -35.50 8.36 -19.75
N GLU J 193 -34.34 7.92 -19.29
CA GLU J 193 -34.19 7.48 -17.90
C GLU J 193 -35.29 6.52 -17.44
N SER J 194 -35.49 5.43 -18.17
CA SER J 194 -36.41 4.39 -17.71
C SER J 194 -35.89 2.98 -17.96
N THR J 195 -34.69 2.87 -18.55
CA THR J 195 -34.10 1.56 -18.85
C THR J 195 -33.60 0.83 -17.59
N MET J 196 -33.45 1.56 -16.49
CA MET J 196 -32.91 0.98 -15.26
C MET J 196 -33.97 0.22 -14.44
N TYR J 197 -35.13 -0.03 -15.03
CA TYR J 197 -36.21 -0.78 -14.37
C TYR J 197 -36.49 -2.14 -15.01
N VAL J 198 -35.80 -2.43 -16.10
CA VAL J 198 -36.06 -3.64 -16.88
C VAL J 198 -34.78 -4.33 -17.37
N ASP J 199 -34.91 -5.63 -17.65
CA ASP J 199 -33.91 -6.39 -18.35
C ASP J 199 -33.73 -5.79 -19.76
N LEU J 200 -32.48 -5.50 -20.13
CA LEU J 200 -32.21 -4.77 -21.38
C LEU J 200 -32.45 -5.62 -22.63
N HIS J 201 -32.11 -6.91 -22.57
CA HIS J 201 -32.39 -7.75 -23.72
C HIS J 201 -33.89 -7.78 -24.01
N ASP J 202 -34.71 -7.89 -22.97
CA ASP J 202 -36.16 -7.93 -23.17
C ASP J 202 -36.70 -6.59 -23.69
N LEU J 203 -36.16 -5.48 -23.17
CA LEU J 203 -36.56 -4.15 -23.62
C LEU J 203 -36.23 -3.92 -25.08
N PHE J 204 -34.98 -4.20 -25.47
CA PHE J 204 -34.56 -3.93 -26.85
C PHE J 204 -35.17 -4.92 -27.85
N SER J 205 -35.51 -6.11 -27.39
CA SER J 205 -36.27 -7.03 -28.22
C SER J 205 -37.66 -6.47 -28.56
N GLU J 206 -38.30 -5.85 -27.56
CA GLU J 206 -39.63 -5.26 -27.73
C GLU J 206 -39.58 -4.04 -28.67
N HIS J 207 -38.66 -3.11 -28.41
CA HIS J 207 -38.45 -1.98 -29.32
C HIS J 207 -38.14 -2.43 -30.75
N SER J 208 -37.29 -3.44 -30.91
CA SER J 208 -36.94 -3.81 -32.28
C SER J 208 -38.12 -4.54 -32.92
N ARG J 209 -39.01 -5.11 -32.10
CA ARG J 209 -40.25 -5.69 -32.61
C ARG J 209 -41.18 -4.63 -33.21
N PHE J 210 -41.53 -3.61 -32.45
CA PHE J 210 -42.48 -2.61 -32.96
C PHE J 210 -41.88 -1.57 -33.90
N LEU J 211 -40.57 -1.39 -33.87
CA LEU J 211 -39.93 -0.42 -34.74
C LEU J 211 -39.83 -0.94 -36.18
N LYS J 212 -40.22 -0.12 -37.14
CA LYS J 212 -40.06 -0.44 -38.56
C LYS J 212 -38.59 -0.60 -38.89
N VAL J 213 -38.30 -1.37 -39.95
CA VAL J 213 -36.94 -1.39 -40.51
C VAL J 213 -36.54 0.03 -40.89
N GLY J 214 -35.38 0.47 -40.42
CA GLY J 214 -34.96 1.85 -40.62
C GLY J 214 -35.55 2.79 -39.57
N GLY J 215 -36.30 2.24 -38.61
CA GLY J 215 -36.80 3.03 -37.50
C GLY J 215 -35.64 3.50 -36.63
N ARG J 216 -35.91 4.41 -35.72
CA ARG J 216 -34.85 4.93 -34.84
C ARG J 216 -35.16 4.82 -33.35
N TYR J 217 -34.12 4.57 -32.58
CA TYR J 217 -34.25 4.42 -31.15
C TYR J 217 -33.21 5.32 -30.48
N VAL J 218 -33.56 5.81 -29.30
CA VAL J 218 -32.64 6.63 -28.52
C VAL J 218 -32.90 6.37 -27.05
N THR J 219 -31.82 6.36 -26.26
CA THR J 219 -31.98 6.38 -24.82
C THR J 219 -30.99 7.35 -24.20
N ILE J 220 -31.41 8.00 -23.13
CA ILE J 220 -30.50 8.70 -22.26
C ILE J 220 -30.64 7.97 -20.94
N THR J 221 -29.50 7.61 -20.35
CA THR J 221 -29.50 6.72 -19.20
C THR J 221 -28.28 7.05 -18.35
N GLY J 222 -28.37 6.76 -17.06
CA GLY J 222 -27.17 6.69 -16.23
C GLY J 222 -26.78 5.22 -16.16
N CYS J 223 -25.55 4.90 -16.58
CA CYS J 223 -25.04 3.53 -16.51
C CYS J 223 -23.73 3.51 -15.72
N TRP J 224 -23.46 2.41 -15.01
CA TRP J 224 -22.16 2.31 -14.37
C TRP J 224 -21.11 2.03 -15.43
N ASN J 225 -19.91 2.55 -15.21
CA ASN J 225 -18.84 2.44 -16.19
C ASN J 225 -18.03 1.15 -16.00
N PRO J 226 -18.01 0.28 -17.02
CA PRO J 226 -17.27 -0.97 -16.95
C PRO J 226 -15.79 -0.72 -16.65
N ARG J 227 -15.29 0.45 -17.04
CA ARG J 227 -13.91 0.87 -16.70
C ARG J 227 -13.63 0.85 -15.21
N TYR J 228 -14.60 1.29 -14.41
CA TYR J 228 -14.47 1.25 -12.96
C TYR J 228 -14.35 -0.19 -12.44
N GLY J 229 -15.13 -1.11 -13.00
CA GLY J 229 -15.00 -2.52 -12.63
C GLY J 229 -16.33 -3.15 -12.28
N GLN J 230 -16.96 -2.64 -11.24
CA GLN J 230 -18.28 -3.09 -10.80
C GLN J 230 -19.00 -1.85 -10.28
N PRO J 231 -20.31 -1.94 -10.01
CA PRO J 231 -21.03 -0.79 -9.45
C PRO J 231 -20.39 -0.26 -8.16
N SER J 232 -20.06 1.03 -8.12
CA SER J 232 -19.51 1.62 -6.88
C SER J 232 -20.56 1.72 -5.78
N LYS J 233 -20.12 2.11 -4.59
CA LYS J 233 -21.08 2.30 -3.49
C LYS J 233 -22.10 3.36 -3.88
N TRP J 234 -21.64 4.41 -4.58
CA TRP J 234 -22.53 5.50 -5.01
C TRP J 234 -23.64 4.98 -5.90
N VAL J 235 -23.27 4.19 -6.91
CA VAL J 235 -24.24 3.64 -7.84
C VAL J 235 -25.30 2.84 -7.07
N SER J 236 -24.87 2.06 -6.08
CA SER J 236 -25.80 1.25 -5.30
C SER J 236 -26.70 2.14 -4.41
N GLN J 237 -26.15 3.24 -3.90
CA GLN J 237 -26.97 4.18 -3.13
C GLN J 237 -28.08 4.77 -4.03
N ILE J 238 -27.72 5.04 -5.28
CA ILE J 238 -28.73 5.47 -6.27
C ILE J 238 -29.77 4.37 -6.54
N ASN J 239 -29.31 3.13 -6.73
CA ASN J 239 -30.24 2.01 -6.88
C ASN J 239 -31.21 1.92 -5.71
N ALA J 240 -30.67 2.03 -4.50
CA ALA J 240 -31.48 1.90 -3.29
C ALA J 240 -32.47 3.06 -3.14
N HIS J 241 -32.06 4.23 -3.63
CA HIS J 241 -32.87 5.43 -3.48
C HIS J 241 -34.10 5.37 -4.38
N PHE J 242 -33.93 4.84 -5.59
CA PHE J 242 -35.01 4.81 -6.58
C PHE J 242 -35.59 3.42 -6.80
N GLU J 243 -35.07 2.43 -6.08
CA GLU J 243 -35.51 1.04 -6.25
C GLU J 243 -35.29 0.59 -7.69
N CYS J 244 -34.16 1.02 -8.27
CA CYS J 244 -33.87 0.71 -9.67
C CYS J 244 -32.66 -0.23 -9.77
N ASN J 245 -32.22 -0.48 -11.01
CA ASN J 245 -31.18 -1.47 -11.29
C ASN J 245 -30.28 -0.97 -12.42
N ILE J 246 -29.42 -0.02 -12.09
CA ILE J 246 -28.55 0.59 -13.07
C ILE J 246 -27.67 -0.45 -13.75
N HIS J 247 -27.61 -0.41 -15.08
CA HIS J 247 -26.85 -1.38 -15.86
C HIS J 247 -25.53 -0.79 -16.29
N SER J 248 -24.58 -1.62 -16.69
CA SER J 248 -23.29 -1.08 -17.12
C SER J 248 -23.36 -0.76 -18.61
N ARG J 249 -22.52 0.17 -19.07
CA ARG J 249 -22.49 0.53 -20.48
C ARG J 249 -22.26 -0.70 -21.38
N ARG J 250 -21.49 -1.67 -20.89
CA ARG J 250 -21.26 -2.90 -21.63
C ARG J 250 -22.58 -3.67 -21.90
N GLU J 251 -23.44 -3.78 -20.89
CA GLU J 251 -24.75 -4.43 -21.05
C GLU J 251 -25.64 -3.77 -22.08
N TYR J 252 -25.66 -2.44 -22.10
CA TYR J 252 -26.46 -1.69 -23.07
C TYR J 252 -26.06 -2.05 -24.49
N LEU J 253 -24.76 -2.04 -24.76
CA LEU J 253 -24.29 -2.28 -26.14
C LEU J 253 -24.45 -3.74 -26.55
N ARG J 254 -24.28 -4.66 -25.60
CA ARG J 254 -24.46 -6.08 -25.85
C ARG J 254 -25.93 -6.38 -26.17
N ALA J 255 -26.83 -5.89 -25.32
CA ALA J 255 -28.27 -6.05 -25.51
C ALA J 255 -28.77 -5.48 -26.83
N MET J 256 -28.23 -4.32 -27.24
CA MET J 256 -28.54 -3.78 -28.56
C MET J 256 -28.02 -4.64 -29.71
N ALA J 257 -26.78 -5.11 -29.61
CA ALA J 257 -26.22 -5.92 -30.69
C ALA J 257 -27.00 -7.20 -30.89
N ASP J 258 -27.55 -7.73 -29.79
CA ASP J 258 -28.31 -8.97 -29.81
C ASP J 258 -29.75 -8.79 -30.32
N ASN J 259 -30.17 -7.54 -30.55
CA ASN J 259 -31.55 -7.26 -30.96
C ASN J 259 -31.72 -6.31 -32.16
N ARG J 260 -30.75 -6.28 -33.06
CA ARG J 260 -30.92 -5.52 -34.30
C ARG J 260 -30.96 -4.01 -34.10
N LEU J 261 -30.45 -3.51 -32.98
CA LEU J 261 -30.31 -2.06 -32.81
C LEU J 261 -28.82 -1.74 -32.93
N VAL J 262 -28.49 -0.82 -33.84
CA VAL J 262 -27.11 -0.50 -34.15
C VAL J 262 -26.89 0.98 -33.90
N PRO J 263 -26.15 1.32 -32.83
CA PRO J 263 -25.82 2.71 -32.50
C PRO J 263 -25.12 3.43 -33.64
N HIS J 264 -25.54 4.66 -33.91
CA HIS J 264 -24.88 5.52 -34.87
C HIS J 264 -24.25 6.70 -34.13
N THR J 265 -24.74 6.97 -32.93
CA THR J 265 -24.23 8.04 -32.09
C THR J 265 -24.21 7.60 -30.64
N ILE J 266 -23.07 7.76 -29.99
CA ILE J 266 -22.98 7.56 -28.55
C ILE J 266 -22.24 8.75 -27.97
N VAL J 267 -22.85 9.43 -27.01
CA VAL J 267 -22.25 10.60 -26.39
C VAL J 267 -22.19 10.43 -24.89
N ASP J 268 -21.03 10.63 -24.29
CA ASP J 268 -20.91 10.68 -22.84
C ASP J 268 -21.25 12.10 -22.33
N LEU J 269 -22.44 12.22 -21.73
CA LEU J 269 -23.00 13.50 -21.32
C LEU J 269 -22.64 13.87 -19.87
N THR J 270 -21.73 13.12 -19.27
CA THR J 270 -21.33 13.38 -17.90
C THR J 270 -20.86 14.81 -17.64
N PRO J 271 -19.95 15.36 -18.47
CA PRO J 271 -19.54 16.75 -18.21
C PRO J 271 -20.70 17.72 -18.41
N ASP J 272 -21.65 17.36 -19.26
CA ASP J 272 -22.79 18.21 -19.58
C ASP J 272 -23.89 18.28 -18.52
N THR J 273 -23.99 17.24 -17.69
CA THR J 273 -25.06 17.17 -16.69
C THR J 273 -24.59 17.66 -15.31
N LEU J 274 -23.28 17.70 -15.11
CA LEU J 274 -22.73 18.18 -13.82
C LEU J 274 -23.16 19.60 -13.43
N PRO J 275 -23.12 20.55 -14.37
CA PRO J 275 -23.60 21.88 -14.01
C PRO J 275 -25.03 21.87 -13.45
N TYR J 276 -25.92 21.11 -14.07
CA TYR J 276 -27.27 20.95 -13.55
C TYR J 276 -27.27 20.43 -12.10
N TRP J 277 -26.48 19.38 -11.84
CA TRP J 277 -26.45 18.78 -10.51
C TRP J 277 -25.87 19.69 -9.43
N GLU J 278 -24.84 20.43 -9.78
CA GLU J 278 -24.22 21.36 -8.84
C GLU J 278 -25.18 22.49 -8.51
N LEU J 279 -25.92 22.97 -9.52
CA LEU J 279 -26.92 24.00 -9.26
C LEU J 279 -27.99 23.41 -8.36
N ARG J 280 -28.40 22.19 -8.66
CA ARG J 280 -29.47 21.55 -7.91
C ARG J 280 -29.09 21.32 -6.45
N ALA J 281 -27.79 21.08 -6.20
CA ALA J 281 -27.34 20.81 -4.83
C ALA J 281 -27.51 22.02 -3.91
N THR J 282 -27.57 23.21 -4.51
CA THR J 282 -27.67 24.44 -3.74
C THR J 282 -29.13 24.87 -3.56
N SER J 283 -30.05 24.21 -4.25
CA SER J 283 -31.43 24.62 -4.19
C SER J 283 -32.14 24.06 -2.97
N SER J 284 -33.36 24.56 -2.73
CA SER J 284 -34.13 24.16 -1.57
C SER J 284 -34.89 22.87 -1.86
N LEU J 285 -34.82 22.41 -3.10
CA LEU J 285 -35.62 21.26 -3.50
C LEU J 285 -34.84 19.95 -3.49
N VAL J 286 -33.60 19.97 -3.00
CA VAL J 286 -32.75 18.79 -2.96
C VAL J 286 -33.49 17.58 -2.39
N THR J 287 -33.17 16.40 -2.91
CA THR J 287 -33.79 15.16 -2.41
C THR J 287 -32.85 14.33 -1.55
N GLY J 288 -31.58 14.72 -1.49
CA GLY J 288 -30.62 13.97 -0.71
C GLY J 288 -29.78 13.00 -1.52
N ILE J 289 -30.06 12.87 -2.82
CA ILE J 289 -29.32 11.94 -3.67
C ILE J 289 -28.27 12.69 -4.52
N GLU J 290 -28.25 14.01 -4.39
CA GLU J 290 -27.35 14.85 -5.18
C GLU J 290 -25.89 14.43 -5.02
N LYS J 291 -25.44 14.27 -3.78
CA LYS J 291 -24.05 13.88 -3.52
C LYS J 291 -23.65 12.59 -4.26
N ALA J 292 -24.54 11.60 -4.28
CA ALA J 292 -24.23 10.32 -4.91
C ALA J 292 -23.97 10.51 -6.40
N PHE J 293 -24.83 11.29 -7.07
CA PHE J 293 -24.64 11.58 -8.50
C PHE J 293 -23.36 12.34 -8.77
N ILE J 294 -23.15 13.41 -8.02
CA ILE J 294 -21.99 14.28 -8.24
C ILE J 294 -20.70 13.53 -7.93
N GLU J 295 -20.66 12.80 -6.83
CA GLU J 295 -19.45 12.06 -6.49
C GLU J 295 -19.14 10.95 -7.49
N SER J 296 -20.17 10.23 -7.95
CA SER J 296 -19.95 9.11 -8.87
C SER J 296 -19.58 9.59 -10.28
N TYR J 297 -20.20 10.66 -10.73
CA TYR J 297 -19.81 11.27 -12.00
C TYR J 297 -18.35 11.70 -11.95
N ARG J 298 -17.94 12.25 -10.81
CA ARG J 298 -16.60 12.79 -10.67
C ARG J 298 -15.53 11.70 -10.57
N ASP J 299 -15.82 10.63 -9.84
CA ASP J 299 -14.81 9.58 -9.66
C ASP J 299 -14.76 8.57 -10.80
N GLY J 300 -15.66 8.70 -11.77
CA GLY J 300 -15.66 7.83 -12.94
C GLY J 300 -16.41 6.51 -12.79
N SER J 301 -17.10 6.29 -11.67
CA SER J 301 -17.80 5.02 -11.50
C SER J 301 -19.13 4.99 -12.24
N PHE J 302 -19.65 6.18 -12.55
CA PHE J 302 -21.03 6.32 -13.05
C PHE J 302 -21.00 7.38 -14.14
N GLN J 303 -21.80 7.17 -15.18
CA GLN J 303 -21.80 8.08 -16.31
C GLN J 303 -23.21 8.30 -16.86
N TYR J 304 -23.42 9.47 -17.46
CA TYR J 304 -24.70 9.84 -18.05
C TYR J 304 -24.47 9.79 -19.56
N VAL J 305 -25.25 8.97 -20.28
CA VAL J 305 -24.94 8.72 -21.69
C VAL J 305 -26.15 8.78 -22.62
N LEU J 306 -25.93 9.26 -23.85
CA LEU J 306 -26.93 9.10 -24.90
C LEU J 306 -26.48 8.03 -25.86
N ILE J 307 -27.40 7.14 -26.23
CA ILE J 307 -27.14 6.15 -27.26
C ILE J 307 -28.28 6.18 -28.27
N ALA J 308 -27.95 6.49 -29.51
CA ALA J 308 -28.97 6.54 -30.56
C ALA J 308 -28.64 5.46 -31.56
N ALA J 309 -29.65 4.70 -31.96
CA ALA J 309 -29.42 3.52 -32.78
C ALA J 309 -30.43 3.38 -33.91
N ASP J 310 -30.02 2.71 -34.98
CA ASP J 310 -30.92 2.35 -36.07
C ASP J 310 -31.48 0.94 -35.84
N ARG J 311 -32.77 0.75 -36.13
CA ARG J 311 -33.36 -0.59 -36.17
C ARG J 311 -33.09 -1.16 -37.55
N VAL J 312 -32.29 -2.23 -37.59
CA VAL J 312 -31.82 -2.78 -38.85
C VAL J 312 -32.26 -4.22 -39.04
N PRO K 37 -48.04 -37.96 -37.51
CA PRO K 37 -46.72 -37.95 -36.85
C PRO K 37 -45.82 -36.85 -37.41
N ALA K 38 -45.18 -36.10 -36.51
CA ALA K 38 -44.37 -34.95 -36.91
C ALA K 38 -43.10 -35.37 -37.64
N THR K 39 -42.61 -36.56 -37.32
CA THR K 39 -41.37 -37.09 -37.90
C THR K 39 -41.44 -38.60 -37.83
N PRO K 40 -40.56 -39.29 -38.58
CA PRO K 40 -40.46 -40.75 -38.52
C PRO K 40 -40.20 -41.28 -37.11
N TYR K 41 -39.37 -40.58 -36.33
CA TYR K 41 -39.10 -41.03 -34.96
C TYR K 41 -40.34 -40.94 -34.06
N GLN K 42 -41.08 -39.85 -34.14
CA GLN K 42 -42.29 -39.73 -33.33
C GLN K 42 -43.36 -40.74 -33.80
N GLU K 43 -43.25 -41.22 -35.02
CA GLU K 43 -44.12 -42.30 -35.48
C GLU K 43 -43.71 -43.60 -34.78
N ASP K 44 -42.40 -43.79 -34.61
CA ASP K 44 -41.90 -44.95 -33.86
C ASP K 44 -42.39 -44.95 -32.41
N ILE K 45 -42.38 -43.78 -31.78
CA ILE K 45 -42.73 -43.67 -30.36
C ILE K 45 -44.24 -43.85 -30.12
N ALA K 46 -45.07 -43.24 -30.96
CA ALA K 46 -46.51 -43.48 -30.89
C ALA K 46 -46.78 -44.98 -30.93
N ARG K 47 -46.10 -45.67 -31.84
CA ARG K 47 -46.27 -47.10 -31.99
C ARG K 47 -45.85 -47.85 -30.73
N TYR K 48 -44.68 -47.48 -30.20
CA TYR K 48 -44.13 -48.13 -29.00
C TYR K 48 -45.13 -48.11 -27.84
N TRP K 49 -45.81 -46.97 -27.67
CA TRP K 49 -46.69 -46.79 -26.54
C TRP K 49 -48.12 -47.21 -26.85
N ASN K 50 -48.47 -47.21 -28.13
CA ASN K 50 -49.74 -47.78 -28.58
C ASN K 50 -49.72 -49.30 -28.45
N ASN K 51 -48.52 -49.88 -28.49
CA ASN K 51 -48.37 -51.34 -28.42
C ASN K 51 -47.95 -51.86 -27.05
N GLU K 52 -47.86 -50.97 -26.08
CA GLU K 52 -47.55 -51.38 -24.71
C GLU K 52 -48.78 -51.93 -24.00
N LEU K 66 -54.60 -45.32 -10.23
CA LEU K 66 -53.56 -44.41 -10.70
C LEU K 66 -52.55 -45.16 -11.56
N TYR K 67 -52.49 -44.80 -12.84
CA TYR K 67 -51.65 -45.52 -13.78
C TYR K 67 -50.40 -44.73 -14.19
N HIS K 68 -49.23 -45.29 -13.87
CA HIS K 68 -47.95 -44.64 -14.06
C HIS K 68 -47.07 -45.38 -15.05
N HIS K 69 -46.19 -44.62 -15.71
CA HIS K 69 -45.10 -45.19 -16.49
C HIS K 69 -43.79 -44.48 -16.13
N HIS K 70 -43.47 -44.49 -14.84
CA HIS K 70 -42.20 -43.96 -14.37
C HIS K 70 -41.79 -44.80 -13.19
N TYR K 71 -40.60 -44.52 -12.66
CA TYR K 71 -40.01 -45.35 -11.62
C TYR K 71 -40.24 -44.75 -10.23
N GLY K 72 -39.68 -45.38 -9.19
CA GLY K 72 -39.99 -45.01 -7.82
C GLY K 72 -38.82 -44.49 -7.02
N ILE K 73 -39.13 -43.82 -5.91
CA ILE K 73 -38.11 -43.33 -5.00
C ILE K 73 -38.54 -43.59 -3.55
N GLY K 74 -37.57 -43.68 -2.64
CA GLY K 74 -37.87 -43.86 -1.22
C GLY K 74 -37.46 -45.23 -0.73
N PRO K 75 -37.25 -45.37 0.59
CA PRO K 75 -36.92 -46.65 1.21
C PRO K 75 -37.97 -47.72 0.94
N VAL K 76 -37.52 -48.96 0.76
CA VAL K 76 -38.45 -50.10 0.69
C VAL K 76 -38.98 -50.50 2.07
N ASP K 77 -40.31 -50.64 2.17
CA ASP K 77 -40.98 -51.03 3.40
C ASP K 77 -40.96 -52.56 3.59
N ARG K 78 -39.86 -53.10 4.11
CA ARG K 78 -39.76 -54.53 4.36
C ARG K 78 -40.94 -55.04 5.19
N ALA K 79 -41.33 -54.27 6.19
CA ALA K 79 -42.44 -54.65 7.05
C ALA K 79 -43.66 -55.04 6.20
N ALA K 80 -44.15 -54.09 5.42
CA ALA K 80 -45.38 -54.29 4.64
C ALA K 80 -45.26 -55.40 3.60
N LEU K 81 -44.04 -55.83 3.30
CA LEU K 81 -43.83 -56.86 2.30
C LEU K 81 -44.07 -58.26 2.85
N GLY K 82 -43.92 -58.40 4.17
CA GLY K 82 -44.10 -59.68 4.83
C GLY K 82 -42.91 -60.59 4.61
N ASP K 83 -43.14 -61.90 4.75
CA ASP K 83 -42.06 -62.86 4.53
C ASP K 83 -42.00 -63.22 3.06
N PRO K 84 -40.77 -63.31 2.51
CA PRO K 84 -40.55 -63.66 1.11
C PRO K 84 -41.16 -65.01 0.76
N GLU K 85 -41.19 -65.92 1.74
CA GLU K 85 -41.69 -67.27 1.52
C GLU K 85 -43.21 -67.32 1.43
N HIS K 86 -43.88 -66.42 2.15
CA HIS K 86 -45.34 -66.38 2.15
C HIS K 86 -45.89 -66.38 0.73
N SER K 87 -47.15 -66.80 0.58
CA SER K 87 -47.75 -66.95 -0.74
C SER K 87 -48.14 -65.63 -1.39
N GLU K 88 -48.57 -64.67 -0.57
CA GLU K 88 -49.05 -63.38 -1.06
C GLU K 88 -47.92 -62.37 -1.27
N TYR K 89 -46.68 -62.83 -1.09
CA TYR K 89 -45.50 -61.95 -1.17
C TYR K 89 -45.34 -61.22 -2.49
N GLU K 90 -45.48 -61.93 -3.61
CA GLU K 90 -45.33 -61.31 -4.93
C GLU K 90 -46.38 -60.24 -5.21
N LYS K 91 -47.57 -60.40 -4.65
CA LYS K 91 -48.64 -59.43 -4.84
C LYS K 91 -48.35 -58.16 -4.03
N LYS K 92 -47.61 -58.32 -2.92
CA LYS K 92 -47.22 -57.20 -2.09
C LYS K 92 -46.08 -56.42 -2.75
N VAL K 93 -45.07 -57.14 -3.24
CA VAL K 93 -44.00 -56.55 -4.02
C VAL K 93 -44.57 -55.58 -5.06
N ILE K 94 -45.58 -56.02 -5.79
CA ILE K 94 -46.22 -55.20 -6.82
C ILE K 94 -46.85 -53.93 -6.26
N ALA K 95 -47.50 -54.04 -5.11
CA ALA K 95 -48.15 -52.88 -4.50
C ALA K 95 -47.12 -51.90 -3.91
N GLU K 96 -45.98 -52.44 -3.50
CA GLU K 96 -44.89 -51.63 -2.99
C GLU K 96 -44.27 -50.81 -4.13
N LEU K 97 -43.90 -51.48 -5.21
CA LEU K 97 -43.38 -50.80 -6.39
C LEU K 97 -44.32 -49.66 -6.79
N HIS K 98 -45.61 -49.94 -6.83
CA HIS K 98 -46.59 -48.91 -7.16
C HIS K 98 -46.59 -47.78 -6.12
N ARG K 99 -46.34 -48.13 -4.87
CA ARG K 99 -46.29 -47.12 -3.82
C ARG K 99 -45.09 -46.20 -4.05
N LEU K 100 -43.95 -46.79 -4.36
CA LEU K 100 -42.73 -46.02 -4.62
C LEU K 100 -42.89 -45.12 -5.86
N GLU K 101 -43.69 -45.57 -6.82
CA GLU K 101 -43.91 -44.82 -8.05
C GLU K 101 -44.85 -43.65 -7.81
N SER K 102 -45.83 -43.85 -6.94
CA SER K 102 -46.74 -42.78 -6.58
C SER K 102 -46.01 -41.72 -5.75
N ALA K 103 -45.10 -42.17 -4.88
CA ALA K 103 -44.31 -41.24 -4.07
C ALA K 103 -43.45 -40.38 -4.99
N GLN K 104 -42.92 -40.99 -6.04
CA GLN K 104 -42.11 -40.27 -7.01
C GLN K 104 -42.92 -39.12 -7.59
N ALA K 105 -44.15 -39.42 -8.01
CA ALA K 105 -45.04 -38.41 -8.57
C ALA K 105 -45.38 -37.33 -7.55
N GLU K 106 -45.57 -37.71 -6.29
CA GLU K 106 -45.91 -36.71 -5.28
C GLU K 106 -44.72 -35.78 -5.00
N PHE K 107 -43.52 -36.34 -5.00
CA PHE K 107 -42.31 -35.54 -4.87
C PHE K 107 -42.24 -34.54 -6.03
N LEU K 108 -42.49 -35.00 -7.26
CA LEU K 108 -42.49 -34.09 -8.39
C LEU K 108 -43.42 -32.91 -8.12
N MET K 109 -44.63 -33.21 -7.70
CA MET K 109 -45.65 -32.17 -7.50
C MET K 109 -45.36 -31.22 -6.33
N ASP K 110 -44.55 -31.66 -5.37
CA ASP K 110 -44.11 -30.79 -4.28
C ASP K 110 -43.35 -29.59 -4.83
N HIS K 111 -42.89 -29.69 -6.07
CA HIS K 111 -42.07 -28.65 -6.68
C HIS K 111 -42.81 -27.81 -7.70
N LEU K 112 -44.12 -27.99 -7.81
CA LEU K 112 -44.92 -27.24 -8.78
C LEU K 112 -45.45 -25.94 -8.19
N GLY K 113 -45.02 -25.63 -6.97
CA GLY K 113 -45.47 -24.43 -6.31
C GLY K 113 -46.96 -24.47 -6.00
N GLN K 114 -47.59 -23.31 -5.93
CA GLN K 114 -49.01 -23.25 -5.63
C GLN K 114 -49.83 -23.19 -6.90
N ALA K 115 -50.98 -23.87 -6.87
CA ALA K 115 -51.85 -23.95 -8.02
C ALA K 115 -53.28 -24.11 -7.51
N GLY K 116 -54.20 -23.38 -8.11
CA GLY K 116 -55.59 -23.42 -7.68
C GLY K 116 -56.54 -23.84 -8.79
N PRO K 117 -57.82 -23.99 -8.45
CA PRO K 117 -58.86 -24.41 -9.40
C PRO K 117 -58.92 -23.53 -10.64
N ASP K 118 -58.40 -22.31 -10.56
CA ASP K 118 -58.46 -21.40 -11.70
C ASP K 118 -57.26 -21.52 -12.64
N ASP K 119 -56.30 -22.36 -12.28
CA ASP K 119 -55.08 -22.50 -13.06
C ASP K 119 -55.13 -23.70 -14.01
N THR K 120 -54.36 -23.62 -15.10
CA THR K 120 -54.17 -24.76 -15.99
C THR K 120 -52.78 -25.34 -15.81
N LEU K 121 -52.71 -26.66 -15.70
CA LEU K 121 -51.44 -27.38 -15.59
C LEU K 121 -51.25 -28.27 -16.80
N VAL K 122 -50.01 -28.41 -17.26
CA VAL K 122 -49.72 -29.26 -18.42
C VAL K 122 -48.81 -30.41 -18.06
N ASP K 123 -49.24 -31.62 -18.41
CA ASP K 123 -48.41 -32.82 -18.26
C ASP K 123 -47.90 -33.17 -19.65
N ALA K 124 -46.62 -32.90 -19.92
CA ALA K 124 -46.06 -33.13 -21.25
C ALA K 124 -45.52 -34.55 -21.41
N GLY K 125 -46.19 -35.35 -22.25
CA GLY K 125 -45.87 -36.77 -22.39
C GLY K 125 -46.53 -37.55 -21.24
N CYS K 126 -47.86 -37.50 -21.20
CA CYS K 126 -48.64 -37.79 -20.00
C CYS K 126 -49.00 -39.26 -19.71
N GLY K 127 -48.58 -40.18 -20.58
CA GLY K 127 -48.91 -41.59 -20.40
C GLY K 127 -50.40 -41.85 -20.19
N ARG K 128 -50.73 -42.73 -19.24
CA ARG K 128 -52.13 -43.12 -19.02
C ARG K 128 -52.91 -42.14 -18.14
N GLY K 129 -52.22 -41.18 -17.53
CA GLY K 129 -52.89 -40.10 -16.85
C GLY K 129 -52.81 -40.12 -15.34
N GLY K 130 -52.06 -41.05 -14.78
CA GLY K 130 -51.94 -41.17 -13.34
C GLY K 130 -51.52 -39.87 -12.64
N SER K 131 -50.53 -39.19 -13.22
CA SER K 131 -50.06 -37.93 -12.64
C SER K 131 -51.10 -36.85 -12.77
N MET K 132 -51.86 -36.88 -13.86
CA MET K 132 -52.87 -35.83 -14.08
C MET K 132 -53.98 -35.94 -13.03
N VAL K 133 -54.37 -37.16 -12.72
CA VAL K 133 -55.35 -37.41 -11.66
C VAL K 133 -54.87 -36.87 -10.31
N MET K 134 -53.65 -37.26 -9.93
CA MET K 134 -53.03 -36.79 -8.69
C MET K 134 -52.96 -35.26 -8.62
N ALA K 135 -52.66 -34.63 -9.75
CA ALA K 135 -52.54 -33.17 -9.78
C ALA K 135 -53.88 -32.45 -9.60
N HIS K 136 -54.91 -32.91 -10.31
CA HIS K 136 -56.24 -32.31 -10.19
C HIS K 136 -56.79 -32.51 -8.78
N ARG K 137 -56.53 -33.68 -8.23
CA ARG K 137 -56.93 -34.00 -6.87
C ARG K 137 -56.25 -33.01 -5.91
N ARG K 138 -54.95 -32.85 -6.07
CA ARG K 138 -54.13 -32.09 -5.13
C ARG K 138 -54.29 -30.58 -5.23
N PHE K 139 -54.50 -30.07 -6.43
CA PHE K 139 -54.59 -28.62 -6.65
C PHE K 139 -55.98 -28.19 -7.08
N GLY K 140 -56.75 -29.11 -7.65
CA GLY K 140 -58.06 -28.79 -8.19
C GLY K 140 -58.00 -28.10 -9.56
N SER K 141 -56.80 -27.97 -10.11
CA SER K 141 -56.60 -27.20 -11.35
C SER K 141 -57.11 -27.93 -12.59
N ARG K 142 -57.39 -27.17 -13.64
CA ARG K 142 -57.60 -27.78 -14.95
C ARG K 142 -56.28 -28.41 -15.39
N VAL K 143 -56.32 -29.65 -15.84
CA VAL K 143 -55.09 -30.35 -16.17
C VAL K 143 -55.10 -30.95 -17.58
N GLU K 144 -54.20 -30.45 -18.42
CA GLU K 144 -54.13 -30.90 -19.81
C GLU K 144 -52.91 -31.78 -20.03
N GLY K 145 -53.13 -32.95 -20.63
CA GLY K 145 -52.05 -33.85 -20.96
C GLY K 145 -51.91 -34.02 -22.47
N VAL K 146 -50.68 -34.22 -22.91
CA VAL K 146 -50.42 -34.54 -24.32
C VAL K 146 -49.57 -35.79 -24.38
N THR K 147 -49.93 -36.69 -25.30
CA THR K 147 -49.19 -37.93 -25.52
C THR K 147 -49.23 -38.25 -27.02
N LEU K 148 -48.31 -39.09 -27.47
CA LEU K 148 -48.29 -39.47 -28.88
C LEU K 148 -49.21 -40.68 -29.12
N SER K 149 -49.60 -41.33 -28.03
CA SER K 149 -50.39 -42.58 -28.10
C SER K 149 -51.90 -42.37 -27.96
N ALA K 150 -52.63 -42.69 -29.03
CA ALA K 150 -54.10 -42.64 -29.01
C ALA K 150 -54.66 -43.58 -27.94
N ALA K 151 -54.06 -44.76 -27.80
CA ALA K 151 -54.49 -45.73 -26.80
C ALA K 151 -54.39 -45.10 -25.41
N GLN K 152 -53.28 -44.42 -25.14
CA GLN K 152 -53.06 -43.81 -23.84
C GLN K 152 -54.03 -42.65 -23.61
N ALA K 153 -54.18 -41.78 -24.61
CA ALA K 153 -55.12 -40.68 -24.48
C ALA K 153 -56.53 -41.20 -24.20
N ASP K 154 -56.93 -42.26 -24.90
CA ASP K 154 -58.24 -42.87 -24.73
C ASP K 154 -58.42 -43.42 -23.32
N PHE K 155 -57.49 -44.27 -22.90
CA PHE K 155 -57.49 -44.83 -21.56
C PHE K 155 -57.65 -43.72 -20.51
N GLY K 156 -56.70 -42.79 -20.48
CA GLY K 156 -56.72 -41.70 -19.54
C GLY K 156 -58.02 -40.91 -19.54
N ASN K 157 -58.60 -40.70 -20.71
CA ASN K 157 -59.86 -39.96 -20.81
C ASN K 157 -61.06 -40.75 -20.28
N ARG K 158 -60.99 -42.07 -20.40
CA ARG K 158 -62.05 -42.93 -19.92
C ARG K 158 -62.07 -42.91 -18.39
N ARG K 159 -60.88 -42.97 -17.81
CA ARG K 159 -60.69 -42.84 -16.37
C ARG K 159 -61.27 -41.53 -15.85
N ALA K 160 -60.97 -40.44 -16.56
CA ALA K 160 -61.47 -39.12 -16.19
C ALA K 160 -63.00 -39.05 -16.17
N ARG K 161 -63.64 -39.71 -17.13
CA ARG K 161 -65.10 -39.74 -17.19
C ARG K 161 -65.65 -40.53 -16.00
N GLU K 162 -65.02 -41.66 -15.70
CA GLU K 162 -65.42 -42.48 -14.55
C GLU K 162 -65.37 -41.72 -13.22
N LEU K 163 -64.38 -40.85 -13.05
CA LEU K 163 -64.21 -40.12 -11.81
C LEU K 163 -64.94 -38.79 -11.86
N ARG K 164 -65.54 -38.51 -13.02
CA ARG K 164 -66.33 -37.29 -13.23
C ARG K 164 -65.46 -36.05 -13.17
N ILE K 165 -64.18 -36.22 -13.52
CA ILE K 165 -63.24 -35.10 -13.55
C ILE K 165 -62.95 -34.71 -15.00
N ASP K 166 -63.54 -35.47 -15.93
CA ASP K 166 -63.33 -35.25 -17.37
C ASP K 166 -63.56 -33.78 -17.76
N ASP K 167 -64.38 -33.06 -17.01
CA ASP K 167 -64.63 -31.66 -17.32
C ASP K 167 -63.48 -30.74 -16.86
N HIS K 168 -62.48 -31.33 -16.22
CA HIS K 168 -61.31 -30.59 -15.75
C HIS K 168 -60.01 -31.22 -16.25
N VAL K 169 -60.03 -32.53 -16.40
CA VAL K 169 -58.85 -33.29 -16.81
C VAL K 169 -59.07 -33.89 -18.21
N ARG K 170 -58.08 -33.73 -19.08
CA ARG K 170 -58.21 -34.18 -20.47
C ARG K 170 -56.87 -34.47 -21.12
N SER K 171 -56.72 -35.68 -21.66
CA SER K 171 -55.56 -36.02 -22.47
C SER K 171 -55.86 -35.84 -23.95
N ARG K 172 -54.81 -35.60 -24.73
CA ARG K 172 -54.93 -35.45 -26.18
C ARG K 172 -53.71 -36.04 -26.86
N VAL K 173 -53.91 -36.55 -28.07
CA VAL K 173 -52.79 -36.97 -28.89
C VAL K 173 -52.19 -35.73 -29.53
N CYS K 174 -50.98 -35.40 -29.12
CA CYS K 174 -50.33 -34.18 -29.60
C CYS K 174 -48.85 -34.23 -29.34
N ASN K 175 -48.08 -33.74 -30.30
CA ASN K 175 -46.64 -33.59 -30.15
C ASN K 175 -46.35 -32.52 -29.10
N MET K 176 -45.71 -32.91 -28.01
CA MET K 176 -45.46 -31.93 -26.92
C MET K 176 -44.55 -30.76 -27.33
N LEU K 177 -43.93 -30.85 -28.51
CA LEU K 177 -43.07 -29.78 -29.00
C LEU K 177 -43.87 -28.72 -29.73
N ASP K 178 -45.16 -29.01 -29.97
CA ASP K 178 -46.01 -28.12 -30.75
C ASP K 178 -47.46 -28.27 -30.33
N THR K 179 -47.83 -27.59 -29.25
CA THR K 179 -49.13 -27.79 -28.60
C THR K 179 -50.08 -26.62 -28.85
N PRO K 180 -51.39 -26.83 -28.61
CA PRO K 180 -52.43 -25.81 -28.88
C PRO K 180 -52.50 -24.73 -27.79
N PHE K 181 -51.78 -24.93 -26.70
CA PHE K 181 -51.89 -24.02 -25.56
C PHE K 181 -51.41 -22.61 -25.90
N ASP K 182 -52.15 -21.62 -25.41
CA ASP K 182 -51.85 -20.22 -25.69
C ASP K 182 -50.62 -19.74 -24.93
N LYS K 183 -49.94 -18.76 -25.51
CA LYS K 183 -48.79 -18.14 -24.87
C LYS K 183 -49.14 -17.61 -23.49
N GLY K 184 -48.40 -18.05 -22.48
CA GLY K 184 -48.56 -17.54 -21.14
C GLY K 184 -49.81 -18.01 -20.40
N ALA K 185 -50.46 -19.04 -20.93
CA ALA K 185 -51.76 -19.48 -20.43
C ALA K 185 -51.64 -20.54 -19.34
N VAL K 186 -50.43 -21.10 -19.19
CA VAL K 186 -50.21 -22.23 -18.31
C VAL K 186 -49.47 -21.85 -17.04
N THR K 187 -50.00 -22.28 -15.90
CA THR K 187 -49.45 -21.95 -14.59
C THR K 187 -48.22 -22.76 -14.24
N ALA K 188 -48.28 -24.07 -14.45
CA ALA K 188 -47.17 -24.96 -14.14
C ALA K 188 -47.25 -26.17 -15.05
N SER K 189 -46.12 -26.82 -15.32
CA SER K 189 -46.09 -27.95 -16.23
C SER K 189 -44.92 -28.85 -15.89
N TRP K 190 -44.88 -30.03 -16.50
CA TRP K 190 -43.82 -30.99 -16.15
C TRP K 190 -43.57 -32.05 -17.21
N ASN K 191 -42.41 -32.67 -17.11
CA ASN K 191 -42.09 -33.88 -17.86
C ASN K 191 -41.67 -34.92 -16.84
N ASN K 192 -42.44 -35.98 -16.72
CA ASN K 192 -42.08 -37.11 -15.85
C ASN K 192 -41.61 -38.25 -16.73
N GLU K 193 -40.29 -38.45 -16.78
CA GLU K 193 -39.65 -39.44 -17.65
C GLU K 193 -40.15 -39.46 -19.11
N SER K 194 -40.18 -38.29 -19.74
CA SER K 194 -40.55 -38.20 -21.14
C SER K 194 -39.61 -37.30 -21.94
N THR K 195 -38.68 -36.62 -21.25
CA THR K 195 -37.77 -35.70 -21.92
C THR K 195 -36.79 -36.41 -22.87
N MET K 196 -36.54 -37.69 -22.62
CA MET K 196 -35.58 -38.44 -23.44
C MET K 196 -36.11 -38.88 -24.83
N TYR K 197 -37.27 -38.38 -25.25
CA TYR K 197 -37.79 -38.67 -26.59
C TYR K 197 -37.80 -37.44 -27.48
N VAL K 198 -37.28 -36.32 -26.97
CA VAL K 198 -37.31 -35.07 -27.73
C VAL K 198 -36.03 -34.25 -27.58
N ASP K 199 -35.83 -33.35 -28.52
CA ASP K 199 -34.76 -32.37 -28.44
C ASP K 199 -35.04 -31.39 -27.28
N LEU K 200 -34.07 -31.19 -26.40
CA LEU K 200 -34.35 -30.43 -25.18
C LEU K 200 -34.58 -28.93 -25.44
N HIS K 201 -33.84 -28.36 -26.39
CA HIS K 201 -34.04 -26.95 -26.70
C HIS K 201 -35.45 -26.69 -27.22
N ASP K 202 -35.91 -27.51 -28.15
CA ASP K 202 -37.28 -27.39 -28.66
C ASP K 202 -38.30 -27.67 -27.54
N LEU K 203 -38.02 -28.67 -26.72
CA LEU K 203 -38.89 -28.95 -25.57
C LEU K 203 -39.06 -27.71 -24.66
N PHE K 204 -37.94 -27.17 -24.18
CA PHE K 204 -38.03 -26.09 -23.17
C PHE K 204 -38.45 -24.76 -23.80
N SER K 205 -38.19 -24.62 -25.08
CA SER K 205 -38.74 -23.51 -25.85
C SER K 205 -40.29 -23.55 -25.85
N GLU K 206 -40.88 -24.73 -26.03
CA GLU K 206 -42.34 -24.84 -26.01
C GLU K 206 -42.91 -24.58 -24.61
N HIS K 207 -42.38 -25.26 -23.60
CA HIS K 207 -42.80 -25.02 -22.21
C HIS K 207 -42.67 -23.53 -21.86
N SER K 208 -41.58 -22.88 -22.29
CA SER K 208 -41.36 -21.47 -22.00
C SER K 208 -42.44 -20.63 -22.67
N ARG K 209 -42.85 -21.04 -23.87
CA ARG K 209 -43.88 -20.33 -24.62
C ARG K 209 -45.22 -20.34 -23.87
N PHE K 210 -45.72 -21.53 -23.52
CA PHE K 210 -47.04 -21.57 -22.88
C PHE K 210 -47.06 -21.23 -21.38
N LEU K 211 -45.92 -21.40 -20.70
CA LEU K 211 -45.85 -21.04 -19.28
C LEU K 211 -45.90 -19.53 -19.12
N LYS K 212 -46.65 -19.07 -18.14
CA LYS K 212 -46.77 -17.65 -17.85
C LYS K 212 -45.47 -17.24 -17.16
N VAL K 213 -45.15 -15.96 -17.21
CA VAL K 213 -44.08 -15.40 -16.39
C VAL K 213 -44.39 -15.72 -14.92
N GLY K 214 -43.45 -16.36 -14.24
CA GLY K 214 -43.67 -16.80 -12.87
C GLY K 214 -44.19 -18.23 -12.78
N GLY K 215 -44.49 -18.83 -13.93
CA GLY K 215 -44.91 -20.22 -13.94
C GLY K 215 -43.78 -21.09 -13.43
N ARG K 216 -44.06 -22.37 -13.23
CA ARG K 216 -43.05 -23.30 -12.71
C ARG K 216 -42.96 -24.55 -13.56
N TYR K 217 -41.75 -25.08 -13.70
CA TYR K 217 -41.55 -26.29 -14.48
C TYR K 217 -40.81 -27.32 -13.65
N VAL K 218 -41.17 -28.58 -13.80
CA VAL K 218 -40.43 -29.65 -13.14
C VAL K 218 -40.20 -30.79 -14.12
N THR K 219 -39.03 -31.39 -14.04
CA THR K 219 -38.81 -32.67 -14.67
C THR K 219 -38.15 -33.62 -13.69
N ILE K 220 -38.53 -34.89 -13.76
CA ILE K 220 -37.71 -35.95 -13.24
C ILE K 220 -37.27 -36.77 -14.43
N THR K 221 -35.97 -37.03 -14.51
CA THR K 221 -35.44 -37.70 -15.69
C THR K 221 -34.24 -38.54 -15.32
N GLY K 222 -33.93 -39.52 -16.16
CA GLY K 222 -32.66 -40.21 -16.09
C GLY K 222 -31.78 -39.56 -17.15
N CYS K 223 -30.62 -39.04 -16.74
CA CYS K 223 -29.73 -38.36 -17.66
C CYS K 223 -28.34 -38.95 -17.49
N TRP K 224 -27.53 -38.95 -18.54
CA TRP K 224 -26.16 -39.42 -18.33
C TRP K 224 -25.34 -38.31 -17.68
N ASN K 225 -24.36 -38.73 -16.88
CA ASN K 225 -23.58 -37.81 -16.07
C ASN K 225 -22.33 -37.33 -16.81
N PRO K 226 -22.27 -36.04 -17.12
CA PRO K 226 -21.11 -35.48 -17.84
C PRO K 226 -19.79 -35.71 -17.12
N ARG K 227 -19.82 -35.96 -15.80
CA ARG K 227 -18.60 -36.30 -15.07
C ARG K 227 -18.03 -37.61 -15.62
N TYR K 228 -18.92 -38.49 -16.06
CA TYR K 228 -18.48 -39.78 -16.59
C TYR K 228 -17.78 -39.56 -17.94
N GLY K 229 -18.25 -38.57 -18.70
CA GLY K 229 -17.58 -38.15 -19.93
C GLY K 229 -18.46 -38.23 -21.17
N GLN K 230 -18.95 -39.44 -21.46
CA GLN K 230 -19.90 -39.68 -22.54
C GLN K 230 -20.85 -40.81 -22.08
N PRO K 231 -21.91 -41.09 -22.86
CA PRO K 231 -22.84 -42.16 -22.51
C PRO K 231 -22.15 -43.52 -22.42
N SER K 232 -22.31 -44.22 -21.30
CA SER K 232 -21.69 -45.53 -21.15
C SER K 232 -22.45 -46.60 -21.92
N LYS K 233 -21.89 -47.81 -21.98
CA LYS K 233 -22.58 -48.96 -22.58
C LYS K 233 -23.99 -49.13 -22.01
N TRP K 234 -24.12 -49.01 -20.70
CA TRP K 234 -25.41 -49.18 -20.05
C TRP K 234 -26.44 -48.15 -20.52
N VAL K 235 -26.01 -46.88 -20.55
CA VAL K 235 -26.92 -45.86 -21.03
C VAL K 235 -27.44 -46.22 -22.43
N SER K 236 -26.53 -46.64 -23.30
CA SER K 236 -26.91 -47.00 -24.67
C SER K 236 -27.86 -48.20 -24.73
N GLN K 237 -27.65 -49.17 -23.84
CA GLN K 237 -28.58 -50.30 -23.73
C GLN K 237 -29.98 -49.82 -23.37
N ILE K 238 -30.06 -48.86 -22.45
CA ILE K 238 -31.35 -48.29 -22.09
C ILE K 238 -31.96 -47.55 -23.29
N ASN K 239 -31.17 -46.72 -23.96
CA ASN K 239 -31.64 -46.07 -25.20
C ASN K 239 -32.24 -47.09 -26.19
N ALA K 240 -31.48 -48.16 -26.45
CA ALA K 240 -31.91 -49.22 -27.36
C ALA K 240 -33.21 -49.88 -26.89
N HIS K 241 -33.27 -50.19 -25.60
CA HIS K 241 -34.46 -50.81 -25.01
C HIS K 241 -35.73 -49.98 -25.18
N PHE K 242 -35.67 -48.69 -24.86
CA PHE K 242 -36.85 -47.84 -24.98
C PHE K 242 -36.94 -47.04 -26.29
N GLU K 243 -35.97 -47.20 -27.17
CA GLU K 243 -35.89 -46.37 -28.39
C GLU K 243 -35.88 -44.89 -28.02
N CYS K 244 -35.13 -44.55 -26.98
CA CYS K 244 -35.09 -43.16 -26.55
C CYS K 244 -33.70 -42.59 -26.77
N ASN K 245 -33.50 -41.36 -26.30
CA ASN K 245 -32.26 -40.63 -26.52
C ASN K 245 -31.90 -39.87 -25.24
N ILE K 246 -31.43 -40.60 -24.23
CA ILE K 246 -31.08 -40.03 -22.95
C ILE K 246 -30.08 -38.88 -23.14
N HIS K 247 -30.38 -37.73 -22.50
CA HIS K 247 -29.53 -36.55 -22.61
C HIS K 247 -28.58 -36.45 -21.43
N SER K 248 -27.53 -35.65 -21.62
CA SER K 248 -26.56 -35.33 -20.58
C SER K 248 -27.15 -34.33 -19.58
N ARG K 249 -26.71 -34.36 -18.32
CA ARG K 249 -27.17 -33.36 -17.35
C ARG K 249 -26.76 -31.94 -17.80
N ARG K 250 -25.64 -31.84 -18.50
CA ARG K 250 -25.17 -30.58 -19.06
C ARG K 250 -26.15 -30.02 -20.08
N GLU K 251 -26.70 -30.89 -20.91
CA GLU K 251 -27.67 -30.47 -21.94
C GLU K 251 -28.97 -29.97 -21.32
N TYR K 252 -29.44 -30.65 -20.26
CA TYR K 252 -30.63 -30.18 -19.55
C TYR K 252 -30.46 -28.73 -19.11
N LEU K 253 -29.32 -28.42 -18.49
CA LEU K 253 -29.12 -27.08 -17.92
C LEU K 253 -28.88 -26.00 -18.98
N ARG K 254 -28.13 -26.36 -20.02
CA ARG K 254 -27.93 -25.47 -21.15
C ARG K 254 -29.25 -25.12 -21.85
N ALA K 255 -30.06 -26.15 -22.12
CA ALA K 255 -31.32 -25.93 -22.82
C ALA K 255 -32.26 -25.06 -21.98
N MET K 256 -32.23 -25.24 -20.67
CA MET K 256 -33.04 -24.38 -19.81
C MET K 256 -32.55 -22.93 -19.83
N ALA K 257 -31.23 -22.76 -19.69
CA ALA K 257 -30.66 -21.41 -19.65
C ALA K 257 -30.94 -20.67 -20.95
N ASP K 258 -30.94 -21.41 -22.05
CA ASP K 258 -31.20 -20.82 -23.37
C ASP K 258 -32.68 -20.54 -23.61
N ASN K 259 -33.53 -20.96 -22.66
CA ASN K 259 -34.99 -20.87 -22.84
C ASN K 259 -35.77 -20.26 -21.65
N ARG K 260 -35.13 -19.35 -20.91
CA ARG K 260 -35.83 -18.63 -19.83
C ARG K 260 -36.36 -19.49 -18.66
N LEU K 261 -35.84 -20.70 -18.55
CA LEU K 261 -36.14 -21.57 -17.42
C LEU K 261 -34.93 -21.59 -16.50
N VAL K 262 -35.14 -21.18 -15.24
CA VAL K 262 -34.07 -21.06 -14.25
C VAL K 262 -34.25 -22.00 -13.04
N PRO K 263 -33.47 -23.11 -13.00
CA PRO K 263 -33.56 -24.05 -11.87
C PRO K 263 -33.46 -23.33 -10.53
N HIS K 264 -34.38 -23.69 -9.64
CA HIS K 264 -34.32 -23.25 -8.24
C HIS K 264 -34.03 -24.44 -7.32
N THR K 265 -34.29 -25.66 -7.83
CA THR K 265 -33.98 -26.88 -7.11
C THR K 265 -33.45 -27.95 -8.06
N ILE K 266 -32.32 -28.55 -7.70
CA ILE K 266 -31.81 -29.73 -8.38
C ILE K 266 -31.44 -30.79 -7.34
N VAL K 267 -32.04 -31.98 -7.47
CA VAL K 267 -31.78 -33.07 -6.55
C VAL K 267 -31.34 -34.31 -7.32
N ASP K 268 -30.19 -34.87 -6.97
CA ASP K 268 -29.83 -36.17 -7.51
C ASP K 268 -30.55 -37.26 -6.71
N LEU K 269 -31.49 -37.93 -7.37
CA LEU K 269 -32.35 -38.93 -6.72
C LEU K 269 -31.83 -40.35 -6.95
N THR K 270 -30.61 -40.46 -7.42
CA THR K 270 -30.04 -41.78 -7.69
C THR K 270 -30.10 -42.73 -6.49
N PRO K 271 -29.62 -42.28 -5.31
CA PRO K 271 -29.68 -43.14 -4.12
C PRO K 271 -31.12 -43.50 -3.74
N ASP K 272 -32.06 -42.63 -4.07
CA ASP K 272 -33.45 -42.80 -3.70
C ASP K 272 -34.25 -43.72 -4.61
N THR K 273 -33.72 -44.03 -5.79
CA THR K 273 -34.44 -44.87 -6.74
C THR K 273 -33.82 -46.26 -6.84
N LEU K 274 -32.58 -46.39 -6.37
CA LEU K 274 -31.87 -47.68 -6.38
C LEU K 274 -32.62 -48.79 -5.63
N PRO K 275 -33.20 -48.48 -4.45
CA PRO K 275 -33.97 -49.50 -3.73
C PRO K 275 -35.12 -50.01 -4.58
N TYR K 276 -35.81 -49.10 -5.27
CA TYR K 276 -36.89 -49.48 -6.16
C TYR K 276 -36.41 -50.45 -7.23
N TRP K 277 -35.25 -50.17 -7.83
CA TRP K 277 -34.75 -50.99 -8.94
C TRP K 277 -34.22 -52.34 -8.48
N GLU K 278 -33.67 -52.40 -7.27
CA GLU K 278 -33.18 -53.65 -6.72
C GLU K 278 -34.33 -54.57 -6.32
N LEU K 279 -35.43 -53.98 -5.87
CA LEU K 279 -36.62 -54.75 -5.54
C LEU K 279 -37.25 -55.27 -6.82
N ARG K 280 -37.38 -54.38 -7.80
CA ARG K 280 -37.96 -54.74 -9.08
C ARG K 280 -37.20 -55.89 -9.75
N ALA K 281 -35.88 -55.90 -9.59
CA ALA K 281 -35.03 -56.92 -10.19
C ALA K 281 -35.39 -58.32 -9.73
N THR K 282 -35.72 -58.46 -8.44
CA THR K 282 -36.08 -59.76 -7.88
C THR K 282 -37.56 -60.06 -8.11
N SER K 283 -38.29 -59.11 -8.69
CA SER K 283 -39.73 -59.27 -8.86
C SER K 283 -40.07 -60.06 -10.12
N SER K 284 -41.35 -60.08 -10.45
CA SER K 284 -41.86 -60.83 -11.59
C SER K 284 -42.12 -59.86 -12.74
N LEU K 285 -42.09 -58.57 -12.43
CA LEU K 285 -42.33 -57.53 -13.42
C LEU K 285 -41.07 -57.16 -14.21
N VAL K 286 -40.01 -57.94 -14.04
CA VAL K 286 -38.78 -57.67 -14.77
C VAL K 286 -39.04 -57.58 -16.27
N THR K 287 -38.37 -56.65 -16.93
CA THR K 287 -38.44 -56.55 -18.39
C THR K 287 -37.08 -56.82 -19.02
N GLY K 288 -36.08 -57.06 -18.17
CA GLY K 288 -34.75 -57.39 -18.62
C GLY K 288 -33.80 -56.20 -18.72
N ILE K 289 -34.29 -54.99 -18.44
CA ILE K 289 -33.42 -53.81 -18.48
C ILE K 289 -32.93 -53.41 -17.10
N GLU K 290 -33.37 -54.16 -16.08
CA GLU K 290 -33.08 -53.78 -14.69
C GLU K 290 -31.58 -53.65 -14.42
N LYS K 291 -30.79 -54.56 -14.99
CA LYS K 291 -29.36 -54.56 -14.73
C LYS K 291 -28.70 -53.30 -15.28
N ALA K 292 -29.16 -52.82 -16.44
CA ALA K 292 -28.58 -51.61 -17.04
C ALA K 292 -28.76 -50.41 -16.12
N PHE K 293 -29.94 -50.30 -15.51
CA PHE K 293 -30.20 -49.20 -14.60
C PHE K 293 -29.35 -49.30 -13.36
N ILE K 294 -29.40 -50.46 -12.70
CA ILE K 294 -28.71 -50.65 -11.43
C ILE K 294 -27.20 -50.47 -11.58
N GLU K 295 -26.65 -51.05 -12.64
CA GLU K 295 -25.22 -50.96 -12.92
C GLU K 295 -24.80 -49.52 -13.27
N SER K 296 -25.64 -48.81 -14.03
CA SER K 296 -25.27 -47.46 -14.45
C SER K 296 -25.44 -46.47 -13.30
N TYR K 297 -26.51 -46.64 -12.52
CA TYR K 297 -26.70 -45.84 -11.30
C TYR K 297 -25.52 -46.02 -10.35
N ARG K 298 -25.07 -47.27 -10.19
CA ARG K 298 -23.96 -47.59 -9.29
C ARG K 298 -22.59 -47.06 -9.75
N ASP K 299 -22.26 -47.21 -11.03
CA ASP K 299 -20.96 -46.73 -11.49
C ASP K 299 -20.94 -45.22 -11.80
N GLY K 300 -22.11 -44.59 -11.73
CA GLY K 300 -22.21 -43.14 -11.87
C GLY K 300 -22.23 -42.62 -13.31
N SER K 301 -22.49 -43.49 -14.27
CA SER K 301 -22.55 -43.03 -15.66
C SER K 301 -23.93 -42.47 -15.93
N PHE K 302 -24.88 -42.84 -15.08
CA PHE K 302 -26.28 -42.53 -15.28
C PHE K 302 -26.85 -42.06 -13.95
N GLN K 303 -27.78 -41.11 -14.00
CA GLN K 303 -28.36 -40.62 -12.75
C GLN K 303 -29.82 -40.25 -12.94
N TYR K 304 -30.56 -40.28 -11.83
CA TYR K 304 -31.98 -39.97 -11.82
C TYR K 304 -32.05 -38.65 -11.09
N VAL K 305 -32.56 -37.62 -11.75
CA VAL K 305 -32.50 -36.28 -11.18
C VAL K 305 -33.84 -35.57 -11.23
N LEU K 306 -34.10 -34.71 -10.24
CA LEU K 306 -35.20 -33.77 -10.33
C LEU K 306 -34.63 -32.38 -10.61
N ILE K 307 -35.23 -31.68 -11.57
CA ILE K 307 -34.86 -30.29 -11.81
C ILE K 307 -36.15 -29.51 -11.80
N ALA K 308 -36.25 -28.54 -10.90
CA ALA K 308 -37.40 -27.67 -10.85
C ALA K 308 -36.97 -26.26 -11.18
N ALA K 309 -37.71 -25.60 -12.07
CA ALA K 309 -37.32 -24.27 -12.54
C ALA K 309 -38.44 -23.24 -12.55
N ASP K 310 -38.06 -21.97 -12.49
CA ASP K 310 -38.97 -20.84 -12.67
C ASP K 310 -38.93 -20.37 -14.11
N ARG K 311 -40.10 -20.06 -14.68
CA ARG K 311 -40.16 -19.41 -15.98
C ARG K 311 -40.08 -17.92 -15.73
N VAL K 312 -38.97 -17.30 -16.12
CA VAL K 312 -38.70 -15.89 -15.84
C VAL K 312 -38.78 -15.06 -17.11
N PRO L 35 -45.37 -3.77 -54.15
CA PRO L 35 -45.21 -3.30 -52.77
C PRO L 35 -44.02 -2.34 -52.65
N ALA L 36 -44.14 -1.37 -51.75
CA ALA L 36 -43.07 -0.41 -51.52
C ALA L 36 -41.76 -1.13 -51.19
N PRO L 37 -40.64 -0.71 -51.83
CA PRO L 37 -39.31 -1.27 -51.59
C PRO L 37 -38.94 -1.28 -50.10
N ALA L 38 -38.37 -2.38 -49.64
CA ALA L 38 -38.10 -2.56 -48.22
C ALA L 38 -36.98 -1.62 -47.76
N THR L 39 -36.04 -1.34 -48.66
CA THR L 39 -34.89 -0.51 -48.30
C THR L 39 -34.41 0.21 -49.55
N PRO L 40 -33.52 1.21 -49.38
CA PRO L 40 -32.94 1.88 -50.56
C PRO L 40 -32.19 0.87 -51.43
N TYR L 41 -31.51 -0.09 -50.81
CA TYR L 41 -30.79 -1.08 -51.60
C TYR L 41 -31.74 -1.95 -52.43
N GLN L 42 -32.81 -2.45 -51.82
CA GLN L 42 -33.74 -3.28 -52.58
C GLN L 42 -34.43 -2.48 -53.69
N GLU L 43 -34.52 -1.17 -53.50
CA GLU L 43 -35.01 -0.31 -54.56
C GLU L 43 -34.04 -0.30 -55.75
N ASP L 44 -32.74 -0.22 -55.46
CA ASP L 44 -31.71 -0.30 -56.49
C ASP L 44 -31.82 -1.59 -57.27
N ILE L 45 -32.04 -2.69 -56.55
CA ILE L 45 -32.08 -4.00 -57.16
C ILE L 45 -33.32 -4.20 -58.01
N ALA L 46 -34.46 -3.69 -57.55
CA ALA L 46 -35.67 -3.69 -58.38
C ALA L 46 -35.39 -2.99 -59.71
N ARG L 47 -34.75 -1.83 -59.62
CA ARG L 47 -34.38 -1.01 -60.78
C ARG L 47 -33.42 -1.75 -61.71
N TYR L 48 -32.42 -2.38 -61.13
CA TYR L 48 -31.44 -3.12 -61.92
C TYR L 48 -32.13 -4.15 -62.81
N TRP L 49 -33.03 -4.94 -62.22
CA TRP L 49 -33.68 -6.02 -62.95
C TRP L 49 -34.87 -5.60 -63.80
N ASN L 50 -35.50 -4.48 -63.45
CA ASN L 50 -36.51 -3.88 -64.32
C ASN L 50 -35.91 -3.39 -65.63
N ASN L 51 -34.65 -2.96 -65.57
CA ASN L 51 -33.97 -2.33 -66.71
C ASN L 51 -33.09 -3.27 -67.50
N GLU L 52 -32.89 -4.48 -66.98
CA GLU L 52 -32.01 -5.45 -67.60
C GLU L 52 -32.71 -6.18 -68.75
N ASP L 62 -35.56 -17.74 -75.79
CA ASP L 62 -36.32 -17.75 -77.03
C ASP L 62 -36.27 -19.11 -77.73
N VAL L 63 -35.24 -19.88 -77.41
CA VAL L 63 -35.10 -21.22 -77.97
C VAL L 63 -36.30 -22.09 -77.60
N ASP L 64 -36.48 -22.34 -76.30
CA ASP L 64 -37.51 -23.24 -75.80
C ASP L 64 -38.40 -22.55 -74.78
N GLY L 65 -38.28 -21.24 -74.67
CA GLY L 65 -39.12 -20.48 -73.78
C GLY L 65 -38.81 -20.65 -72.30
N LEU L 66 -37.62 -21.18 -72.00
CA LEU L 66 -37.13 -21.24 -70.62
C LEU L 66 -36.13 -20.11 -70.40
N TYR L 67 -36.53 -19.09 -69.64
CA TYR L 67 -35.70 -17.90 -69.46
C TYR L 67 -34.95 -17.89 -68.13
N HIS L 68 -33.63 -18.13 -68.22
CA HIS L 68 -32.74 -18.20 -67.06
C HIS L 68 -31.90 -16.93 -66.88
N HIS L 69 -31.56 -16.63 -65.63
CA HIS L 69 -30.54 -15.64 -65.32
C HIS L 69 -29.54 -16.25 -64.34
N HIS L 70 -28.96 -17.37 -64.75
CA HIS L 70 -27.91 -18.01 -63.97
C HIS L 70 -26.92 -18.65 -64.92
N TYR L 71 -25.87 -19.25 -64.37
CA TYR L 71 -24.77 -19.74 -65.21
C TYR L 71 -24.86 -21.24 -65.46
N GLY L 72 -23.95 -21.78 -66.28
CA GLY L 72 -24.08 -23.16 -66.67
C GLY L 72 -23.03 -24.07 -66.04
N ILE L 73 -23.30 -25.36 -66.06
CA ILE L 73 -22.32 -26.35 -65.62
C ILE L 73 -22.30 -27.49 -66.62
N GLY L 74 -21.19 -28.19 -66.70
CA GLY L 74 -21.10 -29.36 -67.56
C GLY L 74 -20.12 -29.17 -68.69
N PRO L 75 -19.70 -30.27 -69.32
CA PRO L 75 -18.74 -30.23 -70.42
C PRO L 75 -19.35 -29.52 -71.61
N VAL L 76 -18.54 -28.74 -72.32
CA VAL L 76 -19.01 -28.14 -73.56
C VAL L 76 -19.16 -29.24 -74.62
N ASP L 77 -20.29 -29.23 -75.32
CA ASP L 77 -20.57 -30.16 -76.41
C ASP L 77 -20.02 -29.58 -77.71
N ARG L 78 -18.76 -29.89 -78.01
CA ARG L 78 -18.07 -29.28 -79.15
C ARG L 78 -18.71 -29.64 -80.48
N ALA L 79 -19.13 -30.89 -80.62
CA ALA L 79 -19.83 -31.33 -81.82
C ALA L 79 -21.00 -30.39 -82.13
N ALA L 80 -21.75 -30.03 -81.09
CA ALA L 80 -22.91 -29.17 -81.27
C ALA L 80 -22.52 -27.82 -81.86
N LEU L 81 -21.25 -27.46 -81.70
CA LEU L 81 -20.76 -26.15 -82.10
C LEU L 81 -20.30 -26.13 -83.55
N GLY L 82 -19.46 -27.09 -83.91
CA GLY L 82 -18.94 -27.20 -85.26
C GLY L 82 -17.85 -26.20 -85.58
N ASP L 83 -17.63 -25.94 -86.86
CA ASP L 83 -16.61 -24.99 -87.31
C ASP L 83 -16.86 -23.60 -86.75
N PRO L 84 -15.89 -23.09 -85.97
CA PRO L 84 -15.96 -21.77 -85.34
C PRO L 84 -16.10 -20.64 -86.37
N GLU L 85 -15.36 -20.75 -87.46
CA GLU L 85 -15.39 -19.71 -88.50
C GLU L 85 -16.55 -19.89 -89.45
N HIS L 86 -17.72 -20.23 -88.91
CA HIS L 86 -18.93 -20.30 -89.72
C HIS L 86 -19.91 -19.22 -89.31
N SER L 87 -20.93 -19.00 -90.14
CA SER L 87 -21.92 -17.96 -89.90
C SER L 87 -22.94 -18.35 -88.83
N GLU L 88 -23.30 -19.63 -88.82
CA GLU L 88 -24.29 -20.15 -87.89
C GLU L 88 -23.75 -20.28 -86.47
N TYR L 89 -22.43 -20.11 -86.32
CA TYR L 89 -21.75 -20.35 -85.05
C TYR L 89 -22.33 -19.58 -83.86
N GLU L 90 -22.59 -18.29 -84.03
CA GLU L 90 -23.10 -17.49 -82.92
C GLU L 90 -24.44 -18.00 -82.39
N LYS L 91 -25.20 -18.70 -83.23
CA LYS L 91 -26.42 -19.33 -82.77
C LYS L 91 -26.13 -20.65 -82.07
N LYS L 92 -25.12 -21.36 -82.55
CA LYS L 92 -24.72 -22.64 -81.95
C LYS L 92 -24.16 -22.44 -80.54
N VAL L 93 -23.40 -21.36 -80.36
CA VAL L 93 -22.81 -21.04 -79.06
C VAL L 93 -23.90 -20.64 -78.07
N ILE L 94 -24.83 -19.79 -78.52
CA ILE L 94 -25.95 -19.37 -77.70
C ILE L 94 -26.81 -20.55 -77.25
N ALA L 95 -27.06 -21.48 -78.15
CA ALA L 95 -27.88 -22.66 -77.84
C ALA L 95 -27.19 -23.57 -76.83
N GLU L 96 -25.86 -23.68 -76.94
CA GLU L 96 -25.09 -24.50 -76.02
C GLU L 96 -25.03 -23.89 -74.61
N LEU L 97 -24.81 -22.57 -74.53
CA LEU L 97 -24.78 -21.89 -73.23
C LEU L 97 -26.14 -22.02 -72.57
N HIS L 98 -27.20 -21.93 -73.37
CA HIS L 98 -28.54 -22.11 -72.85
C HIS L 98 -28.68 -23.52 -72.29
N ARG L 99 -28.13 -24.49 -73.00
CA ARG L 99 -28.17 -25.89 -72.56
C ARG L 99 -27.47 -26.10 -71.23
N LEU L 100 -26.32 -25.45 -71.05
CA LEU L 100 -25.53 -25.61 -69.85
C LEU L 100 -26.22 -24.93 -68.67
N GLU L 101 -26.98 -23.88 -68.96
CA GLU L 101 -27.74 -23.16 -67.95
C GLU L 101 -28.96 -23.96 -67.51
N SER L 102 -29.55 -24.70 -68.45
CA SER L 102 -30.66 -25.57 -68.09
C SER L 102 -30.16 -26.78 -67.33
N ALA L 103 -28.97 -27.26 -67.70
CA ALA L 103 -28.35 -28.38 -66.98
C ALA L 103 -28.05 -27.99 -65.54
N GLN L 104 -27.69 -26.73 -65.31
CA GLN L 104 -27.43 -26.23 -63.95
C GLN L 104 -28.70 -26.31 -63.10
N ALA L 105 -29.82 -25.86 -63.65
CA ALA L 105 -31.11 -25.90 -62.96
C ALA L 105 -31.56 -27.34 -62.69
N GLU L 106 -31.35 -28.23 -63.65
CA GLU L 106 -31.68 -29.64 -63.45
C GLU L 106 -30.88 -30.21 -62.27
N PHE L 107 -29.59 -29.90 -62.23
CA PHE L 107 -28.73 -30.37 -61.14
C PHE L 107 -29.21 -29.84 -59.78
N LEU L 108 -29.64 -28.59 -59.73
CA LEU L 108 -30.21 -28.03 -58.52
C LEU L 108 -31.41 -28.87 -58.07
N MET L 109 -32.32 -29.17 -59.00
CA MET L 109 -33.54 -29.93 -58.66
C MET L 109 -33.28 -31.39 -58.31
N ASP L 110 -32.16 -31.92 -58.76
CA ASP L 110 -31.72 -33.23 -58.30
C ASP L 110 -31.68 -33.27 -56.76
N HIS L 111 -31.57 -32.10 -56.12
CA HIS L 111 -31.37 -32.04 -54.66
C HIS L 111 -32.57 -31.55 -53.85
N LEU L 112 -33.72 -31.38 -54.51
CA LEU L 112 -34.91 -30.90 -53.83
C LEU L 112 -35.70 -32.07 -53.24
N GLY L 113 -35.13 -33.28 -53.30
CA GLY L 113 -35.79 -34.46 -52.81
C GLY L 113 -37.00 -34.77 -53.65
N GLN L 114 -37.91 -35.57 -53.13
CA GLN L 114 -39.12 -35.90 -53.90
C GLN L 114 -40.22 -34.89 -53.62
N ALA L 115 -40.99 -34.59 -54.65
CA ALA L 115 -42.13 -33.70 -54.53
C ALA L 115 -43.11 -34.04 -55.62
N GLY L 116 -44.39 -33.77 -55.37
CA GLY L 116 -45.43 -34.05 -56.32
C GLY L 116 -46.46 -32.94 -56.37
N PRO L 117 -47.61 -33.21 -57.00
CA PRO L 117 -48.72 -32.27 -57.26
C PRO L 117 -49.30 -31.64 -55.99
N ASP L 118 -49.26 -32.35 -54.87
CA ASP L 118 -49.88 -31.85 -53.64
C ASP L 118 -48.98 -30.86 -52.89
N ASP L 119 -47.77 -30.62 -53.40
CA ASP L 119 -46.80 -29.78 -52.71
C ASP L 119 -46.70 -28.37 -53.27
N THR L 120 -46.15 -27.48 -52.44
CA THR L 120 -45.79 -26.13 -52.87
C THR L 120 -44.27 -25.98 -52.79
N LEU L 121 -43.67 -25.51 -53.88
CA LEU L 121 -42.25 -25.20 -53.92
C LEU L 121 -42.09 -23.69 -54.09
N VAL L 122 -41.04 -23.13 -53.50
CA VAL L 122 -40.80 -21.69 -53.60
C VAL L 122 -39.45 -21.39 -54.26
N ASP L 123 -39.49 -20.55 -55.28
CA ASP L 123 -38.28 -20.05 -55.93
C ASP L 123 -38.01 -18.65 -55.40
N ALA L 124 -36.99 -18.52 -54.55
CA ALA L 124 -36.68 -17.22 -53.95
C ALA L 124 -35.74 -16.41 -54.84
N GLY L 125 -36.23 -15.29 -55.37
CA GLY L 125 -35.47 -14.52 -56.35
C GLY L 125 -35.57 -15.15 -57.74
N CYS L 126 -36.80 -15.17 -58.27
CA CYS L 126 -37.18 -16.13 -59.33
C CYS L 126 -36.90 -15.71 -60.78
N GLY L 127 -36.47 -14.47 -60.97
CA GLY L 127 -36.12 -13.98 -62.30
C GLY L 127 -37.31 -13.99 -63.25
N ARG L 128 -37.10 -14.52 -64.46
CA ARG L 128 -38.16 -14.56 -65.45
C ARG L 128 -39.01 -15.83 -65.39
N GLY L 129 -38.63 -16.77 -64.54
CA GLY L 129 -39.48 -17.94 -64.27
C GLY L 129 -39.03 -19.28 -64.84
N GLY L 130 -37.91 -19.29 -65.55
CA GLY L 130 -37.42 -20.50 -66.19
C GLY L 130 -37.31 -21.71 -65.29
N SER L 131 -36.77 -21.53 -64.08
CA SER L 131 -36.62 -22.61 -63.12
C SER L 131 -37.97 -23.08 -62.60
N MET L 132 -38.92 -22.17 -62.49
CA MET L 132 -40.26 -22.51 -62.02
C MET L 132 -41.00 -23.39 -63.04
N VAL L 133 -40.94 -23.01 -64.31
CA VAL L 133 -41.51 -23.83 -65.37
C VAL L 133 -40.94 -25.23 -65.33
N MET L 134 -39.60 -25.33 -65.24
CA MET L 134 -38.92 -26.61 -65.11
C MET L 134 -39.38 -27.43 -63.90
N ALA L 135 -39.37 -26.83 -62.72
CA ALA L 135 -39.78 -27.55 -61.52
C ALA L 135 -41.19 -28.11 -61.68
N HIS L 136 -42.08 -27.29 -62.23
CA HIS L 136 -43.47 -27.72 -62.36
C HIS L 136 -43.62 -28.88 -63.34
N ARG L 137 -42.79 -28.88 -64.39
CA ARG L 137 -42.77 -29.96 -65.35
C ARG L 137 -42.25 -31.24 -64.71
N ARG L 138 -41.17 -31.13 -63.94
CA ARG L 138 -40.58 -32.32 -63.31
C ARG L 138 -41.44 -32.91 -62.19
N PHE L 139 -41.93 -32.04 -61.30
CA PHE L 139 -42.58 -32.49 -60.07
C PHE L 139 -44.10 -32.40 -60.12
N GLY L 140 -44.63 -31.50 -60.93
CA GLY L 140 -46.06 -31.26 -61.01
C GLY L 140 -46.56 -30.42 -59.84
N SER L 141 -45.64 -29.95 -59.02
CA SER L 141 -46.02 -29.19 -57.83
C SER L 141 -46.51 -27.79 -58.17
N ARG L 142 -47.27 -27.20 -57.26
CA ARG L 142 -47.51 -25.76 -57.31
C ARG L 142 -46.17 -25.06 -57.02
N VAL L 143 -45.82 -24.09 -57.87
CA VAL L 143 -44.57 -23.37 -57.71
C VAL L 143 -44.81 -21.86 -57.61
N GLU L 144 -44.42 -21.26 -56.49
CA GLU L 144 -44.54 -19.82 -56.30
C GLU L 144 -43.15 -19.18 -56.38
N GLY L 145 -43.06 -18.07 -57.09
CA GLY L 145 -41.81 -17.36 -57.20
C GLY L 145 -41.95 -15.96 -56.65
N VAL L 146 -40.90 -15.48 -55.99
CA VAL L 146 -40.84 -14.09 -55.59
C VAL L 146 -39.65 -13.39 -56.24
N THR L 147 -39.90 -12.15 -56.68
CA THR L 147 -38.87 -11.32 -57.27
C THR L 147 -39.19 -9.86 -56.99
N LEU L 148 -38.18 -9.01 -57.08
CA LEU L 148 -38.32 -7.58 -56.80
C LEU L 148 -38.77 -6.80 -58.03
N SER L 149 -38.63 -7.42 -59.20
CA SER L 149 -38.94 -6.75 -60.45
C SER L 149 -40.34 -7.08 -60.97
N ALA L 150 -41.19 -6.07 -61.04
CA ALA L 150 -42.52 -6.21 -61.62
C ALA L 150 -42.45 -6.65 -63.09
N ALA L 151 -41.43 -6.16 -63.80
CA ALA L 151 -41.21 -6.56 -65.19
C ALA L 151 -40.96 -8.07 -65.30
N GLN L 152 -40.11 -8.58 -64.41
CA GLN L 152 -39.81 -10.01 -64.41
C GLN L 152 -41.03 -10.82 -63.99
N ALA L 153 -41.78 -10.32 -63.03
CA ALA L 153 -42.99 -10.99 -62.57
C ALA L 153 -44.01 -11.08 -63.71
N ASP L 154 -44.31 -9.94 -64.34
CA ASP L 154 -45.22 -9.90 -65.47
C ASP L 154 -44.79 -10.85 -66.57
N PHE L 155 -43.48 -10.87 -66.85
CA PHE L 155 -42.92 -11.75 -67.87
C PHE L 155 -43.13 -13.22 -67.56
N GLY L 156 -42.81 -13.62 -66.33
CA GLY L 156 -42.96 -15.00 -65.91
C GLY L 156 -44.40 -15.45 -65.95
N ASN L 157 -45.30 -14.58 -65.50
CA ASN L 157 -46.72 -14.90 -65.47
C ASN L 157 -47.32 -15.02 -66.87
N ARG L 158 -46.88 -14.16 -67.79
CA ARG L 158 -47.27 -14.25 -69.20
C ARG L 158 -46.89 -15.63 -69.75
N ARG L 159 -45.62 -15.97 -69.58
CA ARG L 159 -45.12 -17.27 -70.00
C ARG L 159 -45.94 -18.42 -69.42
N ALA L 160 -46.32 -18.30 -68.15
CA ALA L 160 -47.11 -19.34 -67.50
C ALA L 160 -48.46 -19.49 -68.17
N ARG L 161 -49.09 -18.35 -68.47
CA ARG L 161 -50.40 -18.36 -69.14
C ARG L 161 -50.33 -18.99 -70.53
N GLU L 162 -49.27 -18.70 -71.27
CA GLU L 162 -49.07 -19.29 -72.59
C GLU L 162 -48.96 -20.80 -72.51
N LEU L 163 -48.27 -21.29 -71.50
CA LEU L 163 -48.05 -22.72 -71.33
C LEU L 163 -49.23 -23.40 -70.66
N ARG L 164 -50.28 -22.63 -70.38
CA ARG L 164 -51.47 -23.16 -69.71
C ARG L 164 -51.20 -23.73 -68.32
N ILE L 165 -50.14 -23.25 -67.66
CA ILE L 165 -49.79 -23.73 -66.33
C ILE L 165 -49.90 -22.64 -65.27
N ASP L 166 -50.54 -21.53 -65.62
CA ASP L 166 -50.63 -20.39 -64.71
C ASP L 166 -51.43 -20.71 -63.44
N ASP L 167 -52.23 -21.78 -63.48
CA ASP L 167 -53.00 -22.18 -62.31
C ASP L 167 -52.15 -22.92 -61.29
N HIS L 168 -50.90 -23.19 -61.64
CA HIS L 168 -49.98 -23.91 -60.75
C HIS L 168 -48.66 -23.16 -60.54
N VAL L 169 -48.33 -22.27 -61.47
CA VAL L 169 -47.08 -21.53 -61.43
C VAL L 169 -47.38 -20.04 -61.40
N ARG L 170 -46.89 -19.35 -60.37
CA ARG L 170 -47.13 -17.91 -60.23
C ARG L 170 -45.93 -17.13 -59.68
N SER L 171 -45.65 -15.98 -60.29
CA SER L 171 -44.62 -15.08 -59.81
C SER L 171 -45.25 -13.82 -59.20
N ARG L 172 -44.64 -13.34 -58.12
CA ARG L 172 -45.08 -12.12 -57.48
C ARG L 172 -43.93 -11.18 -57.17
N VAL L 173 -44.22 -9.89 -57.08
CA VAL L 173 -43.25 -8.91 -56.63
C VAL L 173 -43.26 -8.88 -55.11
N CYS L 174 -42.22 -9.45 -54.51
CA CYS L 174 -42.14 -9.56 -53.06
C CYS L 174 -40.70 -9.68 -52.58
N ASN L 175 -40.41 -9.06 -51.44
CA ASN L 175 -39.12 -9.23 -50.78
C ASN L 175 -39.02 -10.64 -50.22
N MET L 176 -38.04 -11.42 -50.70
CA MET L 176 -37.90 -12.82 -50.27
C MET L 176 -37.53 -12.99 -48.78
N LEU L 177 -37.21 -11.90 -48.10
CA LEU L 177 -36.92 -11.94 -46.67
C LEU L 177 -38.22 -11.85 -45.85
N ASP L 178 -39.32 -11.54 -46.51
CA ASP L 178 -40.59 -11.27 -45.84
C ASP L 178 -41.76 -11.68 -46.75
N THR L 179 -42.01 -12.98 -46.85
CA THR L 179 -42.99 -13.51 -47.80
C THR L 179 -44.33 -13.81 -47.11
N PRO L 180 -45.40 -13.93 -47.91
CA PRO L 180 -46.74 -14.26 -47.40
C PRO L 180 -46.93 -15.75 -47.09
N PHE L 181 -45.96 -16.59 -47.42
CA PHE L 181 -46.13 -18.03 -47.22
C PHE L 181 -46.30 -18.43 -45.76
N ASP L 182 -47.25 -19.32 -45.51
CA ASP L 182 -47.55 -19.74 -44.15
C ASP L 182 -46.43 -20.59 -43.54
N LYS L 183 -46.32 -20.51 -42.22
CA LYS L 183 -45.32 -21.29 -41.50
C LYS L 183 -45.45 -22.77 -41.86
N GLY L 184 -44.34 -23.38 -42.27
CA GLY L 184 -44.33 -24.81 -42.57
C GLY L 184 -45.24 -25.26 -43.69
N ALA L 185 -45.64 -24.33 -44.56
CA ALA L 185 -46.51 -24.64 -45.69
C ALA L 185 -45.71 -25.15 -46.90
N VAL L 186 -44.42 -24.87 -46.93
CA VAL L 186 -43.60 -25.16 -48.11
C VAL L 186 -42.80 -26.46 -48.04
N THR L 187 -42.85 -27.24 -49.11
CA THR L 187 -42.17 -28.53 -49.17
C THR L 187 -40.68 -28.40 -49.50
N ALA L 188 -40.35 -27.51 -50.42
CA ALA L 188 -38.96 -27.29 -50.83
C ALA L 188 -38.82 -25.92 -51.44
N SER L 189 -37.62 -25.37 -51.41
CA SER L 189 -37.39 -24.02 -51.87
C SER L 189 -35.93 -23.85 -52.23
N TRP L 190 -35.63 -22.78 -52.95
CA TRP L 190 -34.28 -22.56 -53.43
C TRP L 190 -33.96 -21.12 -53.76
N ASN L 191 -32.66 -20.84 -53.79
CA ASN L 191 -32.12 -19.61 -54.33
C ASN L 191 -31.15 -20.02 -55.41
N ASN L 192 -31.45 -19.65 -56.66
CA ASN L 192 -30.50 -19.85 -57.75
C ASN L 192 -29.87 -18.51 -58.12
N GLU L 193 -28.61 -18.35 -57.74
CA GLU L 193 -27.89 -17.08 -57.87
C GLU L 193 -28.71 -15.87 -57.47
N SER L 194 -29.22 -15.86 -56.24
CA SER L 194 -29.93 -14.68 -55.74
C SER L 194 -29.64 -14.43 -54.26
N THR L 195 -28.78 -15.24 -53.66
CA THR L 195 -28.46 -15.07 -52.23
C THR L 195 -27.54 -13.88 -51.98
N MET L 196 -26.89 -13.39 -53.04
CA MET L 196 -25.90 -12.33 -52.90
C MET L 196 -26.52 -10.92 -52.88
N TYR L 197 -27.85 -10.86 -52.84
CA TYR L 197 -28.55 -9.58 -52.74
C TYR L 197 -29.18 -9.39 -51.35
N VAL L 198 -28.95 -10.35 -50.45
CA VAL L 198 -29.54 -10.28 -49.12
C VAL L 198 -28.63 -10.77 -48.00
N ASP L 199 -28.92 -10.28 -46.79
CA ASP L 199 -28.34 -10.79 -45.57
C ASP L 199 -28.72 -12.27 -45.43
N LEU L 200 -27.73 -13.13 -45.23
CA LEU L 200 -27.98 -14.57 -45.20
C LEU L 200 -28.75 -15.05 -43.97
N HIS L 201 -28.40 -14.55 -42.78
CA HIS L 201 -29.17 -14.96 -41.61
C HIS L 201 -30.66 -14.68 -41.80
N ASP L 202 -30.98 -13.50 -42.32
CA ASP L 202 -32.38 -13.11 -42.56
C ASP L 202 -33.05 -14.01 -43.61
N LEU L 203 -32.32 -14.30 -44.68
CA LEU L 203 -32.81 -15.15 -45.75
C LEU L 203 -33.10 -16.56 -45.24
N PHE L 204 -32.14 -17.17 -44.55
CA PHE L 204 -32.34 -18.54 -44.10
C PHE L 204 -33.35 -18.63 -42.96
N SER L 205 -33.48 -17.54 -42.21
CA SER L 205 -34.54 -17.43 -41.22
C SER L 205 -35.91 -17.51 -41.90
N GLU L 206 -36.03 -16.87 -43.05
CA GLU L 206 -37.32 -16.84 -43.72
C GLU L 206 -37.64 -18.21 -44.37
N HIS L 207 -36.65 -18.83 -45.01
CA HIS L 207 -36.84 -20.17 -45.56
C HIS L 207 -37.22 -21.15 -44.46
N SER L 208 -36.46 -21.13 -43.36
CA SER L 208 -36.72 -22.03 -42.25
C SER L 208 -38.14 -21.80 -41.71
N ARG L 209 -38.62 -20.57 -41.73
CA ARG L 209 -39.98 -20.28 -41.28
C ARG L 209 -41.04 -20.97 -42.14
N PHE L 210 -40.99 -20.76 -43.46
CA PHE L 210 -42.04 -21.31 -44.33
C PHE L 210 -41.86 -22.78 -44.72
N LEU L 211 -40.65 -23.32 -44.59
CA LEU L 211 -40.40 -24.72 -44.92
C LEU L 211 -40.91 -25.62 -43.80
N LYS L 212 -41.61 -26.69 -44.17
CA LYS L 212 -42.06 -27.65 -43.18
C LYS L 212 -40.87 -28.39 -42.61
N VAL L 213 -41.01 -28.89 -41.39
CA VAL L 213 -39.99 -29.77 -40.83
C VAL L 213 -39.77 -30.95 -41.78
N GLY L 214 -38.51 -31.23 -42.10
CA GLY L 214 -38.19 -32.24 -43.10
C GLY L 214 -38.17 -31.69 -44.52
N GLY L 215 -38.52 -30.42 -44.68
CA GLY L 215 -38.49 -29.76 -45.97
C GLY L 215 -37.07 -29.66 -46.50
N ARG L 216 -36.92 -29.24 -47.74
CA ARG L 216 -35.59 -29.21 -48.34
C ARG L 216 -35.23 -27.86 -48.96
N TYR L 217 -33.97 -27.47 -48.78
CA TYR L 217 -33.45 -26.23 -49.34
C TYR L 217 -32.26 -26.53 -50.23
N VAL L 218 -32.16 -25.79 -51.34
CA VAL L 218 -30.97 -25.84 -52.17
C VAL L 218 -30.60 -24.43 -52.58
N THR L 219 -29.31 -24.12 -52.53
CA THR L 219 -28.84 -22.94 -53.22
C THR L 219 -27.67 -23.26 -54.14
N ILE L 220 -27.60 -22.57 -55.27
CA ILE L 220 -26.39 -22.51 -56.07
C ILE L 220 -25.97 -21.04 -56.05
N THR L 221 -24.71 -20.80 -55.72
CA THR L 221 -24.24 -19.44 -55.51
C THR L 221 -22.76 -19.36 -55.85
N GLY L 222 -22.31 -18.14 -56.19
CA GLY L 222 -20.91 -17.83 -56.18
C GLY L 222 -20.59 -17.15 -54.85
N CYS L 223 -19.65 -17.74 -54.11
CA CYS L 223 -19.26 -17.21 -52.81
C CYS L 223 -17.76 -17.02 -52.79
N TRP L 224 -17.26 -16.02 -52.06
CA TRP L 224 -15.80 -15.93 -51.98
C TRP L 224 -15.24 -17.01 -51.06
N ASN L 225 -14.03 -17.48 -51.36
CA ASN L 225 -13.45 -18.59 -50.62
C ASN L 225 -12.65 -18.11 -49.42
N PRO L 226 -13.11 -18.48 -48.20
CA PRO L 226 -12.44 -18.10 -46.94
C PRO L 226 -10.97 -18.51 -46.93
N ARG L 227 -10.62 -19.57 -47.65
CA ARG L 227 -9.21 -19.95 -47.79
C ARG L 227 -8.37 -18.80 -48.34
N TYR L 228 -8.96 -17.99 -49.22
CA TYR L 228 -8.23 -16.90 -49.85
C TYR L 228 -7.97 -15.77 -48.84
N GLY L 229 -8.89 -15.60 -47.89
CA GLY L 229 -8.69 -14.69 -46.79
C GLY L 229 -9.77 -13.62 -46.67
N GLN L 230 -9.93 -12.86 -47.75
CA GLN L 230 -10.96 -11.82 -47.85
C GLN L 230 -11.32 -11.78 -49.33
N PRO L 231 -12.34 -10.98 -49.68
CA PRO L 231 -12.72 -10.83 -51.10
C PRO L 231 -11.63 -10.24 -51.98
N SER L 232 -11.28 -10.91 -53.07
CA SER L 232 -10.24 -10.41 -53.97
C SER L 232 -10.78 -9.28 -54.82
N LYS L 233 -9.88 -8.53 -55.47
CA LYS L 233 -10.30 -7.43 -56.33
C LYS L 233 -11.31 -7.94 -57.36
N TRP L 234 -11.13 -9.18 -57.82
CA TRP L 234 -12.05 -9.76 -58.79
C TRP L 234 -13.45 -9.89 -58.19
N VAL L 235 -13.53 -10.39 -56.95
CA VAL L 235 -14.82 -10.54 -56.30
C VAL L 235 -15.48 -9.18 -56.22
N SER L 236 -14.69 -8.18 -55.86
CA SER L 236 -15.21 -6.82 -55.73
C SER L 236 -15.68 -6.23 -57.07
N GLN L 237 -14.93 -6.47 -58.14
CA GLN L 237 -15.40 -6.05 -59.47
C GLN L 237 -16.73 -6.72 -59.81
N ILE L 238 -16.87 -7.99 -59.43
CA ILE L 238 -18.14 -8.66 -59.68
C ILE L 238 -19.26 -8.02 -58.84
N ASN L 239 -19.00 -7.75 -57.56
CA ASN L 239 -19.97 -6.97 -56.79
C ASN L 239 -20.36 -5.64 -57.48
N ALA L 240 -19.37 -4.87 -57.93
CA ALA L 240 -19.68 -3.56 -58.51
C ALA L 240 -20.53 -3.69 -59.78
N HIS L 241 -20.17 -4.65 -60.61
CA HIS L 241 -20.88 -4.95 -61.85
C HIS L 241 -22.37 -5.22 -61.63
N PHE L 242 -22.68 -6.14 -60.71
CA PHE L 242 -24.07 -6.54 -60.46
C PHE L 242 -24.72 -5.80 -59.28
N GLU L 243 -23.97 -4.93 -58.59
CA GLU L 243 -24.47 -4.27 -57.39
C GLU L 243 -24.90 -5.31 -56.34
N CYS L 244 -24.15 -6.39 -56.23
CA CYS L 244 -24.46 -7.40 -55.23
C CYS L 244 -23.47 -7.39 -54.06
N ASN L 245 -23.56 -8.42 -53.21
CA ASN L 245 -22.78 -8.49 -52.00
C ASN L 245 -22.39 -9.93 -51.78
N ILE L 246 -21.50 -10.43 -52.63
CA ILE L 246 -21.03 -11.81 -52.52
C ILE L 246 -20.58 -12.19 -51.11
N HIS L 247 -21.13 -13.28 -50.56
CA HIS L 247 -20.78 -13.72 -49.19
C HIS L 247 -19.71 -14.78 -49.21
N SER L 248 -19.01 -14.96 -48.10
CA SER L 248 -18.01 -16.03 -48.06
C SER L 248 -18.69 -17.36 -47.75
N ARG L 249 -18.11 -18.45 -48.22
CA ARG L 249 -18.64 -19.79 -47.94
C ARG L 249 -18.83 -19.96 -46.42
N ARG L 250 -17.95 -19.36 -45.63
CA ARG L 250 -18.08 -19.42 -44.18
C ARG L 250 -19.44 -18.89 -43.69
N GLU L 251 -19.85 -17.74 -44.22
CA GLU L 251 -21.12 -17.12 -43.83
C GLU L 251 -22.33 -17.95 -44.23
N TYR L 252 -22.24 -18.64 -45.37
CA TYR L 252 -23.31 -19.53 -45.79
C TYR L 252 -23.57 -20.60 -44.73
N LEU L 253 -22.51 -21.28 -44.29
CA LEU L 253 -22.65 -22.39 -43.37
C LEU L 253 -23.05 -21.90 -41.98
N ARG L 254 -22.57 -20.70 -41.61
CA ARG L 254 -22.89 -20.11 -40.31
C ARG L 254 -24.37 -19.72 -40.24
N ALA L 255 -24.84 -19.00 -41.25
CA ALA L 255 -26.26 -18.61 -41.32
C ALA L 255 -27.23 -19.80 -41.38
N MET L 256 -26.83 -20.88 -42.06
CA MET L 256 -27.66 -22.08 -42.08
C MET L 256 -27.74 -22.75 -40.71
N ALA L 257 -26.59 -22.89 -40.06
CA ALA L 257 -26.49 -23.51 -38.75
C ALA L 257 -27.29 -22.74 -37.69
N ASP L 258 -27.40 -21.43 -37.87
CA ASP L 258 -28.13 -20.58 -36.94
C ASP L 258 -29.63 -20.59 -37.24
N ASN L 259 -30.03 -21.26 -38.32
CA ASN L 259 -31.43 -21.26 -38.75
C ASN L 259 -32.04 -22.63 -39.09
N ARG L 260 -31.57 -23.68 -38.43
CA ARG L 260 -32.17 -25.01 -38.57
C ARG L 260 -32.10 -25.62 -39.97
N LEU L 261 -31.18 -25.12 -40.79
CA LEU L 261 -30.88 -25.74 -42.07
C LEU L 261 -29.55 -26.47 -41.95
N VAL L 262 -29.59 -27.77 -42.23
CA VAL L 262 -28.44 -28.64 -42.09
C VAL L 262 -28.07 -29.22 -43.48
N PRO L 263 -26.94 -28.77 -44.04
CA PRO L 263 -26.49 -29.31 -45.34
C PRO L 263 -26.33 -30.84 -45.31
N HIS L 264 -26.79 -31.52 -46.35
CA HIS L 264 -26.51 -32.94 -46.52
C HIS L 264 -25.58 -33.15 -47.72
N THR L 265 -25.53 -32.15 -48.60
CA THR L 265 -24.67 -32.20 -49.77
C THR L 265 -24.07 -30.83 -50.02
N ILE L 266 -22.74 -30.78 -50.12
CA ILE L 266 -22.05 -29.58 -50.60
C ILE L 266 -21.09 -29.97 -51.70
N VAL L 267 -21.17 -29.29 -52.84
CA VAL L 267 -20.25 -29.59 -53.95
C VAL L 267 -19.68 -28.31 -54.54
N ASP L 268 -18.36 -28.29 -54.65
CA ASP L 268 -17.67 -27.22 -55.38
C ASP L 268 -17.85 -27.45 -56.88
N LEU L 269 -18.68 -26.61 -57.50
CA LEU L 269 -18.95 -26.69 -58.93
C LEU L 269 -18.02 -25.81 -59.78
N THR L 270 -17.00 -25.21 -59.14
CA THR L 270 -16.06 -24.34 -59.86
C THR L 270 -15.48 -24.95 -61.15
N PRO L 271 -14.90 -26.17 -61.07
CA PRO L 271 -14.32 -26.74 -62.28
C PRO L 271 -15.42 -27.02 -63.31
N ASP L 272 -16.64 -27.24 -62.83
CA ASP L 272 -17.74 -27.59 -63.71
C ASP L 272 -18.35 -26.40 -64.45
N THR L 273 -18.06 -25.18 -63.98
CA THR L 273 -18.68 -24.01 -64.59
C THR L 273 -17.68 -23.24 -65.46
N LEU L 274 -16.39 -23.52 -65.27
CA LEU L 274 -15.34 -22.89 -66.10
C LEU L 274 -15.53 -23.08 -67.61
N PRO L 275 -15.79 -24.32 -68.07
CA PRO L 275 -16.02 -24.46 -69.51
C PRO L 275 -17.14 -23.55 -69.99
N TYR L 276 -18.22 -23.44 -69.21
CA TYR L 276 -19.30 -22.51 -69.56
C TYR L 276 -18.78 -21.07 -69.69
N TRP L 277 -18.01 -20.61 -68.70
CA TRP L 277 -17.50 -19.24 -68.73
C TRP L 277 -16.50 -18.97 -69.86
N GLU L 278 -15.63 -19.93 -70.12
CA GLU L 278 -14.70 -19.80 -71.25
C GLU L 278 -15.42 -19.81 -72.60
N LEU L 279 -16.39 -20.69 -72.79
CA LEU L 279 -17.22 -20.64 -74.00
C LEU L 279 -17.95 -19.31 -74.10
N ARG L 280 -18.51 -18.85 -72.99
CA ARG L 280 -19.21 -17.57 -72.98
C ARG L 280 -18.30 -16.41 -73.37
N ALA L 281 -17.03 -16.54 -73.06
CA ALA L 281 -16.05 -15.46 -73.31
C ALA L 281 -15.80 -15.31 -74.81
N THR L 282 -16.12 -16.35 -75.59
CA THR L 282 -16.01 -16.30 -77.04
C THR L 282 -17.33 -15.92 -77.68
N SER L 283 -18.33 -15.60 -76.88
CA SER L 283 -19.69 -15.44 -77.41
C SER L 283 -20.07 -13.98 -77.66
N SER L 284 -21.30 -13.77 -78.12
CA SER L 284 -21.77 -12.45 -78.51
C SER L 284 -22.34 -11.69 -77.33
N LEU L 285 -22.50 -12.36 -76.20
CA LEU L 285 -23.10 -11.71 -75.05
C LEU L 285 -22.10 -11.31 -73.97
N VAL L 286 -20.81 -11.31 -74.30
CA VAL L 286 -19.84 -10.88 -73.31
C VAL L 286 -20.18 -9.46 -72.87
N THR L 287 -20.04 -9.20 -71.57
CA THR L 287 -20.32 -7.88 -71.02
C THR L 287 -19.03 -7.24 -70.50
N GLY L 288 -17.96 -8.02 -70.47
CA GLY L 288 -16.68 -7.55 -69.96
C GLY L 288 -16.41 -7.97 -68.53
N ILE L 289 -17.35 -8.70 -67.93
CA ILE L 289 -17.15 -9.23 -66.57
C ILE L 289 -16.58 -10.66 -66.62
N GLU L 290 -16.56 -11.23 -67.82
CA GLU L 290 -16.13 -12.62 -68.00
C GLU L 290 -14.73 -12.90 -67.41
N LYS L 291 -13.82 -11.96 -67.60
CA LYS L 291 -12.45 -12.12 -67.09
C LYS L 291 -12.42 -12.24 -65.56
N ALA L 292 -13.23 -11.41 -64.90
CA ALA L 292 -13.32 -11.45 -63.43
C ALA L 292 -13.74 -12.84 -62.93
N PHE L 293 -14.78 -13.42 -63.52
CA PHE L 293 -15.23 -14.76 -63.12
C PHE L 293 -14.13 -15.78 -63.36
N ILE L 294 -13.61 -15.80 -64.59
CA ILE L 294 -12.59 -16.77 -64.96
C ILE L 294 -11.30 -16.72 -64.10
N GLU L 295 -10.73 -15.54 -63.92
CA GLU L 295 -9.51 -15.43 -63.13
C GLU L 295 -9.75 -15.76 -61.66
N SER L 296 -10.89 -15.35 -61.10
CA SER L 296 -11.15 -15.61 -59.67
C SER L 296 -11.41 -17.09 -59.40
N TYR L 297 -12.13 -17.74 -60.31
CA TYR L 297 -12.31 -19.19 -60.24
C TYR L 297 -10.97 -19.93 -60.27
N ARG L 298 -10.08 -19.46 -61.14
CA ARG L 298 -8.79 -20.10 -61.34
C ARG L 298 -7.79 -19.81 -60.20
N ASP L 299 -7.83 -18.62 -59.62
CA ASP L 299 -6.85 -18.28 -58.58
C ASP L 299 -7.35 -18.65 -57.17
N GLY L 300 -8.59 -19.10 -57.08
CA GLY L 300 -9.13 -19.64 -55.84
C GLY L 300 -9.78 -18.64 -54.89
N SER L 301 -9.95 -17.39 -55.33
CA SER L 301 -10.59 -16.39 -54.49
C SER L 301 -12.11 -16.49 -54.55
N PHE L 302 -12.64 -17.06 -55.63
CA PHE L 302 -14.09 -17.12 -55.84
C PHE L 302 -14.45 -18.57 -56.21
N GLN L 303 -15.58 -19.07 -55.74
CA GLN L 303 -16.00 -20.43 -56.10
C GLN L 303 -17.49 -20.51 -56.39
N TYR L 304 -17.86 -21.55 -57.12
CA TYR L 304 -19.24 -21.76 -57.50
C TYR L 304 -19.69 -23.02 -56.78
N VAL L 305 -20.70 -22.89 -55.92
CA VAL L 305 -21.01 -23.95 -54.99
C VAL L 305 -22.51 -24.29 -54.95
N LEU L 306 -22.80 -25.57 -54.75
CA LEU L 306 -24.16 -25.98 -54.45
C LEU L 306 -24.19 -26.42 -53.00
N ILE L 307 -25.17 -25.93 -52.26
CA ILE L 307 -25.41 -26.40 -50.88
C ILE L 307 -26.86 -26.84 -50.75
N ALA L 308 -27.07 -28.11 -50.46
CA ALA L 308 -28.43 -28.63 -50.25
C ALA L 308 -28.59 -29.01 -48.79
N ALA L 309 -29.68 -28.59 -48.17
CA ALA L 309 -29.89 -28.79 -46.75
C ALA L 309 -31.30 -29.22 -46.37
N ASP L 310 -31.40 -29.96 -45.27
CA ASP L 310 -32.69 -30.30 -44.66
C ASP L 310 -33.13 -29.25 -43.66
N ARG L 311 -34.43 -28.95 -43.65
CA ARG L 311 -35.00 -28.11 -42.62
C ARG L 311 -35.38 -29.06 -41.47
N VAL L 312 -34.71 -28.92 -40.33
CA VAL L 312 -34.93 -29.85 -39.24
C VAL L 312 -35.44 -29.14 -38.00
MG MG M . 30.84 -14.06 6.09
N SAH N . 36.31 -7.36 11.99
CA SAH N . 36.53 -8.75 11.49
CB SAH N . 35.68 -9.77 12.26
CG SAH N . 34.18 -9.42 12.35
SD SAH N . 33.37 -10.72 13.23
C SAH N . 36.32 -8.82 10.00
O SAH N . 35.82 -7.84 9.42
OXT SAH N . 36.68 -9.84 9.37
C5' SAH N . 32.99 -10.04 14.83
C4' SAH N . 34.27 -9.96 15.67
O4' SAH N . 34.13 -9.03 16.74
C3' SAH N . 34.71 -11.28 16.31
O3' SAH N . 36.13 -11.43 16.10
C2' SAH N . 34.51 -11.05 17.79
O2' SAH N . 35.42 -11.76 18.61
C1' SAH N . 34.78 -9.56 17.90
N9 SAH N . 34.30 -8.95 19.16
C8 SAH N . 33.03 -8.86 19.59
N7 SAH N . 32.99 -8.25 20.81
C5 SAH N . 34.25 -7.93 21.15
C6 SAH N . 34.88 -7.28 22.30
N6 SAH N . 34.05 -6.78 23.42
N1 SAH N . 36.21 -7.14 22.31
C2 SAH N . 37.12 -7.58 21.25
N3 SAH N . 36.45 -8.22 20.12
C4 SAH N . 35.11 -8.40 20.07
C1 GPP O . 29.71 -11.76 11.05
O1 GPP O . 29.78 -12.09 9.66
C2 GPP O . 29.00 -10.43 11.38
C3 GPP O . 28.20 -10.57 12.68
C4 GPP O . 28.22 -11.91 13.39
C5 GPP O . 27.36 -9.45 13.31
C6 GPP O . 26.20 -8.95 12.42
C7 GPP O . 26.71 -8.31 11.16
C8 GPP O . 25.86 -7.09 10.77
C9 GPP O . 24.66 -6.71 11.64
C10 GPP O . 26.19 -6.26 9.54
PA GPP O . 30.20 -13.65 9.39
O1A GPP O . 31.16 -13.81 8.27
O2A GPP O . 30.87 -14.24 10.75
O3A GPP O . 28.81 -14.49 9.30
PB GPP O . 28.11 -15.08 7.99
O1B GPP O . 28.59 -14.57 6.68
O2B GPP O . 28.46 -16.67 8.04
O3B GPP O . 26.52 -14.96 8.14
N SAH P . 28.15 4.47 58.31
CA SAH P . 28.36 4.55 59.79
CB SAH P . 28.56 5.99 60.31
CG SAH P . 27.42 6.98 60.04
SD SAH P . 27.80 8.53 60.82
C SAH P . 27.30 3.78 60.55
O SAH P . 26.27 3.44 59.94
OXT SAH P . 27.50 3.49 61.75
C5' SAH P . 28.42 9.61 59.56
C4' SAH P . 29.81 9.16 59.19
O4' SAH P . 30.17 9.67 57.90
C3' SAH P . 30.89 9.63 60.15
O3' SAH P . 31.76 8.52 60.39
C2' SAH P . 31.67 10.68 59.38
O2' SAH P . 33.05 10.70 59.75
C1' SAH P . 31.51 10.14 57.97
N9 SAH P . 31.78 11.14 56.91
C8 SAH P . 31.11 12.28 56.64
N7 SAH P . 31.66 12.91 55.57
C5 SAH P . 32.71 12.15 55.15
C6 SAH P . 33.74 12.25 54.09
N6 SAH P . 33.75 13.41 53.15
N1 SAH P . 34.66 11.28 53.98
C2 SAH P . 34.73 10.09 54.83
N3 SAH P . 33.72 10.05 55.89
C4 SAH P . 32.77 10.99 56.04
N SAH Q . 49.44 36.69 28.52
CA SAH Q . 50.56 37.50 27.94
CB SAH Q . 50.67 37.29 26.43
CG SAH Q . 49.38 37.51 25.62
SD SAH Q . 49.75 37.29 23.90
C SAH Q . 50.43 38.96 28.27
O SAH Q . 51.39 39.73 28.09
OXT SAH Q . 49.33 39.36 28.73
C5' SAH Q . 49.04 35.73 23.46
C4' SAH Q . 49.92 34.62 24.03
O4' SAH Q . 49.20 33.37 24.11
C3' SAH Q . 51.17 34.33 23.22
O3' SAH Q . 52.27 34.22 24.13
C2' SAH Q . 50.91 32.96 22.62
O2' SAH Q . 52.12 32.21 22.43
C1' SAH Q . 50.10 32.33 23.74
N9 SAH Q . 49.36 31.12 23.32
C8 SAH Q . 48.40 31.01 22.37
N7 SAH Q . 47.96 29.72 22.27
C5 SAH Q . 48.65 28.99 23.18
C6 SAH Q . 48.69 27.57 23.60
N6 SAH Q . 47.81 26.54 23.00
N1 SAH Q . 49.55 27.21 24.56
C2 SAH Q . 50.49 28.11 25.23
N3 SAH Q . 50.42 29.50 24.81
C4 SAH Q . 49.57 29.92 23.85
MG MG R . 27.68 33.88 -6.27
N SAH S . 20.39 29.75 -0.10
CA SAH S . 20.47 30.83 -1.14
CB SAH S . 21.08 32.16 -0.63
CG SAH S . 22.44 32.03 0.08
SD SAH S . 23.01 33.64 0.59
C SAH S . 21.22 30.35 -2.37
O SAH S . 21.22 31.06 -3.41
OXT SAH S . 21.79 29.24 -2.31
C5' SAH S . 22.69 33.70 2.32
C4' SAH S . 21.20 33.94 2.60
O4' SAH S . 20.94 33.61 3.96
C3' SAH S . 20.68 35.36 2.41
O3' SAH S . 19.46 35.29 1.66
C2' SAH S . 20.32 35.85 3.80
O2' SAH S . 19.15 36.69 3.82
C1' SAH S . 19.96 34.53 4.45
N9 SAH S . 19.95 34.64 5.92
C8 SAH S . 20.98 34.86 6.74
N7 SAH S . 20.57 34.85 8.02
C5 SAH S . 19.25 34.64 8.02
C6 SAH S . 18.20 34.52 9.05
N6 SAH S . 18.55 34.67 10.47
N1 SAH S . 16.94 34.25 8.66
C2 SAH S . 16.50 34.10 7.28
N3 SAH S . 17.55 34.23 6.29
C4 SAH S . 18.84 34.47 6.62
C1 GPP T . 26.95 33.60 -0.65
O1 GPP T . 27.46 33.49 -1.97
C2 GPP T . 28.09 33.64 0.36
C3 GPP T . 27.65 33.29 1.78
C4 GPP T . 26.19 32.97 2.04
C5 GPP T . 28.66 33.29 2.92
C6 GPP T . 29.98 32.76 2.35
C7 GPP T . 29.77 31.34 1.82
C8 GPP T . 30.57 30.30 2.60
C9 GPP T . 31.47 30.74 3.76
C10 GPP T . 30.49 28.82 2.21
PA GPP T . 27.35 34.79 -2.88
O1A GPP T . 26.95 34.40 -4.26
O2A GPP T . 26.25 35.79 -2.22
O3A GPP T . 28.75 35.62 -2.78
PB GPP T . 29.80 35.76 -3.98
O1B GPP T . 29.63 34.78 -5.10
O2B GPP T . 29.51 37.25 -4.54
O3B GPP T . 31.29 35.69 -3.36
N SAH U . -1.09 -2.84 28.90
CA SAH U . -2.01 -3.91 28.38
CB SAH U . -1.60 -4.41 26.98
CG SAH U . -0.19 -4.99 26.84
SD SAH U . 0.11 -5.39 25.14
C SAH U . -2.13 -5.08 29.32
O SAH U . -2.97 -5.98 29.08
OXT SAH U . -1.42 -5.09 30.32
C5' SAH U . 1.03 -4.09 24.37
C4' SAH U . 0.10 -2.93 24.03
O4' SAH U . 0.87 -1.77 23.74
C3' SAH U . -0.79 -3.14 22.80
O3' SAH U . -2.11 -2.68 23.14
C2' SAH U . -0.21 -2.22 21.75
O2' SAH U . -1.19 -1.66 20.86
C1' SAH U . 0.29 -1.10 22.64
N9 SAH U . 1.23 -0.17 21.98
C8 SAH U . 2.44 -0.46 21.51
N7 SAH U . 3.02 0.67 21.02
C5 SAH U . 2.15 1.69 21.16
C6 SAH U . 2.13 3.13 20.83
N6 SAH U . 3.31 3.75 20.19
N1 SAH U . 1.05 3.87 21.15
C2 SAH U . -0.15 3.35 21.82
N3 SAH U . -0.10 1.91 22.10
C4 SAH U . 0.97 1.13 21.82
S SO4 V . 2.07 -14.46 19.11
O1 SO4 V . 2.42 -15.65 18.36
O2 SO4 V . 0.90 -13.81 18.52
O3 SO4 V . 1.76 -14.85 20.49
O4 SO4 V . 3.20 -13.51 19.07
N SAH W . 11.58 40.54 46.76
CA SAH W . 10.80 41.17 47.86
CB SAH W . 10.33 40.15 48.89
CG SAH W . 11.44 39.24 49.41
SD SAH W . 10.75 38.13 50.62
C SAH W . 11.60 42.25 48.52
O SAH W . 12.76 42.47 48.14
OXT SAH W . 11.05 42.91 49.43
C5' SAH W . 10.55 36.55 49.84
C4' SAH W . 9.37 36.67 48.88
O4' SAH W . 9.38 35.63 47.91
C3' SAH W . 7.99 36.60 49.54
O3' SAH W . 7.22 37.68 49.02
C2' SAH W . 7.39 35.30 49.04
O2' SAH W . 5.97 35.34 48.93
C1' SAH W . 8.03 35.21 47.65
N9 SAH W . 7.98 33.86 47.05
C8 SAH W . 8.62 32.76 47.49
N7 SAH W . 8.36 31.68 46.71
C5 SAH W . 7.55 32.12 45.71
C6 SAH W . 6.92 31.50 44.53
N6 SAH W . 7.13 30.06 44.24
N1 SAH W . 6.14 32.25 43.73
C2 SAH W . 5.88 33.69 43.92
N3 SAH W . 6.52 34.28 45.10
C4 SAH W . 7.31 33.55 45.94
N SAH X . -3.39 3.90 -40.69
CA SAH X . -2.45 4.51 -41.67
CB SAH X . -2.38 3.77 -43.02
CG SAH X . -3.72 3.43 -43.65
SD SAH X . -3.47 2.72 -45.25
C SAH X . -2.73 5.98 -41.87
O SAH X . -1.94 6.65 -42.59
OXT SAH X . -3.74 6.48 -41.30
C5' SAH X . -3.84 0.99 -45.12
C4' SAH X . -2.74 0.36 -44.27
O4' SAH X . -3.23 -0.81 -43.61
C3' SAH X . -1.49 -0.10 -45.05
O3' SAH X . -0.34 0.32 -44.31
C2' SAH X . -1.56 -1.61 -45.01
O2' SAH X . -0.25 -2.17 -44.95
C1' SAH X . -2.24 -1.83 -43.68
N9 SAH X . -2.79 -3.19 -43.50
C8 SAH X . -3.84 -3.75 -44.15
N7 SAH X . -4.04 -5.01 -43.70
C5 SAH X . -3.10 -5.28 -42.77
C6 SAH X . -2.73 -6.44 -41.92
N6 SAH X . -3.51 -7.70 -42.00
N1 SAH X . -1.68 -6.34 -41.08
C2 SAH X . -0.85 -5.15 -40.93
N3 SAH X . -1.23 -4.04 -41.80
C4 SAH X . -2.28 -4.08 -42.65
MG MG Y . -20.08 -11.95 9.76
N SAH Z . -15.29 -16.71 1.96
CA SAH Z . -14.87 -16.11 3.25
CB SAH Z . -14.88 -14.57 3.24
CG SAH Z . -16.13 -13.90 2.67
SD SAH Z . -15.95 -12.12 2.77
C SAH Z . -15.74 -16.63 4.37
O SAH Z . -16.75 -17.29 4.06
OXT SAH Z . -15.42 -16.41 5.56
C5' SAH Z . -15.71 -11.61 1.09
C4' SAH Z . -14.26 -11.92 0.66
O4' SAH Z . -14.13 -11.88 -0.76
C3' SAH Z . -13.21 -10.95 1.23
O3' SAH Z . -12.11 -11.70 1.73
C2' SAH Z . -12.72 -10.19 0.02
O2' SAH Z . -11.33 -9.83 0.15
C1' SAH Z . -12.88 -11.24 -1.06
N9 SAH Z . -12.86 -10.70 -2.44
C8 SAH Z . -13.72 -9.86 -3.02
N7 SAH Z . -13.36 -9.64 -4.31
C5 SAH Z . -12.25 -10.37 -4.56
C6 SAH Z . -11.37 -10.61 -5.72
N6 SAH Z . -11.61 -9.93 -7.03
N1 SAH Z . -10.33 -11.44 -5.57
C2 SAH Z . -9.97 -12.16 -4.34
N3 SAH Z . -10.87 -11.91 -3.23
C4 SAH Z . -11.93 -11.08 -3.32
C1 GPP AA . -19.16 -9.70 4.43
O1 GPP AA . -19.87 -10.55 5.36
C2 GPP AA . -20.11 -9.39 3.28
C3 GPP AA . -20.41 -10.60 2.43
C4 GPP AA . -19.80 -11.97 2.81
C5 GPP AA . -21.35 -10.48 1.22
C6 GPP AA . -22.78 -10.62 1.78
C7 GPP AA . -23.78 -10.53 0.64
C8 GPP AA . -24.69 -11.75 0.47
C9 GPP AA . -25.72 -11.73 -0.66
C10 GPP AA . -24.61 -12.96 1.43
PA GPP AA . -19.44 -10.39 6.91
O1A GPP AA . -17.89 -9.87 7.07
O2A GPP AA . -19.71 -11.64 7.65
O3A GPP AA . -20.34 -9.12 7.39
PB GPP AA . -21.42 -9.10 8.52
O1B GPP AA . -22.68 -8.19 8.11
O2B GPP AA . -20.57 -8.31 9.62
O3B GPP AA . -21.84 -10.41 9.09
N SAH BA . -9.30 -44.09 -37.54
CA SAH BA . -8.86 -45.52 -37.44
CB SAH BA . -9.44 -46.25 -36.22
CG SAH BA . -10.97 -46.24 -36.12
SD SAH BA . -11.41 -47.05 -34.61
C SAH BA . -9.19 -46.29 -38.69
O SAH BA . -10.03 -45.78 -39.46
OXT SAH BA . -8.63 -47.40 -38.87
C5' SAH BA . -11.70 -45.83 -33.34
C4' SAH BA . -10.37 -45.24 -32.84
O4' SAH BA . -10.63 -44.02 -32.14
C3' SAH BA . -9.59 -46.11 -31.86
O3' SAH BA . -8.20 -46.05 -32.20
C2' SAH BA . -9.71 -45.39 -30.53
O2' SAH BA . -8.53 -45.60 -29.71
C1' SAH BA . -9.77 -43.95 -31.02
N9 SAH BA . -10.26 -42.97 -30.02
C8 SAH BA . -11.49 -42.85 -29.49
N7 SAH BA . -11.54 -41.82 -28.61
C5 SAH BA . -10.31 -41.26 -28.57
C6 SAH BA . -9.68 -40.11 -27.88
N6 SAH BA . -10.42 -39.29 -26.90
N1 SAH BA . -8.37 -39.86 -28.11
C2 SAH BA . -7.52 -40.60 -29.02
N3 SAH BA . -8.19 -41.71 -29.71
C4 SAH BA . -9.48 -42.02 -29.51
MG MG CA . -36.67 15.54 -11.58
N SAH DA . -39.18 9.04 -19.44
CA SAH DA . -39.96 9.97 -18.55
CB SAH DA . -40.17 9.40 -17.14
CG SAH DA . -38.92 8.85 -16.45
SD SAH DA . -39.40 8.23 -14.85
C SAH DA . -39.36 11.35 -18.55
O SAH DA . -38.28 11.55 -19.17
OXT SAH DA . -39.96 12.26 -17.98
C5' SAH DA . -39.33 6.47 -14.90
C4' SAH DA . -40.56 5.99 -15.67
O4' SAH DA . -40.39 4.67 -16.20
C3' SAH DA . -41.83 5.96 -14.82
O3' SAH DA . -42.86 6.62 -15.57
C2' SAH DA . -42.16 4.48 -14.72
O2' SAH DA . -43.56 4.19 -14.69
C1' SAH DA . -41.61 3.96 -16.04
N9 SAH DA . -41.41 2.49 -16.06
C8 SAH DA . -40.51 1.76 -15.38
N7 SAH DA . -40.62 0.45 -15.70
C5 SAH DA . -41.58 0.34 -16.63
C6 SAH DA . -42.19 -0.76 -17.40
N6 SAH DA . -41.73 -2.15 -17.22
N1 SAH DA . -43.17 -0.47 -18.29
C2 SAH DA . -43.71 0.86 -18.54
N3 SAH DA . -43.08 1.92 -17.76
C4 SAH DA . -42.09 1.69 -16.87
C1 GPP EA . -36.57 9.68 -12.20
O1 GPP EA . -36.22 11.07 -12.22
C2 GPP EA . -35.40 8.87 -11.63
C3 GPP EA . -35.22 7.50 -12.28
C4 GPP EA . -36.17 7.07 -13.41
C5 GPP EA . -34.10 6.57 -11.84
C6 GPP EA . -32.84 7.41 -11.52
C7 GPP EA . -32.40 8.21 -12.75
C8 GPP EA . -31.07 7.82 -13.40
C9 GPP EA . -30.24 6.67 -12.82
C10 GPP EA . -30.55 8.59 -14.62
PA GPP EA . -37.02 12.02 -11.19
O1A GPP EA . -37.23 13.34 -11.83
O2A GPP EA . -38.44 11.40 -10.76
O3A GPP EA . -36.16 12.07 -9.82
PB GPP EA . -35.65 13.38 -9.09
O1B GPP EA . -35.52 14.62 -9.90
O2B GPP EA . -36.82 13.55 -7.99
O3B GPP EA . -34.31 13.06 -8.23
N SAH FA . -45.27 -38.97 -17.74
CA SAH FA . -46.04 -40.24 -17.70
CB SAH FA . -45.67 -41.16 -18.87
CG SAH FA . -44.17 -41.37 -19.03
SD SAH FA . -43.92 -42.50 -20.36
C SAH FA . -45.85 -40.96 -16.39
O SAH FA . -46.56 -41.96 -16.15
OXT SAH FA . -45.02 -40.51 -15.56
C5' SAH FA . -43.33 -41.65 -21.80
C4' SAH FA . -44.49 -40.81 -22.34
O4' SAH FA . -44.01 -39.69 -23.10
C3' SAH FA . -45.47 -41.55 -23.23
O3' SAH FA . -46.80 -41.14 -22.86
C2' SAH FA . -45.19 -40.99 -24.60
O2' SAH FA . -46.34 -40.96 -25.45
C1' SAH FA . -44.81 -39.57 -24.26
N9 SAH FA . -44.11 -38.87 -25.37
C8 SAH FA . -42.92 -39.19 -25.92
N7 SAH FA . -42.61 -38.31 -26.91
C5 SAH FA . -43.61 -37.42 -27.00
C6 SAH FA . -43.90 -36.25 -27.83
N6 SAH FA . -42.94 -35.81 -28.88
N1 SAH FA . -45.04 -35.56 -27.63
C2 SAH FA . -46.06 -35.92 -26.62
N3 SAH FA . -45.73 -37.09 -25.82
C4 SAH FA . -44.60 -37.79 -25.98
N SAH GA . -33.27 -17.42 -59.68
CA SAH GA . -33.49 -16.87 -61.05
CB SAH GA . -33.05 -15.41 -61.18
CG SAH GA . -31.62 -15.13 -60.75
SD SAH GA . -31.25 -13.41 -61.04
C SAH GA . -32.81 -17.69 -62.09
O SAH GA . -32.94 -17.36 -63.29
OXT SAH GA . -32.16 -18.70 -61.72
C5' SAH GA . -31.33 -12.61 -59.47
C4' SAH GA . -32.79 -12.50 -59.01
O4' SAH GA . -32.90 -12.31 -57.59
C3' SAH GA . -33.59 -11.38 -59.65
O3' SAH GA . -34.81 -11.96 -60.10
C2' SAH GA . -33.89 -10.43 -58.49
O2' SAH GA . -35.15 -9.75 -58.64
C1' SAH GA . -33.97 -11.40 -57.35
N9 SAH GA . -33.87 -10.78 -56.00
C8 SAH GA . -32.81 -10.14 -55.48
N7 SAH GA . -33.08 -9.71 -54.23
C5 SAH GA . -34.34 -10.10 -53.94
C6 SAH GA . -35.24 -9.95 -52.78
N6 SAH GA . -34.79 -9.24 -51.55
N1 SAH GA . -36.49 -10.48 -52.83
C2 SAH GA . -37.02 -11.19 -53.99
N3 SAH GA . -36.10 -11.31 -55.13
C4 SAH GA . -34.85 -10.81 -55.11
#